data_6X5T
#
_entry.id   6X5T
#
_cell.length_a   151.690
_cell.length_b   151.690
_cell.length_c   474.070
_cell.angle_alpha   90.00
_cell.angle_beta   90.00
_cell.angle_gamma   120.00
#
_symmetry.space_group_name_H-M   'P 65'
#
loop_
_entity.id
_entity.type
_entity.pdbx_description
1 polymer Alpha-(1,6)-fucosyltransferase
2 branched 2-acetamido-2-deoxy-beta-D-glucopyranose-(1-2)-alpha-D-mannopyranose-(1-3)-beta-D-mannopyranose-(1-4)-2-acetamido-2-deoxy-beta-D-glucopyranose-(1-4)-2-acetamido-2-deoxy-beta-D-glucopyranose
3 non-polymer "GUANOSINE-5'-DIPHOSPHATE"
4 non-polymer GLYCEROL
5 water water
#
_entity_poly.entity_id   1
_entity_poly.type   'polypeptide(L)'
_entity_poly.pdbx_seq_one_letter_code
;RELSKILAKLERLKQQNEDLRRMAESLRIPEGPIDQGPAIGRVRVLEEQLVKAKEQIENYKKQTRNGLGKDHEILRRRIE
NGAKELWFFLQSELKKLKNLEGNELQRHADEFLLDLGHHERSIMTDLYYLSQTDGAGDWREKEAKDLTELVQRRITYLQN
PKDCSKAKKLVCNINKGCGYGCQLHHVVYCFMIAYGTQRTLILESQNWRYATGGWETVFRPVSETCTDRSGISTGHWSGE
VKDKNVQVVELPIVDSLHPRPPYLPLAVPEDLADRLVRVHGDPAVWWVSQFVKYLIRPQPWLEKEIEEATKKLGFKHPVI
GVHVRRTDKVGTEAAFHPIEEYMVHVEEHFQLLARRMQVDKKRVYLATDDPSLLKEAKTKYPNYEFISDNSISWSAGLHN
RYTENSLRGVILDIHFLSQADFLVCTFSSQVCRVAYEIMQTLHPDASANFHSLDDIYYFGGQNAHNQIAIYAHQPRTADE
IPMEPGDIIGVAGNHWDGYSKGVNRKLGRTGLYPSYKVREKIETVKYPTYPEAEK
;
_entity_poly.pdbx_strand_id   A,B,C,D,E,F,G,H
#
loop_
_chem_comp.id
_chem_comp.type
_chem_comp.name
_chem_comp.formula
BMA D-saccharide, beta linking beta-D-mannopyranose 'C6 H12 O6'
GDP RNA linking GUANOSINE-5'-DIPHOSPHATE 'C10 H15 N5 O11 P2'
GOL non-polymer GLYCEROL 'C3 H8 O3'
MAN D-saccharide, alpha linking alpha-D-mannopyranose 'C6 H12 O6'
NAG D-saccharide, beta linking 2-acetamido-2-deoxy-beta-D-glucopyranose 'C8 H15 N O6'
#
# COMPACT_ATOMS: atom_id res chain seq x y z
N LEU A 68 8.42 -38.45 25.34
CA LEU A 68 9.72 -37.85 25.61
C LEU A 68 9.59 -36.45 26.21
N GLY A 69 10.45 -36.16 27.17
CA GLY A 69 10.45 -34.85 27.81
C GLY A 69 11.32 -33.86 27.05
N LYS A 70 10.81 -32.63 26.92
CA LYS A 70 11.53 -31.59 26.21
C LYS A 70 12.90 -31.34 26.82
N ASP A 71 12.94 -31.10 28.14
CA ASP A 71 14.21 -30.84 28.81
C ASP A 71 15.13 -32.06 28.78
N HIS A 72 14.57 -33.26 28.81
CA HIS A 72 15.38 -34.47 28.73
C HIS A 72 16.12 -34.53 27.41
N GLU A 73 15.43 -34.24 26.31
CA GLU A 73 16.09 -34.26 24.99
C GLU A 73 17.08 -33.11 24.86
N ILE A 74 16.71 -31.92 25.32
CA ILE A 74 17.64 -30.79 25.32
C ILE A 74 18.93 -31.17 26.03
N LEU A 75 18.81 -31.78 27.21
CA LEU A 75 20.00 -32.14 27.99
C LEU A 75 20.81 -33.22 27.29
N ARG A 76 20.15 -34.26 26.77
CA ARG A 76 20.88 -35.31 26.07
C ARG A 76 21.68 -34.74 24.89
N ARG A 77 21.09 -33.80 24.16
CA ARG A 77 21.80 -33.24 23.01
C ARG A 77 22.94 -32.32 23.47
N ARG A 78 22.73 -31.59 24.55
CA ARG A 78 23.77 -30.71 25.08
C ARG A 78 24.94 -31.52 25.63
N ILE A 79 24.65 -32.65 26.28
CA ILE A 79 25.72 -33.57 26.68
C ILE A 79 26.46 -34.07 25.45
N GLU A 80 25.70 -34.49 24.43
CA GLU A 80 26.28 -34.94 23.17
C GLU A 80 27.21 -33.89 22.58
N ASN A 81 26.70 -32.68 22.38
CA ASN A 81 27.51 -31.63 21.76
C ASN A 81 28.69 -31.22 22.64
N GLY A 82 28.48 -31.15 23.96
CA GLY A 82 29.58 -30.81 24.85
C GLY A 82 30.73 -31.80 24.76
N ALA A 83 30.42 -33.09 24.59
CA ALA A 83 31.45 -34.08 24.36
C ALA A 83 32.16 -33.84 23.03
N LYS A 84 31.39 -33.54 21.97
CA LYS A 84 31.98 -33.23 20.68
C LYS A 84 32.95 -32.05 20.78
N GLU A 85 32.47 -30.93 21.35
CA GLU A 85 33.33 -29.75 21.48
C GLU A 85 34.55 -30.05 22.34
N LEU A 86 34.40 -30.88 23.37
CA LEU A 86 35.55 -31.32 24.14
C LEU A 86 36.54 -32.05 23.24
N TRP A 87 36.04 -32.93 22.38
CA TRP A 87 36.90 -33.65 21.45
C TRP A 87 37.59 -32.68 20.48
N PHE A 88 36.85 -31.70 19.96
CA PHE A 88 37.45 -30.64 19.16
C PHE A 88 38.55 -29.93 19.94
N PHE A 89 38.24 -29.54 21.17
CA PHE A 89 39.20 -28.81 22.00
C PHE A 89 40.48 -29.62 22.23
N LEU A 90 40.32 -30.90 22.57
CA LEU A 90 41.47 -31.76 22.86
C LEU A 90 42.43 -31.85 21.67
N GLN A 91 41.92 -32.28 20.51
CA GLN A 91 42.76 -32.44 19.33
C GLN A 91 43.52 -31.16 19.00
N SER A 92 42.82 -30.02 19.02
CA SER A 92 43.44 -28.76 18.63
C SER A 92 44.58 -28.40 19.58
N GLU A 93 44.32 -28.40 20.88
CA GLU A 93 45.33 -27.95 21.82
C GLU A 93 46.48 -28.94 21.93
N LEU A 94 46.21 -30.24 21.74
CA LEU A 94 47.30 -31.22 21.70
C LEU A 94 48.20 -30.98 20.49
N LYS A 95 47.60 -30.71 19.32
CA LYS A 95 48.38 -30.34 18.15
C LYS A 95 49.27 -29.15 18.44
N LYS A 96 48.77 -28.20 19.24
CA LYS A 96 49.57 -27.05 19.65
C LYS A 96 50.70 -27.48 20.59
N LEU A 97 50.42 -28.44 21.49
CA LEU A 97 51.38 -28.83 22.51
C LEU A 97 52.60 -29.52 21.92
N LYS A 98 52.43 -30.29 20.83
CA LYS A 98 53.55 -31.01 20.25
C LYS A 98 54.67 -30.10 19.78
N ASN A 99 54.41 -28.79 19.65
CA ASN A 99 55.39 -27.84 19.15
C ASN A 99 55.90 -26.88 20.22
N LEU A 100 55.73 -27.22 21.49
CA LEU A 100 56.10 -26.33 22.59
C LEU A 100 57.20 -26.94 23.45
N GLU A 101 57.86 -26.08 24.22
CA GLU A 101 59.02 -26.45 25.01
C GLU A 101 59.07 -25.62 26.29
N GLY A 102 59.78 -26.16 27.28
CA GLY A 102 60.12 -25.42 28.47
C GLY A 102 58.93 -24.87 29.23
N ASN A 103 59.11 -23.66 29.78
CA ASN A 103 58.06 -23.01 30.54
C ASN A 103 56.81 -22.80 29.69
N GLU A 104 57.00 -22.40 28.43
CA GLU A 104 55.88 -22.27 27.50
C GLU A 104 55.06 -23.54 27.45
N LEU A 105 55.72 -24.69 27.37
CA LEU A 105 55.02 -25.96 27.37
C LEU A 105 54.26 -26.18 28.67
N GLN A 106 54.88 -25.86 29.80
CA GLN A 106 54.23 -26.13 31.09
C GLN A 106 53.13 -25.13 31.39
N ARG A 107 53.27 -23.87 30.97
CA ARG A 107 52.18 -22.91 31.13
C ARG A 107 50.99 -23.31 30.26
N HIS A 108 51.26 -23.73 29.03
CA HIS A 108 50.18 -24.12 28.12
C HIS A 108 49.42 -25.34 28.65
N ALA A 109 50.14 -26.31 29.23
CA ALA A 109 49.47 -27.49 29.76
C ALA A 109 48.63 -27.14 30.98
N ASP A 110 49.11 -26.25 31.84
CA ASP A 110 48.34 -25.88 33.03
C ASP A 110 47.07 -25.13 32.67
N GLU A 111 47.18 -24.11 31.82
CA GLU A 111 45.99 -23.41 31.32
C GLU A 111 45.03 -24.39 30.65
N PHE A 112 45.57 -25.34 29.89
CA PHE A 112 44.75 -26.36 29.25
C PHE A 112 43.93 -27.12 30.28
N LEU A 113 44.56 -27.57 31.37
CA LEU A 113 43.86 -28.34 32.39
C LEU A 113 42.75 -27.52 33.04
N LEU A 114 43.00 -26.24 33.31
CA LEU A 114 41.95 -25.37 33.87
C LEU A 114 40.74 -25.36 32.97
N ASP A 115 40.93 -25.12 31.67
CA ASP A 115 39.83 -25.10 30.72
C ASP A 115 39.12 -26.45 30.67
N LEU A 116 39.88 -27.54 30.78
CA LEU A 116 39.29 -28.87 30.71
C LEU A 116 38.39 -29.15 31.91
N GLY A 117 38.90 -28.87 33.13
CA GLY A 117 38.11 -29.13 34.32
C GLY A 117 36.73 -28.50 34.27
N HIS A 118 36.66 -27.22 33.90
CA HIS A 118 35.37 -26.54 33.78
C HIS A 118 34.51 -27.20 32.71
N HIS A 119 35.06 -27.38 31.52
CA HIS A 119 34.34 -28.06 30.44
C HIS A 119 33.81 -29.41 30.91
N GLU A 120 34.70 -30.25 31.45
CA GLU A 120 34.29 -31.55 31.96
C GLU A 120 33.17 -31.43 33.00
N ARG A 121 33.31 -30.47 33.93
CA ARG A 121 32.28 -30.30 34.95
C ARG A 121 30.96 -29.82 34.35
N SER A 122 31.02 -29.04 33.27
CA SER A 122 29.79 -28.63 32.60
C SER A 122 29.04 -29.84 32.04
N ILE A 123 29.77 -30.86 31.61
CA ILE A 123 29.13 -32.07 31.10
C ILE A 123 28.56 -32.89 32.25
N MET A 124 29.34 -33.06 33.32
CA MET A 124 28.85 -33.79 34.48
C MET A 124 27.62 -33.14 35.09
N THR A 125 27.48 -31.81 34.98
CA THR A 125 26.32 -31.13 35.52
C THR A 125 25.07 -31.46 34.71
N ASP A 126 25.17 -31.41 33.38
CA ASP A 126 24.04 -31.80 32.54
C ASP A 126 23.68 -33.26 32.74
N LEU A 127 24.67 -34.12 32.98
CA LEU A 127 24.38 -35.52 33.29
C LEU A 127 23.60 -35.64 34.59
N TYR A 128 23.94 -34.82 35.58
CA TYR A 128 23.15 -34.80 36.81
C TYR A 128 21.71 -34.39 36.54
N TYR A 129 21.53 -33.27 35.83
CA TYR A 129 20.19 -32.82 35.45
C TYR A 129 19.42 -33.91 34.73
N LEU A 130 20.10 -34.66 33.85
CA LEU A 130 19.44 -35.75 33.14
C LEU A 130 18.90 -36.79 34.10
N SER A 131 19.64 -37.08 35.17
CA SER A 131 19.19 -38.04 36.17
C SER A 131 17.97 -37.54 36.94
N GLN A 132 17.65 -36.25 36.86
CA GLN A 132 16.55 -35.67 37.62
C GLN A 132 15.38 -35.22 36.76
N THR A 133 15.57 -35.06 35.46
CA THR A 133 14.55 -34.46 34.61
C THR A 133 13.35 -35.39 34.44
N ASP A 134 12.20 -34.79 34.18
CA ASP A 134 10.94 -35.50 33.90
C ASP A 134 10.58 -36.47 35.02
N GLY A 135 10.64 -35.98 36.26
CA GLY A 135 10.22 -36.78 37.39
C GLY A 135 11.11 -37.96 37.69
N ALA A 136 12.28 -38.07 37.06
CA ALA A 136 13.19 -39.16 37.36
C ALA A 136 13.68 -39.09 38.80
N GLY A 137 13.93 -37.88 39.30
CA GLY A 137 14.36 -37.74 40.68
C GLY A 137 13.31 -38.21 41.67
N ASP A 138 12.06 -37.78 41.47
CA ASP A 138 10.99 -38.21 42.37
C ASP A 138 10.77 -39.71 42.32
N TRP A 139 10.79 -40.30 41.12
CA TRP A 139 10.59 -41.75 41.00
C TRP A 139 11.70 -42.52 41.70
N ARG A 140 12.96 -42.15 41.42
CA ARG A 140 14.09 -42.84 42.02
C ARG A 140 14.03 -42.74 43.54
N GLU A 141 13.66 -41.57 44.06
CA GLU A 141 13.53 -41.38 45.49
C GLU A 141 12.41 -42.26 46.06
N LYS A 142 11.28 -42.33 45.35
CA LYS A 142 10.18 -43.17 45.80
C LYS A 142 10.54 -44.65 45.77
N GLU A 143 11.18 -45.10 44.69
CA GLU A 143 11.52 -46.51 44.55
C GLU A 143 12.53 -46.95 45.60
N ALA A 144 13.61 -46.18 45.77
CA ALA A 144 14.60 -46.49 46.78
C ALA A 144 13.97 -46.57 48.17
N LYS A 145 13.02 -45.68 48.46
CA LYS A 145 12.33 -45.71 49.75
C LYS A 145 11.56 -47.01 49.93
N ASP A 146 10.83 -47.44 48.90
CA ASP A 146 10.06 -48.68 49.01
C ASP A 146 10.96 -49.89 49.16
N LEU A 147 12.14 -49.87 48.55
CA LEU A 147 13.07 -50.99 48.68
C LEU A 147 13.66 -51.06 50.09
N THR A 148 14.08 -49.90 50.62
CA THR A 148 14.58 -49.86 52.00
C THR A 148 13.54 -50.35 52.98
N GLU A 149 12.34 -49.76 52.94
CA GLU A 149 11.26 -50.20 53.81
C GLU A 149 10.99 -51.69 53.69
N LEU A 150 11.04 -52.21 52.46
CA LEU A 150 10.78 -53.63 52.23
C LEU A 150 11.83 -54.49 52.94
N VAL A 151 13.11 -54.19 52.74
CA VAL A 151 14.17 -55.00 53.33
C VAL A 151 14.16 -54.86 54.85
N GLN A 152 14.07 -53.62 55.35
CA GLN A 152 13.98 -53.42 56.79
C GLN A 152 12.76 -54.12 57.38
N ARG A 153 11.68 -54.22 56.61
CA ARG A 153 10.51 -54.97 57.07
C ARG A 153 10.83 -56.46 57.19
N ARG A 154 11.59 -57.01 56.24
CA ARG A 154 11.94 -58.41 56.29
C ARG A 154 12.93 -58.71 57.41
N ILE A 155 13.93 -57.84 57.58
CA ILE A 155 14.94 -58.05 58.64
C ILE A 155 14.27 -58.04 60.01
N THR A 156 13.38 -57.07 60.25
CA THR A 156 12.69 -57.01 61.53
C THR A 156 11.85 -58.26 61.78
N TYR A 157 11.20 -58.77 60.72
CA TYR A 157 10.44 -60.01 60.84
C TYR A 157 11.33 -61.17 61.27
N LEU A 158 12.49 -61.33 60.61
CA LEU A 158 13.39 -62.42 60.95
C LEU A 158 13.90 -62.31 62.38
N GLN A 159 14.14 -61.08 62.85
CA GLN A 159 14.79 -60.88 64.13
C GLN A 159 13.84 -60.96 65.32
N ASN A 160 12.53 -61.05 65.10
CA ASN A 160 11.56 -61.03 66.19
C ASN A 160 10.55 -62.16 66.03
N PRO A 161 10.97 -63.39 66.27
CA PRO A 161 10.02 -64.51 66.28
C PRO A 161 9.17 -64.49 67.54
N LYS A 162 8.00 -65.13 67.44
CA LYS A 162 7.13 -65.27 68.61
C LYS A 162 7.78 -66.15 69.66
N ASP A 163 8.17 -67.36 69.29
CA ASP A 163 8.73 -68.34 70.21
C ASP A 163 10.24 -68.35 69.99
N CYS A 164 10.96 -67.63 70.84
CA CYS A 164 12.41 -67.61 70.76
C CYS A 164 13.02 -68.97 71.05
N SER A 165 12.38 -69.74 71.94
CA SER A 165 12.94 -71.04 72.32
C SER A 165 12.90 -72.05 71.18
N LYS A 166 12.07 -71.83 70.16
CA LYS A 166 11.98 -72.73 69.02
C LYS A 166 12.52 -72.12 67.74
N ALA A 167 12.98 -70.87 67.76
CA ALA A 167 13.51 -70.25 66.57
C ALA A 167 14.90 -70.78 66.23
N LYS A 168 15.21 -70.83 64.94
CA LYS A 168 16.56 -71.14 64.49
C LYS A 168 17.43 -69.91 64.63
N LYS A 169 18.63 -70.08 65.19
CA LYS A 169 19.48 -68.96 65.54
C LYS A 169 20.89 -69.15 64.97
N LEU A 170 21.57 -68.02 64.79
CA LEU A 170 22.97 -68.00 64.39
C LEU A 170 23.70 -67.03 65.31
N VAL A 171 24.71 -67.54 66.02
CA VAL A 171 25.42 -66.78 67.04
C VAL A 171 26.67 -66.15 66.44
N CYS A 172 26.85 -64.85 66.72
CA CYS A 172 28.00 -64.08 66.25
C CYS A 172 28.66 -63.40 67.45
N ASN A 173 29.98 -63.54 67.56
CA ASN A 173 30.74 -62.88 68.61
C ASN A 173 31.42 -61.65 68.03
N ILE A 174 31.23 -60.50 68.70
CA ILE A 174 31.69 -59.23 68.16
C ILE A 174 33.21 -59.05 68.27
N ASN A 175 33.87 -59.79 69.16
CA ASN A 175 35.26 -59.49 69.49
C ASN A 175 36.26 -60.01 68.47
N LYS A 176 36.05 -59.69 67.20
CA LYS A 176 37.09 -59.94 66.20
C LYS A 176 38.29 -59.04 66.48
N GLY A 177 39.49 -59.57 66.25
CA GLY A 177 40.70 -58.84 66.59
C GLY A 177 41.08 -57.75 65.60
N CYS A 178 40.33 -56.66 65.62
CA CYS A 178 40.57 -55.55 64.71
C CYS A 178 39.81 -54.32 65.22
N GLY A 179 39.87 -53.25 64.44
CA GLY A 179 39.24 -52.00 64.83
C GLY A 179 37.73 -52.04 64.72
N TYR A 180 37.13 -50.88 64.97
CA TYR A 180 35.66 -50.78 65.01
C TYR A 180 35.03 -51.18 63.69
N GLY A 181 35.30 -50.43 62.62
CA GLY A 181 34.70 -50.70 61.33
C GLY A 181 34.88 -52.13 60.87
N CYS A 182 36.02 -52.74 61.19
CA CYS A 182 36.23 -54.14 60.85
C CYS A 182 35.33 -55.05 61.67
N GLN A 183 35.21 -54.79 62.97
CA GLN A 183 34.29 -55.56 63.81
C GLN A 183 32.85 -55.38 63.36
N LEU A 184 32.46 -54.16 63.00
CA LEU A 184 31.11 -53.92 62.52
C LEU A 184 30.84 -54.71 61.23
N HIS A 185 31.83 -54.80 60.36
CA HIS A 185 31.68 -55.60 59.14
C HIS A 185 31.57 -57.08 59.46
N HIS A 186 32.23 -57.53 60.53
CA HIS A 186 32.05 -58.91 60.99
C HIS A 186 30.59 -59.19 61.30
N VAL A 187 29.93 -58.29 62.02
CA VAL A 187 28.52 -58.48 62.35
C VAL A 187 27.68 -58.44 61.07
N VAL A 188 27.99 -57.51 60.16
CA VAL A 188 27.29 -57.46 58.88
C VAL A 188 27.49 -58.77 58.12
N TYR A 189 28.72 -59.28 58.10
CA TYR A 189 28.97 -60.58 57.49
C TYR A 189 28.17 -61.68 58.20
N CYS A 190 28.13 -61.64 59.53
CA CYS A 190 27.27 -62.55 60.27
C CYS A 190 25.81 -62.35 59.90
N PHE A 191 25.37 -61.10 59.79
CA PHE A 191 23.96 -60.79 59.58
C PHE A 191 23.49 -61.29 58.21
N MET A 192 24.31 -61.10 57.17
CA MET A 192 23.91 -61.50 55.83
C MET A 192 23.76 -63.02 55.70
N ILE A 193 24.58 -63.79 56.42
CA ILE A 193 24.47 -65.24 56.36
C ILE A 193 23.27 -65.73 57.15
N ALA A 194 23.02 -65.17 58.33
CA ALA A 194 21.82 -65.49 59.08
C ALA A 194 20.57 -65.20 58.27
N TYR A 195 20.59 -64.10 57.50
CA TYR A 195 19.47 -63.75 56.64
C TYR A 195 19.24 -64.82 55.58
N GLY A 196 20.32 -65.24 54.90
CA GLY A 196 20.17 -66.22 53.84
C GLY A 196 19.76 -67.59 54.34
N THR A 197 20.06 -67.90 55.60
CA THR A 197 19.74 -69.20 56.19
C THR A 197 18.46 -69.17 57.00
N GLN A 198 17.73 -68.04 57.00
CA GLN A 198 16.49 -67.90 57.76
C GLN A 198 16.72 -68.14 59.26
N ARG A 199 17.86 -67.66 59.76
CA ARG A 199 18.23 -67.80 61.15
C ARG A 199 18.26 -66.44 61.84
N THR A 200 17.71 -66.37 63.05
CA THR A 200 17.78 -65.17 63.85
C THR A 200 19.20 -64.95 64.37
N LEU A 201 19.69 -63.72 64.25
CA LEU A 201 21.03 -63.40 64.72
C LEU A 201 21.02 -63.13 66.21
N ILE A 202 21.88 -63.84 66.95
CA ILE A 202 22.11 -63.57 68.36
C ILE A 202 23.52 -63.02 68.47
N LEU A 203 23.64 -61.81 69.00
CA LEU A 203 24.91 -61.11 69.06
C LEU A 203 25.45 -61.15 70.48
N GLU A 204 26.62 -61.76 70.65
CA GLU A 204 27.33 -61.79 71.92
C GLU A 204 28.37 -60.69 71.88
N SER A 205 28.22 -59.70 72.75
CA SER A 205 29.07 -58.52 72.74
C SER A 205 29.69 -58.23 74.10
N GLN A 206 29.61 -59.18 75.03
CA GLN A 206 30.29 -59.02 76.30
C GLN A 206 31.79 -58.95 76.08
N ASN A 207 32.47 -58.18 76.94
CA ASN A 207 33.91 -57.95 76.85
C ASN A 207 34.30 -57.26 75.54
N TRP A 208 33.34 -56.63 74.87
CA TRP A 208 33.64 -55.82 73.69
C TRP A 208 34.75 -54.84 74.02
N ARG A 209 35.77 -54.78 73.14
CA ARG A 209 36.98 -54.04 73.47
C ARG A 209 36.73 -52.55 73.56
N TYR A 210 35.75 -52.04 72.82
CA TYR A 210 35.41 -50.62 72.94
C TYR A 210 34.47 -50.35 74.10
N ALA A 211 33.77 -51.38 74.59
CA ALA A 211 32.79 -51.24 75.65
C ALA A 211 32.37 -52.61 76.18
N THR A 212 33.02 -53.06 77.25
CA THR A 212 32.76 -54.39 77.79
C THR A 212 31.31 -54.56 78.23
N GLY A 213 30.58 -53.46 78.45
CA GLY A 213 29.16 -53.56 78.75
C GLY A 213 28.35 -54.15 77.63
N GLY A 214 28.85 -54.10 76.40
CA GLY A 214 28.27 -54.81 75.29
C GLY A 214 27.71 -53.90 74.22
N TRP A 215 26.96 -54.53 73.31
CA TRP A 215 26.40 -53.85 72.14
C TRP A 215 25.46 -52.73 72.54
N GLU A 216 24.56 -52.98 73.50
CA GLU A 216 23.55 -52.00 73.87
C GLU A 216 24.10 -50.79 74.60
N THR A 217 25.42 -50.64 74.74
CA THR A 217 25.96 -49.39 75.27
C THR A 217 25.62 -48.22 74.36
N VAL A 218 25.49 -48.47 73.06
CA VAL A 218 25.33 -47.39 72.09
C VAL A 218 24.12 -47.64 71.19
N PHE A 219 23.89 -48.90 70.81
CA PHE A 219 22.90 -49.22 69.79
C PHE A 219 21.76 -50.05 70.39
N ARG A 220 20.63 -50.01 69.70
CA ARG A 220 19.50 -50.84 70.09
C ARG A 220 19.86 -52.32 69.94
N PRO A 221 19.25 -53.20 70.75
CA PRO A 221 19.45 -54.63 70.54
C PRO A 221 18.90 -55.05 69.19
N VAL A 222 19.53 -56.08 68.62
CA VAL A 222 19.22 -56.52 67.27
C VAL A 222 17.89 -57.26 67.23
N SER A 223 17.27 -57.44 68.39
CA SER A 223 16.00 -58.15 68.46
C SER A 223 15.25 -57.72 69.71
N GLU A 224 13.92 -57.64 69.59
CA GLU A 224 13.07 -57.35 70.74
C GLU A 224 12.48 -58.60 71.39
N THR A 225 12.42 -59.72 70.68
CA THR A 225 11.80 -60.93 71.21
C THR A 225 12.76 -62.08 71.43
N CYS A 226 13.90 -62.12 70.72
CA CYS A 226 14.80 -63.27 70.76
C CYS A 226 16.24 -62.77 70.87
N THR A 227 16.71 -62.66 72.12
CA THR A 227 18.11 -62.37 72.39
C THR A 227 18.78 -63.49 73.16
N ASP A 228 18.05 -64.56 73.47
CA ASP A 228 18.58 -65.71 74.17
C ASP A 228 19.07 -66.75 73.18
N ARG A 229 20.16 -67.44 73.53
CA ARG A 229 20.82 -68.38 72.62
C ARG A 229 20.46 -69.84 72.90
N SER A 230 19.48 -70.08 73.75
CA SER A 230 19.13 -71.47 74.09
C SER A 230 18.50 -72.18 72.91
N GLY A 231 18.68 -73.48 72.86
CA GLY A 231 18.13 -74.30 71.80
C GLY A 231 18.31 -75.77 72.11
N ILE A 232 17.55 -76.59 71.39
CA ILE A 232 17.61 -78.03 71.65
C ILE A 232 18.91 -78.63 71.08
N SER A 233 19.47 -78.01 70.05
CA SER A 233 20.70 -78.52 69.44
C SER A 233 21.60 -77.35 69.06
N THR A 234 22.90 -77.51 69.31
CA THR A 234 23.88 -76.48 69.04
C THR A 234 25.11 -77.11 68.40
N GLY A 235 25.81 -76.33 67.59
CA GLY A 235 27.02 -76.81 66.95
C GLY A 235 27.69 -75.68 66.19
N HIS A 236 28.94 -75.93 65.82
CA HIS A 236 29.68 -74.95 65.03
C HIS A 236 29.25 -75.02 63.57
N TRP A 237 29.55 -73.94 62.85
CA TRP A 237 29.19 -73.87 61.44
C TRP A 237 29.81 -75.03 60.66
N SER A 238 29.03 -75.61 59.77
CA SER A 238 29.53 -76.71 58.96
C SER A 238 28.84 -76.80 57.60
N GLY A 239 28.00 -75.84 57.24
CA GLY A 239 27.27 -75.90 55.99
C GLY A 239 25.78 -75.82 56.22
N GLU A 240 25.07 -75.10 55.36
CA GLU A 240 23.62 -74.97 55.51
C GLU A 240 22.95 -76.34 55.45
N VAL A 241 23.48 -77.24 54.61
CA VAL A 241 22.89 -78.57 54.48
C VAL A 241 23.08 -79.36 55.76
N LYS A 242 24.32 -79.44 56.26
CA LYS A 242 24.57 -80.20 57.48
C LYS A 242 23.85 -79.61 58.69
N ASP A 243 23.68 -78.29 58.71
CA ASP A 243 23.04 -77.61 59.84
C ASP A 243 21.54 -77.48 59.68
N LYS A 244 20.93 -78.21 58.75
CA LYS A 244 19.51 -78.05 58.48
C LYS A 244 18.66 -78.36 59.69
N ASN A 245 19.10 -79.29 60.55
CA ASN A 245 18.38 -79.64 61.77
C ASN A 245 19.12 -79.21 63.03
N VAL A 246 20.11 -78.33 62.90
CA VAL A 246 20.81 -77.77 64.05
C VAL A 246 20.19 -76.42 64.35
N GLN A 247 19.60 -76.28 65.53
CA GLN A 247 18.85 -75.08 65.85
C GLN A 247 19.77 -73.86 65.99
N VAL A 248 20.86 -74.01 66.74
CA VAL A 248 21.75 -72.91 67.05
C VAL A 248 23.11 -73.22 66.45
N VAL A 249 23.58 -72.34 65.56
CA VAL A 249 24.84 -72.52 64.85
C VAL A 249 25.76 -71.35 65.20
N GLU A 250 27.00 -71.67 65.59
CA GLU A 250 28.00 -70.66 65.90
C GLU A 250 28.84 -70.39 64.66
N LEU A 251 29.02 -69.11 64.34
CA LEU A 251 29.69 -68.69 63.11
C LEU A 251 31.03 -68.06 63.42
N PRO A 252 32.12 -68.55 62.85
CA PRO A 252 33.44 -67.93 63.06
C PRO A 252 33.62 -66.75 62.12
N ILE A 253 34.78 -66.10 62.22
CA ILE A 253 35.10 -65.03 61.30
C ILE A 253 35.26 -65.59 59.89
N VAL A 254 35.06 -64.71 58.90
CA VAL A 254 35.05 -65.15 57.50
C VAL A 254 36.43 -65.63 57.07
N ASP A 255 37.50 -65.10 57.68
CA ASP A 255 38.85 -65.40 57.24
C ASP A 255 39.19 -66.88 57.33
N SER A 256 38.50 -67.63 58.20
CA SER A 256 38.73 -69.06 58.36
C SER A 256 37.43 -69.85 58.20
N LEU A 257 36.51 -69.33 57.39
CA LEU A 257 35.20 -69.94 57.23
C LEU A 257 35.21 -71.01 56.16
N HIS A 258 34.76 -72.21 56.53
CA HIS A 258 34.65 -73.32 55.59
C HIS A 258 33.54 -74.24 56.09
N PRO A 259 32.54 -74.56 55.25
CA PRO A 259 32.40 -74.07 53.88
C PRO A 259 31.68 -72.71 53.78
N ARG A 260 32.00 -71.97 52.73
CA ARG A 260 31.42 -70.64 52.53
C ARG A 260 30.04 -70.76 51.90
N PRO A 261 29.02 -70.11 52.46
CA PRO A 261 27.69 -70.10 51.84
C PRO A 261 27.65 -69.10 50.70
N PRO A 262 26.57 -69.10 49.90
CA PRO A 262 26.47 -68.10 48.82
C PRO A 262 26.01 -66.74 49.27
N TYR A 263 25.57 -66.60 50.52
CA TYR A 263 25.04 -65.33 51.04
C TYR A 263 26.20 -64.43 51.48
N LEU A 264 26.98 -63.99 50.50
CA LEU A 264 28.14 -63.16 50.75
C LEU A 264 28.20 -62.02 49.73
N PRO A 265 28.84 -60.91 50.09
CA PRO A 265 29.15 -59.88 49.08
C PRO A 265 30.12 -60.42 48.05
N LEU A 266 30.11 -59.84 46.86
CA LEU A 266 29.29 -58.68 46.53
C LEU A 266 28.00 -59.07 45.79
N ALA A 267 27.49 -60.25 46.09
CA ALA A 267 26.26 -60.70 45.45
C ALA A 267 25.05 -60.04 46.10
N VAL A 268 23.93 -60.06 45.37
CA VAL A 268 22.69 -59.42 45.83
C VAL A 268 21.55 -60.40 45.62
N PRO A 269 20.45 -60.23 46.37
CA PRO A 269 19.30 -61.13 46.20
C PRO A 269 18.79 -61.14 44.76
N GLU A 270 18.60 -62.34 44.24
CA GLU A 270 18.11 -62.50 42.86
C GLU A 270 16.80 -61.75 42.64
N ASP A 271 15.94 -61.70 43.66
CA ASP A 271 14.63 -61.07 43.53
C ASP A 271 14.70 -59.55 43.43
N LEU A 272 15.83 -58.95 43.82
CA LEU A 272 15.97 -57.50 43.81
C LEU A 272 16.87 -56.98 42.69
N ALA A 273 17.46 -57.87 41.89
CA ALA A 273 18.46 -57.46 40.91
C ALA A 273 17.92 -56.40 39.96
N ASP A 274 16.80 -56.68 39.30
CA ASP A 274 16.30 -55.77 38.28
C ASP A 274 15.95 -54.41 38.86
N ARG A 275 15.33 -54.38 40.04
CA ARG A 275 14.95 -53.10 40.63
C ARG A 275 16.17 -52.33 41.13
N LEU A 276 17.18 -53.02 41.64
CA LEU A 276 18.35 -52.33 42.17
C LEU A 276 19.22 -51.75 41.06
N VAL A 277 19.43 -52.51 39.97
CA VAL A 277 20.21 -52.00 38.86
C VAL A 277 19.55 -50.78 38.24
N ARG A 278 18.22 -50.78 38.20
CA ARG A 278 17.48 -49.64 37.67
C ARG A 278 17.69 -48.39 38.51
N VAL A 279 17.92 -48.53 39.81
CA VAL A 279 17.96 -47.41 40.75
C VAL A 279 19.38 -47.06 41.16
N HIS A 280 20.14 -48.07 41.61
CA HIS A 280 21.43 -47.83 42.26
C HIS A 280 22.59 -48.19 41.34
N GLY A 281 23.60 -47.32 41.31
CA GLY A 281 24.78 -47.53 40.48
C GLY A 281 25.72 -48.59 41.00
N ASP A 282 25.54 -49.04 42.24
CA ASP A 282 26.38 -50.08 42.82
C ASP A 282 25.51 -50.86 43.80
N PRO A 283 24.72 -51.81 43.29
CA PRO A 283 23.77 -52.51 44.16
C PRO A 283 24.43 -53.29 45.30
N ALA A 284 25.65 -53.78 45.10
CA ALA A 284 26.33 -54.55 46.13
C ALA A 284 26.48 -53.74 47.42
N VAL A 285 26.78 -52.45 47.30
CA VAL A 285 26.93 -51.61 48.49
C VAL A 285 25.58 -51.37 49.15
N TRP A 286 24.54 -51.11 48.35
CA TRP A 286 23.20 -50.91 48.89
C TRP A 286 22.78 -52.10 49.74
N TRP A 287 22.98 -53.32 49.21
CA TRP A 287 22.66 -54.54 49.96
C TRP A 287 23.34 -54.57 51.32
N VAL A 288 24.65 -54.27 51.34
CA VAL A 288 25.37 -54.22 52.61
C VAL A 288 24.79 -53.14 53.52
N SER A 289 24.53 -51.95 52.95
CA SER A 289 24.05 -50.82 53.74
C SER A 289 22.76 -51.13 54.49
N GLN A 290 21.92 -52.00 53.94
CA GLN A 290 20.68 -52.35 54.62
C GLN A 290 20.92 -53.03 55.96
N PHE A 291 21.99 -53.81 56.07
CA PHE A 291 22.32 -54.43 57.35
C PHE A 291 23.02 -53.45 58.29
N VAL A 292 23.88 -52.59 57.74
CA VAL A 292 24.46 -51.52 58.54
C VAL A 292 23.36 -50.62 59.10
N LYS A 293 22.39 -50.26 58.25
CA LYS A 293 21.27 -49.42 58.67
C LYS A 293 20.56 -50.00 59.88
N TYR A 294 20.31 -51.31 59.87
CA TYR A 294 19.58 -51.94 60.95
C TYR A 294 20.42 -51.99 62.23
N LEU A 295 21.69 -52.36 62.11
CA LEU A 295 22.53 -52.55 63.30
C LEU A 295 22.67 -51.26 64.10
N ILE A 296 22.85 -50.13 63.42
CA ILE A 296 23.29 -48.90 64.07
C ILE A 296 22.11 -48.05 64.53
N ARG A 297 20.94 -48.67 64.68
CA ARG A 297 19.81 -47.94 65.27
C ARG A 297 20.21 -47.46 66.66
N PRO A 298 20.30 -46.14 66.87
CA PRO A 298 20.89 -45.64 68.11
C PRO A 298 19.95 -45.72 69.29
N GLN A 299 20.53 -45.92 70.46
CA GLN A 299 19.80 -45.77 71.70
C GLN A 299 19.38 -44.30 71.85
N PRO A 300 18.32 -44.05 72.63
CA PRO A 300 17.84 -42.65 72.76
C PRO A 300 18.93 -41.66 73.13
N TRP A 301 19.75 -42.01 74.13
CA TRP A 301 20.83 -41.12 74.55
C TRP A 301 21.88 -40.91 73.45
N LEU A 302 22.08 -41.92 72.59
CA LEU A 302 22.99 -41.75 71.46
C LEU A 302 22.37 -40.84 70.40
N GLU A 303 21.10 -41.07 70.08
CA GLU A 303 20.38 -40.18 69.16
C GLU A 303 20.46 -38.74 69.61
N LYS A 304 20.28 -38.50 70.92
CA LYS A 304 20.36 -37.14 71.44
C LYS A 304 21.77 -36.57 71.31
N GLU A 305 22.79 -37.40 71.57
CA GLU A 305 24.17 -36.92 71.50
C GLU A 305 24.53 -36.45 70.09
N ILE A 306 24.13 -37.24 69.08
CA ILE A 306 24.35 -36.85 67.70
C ILE A 306 23.61 -35.55 67.40
N GLU A 307 22.37 -35.44 67.85
CA GLU A 307 21.59 -34.23 67.64
C GLU A 307 22.26 -33.02 68.28
N GLU A 308 22.88 -33.21 69.45
CA GLU A 308 23.58 -32.12 70.11
C GLU A 308 24.88 -31.78 69.39
N ALA A 309 25.65 -32.79 68.99
CA ALA A 309 26.89 -32.55 68.27
C ALA A 309 26.63 -31.81 66.95
N THR A 310 25.60 -32.22 66.22
CA THR A 310 25.21 -31.54 64.99
C THR A 310 25.03 -30.03 65.23
N LYS A 311 24.34 -29.68 66.33
CA LYS A 311 24.08 -28.27 66.61
C LYS A 311 25.34 -27.57 67.11
N LYS A 312 26.15 -28.25 67.91
CA LYS A 312 27.36 -27.63 68.46
C LYS A 312 28.38 -27.34 67.37
N LEU A 313 28.61 -28.30 66.47
CA LEU A 313 29.62 -28.16 65.43
C LEU A 313 29.15 -27.32 64.26
N GLY A 314 27.95 -26.76 64.32
CA GLY A 314 27.42 -26.02 63.18
C GLY A 314 27.42 -26.82 61.90
N PHE A 315 27.14 -28.13 62.00
CA PHE A 315 27.14 -29.00 60.83
C PHE A 315 25.94 -28.66 59.96
N LYS A 316 26.19 -28.10 58.78
CA LYS A 316 25.13 -27.75 57.85
C LYS A 316 25.66 -27.95 56.43
N HIS A 317 24.75 -27.86 55.46
CA HIS A 317 25.08 -28.14 54.07
C HIS A 317 25.18 -26.85 53.27
N PRO A 318 26.00 -26.83 52.19
CA PRO A 318 26.81 -27.95 51.67
C PRO A 318 28.06 -28.24 52.49
N VAL A 319 28.44 -29.51 52.55
CA VAL A 319 29.59 -29.96 53.32
C VAL A 319 30.14 -31.22 52.68
N ILE A 320 31.46 -31.34 52.66
CA ILE A 320 32.15 -32.50 52.10
C ILE A 320 32.93 -33.17 53.22
N GLY A 321 32.77 -34.48 53.36
CA GLY A 321 33.45 -35.23 54.41
C GLY A 321 34.80 -35.75 53.94
N VAL A 322 35.78 -35.66 54.83
CA VAL A 322 37.15 -36.08 54.55
C VAL A 322 37.65 -36.91 55.70
N HIS A 323 38.18 -38.10 55.40
CA HIS A 323 38.70 -39.01 56.41
C HIS A 323 40.18 -39.24 56.12
N VAL A 324 41.03 -38.80 57.05
CA VAL A 324 42.48 -38.94 56.94
C VAL A 324 42.93 -39.98 57.95
N ARG A 325 43.19 -41.19 57.48
CA ARG A 325 43.62 -42.28 58.35
C ARG A 325 45.14 -42.37 58.36
N ARG A 326 45.73 -42.21 59.55
CA ARG A 326 47.17 -42.27 59.71
C ARG A 326 47.56 -43.21 60.84
N THR A 327 48.49 -42.79 61.70
CA THR A 327 48.94 -43.57 62.86
C THR A 327 49.34 -44.97 62.45
N ASP A 328 48.69 -46.00 63.03
CA ASP A 328 49.12 -47.37 62.81
C ASP A 328 48.83 -47.84 61.38
N LYS A 329 47.90 -47.19 60.68
CA LYS A 329 47.59 -47.59 59.32
C LYS A 329 48.73 -47.31 58.37
N VAL A 330 49.46 -46.21 58.59
CA VAL A 330 50.54 -45.83 57.68
C VAL A 330 51.66 -46.85 57.75
N GLY A 331 52.12 -47.31 56.59
CA GLY A 331 53.18 -48.28 56.54
C GLY A 331 52.76 -49.71 56.77
N THR A 332 51.50 -49.95 57.11
CA THR A 332 50.99 -51.30 57.32
C THR A 332 49.93 -51.69 56.30
N GLU A 333 48.80 -51.00 56.28
CA GLU A 333 47.71 -51.32 55.37
C GLU A 333 47.48 -50.25 54.32
N ALA A 334 48.19 -49.12 54.39
CA ALA A 334 48.01 -48.01 53.47
C ALA A 334 49.27 -47.15 53.51
N ALA A 335 49.23 -46.03 52.82
CA ALA A 335 50.36 -45.11 52.74
C ALA A 335 49.98 -43.78 53.39
N PHE A 336 50.99 -42.93 53.59
CA PHE A 336 50.77 -41.59 54.08
C PHE A 336 50.37 -40.68 52.92
N HIS A 337 49.26 -39.97 53.07
CA HIS A 337 48.75 -39.08 52.04
C HIS A 337 48.74 -37.65 52.56
N PRO A 338 49.46 -36.72 51.92
CA PRO A 338 49.42 -35.33 52.37
C PRO A 338 48.00 -34.77 52.27
N ILE A 339 47.76 -33.71 53.05
CA ILE A 339 46.43 -33.10 53.06
C ILE A 339 46.06 -32.53 51.69
N GLU A 340 47.06 -32.09 50.93
CA GLU A 340 46.76 -31.53 49.60
C GLU A 340 46.20 -32.57 48.66
N GLU A 341 46.61 -33.84 48.81
CA GLU A 341 46.06 -34.90 47.97
C GLU A 341 44.57 -35.10 48.22
N TYR A 342 44.09 -34.78 49.42
CA TYR A 342 42.66 -34.89 49.70
C TYR A 342 41.91 -33.66 49.19
N MET A 343 42.49 -32.47 49.36
CA MET A 343 41.79 -31.23 49.07
C MET A 343 41.65 -30.93 47.58
N VAL A 344 42.49 -31.54 46.73
CA VAL A 344 42.33 -31.34 45.29
C VAL A 344 41.00 -31.90 44.82
N HIS A 345 40.52 -32.97 45.46
CA HIS A 345 39.23 -33.56 45.08
C HIS A 345 38.07 -32.88 45.79
N VAL A 346 38.29 -32.37 46.99
CA VAL A 346 37.28 -31.56 47.67
C VAL A 346 37.00 -30.30 46.86
N GLU A 347 38.06 -29.57 46.49
CA GLU A 347 37.90 -28.36 45.70
C GLU A 347 37.25 -28.66 44.36
N GLU A 348 37.70 -29.72 43.70
CA GLU A 348 37.07 -30.16 42.44
C GLU A 348 35.56 -30.28 42.59
N HIS A 349 35.09 -30.96 43.64
CA HIS A 349 33.65 -31.18 43.77
C HIS A 349 32.91 -29.89 44.11
N PHE A 350 33.50 -29.03 44.94
CA PHE A 350 32.87 -27.74 45.22
C PHE A 350 32.77 -26.91 43.95
N GLN A 351 33.74 -27.03 43.05
CA GLN A 351 33.61 -26.39 41.74
C GLN A 351 32.47 -27.01 40.94
N LEU A 352 32.24 -28.31 41.12
CA LEU A 352 31.11 -28.96 40.44
C LEU A 352 29.79 -28.52 41.06
N LEU A 353 29.71 -28.50 42.39
CA LEU A 353 28.47 -28.12 43.06
C LEU A 353 28.11 -26.66 42.79
N ALA A 354 29.11 -25.78 42.73
CA ALA A 354 28.85 -24.37 42.44
C ALA A 354 28.15 -24.20 41.09
N ARG A 355 28.34 -25.14 40.17
CA ARG A 355 27.69 -25.06 38.87
C ARG A 355 26.19 -25.31 38.94
N ARG A 356 25.69 -25.85 40.05
CA ARG A 356 24.29 -26.23 40.17
C ARG A 356 23.57 -25.57 41.33
N MET A 357 24.25 -24.78 42.16
CA MET A 357 23.60 -24.21 43.33
C MET A 357 24.45 -23.08 43.87
N GLN A 358 23.87 -22.37 44.85
CA GLN A 358 24.59 -21.33 45.57
C GLN A 358 25.38 -21.97 46.70
N VAL A 359 26.70 -21.83 46.66
CA VAL A 359 27.60 -22.36 47.68
C VAL A 359 27.98 -21.21 48.60
N ASP A 360 27.27 -21.10 49.72
CA ASP A 360 27.54 -20.03 50.68
C ASP A 360 28.99 -20.08 51.15
N LYS A 361 29.41 -21.22 51.69
CA LYS A 361 30.77 -21.36 52.18
C LYS A 361 31.23 -22.79 51.95
N LYS A 362 32.52 -22.95 51.67
CA LYS A 362 33.10 -24.26 51.39
C LYS A 362 33.39 -24.94 52.72
N ARG A 363 32.50 -25.82 53.15
CA ARG A 363 32.61 -26.51 54.42
C ARG A 363 33.18 -27.90 54.22
N VAL A 364 33.97 -28.35 55.19
CA VAL A 364 34.56 -29.68 55.18
C VAL A 364 34.46 -30.25 56.60
N TYR A 365 33.94 -31.46 56.73
CA TYR A 365 34.00 -32.19 57.99
C TYR A 365 35.23 -33.10 57.96
N LEU A 366 36.15 -32.87 58.88
CA LEU A 366 37.43 -33.57 58.92
C LEU A 366 37.42 -34.62 60.03
N ALA A 367 37.51 -35.88 59.65
CA ALA A 367 37.67 -36.99 60.59
C ALA A 367 39.06 -37.57 60.41
N THR A 368 39.82 -37.64 61.51
CA THR A 368 41.18 -38.16 61.44
C THR A 368 41.61 -38.63 62.82
N ASP A 369 42.59 -39.53 62.84
CA ASP A 369 43.27 -39.94 64.05
C ASP A 369 44.59 -39.20 64.25
N ASP A 370 44.86 -38.19 63.42
CA ASP A 370 46.01 -37.31 63.56
C ASP A 370 45.55 -35.98 64.13
N PRO A 371 45.62 -35.80 65.45
CA PRO A 371 45.14 -34.55 66.05
C PRO A 371 45.92 -33.30 65.64
N SER A 372 47.14 -33.47 65.11
CA SER A 372 47.92 -32.31 64.67
C SER A 372 47.51 -31.77 63.31
N LEU A 373 46.58 -32.44 62.62
CA LEU A 373 46.28 -32.11 61.23
C LEU A 373 45.37 -30.89 61.09
N LEU A 374 44.45 -30.68 62.03
CA LEU A 374 43.42 -29.65 61.86
C LEU A 374 44.04 -28.26 61.72
N LYS A 375 45.01 -27.92 62.57
CA LYS A 375 45.67 -26.63 62.47
C LYS A 375 46.41 -26.48 61.15
N GLU A 376 47.07 -27.55 60.69
CA GLU A 376 47.76 -27.51 59.40
C GLU A 376 46.78 -27.18 58.27
N ALA A 377 45.62 -27.83 58.27
CA ALA A 377 44.63 -27.58 57.23
C ALA A 377 44.13 -26.13 57.29
N LYS A 378 43.73 -25.68 58.48
CA LYS A 378 43.27 -24.30 58.65
C LYS A 378 44.31 -23.32 58.16
N THR A 379 45.58 -23.62 58.39
CA THR A 379 46.66 -22.75 57.93
C THR A 379 46.78 -22.78 56.41
N LYS A 380 46.75 -23.98 55.83
CA LYS A 380 46.99 -24.11 54.40
C LYS A 380 45.78 -23.79 53.54
N TYR A 381 44.57 -23.83 54.11
CA TYR A 381 43.34 -23.55 53.35
C TYR A 381 42.47 -22.57 54.12
N PRO A 382 42.84 -21.29 54.11
CA PRO A 382 42.10 -20.30 54.92
C PRO A 382 40.72 -19.99 54.36
N ASN A 383 40.43 -20.33 53.12
CA ASN A 383 39.11 -20.10 52.54
C ASN A 383 38.13 -21.23 52.82
N TYR A 384 38.57 -22.27 53.53
CA TYR A 384 37.70 -23.37 53.93
C TYR A 384 37.29 -23.25 55.39
N GLU A 385 36.08 -23.73 55.68
CA GLU A 385 35.61 -23.88 57.05
C GLU A 385 35.69 -25.36 57.40
N PHE A 386 36.61 -25.71 58.30
CA PHE A 386 36.83 -27.09 58.68
C PHE A 386 36.05 -27.39 59.95
N ILE A 387 35.14 -28.35 59.87
CA ILE A 387 34.37 -28.80 61.03
C ILE A 387 34.99 -30.09 61.53
N SER A 388 35.42 -30.09 62.78
CA SER A 388 36.11 -31.24 63.36
C SER A 388 36.16 -31.07 64.87
N ASP A 389 36.21 -32.20 65.57
CA ASP A 389 36.35 -32.24 67.02
C ASP A 389 37.71 -32.85 67.33
N ASN A 390 38.68 -32.00 67.66
CA ASN A 390 40.05 -32.47 67.82
C ASN A 390 40.21 -33.39 69.02
N SER A 391 39.42 -33.20 70.08
CA SER A 391 39.50 -34.10 71.22
C SER A 391 39.07 -35.51 70.85
N ILE A 392 38.18 -35.64 69.87
CA ILE A 392 37.86 -36.96 69.33
C ILE A 392 39.07 -37.56 68.62
N SER A 393 39.76 -36.74 67.81
CA SER A 393 40.99 -37.19 67.18
C SER A 393 42.01 -37.66 68.21
N TRP A 394 42.10 -36.95 69.34
CA TRP A 394 42.97 -37.40 70.42
C TRP A 394 42.51 -38.72 71.01
N SER A 395 41.19 -38.88 71.18
CA SER A 395 40.66 -40.14 71.71
C SER A 395 40.99 -41.31 70.80
N ALA A 396 41.15 -41.06 69.50
CA ALA A 396 41.51 -42.11 68.55
C ALA A 396 42.96 -42.55 68.67
N GLY A 397 43.73 -41.95 69.57
CA GLY A 397 45.10 -42.37 69.78
C GLY A 397 45.20 -43.84 70.17
N LEU A 398 46.38 -44.41 69.94
CA LEU A 398 46.55 -45.85 70.12
C LEU A 398 46.35 -46.27 71.57
N HIS A 399 46.80 -45.46 72.53
CA HIS A 399 46.64 -45.81 73.93
C HIS A 399 45.23 -45.59 74.47
N ASN A 400 44.37 -44.85 73.77
CA ASN A 400 43.01 -44.65 74.26
C ASN A 400 41.98 -45.03 73.21
N ARG A 401 42.38 -45.80 72.20
CA ARG A 401 41.49 -46.08 71.09
C ARG A 401 40.31 -46.93 71.53
N TYR A 402 40.57 -47.89 72.42
CA TYR A 402 39.58 -48.89 72.81
C TYR A 402 38.97 -48.50 74.16
N THR A 403 38.19 -47.43 74.14
CA THR A 403 37.44 -46.97 75.30
C THR A 403 36.06 -46.54 74.82
N GLU A 404 35.13 -46.38 75.76
CA GLU A 404 33.79 -45.94 75.40
C GLU A 404 33.80 -44.53 74.82
N ASN A 405 34.59 -43.63 75.42
CA ASN A 405 34.66 -42.26 74.93
C ASN A 405 35.16 -42.22 73.49
N SER A 406 36.21 -42.99 73.20
CA SER A 406 36.73 -43.08 71.84
C SER A 406 35.73 -43.78 70.91
N LEU A 407 35.03 -44.79 71.42
CA LEU A 407 34.04 -45.49 70.63
C LEU A 407 32.94 -44.54 70.14
N ARG A 408 32.34 -43.79 71.07
CA ARG A 408 31.33 -42.80 70.67
C ARG A 408 31.90 -41.76 69.72
N GLY A 409 33.18 -41.44 69.85
CA GLY A 409 33.79 -40.47 68.94
C GLY A 409 33.77 -40.92 67.49
N VAL A 410 34.26 -42.13 67.24
CA VAL A 410 34.33 -42.61 65.85
C VAL A 410 32.93 -42.83 65.29
N ILE A 411 31.97 -43.18 66.14
CA ILE A 411 30.58 -43.29 65.68
C ILE A 411 30.09 -41.96 65.15
N LEU A 412 30.36 -40.88 65.88
CA LEU A 412 29.97 -39.54 65.44
C LEU A 412 30.67 -39.16 64.14
N ASP A 413 31.99 -39.40 64.05
CA ASP A 413 32.73 -39.04 62.85
C ASP A 413 32.14 -39.74 61.63
N ILE A 414 31.84 -41.04 61.75
CA ILE A 414 31.26 -41.78 60.64
C ILE A 414 29.90 -41.21 60.28
N HIS A 415 29.11 -40.83 61.28
CA HIS A 415 27.81 -40.24 61.03
C HIS A 415 27.93 -38.99 60.16
N PHE A 416 28.78 -38.05 60.57
CA PHE A 416 28.93 -36.79 59.83
C PHE A 416 29.57 -37.00 58.48
N LEU A 417 30.48 -37.98 58.36
CA LEU A 417 31.01 -38.34 57.06
C LEU A 417 29.91 -38.87 56.15
N SER A 418 29.07 -39.78 56.68
CA SER A 418 27.97 -40.32 55.89
C SER A 418 26.95 -39.25 55.53
N GLN A 419 26.78 -38.25 56.38
CA GLN A 419 25.81 -37.19 56.12
C GLN A 419 26.31 -36.16 55.12
N ALA A 420 27.59 -36.17 54.79
CA ALA A 420 28.13 -35.18 53.88
C ALA A 420 27.60 -35.39 52.47
N ASP A 421 27.75 -34.36 51.64
CA ASP A 421 27.31 -34.42 50.25
C ASP A 421 28.31 -35.11 49.35
N PHE A 422 29.48 -35.44 49.86
CA PHE A 422 30.56 -36.07 49.12
C PHE A 422 31.61 -36.54 50.12
N LEU A 423 32.31 -37.61 49.76
CA LEU A 423 33.21 -38.28 50.69
C LEU A 423 34.56 -38.49 50.01
N VAL A 424 35.60 -37.86 50.56
CA VAL A 424 36.96 -38.00 50.06
C VAL A 424 37.80 -38.68 51.14
N CYS A 425 38.45 -39.78 50.78
CA CYS A 425 39.18 -40.57 51.77
C CYS A 425 40.01 -41.68 51.13
N THR A 426 40.33 -42.69 51.91
CA THR A 426 41.02 -43.89 51.46
C THR A 426 40.19 -45.10 51.86
N PHE A 427 39.69 -45.84 50.86
CA PHE A 427 38.85 -47.00 51.15
C PHE A 427 39.62 -48.17 51.75
N SER A 428 40.94 -48.07 51.88
CA SER A 428 41.66 -49.07 52.67
C SER A 428 41.31 -49.00 54.14
N SER A 429 40.76 -47.87 54.59
CA SER A 429 40.32 -47.69 55.96
C SER A 429 38.85 -48.10 56.07
N GLN A 430 38.57 -49.07 56.93
CA GLN A 430 37.19 -49.49 57.14
C GLN A 430 36.31 -48.37 57.67
N VAL A 431 36.91 -47.36 58.31
CA VAL A 431 36.14 -46.22 58.81
C VAL A 431 35.42 -45.52 57.67
N CYS A 432 36.12 -45.30 56.55
CA CYS A 432 35.48 -44.62 55.42
C CYS A 432 34.48 -45.52 54.71
N ARG A 433 34.74 -46.83 54.64
CA ARG A 433 33.81 -47.72 53.97
C ARG A 433 32.46 -47.75 54.67
N VAL A 434 32.44 -47.63 56.00
CA VAL A 434 31.19 -47.62 56.74
C VAL A 434 30.41 -46.35 56.43
N ALA A 435 31.09 -45.19 56.49
CA ALA A 435 30.44 -43.94 56.16
C ALA A 435 29.86 -43.96 54.75
N TYR A 436 30.63 -44.52 53.79
CA TYR A 436 30.14 -44.64 52.43
C TYR A 436 28.90 -45.52 52.37
N GLU A 437 28.91 -46.64 53.09
CA GLU A 437 27.74 -47.52 53.13
C GLU A 437 26.53 -46.81 53.71
N ILE A 438 26.70 -46.18 54.88
CA ILE A 438 25.59 -45.45 55.50
C ILE A 438 25.06 -44.37 54.56
N MET A 439 25.97 -43.69 53.85
CA MET A 439 25.57 -42.67 52.90
C MET A 439 24.55 -43.20 51.90
N GLN A 440 24.67 -44.48 51.52
CA GLN A 440 23.75 -45.09 50.57
C GLN A 440 22.32 -45.13 51.09
N THR A 441 22.13 -45.08 52.41
CA THR A 441 20.79 -45.11 52.99
C THR A 441 20.18 -43.72 53.12
N LEU A 442 20.94 -42.68 52.81
CA LEU A 442 20.48 -41.30 52.93
C LEU A 442 20.08 -40.70 51.59
N HIS A 443 20.37 -41.36 50.48
CA HIS A 443 20.10 -40.84 49.15
C HIS A 443 19.65 -41.98 48.25
N PRO A 444 18.92 -41.66 47.18
CA PRO A 444 18.51 -42.73 46.24
C PRO A 444 19.68 -43.47 45.63
N ASP A 445 20.64 -42.76 45.02
CA ASP A 445 21.82 -43.38 44.41
C ASP A 445 23.03 -42.51 44.73
N ALA A 446 23.67 -42.79 45.86
CA ALA A 446 24.91 -42.12 46.27
C ALA A 446 26.14 -42.95 45.94
N SER A 447 26.04 -43.87 44.97
CA SER A 447 27.14 -44.78 44.68
C SER A 447 28.38 -44.05 44.19
N ALA A 448 28.21 -42.95 43.47
CA ALA A 448 29.34 -42.21 42.89
C ALA A 448 29.73 -41.00 43.72
N ASN A 449 29.16 -40.86 44.92
CA ASN A 449 29.42 -39.69 45.78
C ASN A 449 30.66 -39.87 46.63
N PHE A 450 31.76 -40.29 46.02
CA PHE A 450 32.99 -40.53 46.77
C PHE A 450 34.20 -40.32 45.88
N HIS A 451 35.37 -40.28 46.52
CA HIS A 451 36.63 -40.48 45.82
C HIS A 451 37.64 -41.08 46.79
N SER A 452 38.12 -42.27 46.49
CA SER A 452 39.10 -42.98 47.30
C SER A 452 40.49 -42.78 46.73
N LEU A 453 41.44 -42.44 47.60
CA LEU A 453 42.82 -42.25 47.16
C LEU A 453 43.54 -43.56 46.88
N ASP A 454 42.97 -44.71 47.23
CA ASP A 454 43.64 -45.98 46.95
C ASP A 454 42.68 -47.06 46.47
N ASP A 455 42.12 -47.83 47.39
CA ASP A 455 41.34 -49.01 47.03
C ASP A 455 39.97 -48.63 46.51
N ILE A 456 39.45 -49.46 45.61
CA ILE A 456 38.04 -49.42 45.23
C ILE A 456 37.24 -49.97 46.40
N TYR A 457 35.92 -49.95 46.30
CA TYR A 457 35.10 -50.50 47.36
C TYR A 457 35.29 -52.01 47.43
N TYR A 458 35.43 -52.53 48.65
CA TYR A 458 35.49 -53.96 48.84
C TYR A 458 34.97 -54.30 50.23
N PHE A 459 34.63 -55.57 50.41
CA PHE A 459 34.15 -56.10 51.68
C PHE A 459 35.06 -57.27 52.03
N GLY A 460 35.74 -57.16 53.16
CA GLY A 460 36.65 -58.21 53.59
C GLY A 460 35.99 -59.56 53.65
N GLY A 461 36.49 -60.52 52.87
CA GLY A 461 35.89 -61.83 52.78
C GLY A 461 34.96 -62.03 51.60
N GLN A 462 34.76 -60.99 50.79
CA GLN A 462 33.91 -61.08 49.62
C GLN A 462 34.36 -62.19 48.69
N ASN A 463 33.42 -62.67 47.88
CA ASN A 463 33.80 -63.51 46.76
C ASN A 463 34.48 -62.66 45.70
N ALA A 464 35.15 -63.33 44.76
CA ALA A 464 35.99 -62.65 43.78
C ALA A 464 35.19 -61.58 43.04
N HIS A 465 35.69 -60.34 43.10
CA HIS A 465 35.08 -59.22 42.38
C HIS A 465 35.50 -59.30 40.93
N ASN A 466 34.58 -59.65 40.05
CA ASN A 466 34.87 -59.89 38.65
C ASN A 466 34.25 -58.80 37.79
N GLN A 467 34.83 -58.61 36.61
CA GLN A 467 34.34 -57.67 35.61
C GLN A 467 34.32 -58.37 34.26
N ILE A 468 33.63 -57.75 33.31
CA ILE A 468 33.47 -58.29 31.96
C ILE A 468 33.99 -57.25 30.99
N ALA A 469 34.97 -57.64 30.17
CA ALA A 469 35.52 -56.73 29.17
C ALA A 469 34.49 -56.53 28.06
N ILE A 470 34.25 -55.28 27.71
CA ILE A 470 33.30 -54.95 26.65
C ILE A 470 33.99 -54.46 25.38
N TYR A 471 35.20 -53.89 25.49
CA TYR A 471 35.98 -53.49 24.33
C TYR A 471 37.36 -54.13 24.40
N ALA A 472 37.90 -54.45 23.23
CA ALA A 472 39.19 -55.09 23.14
C ALA A 472 40.30 -54.12 23.51
N HIS A 473 41.46 -54.68 23.87
CA HIS A 473 42.60 -53.87 24.25
C HIS A 473 43.88 -54.61 23.88
N GLN A 474 44.80 -53.90 23.22
CA GLN A 474 46.09 -54.46 22.86
C GLN A 474 47.15 -53.78 23.71
N PRO A 475 47.95 -54.53 24.46
CA PRO A 475 48.91 -53.89 25.37
C PRO A 475 49.93 -53.08 24.60
N ARG A 476 50.11 -51.83 25.02
CA ARG A 476 51.15 -51.00 24.43
C ARG A 476 52.51 -51.29 25.07
N THR A 477 52.51 -51.78 26.31
CA THR A 477 53.72 -52.19 27.02
C THR A 477 53.47 -53.57 27.60
N ALA A 478 54.54 -54.19 28.11
CA ALA A 478 54.41 -55.47 28.78
C ALA A 478 53.60 -55.36 30.06
N ASP A 479 53.52 -54.17 30.64
CA ASP A 479 52.80 -53.97 31.90
C ASP A 479 51.29 -53.99 31.72
N GLU A 480 50.79 -53.93 30.49
CA GLU A 480 49.35 -54.02 30.23
C GLU A 480 48.98 -55.46 29.89
N ILE A 481 47.69 -55.75 29.95
CA ILE A 481 47.18 -57.06 29.58
C ILE A 481 46.18 -56.93 28.44
N PRO A 482 46.07 -57.93 27.58
CA PRO A 482 45.07 -57.88 26.51
C PRO A 482 43.71 -58.36 27.00
N MET A 483 42.68 -57.90 26.30
CA MET A 483 41.31 -58.28 26.61
C MET A 483 40.54 -58.49 25.31
N GLU A 484 39.71 -59.51 25.29
CA GLU A 484 38.71 -59.67 24.24
C GLU A 484 37.33 -59.46 24.84
N PRO A 485 36.38 -58.92 24.07
CA PRO A 485 35.04 -58.70 24.62
C PRO A 485 34.44 -59.99 25.17
N GLY A 486 33.92 -59.91 26.39
CA GLY A 486 33.36 -61.05 27.07
C GLY A 486 34.32 -61.73 28.04
N ASP A 487 35.62 -61.48 27.90
CA ASP A 487 36.58 -62.05 28.84
C ASP A 487 36.30 -61.58 30.25
N ILE A 488 36.49 -62.48 31.21
CA ILE A 488 36.27 -62.17 32.63
C ILE A 488 37.59 -61.70 33.24
N ILE A 489 37.56 -60.51 33.83
CA ILE A 489 38.74 -59.87 34.40
C ILE A 489 38.52 -59.74 35.90
N GLY A 490 39.44 -60.29 36.68
CA GLY A 490 39.37 -60.15 38.12
C GLY A 490 40.04 -58.89 38.62
N VAL A 491 39.25 -57.91 39.03
CA VAL A 491 39.76 -56.57 39.33
C VAL A 491 40.39 -56.56 40.72
N ALA A 492 41.56 -55.92 40.81
CA ALA A 492 42.23 -55.70 42.09
C ALA A 492 42.11 -54.27 42.58
N GLY A 493 42.03 -53.30 41.67
CA GLY A 493 41.86 -51.92 42.07
C GLY A 493 41.93 -51.01 40.86
N ASN A 494 41.53 -49.76 41.08
CA ASN A 494 41.57 -48.71 40.08
C ASN A 494 42.66 -47.72 40.44
N HIS A 495 43.50 -47.38 39.47
CA HIS A 495 44.62 -46.47 39.70
C HIS A 495 44.25 -45.01 39.51
N TRP A 496 42.99 -44.71 39.18
CA TRP A 496 42.48 -43.34 39.07
C TRP A 496 43.27 -42.52 38.05
N ASP A 497 43.82 -43.19 37.05
CA ASP A 497 44.56 -42.52 35.98
C ASP A 497 44.08 -42.99 34.60
N GLY A 498 42.90 -43.59 34.54
CA GLY A 498 42.41 -44.21 33.33
C GLY A 498 42.70 -45.69 33.22
N TYR A 499 43.53 -46.23 34.11
CA TYR A 499 43.89 -47.64 34.10
C TYR A 499 43.51 -48.30 35.40
N SER A 500 43.14 -49.57 35.32
CA SER A 500 42.92 -50.42 36.47
C SER A 500 43.94 -51.55 36.44
N LYS A 501 43.94 -52.36 37.49
CA LYS A 501 44.86 -53.49 37.58
C LYS A 501 44.06 -54.73 37.94
N GLY A 502 44.33 -55.82 37.24
CA GLY A 502 43.60 -57.06 37.46
C GLY A 502 44.19 -58.16 36.61
N VAL A 503 43.54 -59.32 36.70
CA VAL A 503 44.00 -60.52 36.01
C VAL A 503 42.95 -60.91 34.97
N ASN A 504 43.42 -61.25 33.77
CA ASN A 504 42.55 -61.83 32.76
C ASN A 504 42.46 -63.32 33.03
N ARG A 505 41.36 -63.75 33.66
CA ARG A 505 41.23 -65.13 34.08
C ARG A 505 41.34 -66.09 32.90
N LYS A 506 40.92 -65.65 31.70
CA LYS A 506 41.05 -66.49 30.53
C LYS A 506 42.49 -66.80 30.20
N LEU A 507 43.40 -65.88 30.51
CA LEU A 507 44.81 -66.03 30.17
C LEU A 507 45.73 -66.25 31.37
N GLY A 508 45.26 -65.94 32.57
CA GLY A 508 46.15 -65.98 33.72
C GLY A 508 47.19 -64.89 33.71
N ARG A 509 46.94 -63.79 33.00
CA ARG A 509 47.86 -62.67 32.92
C ARG A 509 47.33 -61.51 33.77
N THR A 510 48.23 -60.85 34.48
CA THR A 510 47.90 -59.76 35.38
C THR A 510 48.60 -58.49 34.93
N GLY A 511 47.93 -57.36 35.06
CA GLY A 511 48.51 -56.10 34.63
C GLY A 511 47.44 -55.04 34.46
N LEU A 512 47.81 -53.98 33.76
CA LEU A 512 46.99 -52.79 33.61
C LEU A 512 46.10 -52.89 32.37
N TYR A 513 44.98 -52.19 32.40
CA TYR A 513 44.07 -52.13 31.27
C TYR A 513 43.22 -50.88 31.40
N PRO A 514 42.72 -50.33 30.29
CA PRO A 514 41.91 -49.11 30.38
C PRO A 514 40.64 -49.35 31.19
N SER A 515 40.38 -48.46 32.14
CA SER A 515 39.28 -48.64 33.07
C SER A 515 37.91 -48.58 32.38
N TYR A 516 37.84 -48.00 31.19
CA TYR A 516 36.56 -47.82 30.51
C TYR A 516 36.17 -48.99 29.63
N LYS A 517 37.07 -49.95 29.40
CA LYS A 517 36.80 -51.07 28.53
C LYS A 517 36.20 -52.27 29.26
N VAL A 518 35.79 -52.11 30.51
CA VAL A 518 35.24 -53.21 31.28
C VAL A 518 33.87 -52.83 31.83
N ARG A 519 33.14 -53.85 32.26
CA ARG A 519 31.79 -53.69 32.80
C ARG A 519 31.66 -54.59 34.02
N GLU A 520 30.87 -54.13 34.99
CA GLU A 520 30.74 -54.86 36.24
C GLU A 520 29.87 -56.09 36.06
N LYS A 521 30.37 -57.25 36.49
CA LYS A 521 29.58 -58.48 36.49
C LYS A 521 28.82 -58.54 37.80
N ILE A 522 27.55 -58.18 37.77
CA ILE A 522 26.73 -58.19 38.98
C ILE A 522 26.32 -59.63 39.26
N GLU A 523 26.53 -60.08 40.49
CA GLU A 523 26.24 -61.44 40.90
C GLU A 523 24.97 -61.48 41.73
N THR A 524 24.13 -62.48 41.47
CA THR A 524 22.88 -62.65 42.19
C THR A 524 22.89 -63.97 42.95
N VAL A 525 22.19 -63.98 44.08
CA VAL A 525 22.05 -65.17 44.92
C VAL A 525 20.59 -65.30 45.34
N LYS A 526 20.09 -66.53 45.35
CA LYS A 526 18.71 -66.81 45.76
C LYS A 526 18.63 -66.73 47.28
N TYR A 527 18.33 -65.53 47.78
CA TYR A 527 18.04 -65.35 49.20
C TYR A 527 16.60 -65.75 49.49
N PRO A 528 16.28 -66.00 50.76
CA PRO A 528 14.87 -66.06 51.15
C PRO A 528 14.20 -64.70 50.96
N THR A 529 12.89 -64.73 50.77
CA THR A 529 12.13 -63.51 50.52
C THR A 529 11.17 -63.12 51.63
N TYR A 530 10.98 -63.98 52.63
CA TYR A 530 10.11 -63.72 53.79
C TYR A 530 8.77 -63.11 53.37
N PRO A 531 7.96 -63.83 52.59
CA PRO A 531 6.67 -63.26 52.15
C PRO A 531 5.69 -63.03 53.28
N GLU A 532 5.87 -63.69 54.42
CA GLU A 532 4.98 -63.54 55.56
C GLU A 532 5.08 -62.17 56.22
N ALA A 533 5.99 -61.32 55.79
CA ALA A 533 6.23 -60.02 56.41
C ALA A 533 5.32 -58.93 55.87
N GLU A 534 4.27 -59.28 55.13
CA GLU A 534 3.40 -58.26 54.53
C GLU A 534 2.01 -58.29 55.14
N LEU B 68 11.03 -45.54 35.03
CA LEU B 68 12.34 -45.43 34.36
C LEU B 68 12.78 -46.77 33.78
N GLY B 69 13.65 -46.71 32.79
CA GLY B 69 14.10 -47.90 32.07
C GLY B 69 15.41 -48.43 32.61
N LYS B 70 15.50 -49.75 32.72
CA LYS B 70 16.72 -50.39 33.20
C LYS B 70 17.92 -50.00 32.34
N ASP B 71 17.80 -50.19 31.02
CA ASP B 71 18.90 -49.85 30.12
C ASP B 71 19.16 -48.36 30.09
N HIS B 72 18.12 -47.53 30.25
CA HIS B 72 18.30 -46.09 30.25
C HIS B 72 19.20 -45.65 31.41
N GLU B 73 18.93 -46.14 32.61
CA GLU B 73 19.75 -45.78 33.75
C GLU B 73 21.14 -46.40 33.63
N ILE B 74 21.22 -47.66 33.21
CA ILE B 74 22.51 -48.29 32.94
C ILE B 74 23.34 -47.43 31.99
N LEU B 75 22.72 -46.99 30.90
CA LEU B 75 23.44 -46.18 29.92
C LEU B 75 23.81 -44.81 30.49
N ARG B 76 22.87 -44.15 31.18
CA ARG B 76 23.18 -42.86 31.79
C ARG B 76 24.37 -42.97 32.74
N ARG B 77 24.45 -44.06 33.51
CA ARG B 77 25.56 -44.25 34.43
C ARG B 77 26.84 -44.64 33.70
N ARG B 78 26.73 -45.42 32.61
CA ARG B 78 27.93 -45.78 31.87
C ARG B 78 28.53 -44.56 31.17
N ILE B 79 27.67 -43.67 30.65
CA ILE B 79 28.16 -42.41 30.09
C ILE B 79 28.81 -41.57 31.17
N GLU B 80 28.12 -41.42 32.31
CA GLU B 80 28.66 -40.68 33.45
C GLU B 80 30.03 -41.21 33.85
N ASN B 81 30.12 -42.51 34.12
CA ASN B 81 31.39 -43.10 34.55
C ASN B 81 32.45 -43.01 33.44
N GLY B 82 32.04 -43.23 32.19
CA GLY B 82 32.99 -43.11 31.09
C GLY B 82 33.61 -41.73 31.00
N ALA B 83 32.82 -40.69 31.27
CA ALA B 83 33.36 -39.34 31.31
C ALA B 83 34.36 -39.17 32.45
N LYS B 84 34.02 -39.67 33.64
CA LYS B 84 34.95 -39.59 34.77
C LYS B 84 36.28 -40.25 34.44
N GLU B 85 36.24 -41.48 33.92
CA GLU B 85 37.48 -42.16 33.55
C GLU B 85 38.24 -41.38 32.48
N LEU B 86 37.52 -40.75 31.56
CA LEU B 86 38.17 -39.88 30.59
C LEU B 86 38.89 -38.73 31.29
N TRP B 87 38.23 -38.11 32.27
CA TRP B 87 38.87 -37.04 33.03
C TRP B 87 40.09 -37.54 33.80
N PHE B 88 39.96 -38.70 34.45
CA PHE B 88 41.11 -39.31 35.10
C PHE B 88 42.23 -39.56 34.10
N PHE B 89 41.90 -40.12 32.93
CA PHE B 89 42.90 -40.39 31.91
C PHE B 89 43.62 -39.13 31.47
N LEU B 90 42.86 -38.06 31.20
CA LEU B 90 43.43 -36.81 30.72
C LEU B 90 44.46 -36.26 31.71
N GLN B 91 44.04 -36.08 32.97
CA GLN B 91 44.92 -35.52 33.99
C GLN B 91 46.24 -36.28 34.08
N SER B 92 46.17 -37.61 34.07
CA SER B 92 47.37 -38.43 34.23
C SER B 92 48.36 -38.20 33.09
N GLU B 93 47.89 -38.32 31.85
CA GLU B 93 48.81 -38.26 30.71
C GLU B 93 49.37 -36.87 30.48
N LEU B 94 48.61 -35.82 30.78
CA LEU B 94 49.13 -34.47 30.65
C LEU B 94 50.26 -34.20 31.63
N LYS B 95 50.09 -34.61 32.89
CA LYS B 95 51.15 -34.45 33.88
C LYS B 95 52.44 -35.14 33.42
N LYS B 96 52.31 -36.29 32.77
CA LYS B 96 53.49 -36.94 32.19
C LYS B 96 54.05 -36.13 31.04
N LEU B 97 53.17 -35.55 30.22
CA LEU B 97 53.61 -34.86 29.01
C LEU B 97 54.44 -33.62 29.34
N LYS B 98 54.14 -32.94 30.45
CA LYS B 98 54.88 -31.75 30.82
C LYS B 98 56.37 -32.02 31.03
N ASN B 99 56.77 -33.28 31.14
CA ASN B 99 58.15 -33.65 31.40
C ASN B 99 58.82 -34.27 30.18
N LEU B 100 58.25 -34.09 28.99
CA LEU B 100 58.74 -34.72 27.77
C LEU B 100 59.15 -33.67 26.75
N GLU B 101 59.97 -34.09 25.78
CA GLU B 101 60.47 -33.19 24.76
C GLU B 101 60.72 -33.98 23.47
N GLY B 102 60.76 -33.27 22.36
CA GLY B 102 61.15 -33.84 21.07
C GLY B 102 60.27 -34.98 20.61
N ASN B 103 60.90 -35.96 19.93
CA ASN B 103 60.15 -37.11 19.42
C ASN B 103 59.48 -37.89 20.54
N GLU B 104 60.19 -38.04 21.67
CA GLU B 104 59.60 -38.65 22.85
C GLU B 104 58.27 -37.98 23.19
N LEU B 105 58.25 -36.64 23.19
CA LEU B 105 57.02 -35.89 23.43
C LEU B 105 56.00 -36.13 22.32
N GLN B 106 56.46 -36.11 21.06
CA GLN B 106 55.52 -36.16 19.95
C GLN B 106 54.91 -37.54 19.77
N ARG B 107 55.69 -38.60 20.02
CA ARG B 107 55.11 -39.95 19.97
C ARG B 107 54.11 -40.18 21.10
N HIS B 108 54.44 -39.74 22.30
CA HIS B 108 53.54 -39.94 23.43
C HIS B 108 52.23 -39.20 23.20
N ALA B 109 52.30 -38.02 22.60
CA ALA B 109 51.09 -37.27 22.28
C ALA B 109 50.25 -37.99 21.24
N ASP B 110 50.89 -38.61 20.24
CA ASP B 110 50.15 -39.33 19.21
C ASP B 110 49.44 -40.55 19.80
N GLU B 111 50.17 -41.37 20.56
CA GLU B 111 49.54 -42.50 21.23
C GLU B 111 48.38 -42.03 22.11
N PHE B 112 48.55 -40.90 22.78
CA PHE B 112 47.47 -40.32 23.59
C PHE B 112 46.23 -40.06 22.74
N LEU B 113 46.41 -39.42 21.58
CA LEU B 113 45.27 -39.09 20.72
C LEU B 113 44.52 -40.33 20.26
N LEU B 114 45.25 -41.38 19.87
CA LEU B 114 44.63 -42.62 19.45
C LEU B 114 43.74 -43.19 20.56
N ASP B 115 44.28 -43.28 21.78
CA ASP B 115 43.51 -43.80 22.90
C ASP B 115 42.28 -42.95 23.19
N LEU B 116 42.40 -41.63 23.04
CA LEU B 116 41.28 -40.75 23.34
C LEU B 116 40.12 -40.97 22.37
N GLY B 117 40.42 -40.99 21.07
CA GLY B 117 39.36 -41.17 20.07
C GLY B 117 38.47 -42.36 20.36
N HIS B 118 39.08 -43.51 20.69
CA HIS B 118 38.30 -44.71 21.01
C HIS B 118 37.42 -44.48 22.23
N HIS B 119 38.00 -43.96 23.32
CA HIS B 119 37.22 -43.62 24.50
C HIS B 119 36.07 -42.68 24.15
N GLU B 120 36.39 -41.56 23.51
CA GLU B 120 35.35 -40.60 23.13
C GLU B 120 34.26 -41.28 22.30
N ARG B 121 34.67 -42.13 21.34
CA ARG B 121 33.69 -42.82 20.51
C ARG B 121 32.86 -43.80 21.33
N SER B 122 33.44 -44.41 22.37
CA SER B 122 32.66 -45.26 23.25
C SER B 122 31.59 -44.47 23.97
N ILE B 123 31.87 -43.20 24.29
CA ILE B 123 30.88 -42.35 24.93
C ILE B 123 29.80 -41.94 23.94
N MET B 124 30.21 -41.51 22.74
CA MET B 124 29.25 -41.14 21.72
C MET B 124 28.37 -42.33 21.34
N THR B 125 28.91 -43.55 21.43
CA THR B 125 28.10 -44.73 21.15
C THR B 125 27.08 -44.95 22.26
N ASP B 126 27.50 -44.83 23.52
CA ASP B 126 26.56 -44.93 24.62
C ASP B 126 25.51 -43.82 24.56
N LEU B 127 25.91 -42.63 24.13
CA LEU B 127 24.95 -41.54 23.95
C LEU B 127 23.95 -41.87 22.84
N TYR B 128 24.41 -42.48 21.76
CA TYR B 128 23.49 -42.89 20.70
C TYR B 128 22.49 -43.91 21.21
N TYR B 129 22.98 -44.97 21.86
CA TYR B 129 22.10 -45.97 22.44
C TYR B 129 21.07 -45.34 23.37
N LEU B 130 21.49 -44.36 24.17
CA LEU B 130 20.56 -43.68 25.07
C LEU B 130 19.46 -42.98 24.29
N SER B 131 19.78 -42.39 23.15
CA SER B 131 18.78 -41.71 22.34
C SER B 131 17.78 -42.69 21.73
N GLN B 132 18.10 -44.00 21.73
CA GLN B 132 17.24 -45.00 21.12
C GLN B 132 16.59 -45.95 22.12
N THR B 133 17.11 -46.02 23.34
CA THR B 133 16.67 -47.04 24.28
C THR B 133 15.24 -46.80 24.75
N ASP B 134 14.57 -47.90 25.12
CA ASP B 134 13.25 -47.86 25.73
C ASP B 134 12.24 -47.10 24.87
N GLY B 135 12.20 -47.45 23.58
CA GLY B 135 11.21 -46.89 22.68
C GLY B 135 11.38 -45.42 22.33
N ALA B 136 12.50 -44.80 22.72
CA ALA B 136 12.72 -43.40 22.35
C ALA B 136 12.84 -43.23 20.84
N GLY B 137 13.52 -44.17 20.18
CA GLY B 137 13.64 -44.10 18.73
C GLY B 137 12.31 -44.21 18.02
N ASP B 138 11.48 -45.17 18.43
CA ASP B 138 10.19 -45.39 17.79
C ASP B 138 9.30 -44.16 17.92
N TRP B 139 9.27 -43.55 19.11
CA TRP B 139 8.45 -42.36 19.31
C TRP B 139 8.93 -41.20 18.45
N ARG B 140 10.24 -40.96 18.44
CA ARG B 140 10.78 -39.83 17.69
C ARG B 140 10.44 -39.91 16.21
N GLU B 141 10.52 -41.11 15.62
CA GLU B 141 10.18 -41.23 14.21
C GLU B 141 8.72 -40.94 13.96
N LYS B 142 7.83 -41.43 14.82
CA LYS B 142 6.40 -41.19 14.61
C LYS B 142 6.08 -39.71 14.73
N GLU B 143 6.66 -39.04 15.73
CA GLU B 143 6.41 -37.62 15.90
C GLU B 143 7.00 -36.82 14.73
N ALA B 144 8.25 -37.11 14.37
CA ALA B 144 8.85 -36.46 13.20
C ALA B 144 8.03 -36.74 11.95
N LYS B 145 7.51 -37.96 11.81
CA LYS B 145 6.64 -38.30 10.69
C LYS B 145 5.37 -37.47 10.73
N ASP B 146 4.76 -37.37 11.91
CA ASP B 146 3.53 -36.58 12.05
C ASP B 146 3.79 -35.11 11.75
N LEU B 147 4.98 -34.61 12.07
CA LEU B 147 5.31 -33.21 11.79
C LEU B 147 5.49 -32.98 10.30
N THR B 148 6.22 -33.87 9.63
CA THR B 148 6.38 -33.76 8.18
C THR B 148 5.04 -33.81 7.47
N GLU B 149 4.23 -34.84 7.77
CA GLU B 149 2.91 -34.95 7.17
C GLU B 149 2.08 -33.69 7.37
N LEU B 150 2.14 -33.10 8.56
CA LEU B 150 1.35 -31.91 8.85
C LEU B 150 1.74 -30.75 7.96
N VAL B 151 3.04 -30.45 7.88
CA VAL B 151 3.49 -29.31 7.09
C VAL B 151 3.23 -29.53 5.61
N GLN B 152 3.59 -30.72 5.11
CA GLN B 152 3.32 -31.04 3.71
C GLN B 152 1.84 -30.97 3.40
N ARG B 153 0.99 -31.29 4.36
CA ARG B 153 -0.46 -31.14 4.18
C ARG B 153 -0.84 -29.67 4.08
N ARG B 154 -0.25 -28.82 4.91
CA ARG B 154 -0.58 -27.39 4.86
C ARG B 154 -0.06 -26.73 3.58
N ILE B 155 1.18 -27.08 3.19
CA ILE B 155 1.74 -26.52 1.95
C ILE B 155 0.90 -26.93 0.76
N THR B 156 0.54 -28.21 0.68
CA THR B 156 -0.27 -28.69 -0.45
C THR B 156 -1.63 -28.00 -0.48
N TYR B 157 -2.25 -27.82 0.67
CA TYR B 157 -3.52 -27.09 0.74
C TYR B 157 -3.35 -25.67 0.22
N LEU B 158 -2.31 -24.98 0.68
CA LEU B 158 -2.07 -23.60 0.25
C LEU B 158 -1.81 -23.53 -1.25
N GLN B 159 -1.18 -24.55 -1.83
CA GLN B 159 -0.75 -24.50 -3.22
C GLN B 159 -1.87 -24.85 -4.21
N ASN B 160 -3.02 -25.30 -3.74
CA ASN B 160 -4.10 -25.74 -4.64
C ASN B 160 -5.43 -25.14 -4.20
N PRO B 161 -5.64 -23.85 -4.43
CA PRO B 161 -6.95 -23.27 -4.16
C PRO B 161 -7.96 -23.69 -5.22
N LYS B 162 -9.23 -23.64 -4.85
CA LYS B 162 -10.30 -23.98 -5.79
C LYS B 162 -10.35 -22.99 -6.95
N ASP B 163 -10.47 -21.71 -6.65
CA ASP B 163 -10.60 -20.67 -7.66
C ASP B 163 -9.25 -19.97 -7.78
N CYS B 164 -8.48 -20.38 -8.79
CA CYS B 164 -7.16 -19.79 -9.02
C CYS B 164 -7.25 -18.31 -9.38
N SER B 165 -8.30 -17.91 -10.10
CA SER B 165 -8.41 -16.52 -10.54
C SER B 165 -8.66 -15.56 -9.40
N LYS B 166 -9.15 -16.05 -8.25
CA LYS B 166 -9.43 -15.18 -7.11
C LYS B 166 -8.50 -15.43 -5.93
N ALA B 167 -7.55 -16.36 -6.05
CA ALA B 167 -6.62 -16.63 -4.99
C ALA B 167 -5.56 -15.53 -4.90
N LYS B 168 -5.09 -15.27 -3.69
CA LYS B 168 -3.97 -14.36 -3.49
C LYS B 168 -2.68 -15.07 -3.88
N LYS B 169 -1.83 -14.40 -4.66
CA LYS B 169 -0.66 -15.04 -5.24
C LYS B 169 0.59 -14.24 -4.93
N LEU B 170 1.72 -14.93 -4.93
CA LEU B 170 3.04 -14.33 -4.78
C LEU B 170 3.93 -14.89 -5.88
N VAL B 171 4.48 -14.01 -6.70
CA VAL B 171 5.24 -14.40 -7.88
C VAL B 171 6.72 -14.43 -7.54
N CYS B 172 7.40 -15.50 -7.94
CA CYS B 172 8.83 -15.68 -7.71
C CYS B 172 9.49 -16.00 -9.05
N ASN B 173 10.58 -15.29 -9.35
CA ASN B 173 11.34 -15.53 -10.57
C ASN B 173 12.57 -16.36 -10.22
N ILE B 174 12.74 -17.48 -10.94
CA ILE B 174 13.81 -18.41 -10.63
C ILE B 174 15.18 -17.89 -11.03
N ASN B 175 15.22 -16.93 -11.96
CA ASN B 175 16.48 -16.58 -12.61
C ASN B 175 17.37 -15.67 -11.76
N LYS B 176 17.60 -16.06 -10.51
CA LYS B 176 18.64 -15.41 -9.72
C LYS B 176 19.98 -15.74 -10.32
N GLY B 177 20.90 -14.78 -10.29
CA GLY B 177 22.18 -14.96 -10.94
C GLY B 177 23.17 -15.77 -10.13
N CYS B 178 22.92 -17.08 -10.03
CA CYS B 178 23.80 -17.95 -9.25
C CYS B 178 23.51 -19.41 -9.63
N GLY B 179 24.19 -20.32 -8.95
CA GLY B 179 24.09 -21.73 -9.22
C GLY B 179 22.77 -22.34 -8.78
N TYR B 180 22.69 -23.66 -8.94
CA TYR B 180 21.45 -24.40 -8.66
C TYR B 180 21.02 -24.23 -7.21
N GLY B 181 21.82 -24.73 -6.26
CA GLY B 181 21.45 -24.65 -4.87
C GLY B 181 21.12 -23.25 -4.39
N CYS B 182 21.81 -22.24 -4.94
CA CYS B 182 21.49 -20.86 -4.59
C CYS B 182 20.16 -20.44 -5.19
N GLN B 183 19.91 -20.78 -6.46
CA GLN B 183 18.62 -20.52 -7.06
C GLN B 183 17.51 -21.28 -6.35
N LEU B 184 17.78 -22.54 -5.99
CA LEU B 184 16.79 -23.34 -5.27
C LEU B 184 16.45 -22.72 -3.93
N HIS B 185 17.44 -22.19 -3.22
CA HIS B 185 17.18 -21.53 -1.95
C HIS B 185 16.38 -20.25 -2.14
N HIS B 186 16.54 -19.58 -3.28
CA HIS B 186 15.69 -18.44 -3.60
C HIS B 186 14.22 -18.84 -3.63
N VAL B 187 13.91 -19.97 -4.26
CA VAL B 187 12.53 -20.43 -4.33
C VAL B 187 12.01 -20.77 -2.94
N VAL B 188 12.83 -21.42 -2.12
CA VAL B 188 12.45 -21.70 -0.74
C VAL B 188 12.17 -20.40 0.02
N TYR B 189 13.04 -19.41 -0.15
CA TYR B 189 12.81 -18.10 0.45
C TYR B 189 11.51 -17.49 -0.04
N CYS B 190 11.25 -17.60 -1.35
CA CYS B 190 9.95 -17.19 -1.88
C CYS B 190 8.83 -18.00 -1.25
N PHE B 191 9.02 -19.31 -1.16
CA PHE B 191 7.96 -20.20 -0.69
C PHE B 191 7.61 -19.92 0.77
N MET B 192 8.64 -19.73 1.60
CA MET B 192 8.40 -19.53 3.03
C MET B 192 7.65 -18.23 3.30
N ILE B 193 7.90 -17.20 2.51
CA ILE B 193 7.16 -15.94 2.69
C ILE B 193 5.75 -16.07 2.15
N ALA B 194 5.59 -16.76 1.02
CA ALA B 194 4.26 -17.07 0.51
C ALA B 194 3.44 -17.83 1.55
N TYR B 195 4.10 -18.74 2.27
CA TYR B 195 3.42 -19.48 3.34
C TYR B 195 2.94 -18.54 4.44
N GLY B 196 3.82 -17.64 4.88
CA GLY B 196 3.47 -16.74 5.97
C GLY B 196 2.41 -15.72 5.60
N THR B 197 2.30 -15.37 4.31
CA THR B 197 1.35 -14.37 3.85
C THR B 197 0.06 -14.99 3.31
N GLN B 198 -0.08 -16.31 3.40
CA GLN B 198 -1.26 -17.02 2.89
C GLN B 198 -1.46 -16.74 1.39
N ARG B 199 -0.35 -16.68 0.66
CA ARG B 199 -0.36 -16.44 -0.78
C ARG B 199 0.17 -17.67 -1.48
N THR B 200 -0.51 -18.08 -2.55
CA THR B 200 -0.02 -19.19 -3.36
C THR B 200 1.21 -18.77 -4.13
N LEU B 201 2.22 -19.63 -4.16
CA LEU B 201 3.47 -19.32 -4.84
C LEU B 201 3.32 -19.57 -6.34
N ILE B 202 3.67 -18.56 -7.14
CA ILE B 202 3.74 -18.68 -8.59
C ILE B 202 5.21 -18.56 -8.97
N LEU B 203 5.73 -19.61 -9.60
CA LEU B 203 7.15 -19.69 -9.94
C LEU B 203 7.31 -19.50 -11.44
N GLU B 204 8.03 -18.45 -11.82
CA GLU B 204 8.34 -18.18 -13.21
C GLU B 204 9.75 -18.68 -13.51
N SER B 205 9.85 -19.67 -14.39
CA SER B 205 11.13 -20.33 -14.61
C SER B 205 11.52 -20.41 -16.08
N GLN B 206 10.82 -19.73 -16.97
CA GLN B 206 11.27 -19.71 -18.36
C GLN B 206 12.62 -19.02 -18.48
N ASN B 207 13.41 -19.45 -19.47
CA ASN B 207 14.77 -18.98 -19.69
C ASN B 207 15.70 -19.33 -18.54
N TRP B 208 15.29 -20.27 -17.69
CA TRP B 208 16.16 -20.81 -16.66
C TRP B 208 17.49 -21.26 -17.26
N ARG B 209 18.59 -20.88 -16.61
CA ARG B 209 19.91 -21.09 -17.20
C ARG B 209 20.27 -22.57 -17.30
N TYR B 210 19.76 -23.40 -16.37
CA TYR B 210 20.02 -24.83 -16.45
C TYR B 210 19.06 -25.56 -17.39
N ALA B 211 17.94 -24.93 -17.74
CA ALA B 211 16.91 -25.58 -18.55
C ALA B 211 15.91 -24.57 -19.05
N THR B 212 16.08 -24.08 -20.28
CA THR B 212 15.18 -23.07 -20.81
C THR B 212 13.74 -23.57 -20.87
N GLY B 213 13.53 -24.88 -20.86
CA GLY B 213 12.19 -25.42 -20.78
C GLY B 213 11.47 -25.10 -19.48
N GLY B 214 12.22 -24.83 -18.42
CA GLY B 214 11.64 -24.30 -17.20
C GLY B 214 11.72 -25.30 -16.05
N TRP B 215 10.97 -24.97 -15.00
CA TRP B 215 10.98 -25.75 -13.77
C TRP B 215 10.55 -27.19 -14.02
N GLU B 216 9.48 -27.37 -14.77
CA GLU B 216 8.95 -28.72 -15.00
C GLU B 216 9.84 -29.55 -15.91
N THR B 217 11.02 -29.06 -16.29
CA THR B 217 11.98 -29.92 -16.96
C THR B 217 12.40 -31.07 -16.06
N VAL B 218 12.39 -30.87 -14.74
CA VAL B 218 12.91 -31.85 -13.80
C VAL B 218 11.88 -32.15 -12.71
N PHE B 219 11.16 -31.13 -12.26
CA PHE B 219 10.31 -31.26 -11.09
C PHE B 219 8.84 -31.03 -11.42
N ARG B 220 7.98 -31.52 -10.52
CA ARG B 220 6.56 -31.29 -10.59
C ARG B 220 6.27 -29.79 -10.48
N PRO B 221 5.20 -29.31 -11.10
CA PRO B 221 4.77 -27.93 -10.85
C PRO B 221 4.38 -27.78 -9.38
N VAL B 222 4.59 -26.58 -8.85
CA VAL B 222 4.38 -26.33 -7.43
C VAL B 222 2.90 -26.29 -7.10
N SER B 223 2.05 -26.44 -8.12
CA SER B 223 0.61 -26.39 -7.93
C SER B 223 -0.07 -27.20 -9.02
N GLU B 224 -1.17 -27.87 -8.66
CA GLU B 224 -1.97 -28.61 -9.62
C GLU B 224 -3.18 -27.82 -10.13
N THR B 225 -3.63 -26.80 -9.39
CA THR B 225 -4.82 -26.05 -9.76
C THR B 225 -4.55 -24.60 -10.13
N CYS B 226 -3.45 -24.02 -9.67
CA CYS B 226 -3.18 -22.59 -9.83
C CYS B 226 -1.73 -22.41 -10.27
N THR B 227 -1.53 -22.33 -11.59
CA THR B 227 -0.24 -21.99 -12.16
C THR B 227 -0.28 -20.70 -12.96
N ASP B 228 -1.44 -20.05 -13.06
CA ASP B 228 -1.57 -18.79 -13.77
C ASP B 228 -1.40 -17.63 -12.79
N ARG B 229 -0.78 -16.56 -13.26
CA ARG B 229 -0.43 -15.41 -12.43
C ARG B 229 -1.39 -14.24 -12.56
N SER B 230 -2.52 -14.40 -13.25
CA SER B 230 -3.42 -13.28 -13.45
C SER B 230 -4.12 -12.90 -12.13
N GLY B 231 -4.51 -11.64 -12.05
CA GLY B 231 -5.20 -11.14 -10.87
C GLY B 231 -5.75 -9.76 -11.14
N ILE B 232 -6.68 -9.34 -10.28
CA ILE B 232 -7.31 -8.04 -10.46
C ILE B 232 -6.36 -6.91 -10.10
N SER B 233 -5.38 -7.17 -9.24
CA SER B 233 -4.41 -6.15 -8.83
C SER B 233 -3.04 -6.78 -8.75
N THR B 234 -2.03 -6.04 -9.23
CA THR B 234 -0.67 -6.52 -9.25
C THR B 234 0.25 -5.40 -8.78
N GLY B 235 1.36 -5.77 -8.16
CA GLY B 235 2.32 -4.79 -7.69
C GLY B 235 3.53 -5.49 -7.11
N HIS B 236 4.59 -4.70 -6.95
CA HIS B 236 5.81 -5.19 -6.33
C HIS B 236 5.67 -5.21 -4.81
N TRP B 237 6.54 -5.97 -4.17
CA TRP B 237 6.52 -6.10 -2.72
C TRP B 237 6.67 -4.73 -2.04
N SER B 238 5.88 -4.53 -0.98
CA SER B 238 5.97 -3.29 -0.22
C SER B 238 5.56 -3.46 1.24
N GLY B 239 5.34 -4.68 1.71
CA GLY B 239 4.88 -4.91 3.07
C GLY B 239 3.60 -5.72 3.10
N GLU B 240 3.50 -6.65 4.05
CA GLU B 240 2.31 -7.49 4.14
C GLU B 240 1.05 -6.67 4.36
N VAL B 241 1.13 -5.63 5.20
CA VAL B 241 -0.04 -4.81 5.48
C VAL B 241 -0.42 -3.99 4.25
N LYS B 242 0.56 -3.32 3.66
CA LYS B 242 0.28 -2.47 2.49
C LYS B 242 -0.26 -3.30 1.33
N ASP B 243 0.17 -4.55 1.21
CA ASP B 243 -0.26 -5.43 0.13
C ASP B 243 -1.48 -6.27 0.50
N LYS B 244 -2.17 -5.94 1.59
CA LYS B 244 -3.26 -6.81 2.06
C LYS B 244 -4.37 -6.93 1.04
N ASN B 245 -4.58 -5.89 0.22
CA ASN B 245 -5.63 -5.92 -0.79
C ASN B 245 -5.07 -6.02 -2.20
N VAL B 246 -3.79 -6.37 -2.33
CA VAL B 246 -3.17 -6.62 -3.63
C VAL B 246 -3.17 -8.12 -3.87
N GLN B 247 -3.86 -8.55 -4.93
CA GLN B 247 -4.04 -9.98 -5.15
C GLN B 247 -2.72 -10.66 -5.52
N VAL B 248 -1.97 -10.05 -6.44
CA VAL B 248 -0.74 -10.65 -6.96
C VAL B 248 0.42 -9.73 -6.60
N VAL B 249 1.39 -10.26 -5.87
CA VAL B 249 2.56 -9.52 -5.41
C VAL B 249 3.81 -10.16 -6.00
N GLU B 250 4.67 -9.35 -6.59
CA GLU B 250 5.93 -9.83 -7.16
C GLU B 250 7.03 -9.68 -6.10
N LEU B 251 7.80 -10.74 -5.89
CA LEU B 251 8.78 -10.76 -4.83
C LEU B 251 10.19 -10.76 -5.41
N PRO B 252 11.04 -9.81 -5.05
CA PRO B 252 12.42 -9.81 -5.55
C PRO B 252 13.27 -10.74 -4.70
N ILE B 253 14.55 -10.83 -5.07
CA ILE B 253 15.46 -11.63 -4.26
C ILE B 253 15.66 -10.96 -2.90
N VAL B 254 16.11 -11.77 -1.93
CA VAL B 254 16.20 -11.28 -0.56
C VAL B 254 17.19 -10.13 -0.46
N ASP B 255 18.20 -10.11 -1.33
CA ASP B 255 19.22 -9.07 -1.28
C ASP B 255 18.63 -7.69 -1.49
N SER B 256 17.47 -7.59 -2.14
CA SER B 256 16.81 -6.32 -2.41
C SER B 256 15.38 -6.30 -1.87
N LEU B 257 15.12 -7.04 -0.80
CA LEU B 257 13.79 -7.11 -0.21
C LEU B 257 13.65 -6.03 0.85
N HIS B 258 12.61 -5.20 0.71
CA HIS B 258 12.32 -4.14 1.68
C HIS B 258 10.83 -3.86 1.64
N PRO B 259 10.12 -3.91 2.78
CA PRO B 259 10.69 -4.27 4.09
C PRO B 259 10.76 -5.78 4.28
N ARG B 260 11.67 -6.23 5.13
CA ARG B 260 11.82 -7.67 5.33
C ARG B 260 10.74 -8.18 6.27
N PRO B 261 10.01 -9.23 5.89
CA PRO B 261 9.01 -9.81 6.78
C PRO B 261 9.68 -10.72 7.81
N PRO B 262 8.94 -11.18 8.82
CA PRO B 262 9.55 -12.08 9.81
C PRO B 262 9.64 -13.53 9.35
N TYR B 263 9.02 -13.88 8.22
CA TYR B 263 9.00 -15.27 7.74
C TYR B 263 10.31 -15.60 7.02
N LEU B 264 11.39 -15.62 7.78
CA LEU B 264 12.72 -15.90 7.27
C LEU B 264 13.45 -16.82 8.23
N PRO B 265 14.40 -17.61 7.74
CA PRO B 265 15.29 -18.34 8.65
C PRO B 265 16.10 -17.38 9.50
N LEU B 266 16.55 -17.86 10.66
CA LEU B 266 16.39 -19.24 11.09
C LEU B 266 15.24 -19.46 12.06
N ALA B 267 14.20 -18.64 11.94
CA ALA B 267 13.05 -18.77 12.81
C ALA B 267 12.15 -19.94 12.37
N VAL B 268 11.31 -20.39 13.30
CA VAL B 268 10.41 -21.52 13.05
C VAL B 268 9.01 -21.14 13.52
N PRO B 269 7.98 -21.80 12.98
CA PRO B 269 6.60 -21.47 13.38
C PRO B 269 6.39 -21.58 14.88
N GLU B 270 5.77 -20.55 15.45
CA GLU B 270 5.50 -20.53 16.88
C GLU B 270 4.69 -21.75 17.31
N ASP B 271 3.75 -22.19 16.47
CA ASP B 271 2.90 -23.32 16.82
C ASP B 271 3.65 -24.65 16.81
N LEU B 272 4.81 -24.70 16.16
CA LEU B 272 5.60 -25.92 16.06
C LEU B 272 6.84 -25.92 16.92
N ALA B 273 7.12 -24.80 17.61
CA ALA B 273 8.38 -24.67 18.36
C ALA B 273 8.54 -25.77 19.40
N ASP B 274 7.53 -25.96 20.25
CA ASP B 274 7.66 -26.92 21.35
C ASP B 274 7.88 -28.33 20.83
N ARG B 275 7.15 -28.72 19.79
CA ARG B 275 7.27 -30.07 19.27
C ARG B 275 8.61 -30.30 18.56
N LEU B 276 9.14 -29.27 17.91
CA LEU B 276 10.39 -29.42 17.18
C LEU B 276 11.59 -29.59 18.11
N VAL B 277 11.61 -28.83 19.22
CA VAL B 277 12.73 -28.94 20.16
C VAL B 277 12.80 -30.36 20.74
N ARG B 278 11.64 -30.98 20.99
CA ARG B 278 11.65 -32.35 21.50
C ARG B 278 12.24 -33.33 20.51
N VAL B 279 12.12 -33.08 19.21
CA VAL B 279 12.47 -34.04 18.19
C VAL B 279 13.79 -33.71 17.52
N HIS B 280 13.94 -32.48 17.04
CA HIS B 280 15.05 -32.11 16.17
C HIS B 280 16.04 -31.22 16.91
N GLY B 281 17.33 -31.49 16.72
CA GLY B 281 18.37 -30.69 17.32
C GLY B 281 18.58 -29.33 16.68
N ASP B 282 18.00 -29.10 15.51
CA ASP B 282 18.12 -27.82 14.82
C ASP B 282 16.85 -27.60 14.02
N PRO B 283 15.79 -27.10 14.67
CA PRO B 283 14.50 -26.95 13.97
C PRO B 283 14.57 -26.03 12.77
N ALA B 284 15.45 -25.03 12.79
CA ALA B 284 15.55 -24.09 11.69
C ALA B 284 15.84 -24.80 10.37
N VAL B 285 16.69 -25.82 10.38
CA VAL B 285 16.98 -26.56 9.17
C VAL B 285 15.78 -27.42 8.77
N TRP B 286 15.14 -28.06 9.76
CA TRP B 286 13.96 -28.87 9.50
C TRP B 286 12.89 -28.06 8.79
N TRP B 287 12.60 -26.86 9.31
CA TRP B 287 11.60 -25.99 8.69
C TRP B 287 11.94 -25.71 7.22
N VAL B 288 13.19 -25.38 6.93
CA VAL B 288 13.62 -25.16 5.55
C VAL B 288 13.41 -26.43 4.73
N SER B 289 13.82 -27.57 5.27
CA SER B 289 13.74 -28.84 4.54
C SER B 289 12.33 -29.16 4.07
N GLN B 290 11.31 -28.72 4.82
CA GLN B 290 9.93 -29.03 4.45
C GLN B 290 9.55 -28.41 3.10
N PHE B 291 10.10 -27.24 2.77
CA PHE B 291 9.82 -26.63 1.48
C PHE B 291 10.69 -27.25 0.39
N VAL B 292 11.94 -27.58 0.71
CA VAL B 292 12.77 -28.34 -0.22
C VAL B 292 12.11 -29.66 -0.57
N LYS B 293 11.61 -30.37 0.45
CA LYS B 293 10.95 -31.66 0.24
C LYS B 293 9.80 -31.52 -0.78
N TYR B 294 9.02 -30.46 -0.65
CA TYR B 294 7.88 -30.26 -1.55
C TYR B 294 8.35 -29.89 -2.96
N LEU B 295 9.30 -28.97 -3.05
CA LEU B 295 9.72 -28.46 -4.36
C LEU B 295 10.30 -29.55 -5.24
N ILE B 296 11.08 -30.46 -4.66
CA ILE B 296 11.92 -31.36 -5.46
C ILE B 296 11.20 -32.65 -5.83
N ARG B 297 9.87 -32.63 -5.79
CA ARG B 297 9.11 -33.77 -6.29
C ARG B 297 9.47 -34.01 -7.75
N PRO B 298 10.10 -35.14 -8.06
CA PRO B 298 10.66 -35.33 -9.40
C PRO B 298 9.62 -35.71 -10.43
N GLN B 299 9.87 -35.28 -11.67
CA GLN B 299 9.10 -35.78 -12.79
C GLN B 299 9.37 -37.29 -12.94
N PRO B 300 8.43 -38.01 -13.57
CA PRO B 300 8.59 -39.48 -13.66
C PRO B 300 9.93 -39.94 -14.20
N TRP B 301 10.42 -39.35 -15.30
CA TRP B 301 11.69 -39.78 -15.86
C TRP B 301 12.83 -39.51 -14.90
N LEU B 302 12.73 -38.45 -14.09
CA LEU B 302 13.76 -38.17 -13.09
C LEU B 302 13.68 -39.16 -11.94
N GLU B 303 12.46 -39.44 -11.46
CA GLU B 303 12.25 -40.47 -10.46
C GLU B 303 12.82 -41.80 -10.91
N LYS B 304 12.57 -42.16 -12.17
CA LYS B 304 13.10 -43.40 -12.72
C LYS B 304 14.62 -43.38 -12.78
N GLU B 305 15.20 -42.27 -13.23
CA GLU B 305 16.65 -42.22 -13.38
C GLU B 305 17.34 -42.32 -12.02
N ILE B 306 16.77 -41.66 -11.00
CA ILE B 306 17.30 -41.83 -9.65
C ILE B 306 17.24 -43.30 -9.25
N GLU B 307 16.12 -43.97 -9.54
CA GLU B 307 15.99 -45.38 -9.24
C GLU B 307 17.04 -46.20 -9.99
N GLU B 308 17.31 -45.85 -11.25
CA GLU B 308 18.32 -46.58 -12.02
C GLU B 308 19.73 -46.24 -11.55
N ALA B 309 20.00 -44.96 -11.28
CA ALA B 309 21.32 -44.57 -10.78
C ALA B 309 21.62 -45.25 -9.46
N THR B 310 20.64 -45.29 -8.54
CA THR B 310 20.82 -46.01 -7.28
C THR B 310 21.32 -47.42 -7.51
N LYS B 311 20.69 -48.14 -8.44
CA LYS B 311 21.10 -49.51 -8.74
C LYS B 311 22.39 -49.53 -9.55
N LYS B 312 22.56 -48.57 -10.46
CA LYS B 312 23.71 -48.56 -11.34
C LYS B 312 25.00 -48.37 -10.55
N LEU B 313 25.01 -47.41 -9.64
CA LEU B 313 26.21 -47.08 -8.87
C LEU B 313 26.45 -48.03 -7.70
N GLY B 314 25.65 -49.08 -7.57
CA GLY B 314 25.76 -49.95 -6.40
C GLY B 314 25.63 -49.22 -5.10
N PHE B 315 24.77 -48.21 -5.06
CA PHE B 315 24.58 -47.39 -3.86
C PHE B 315 23.89 -48.19 -2.77
N LYS B 316 24.61 -48.45 -1.68
CA LYS B 316 24.08 -49.20 -0.57
C LYS B 316 24.67 -48.64 0.72
N HIS B 317 24.12 -49.09 1.85
CA HIS B 317 24.53 -48.62 3.16
C HIS B 317 25.35 -49.70 3.89
N PRO B 318 26.27 -49.30 4.78
CA PRO B 318 26.60 -47.93 5.19
C PRO B 318 27.42 -47.16 4.15
N VAL B 319 27.19 -45.85 4.08
CA VAL B 319 27.85 -44.98 3.11
C VAL B 319 27.92 -43.58 3.70
N ILE B 320 29.04 -42.89 3.45
CA ILE B 320 29.27 -41.52 3.90
C ILE B 320 29.42 -40.62 2.69
N GLY B 321 28.67 -39.52 2.67
CA GLY B 321 28.72 -38.60 1.55
C GLY B 321 29.77 -37.52 1.74
N VAL B 322 30.48 -37.21 0.66
CA VAL B 322 31.54 -36.21 0.66
C VAL B 322 31.36 -35.30 -0.54
N HIS B 323 31.35 -33.98 -0.31
CA HIS B 323 31.21 -32.99 -1.36
C HIS B 323 32.45 -32.12 -1.37
N VAL B 324 33.20 -32.19 -2.47
CA VAL B 324 34.44 -31.43 -2.65
C VAL B 324 34.14 -30.35 -3.67
N ARG B 325 33.92 -29.13 -3.19
CA ARG B 325 33.64 -28.00 -4.06
C ARG B 325 34.93 -27.24 -4.36
N ARG B 326 35.30 -27.18 -5.63
CA ARG B 326 36.53 -26.50 -6.03
C ARG B 326 36.23 -25.54 -7.18
N THR B 327 37.07 -25.56 -8.21
CA THR B 327 36.89 -24.74 -9.40
C THR B 327 36.74 -23.27 -9.07
N ASP B 328 35.61 -22.66 -9.49
CA ASP B 328 35.43 -21.22 -9.35
C ASP B 328 35.20 -20.77 -7.92
N LYS B 329 34.78 -21.69 -7.03
CA LYS B 329 34.54 -21.32 -5.64
C LYS B 329 35.83 -20.91 -4.94
N VAL B 330 36.94 -21.55 -5.29
CA VAL B 330 38.22 -21.28 -4.64
C VAL B 330 38.68 -19.87 -5.00
N GLY B 331 39.12 -19.13 -3.99
CA GLY B 331 39.59 -17.76 -4.17
C GLY B 331 38.51 -16.71 -4.21
N THR B 332 37.23 -17.10 -4.24
CA THR B 332 36.13 -16.15 -4.19
C THR B 332 35.30 -16.32 -2.93
N GLU B 333 34.68 -17.49 -2.72
CA GLU B 333 33.86 -17.73 -1.55
C GLU B 333 34.46 -18.76 -0.58
N ALA B 334 35.55 -19.43 -0.94
CA ALA B 334 36.11 -20.47 -0.09
C ALA B 334 37.57 -20.70 -0.46
N ALA B 335 38.15 -21.71 0.18
CA ALA B 335 39.55 -22.08 0.01
C ALA B 335 39.65 -23.48 -0.58
N PHE B 336 40.87 -23.83 -1.00
CA PHE B 336 41.15 -25.19 -1.46
C PHE B 336 41.40 -26.10 -0.27
N HIS B 337 40.69 -27.21 -0.23
CA HIS B 337 40.81 -28.18 0.85
C HIS B 337 41.32 -29.50 0.28
N PRO B 338 42.49 -29.98 0.70
CA PRO B 338 42.97 -31.28 0.21
C PRO B 338 42.01 -32.40 0.57
N ILE B 339 42.11 -33.49 -0.19
CA ILE B 339 41.22 -34.63 0.02
C ILE B 339 41.41 -35.21 1.42
N GLU B 340 42.63 -35.09 1.97
CA GLU B 340 42.89 -35.61 3.31
C GLU B 340 42.09 -34.86 4.37
N GLU B 341 41.80 -33.58 4.15
CA GLU B 341 40.99 -32.84 5.11
C GLU B 341 39.59 -33.43 5.23
N TYR B 342 39.09 -34.03 4.15
CA TYR B 342 37.77 -34.65 4.19
C TYR B 342 37.85 -36.05 4.79
N MET B 343 38.87 -36.82 4.41
CA MET B 343 38.93 -38.23 4.76
C MET B 343 39.31 -38.48 6.22
N VAL B 344 39.91 -37.50 6.90
CA VAL B 344 40.18 -37.68 8.33
C VAL B 344 38.87 -37.82 9.10
N HIS B 345 37.82 -37.14 8.64
CA HIS B 345 36.52 -37.21 9.30
C HIS B 345 35.68 -38.38 8.82
N VAL B 346 35.87 -38.80 7.57
CA VAL B 346 35.23 -40.03 7.09
C VAL B 346 35.73 -41.23 7.88
N GLU B 347 37.05 -41.37 7.98
CA GLU B 347 37.64 -42.49 8.72
C GLU B 347 37.21 -42.46 10.19
N GLU B 348 37.27 -41.27 10.80
CA GLU B 348 36.79 -41.09 12.16
C GLU B 348 35.38 -41.62 12.34
N HIS B 349 34.46 -41.26 11.44
CA HIS B 349 33.07 -41.67 11.60
C HIS B 349 32.89 -43.17 11.39
N PHE B 350 33.62 -43.76 10.43
CA PHE B 350 33.57 -45.20 10.25
C PHE B 350 34.07 -45.95 11.48
N GLN B 351 35.07 -45.39 12.17
CA GLN B 351 35.49 -45.98 13.44
C GLN B 351 34.40 -45.90 14.49
N LEU B 352 33.58 -44.84 14.46
CA LEU B 352 32.47 -44.75 15.40
C LEU B 352 31.37 -45.75 15.06
N LEU B 353 31.00 -45.83 13.77
CA LEU B 353 29.95 -46.75 13.37
C LEU B 353 30.36 -48.20 13.61
N ALA B 354 31.64 -48.52 13.42
CA ALA B 354 32.13 -49.86 13.69
C ALA B 354 31.88 -50.26 15.15
N ARG B 355 31.80 -49.28 16.05
CA ARG B 355 31.52 -49.59 17.44
C ARG B 355 30.09 -50.07 17.66
N ARG B 356 29.20 -49.86 16.69
CA ARG B 356 27.79 -50.21 16.86
C ARG B 356 27.26 -51.15 15.78
N MET B 357 28.07 -51.51 14.79
CA MET B 357 27.59 -52.36 13.71
C MET B 357 28.76 -52.92 12.93
N GLN B 358 28.45 -53.87 12.04
CA GLN B 358 29.43 -54.45 11.13
C GLN B 358 29.61 -53.56 9.91
N VAL B 359 30.85 -53.12 9.68
CA VAL B 359 31.19 -52.33 8.50
C VAL B 359 31.85 -53.30 7.52
N ASP B 360 31.05 -53.84 6.60
CA ASP B 360 31.57 -54.75 5.59
C ASP B 360 32.65 -54.09 4.75
N LYS B 361 32.35 -52.91 4.21
CA LYS B 361 33.25 -52.18 3.34
C LYS B 361 33.08 -50.69 3.63
N LYS B 362 34.17 -49.95 3.60
CA LYS B 362 34.13 -48.52 3.88
C LYS B 362 33.76 -47.80 2.59
N ARG B 363 32.49 -47.44 2.47
CA ARG B 363 31.94 -46.83 1.26
C ARG B 363 31.88 -45.32 1.39
N VAL B 364 32.11 -44.63 0.27
CA VAL B 364 32.03 -43.18 0.20
C VAL B 364 31.38 -42.81 -1.12
N TYR B 365 30.36 -41.96 -1.08
CA TYR B 365 29.82 -41.34 -2.28
C TYR B 365 30.48 -39.98 -2.45
N LEU B 366 31.21 -39.81 -3.54
CA LEU B 366 32.00 -38.61 -3.79
C LEU B 366 31.31 -37.75 -4.84
N ALA B 367 30.88 -36.56 -4.43
CA ALA B 367 30.32 -35.57 -5.34
C ALA B 367 31.30 -34.40 -5.42
N THR B 368 31.72 -34.06 -6.64
CA THR B 368 32.67 -32.97 -6.84
C THR B 368 32.56 -32.48 -8.27
N ASP B 369 32.98 -31.23 -8.47
CA ASP B 369 33.14 -30.67 -9.80
C ASP B 369 34.57 -30.75 -10.29
N ASP B 370 35.43 -31.48 -9.58
CA ASP B 370 36.78 -31.77 -10.01
C ASP B 370 36.80 -33.21 -10.53
N PRO B 371 36.64 -33.42 -11.83
CA PRO B 371 36.60 -34.80 -12.35
C PRO B 371 37.91 -35.54 -12.20
N SER B 372 39.02 -34.84 -11.97
CA SER B 372 40.32 -35.47 -11.80
C SER B 372 40.52 -36.02 -10.39
N LEU B 373 39.59 -35.78 -9.47
CA LEU B 373 39.82 -36.12 -8.07
C LEU B 373 39.62 -37.61 -7.78
N LEU B 374 38.69 -38.26 -8.50
CA LEU B 374 38.35 -39.63 -8.17
C LEU B 374 39.56 -40.56 -8.31
N LYS B 375 40.34 -40.41 -9.38
CA LYS B 375 41.55 -41.21 -9.53
C LYS B 375 42.52 -40.93 -8.39
N GLU B 376 42.66 -39.66 -8.01
CA GLU B 376 43.51 -39.30 -6.89
C GLU B 376 43.02 -39.94 -5.61
N ALA B 377 41.72 -39.89 -5.37
CA ALA B 377 41.15 -40.47 -4.15
C ALA B 377 41.33 -41.99 -4.13
N LYS B 378 40.92 -42.67 -5.20
CA LYS B 378 41.07 -44.12 -5.26
C LYS B 378 42.51 -44.55 -5.06
N THR B 379 43.46 -43.75 -5.55
CA THR B 379 44.87 -44.09 -5.38
C THR B 379 45.29 -43.99 -3.91
N LYS B 380 44.87 -42.92 -3.23
CA LYS B 380 45.34 -42.65 -1.88
C LYS B 380 44.63 -43.48 -0.82
N TYR B 381 43.44 -44.01 -1.11
CA TYR B 381 42.67 -44.79 -0.13
C TYR B 381 42.19 -46.07 -0.80
N PRO B 382 43.09 -47.04 -0.98
CA PRO B 382 42.73 -48.25 -1.73
C PRO B 382 41.80 -49.19 -0.99
N ASN B 383 41.67 -49.05 0.32
CA ASN B 383 40.76 -49.89 1.09
C ASN B 383 39.34 -49.32 1.14
N TYR B 384 39.11 -48.18 0.50
CA TYR B 384 37.78 -47.60 0.42
C TYR B 384 37.12 -47.94 -0.90
N GLU B 385 35.80 -48.03 -0.86
CA GLU B 385 34.99 -48.17 -2.06
C GLU B 385 34.40 -46.80 -2.38
N PHE B 386 34.88 -46.18 -3.45
CA PHE B 386 34.42 -44.85 -3.83
C PHE B 386 33.30 -45.00 -4.85
N ILE B 387 32.12 -44.51 -4.51
CA ILE B 387 30.97 -44.49 -5.41
C ILE B 387 30.85 -43.08 -5.95
N SER B 388 30.89 -42.95 -7.27
CA SER B 388 30.89 -41.62 -7.88
C SER B 388 30.58 -41.74 -9.35
N ASP B 389 30.02 -40.67 -9.91
CA ASP B 389 29.72 -40.58 -11.33
C ASP B 389 30.63 -39.50 -11.90
N ASN B 390 31.74 -39.93 -12.52
CA ASN B 390 32.72 -38.97 -13.00
C ASN B 390 32.19 -38.16 -14.17
N SER B 391 31.31 -38.76 -14.99
CA SER B 391 30.70 -38.01 -16.07
C SER B 391 29.81 -36.89 -15.54
N ILE B 392 29.22 -37.09 -14.37
CA ILE B 392 28.48 -36.00 -13.71
C ILE B 392 29.45 -34.90 -13.29
N SER B 393 30.58 -35.29 -12.68
CA SER B 393 31.61 -34.31 -12.32
C SER B 393 32.10 -33.56 -13.56
N TRP B 394 32.26 -34.26 -14.67
CA TRP B 394 32.66 -33.60 -15.92
C TRP B 394 31.58 -32.63 -16.39
N SER B 395 30.32 -33.04 -16.30
CA SER B 395 29.22 -32.17 -16.70
C SER B 395 29.18 -30.90 -15.86
N ALA B 396 29.64 -30.97 -14.61
CA ALA B 396 29.68 -29.82 -13.71
C ALA B 396 30.78 -28.84 -14.05
N GLY B 397 31.59 -29.10 -15.07
CA GLY B 397 32.64 -28.17 -15.45
C GLY B 397 32.08 -26.80 -15.81
N LEU B 398 32.95 -25.80 -15.71
CA LEU B 398 32.51 -24.42 -15.89
C LEU B 398 32.01 -24.16 -17.30
N HIS B 399 32.62 -24.81 -18.28
CA HIS B 399 32.27 -24.59 -19.67
C HIS B 399 30.96 -25.25 -20.07
N ASN B 400 30.47 -26.20 -19.26
CA ASN B 400 29.26 -26.96 -19.54
C ASN B 400 28.33 -27.05 -18.34
N ARG B 401 28.50 -26.18 -17.35
CA ARG B 401 27.76 -26.30 -16.09
C ARG B 401 26.28 -26.02 -16.27
N TYR B 402 25.92 -25.07 -17.13
CA TYR B 402 24.55 -24.59 -17.19
C TYR B 402 23.81 -25.20 -18.38
N THR B 403 23.57 -26.50 -18.25
CA THR B 403 22.75 -27.26 -19.19
C THR B 403 21.89 -28.23 -18.39
N GLU B 404 20.90 -28.83 -19.07
CA GLU B 404 20.02 -29.78 -18.39
C GLU B 404 20.80 -31.01 -17.91
N ASN B 405 21.72 -31.51 -18.73
CA ASN B 405 22.49 -32.70 -18.35
C ASN B 405 23.27 -32.44 -17.08
N SER B 406 23.95 -31.29 -17.00
CA SER B 406 24.67 -30.94 -15.78
C SER B 406 23.71 -30.68 -14.64
N LEU B 407 22.56 -30.08 -14.94
CA LEU B 407 21.53 -29.88 -13.92
C LEU B 407 21.08 -31.21 -13.34
N ARG B 408 20.75 -32.17 -14.20
CA ARG B 408 20.39 -33.51 -13.74
C ARG B 408 21.53 -34.13 -12.94
N GLY B 409 22.77 -33.84 -13.30
CA GLY B 409 23.90 -34.39 -12.55
C GLY B 409 23.93 -33.92 -11.11
N VAL B 410 23.86 -32.60 -10.90
CA VAL B 410 23.94 -32.09 -9.54
C VAL B 410 22.72 -32.51 -8.72
N ILE B 411 21.56 -32.65 -9.37
CA ILE B 411 20.39 -33.18 -8.67
C ILE B 411 20.67 -34.58 -8.16
N LEU B 412 21.24 -35.42 -9.02
CA LEU B 412 21.58 -36.79 -8.61
C LEU B 412 22.61 -36.80 -7.49
N ASP B 413 23.68 -36.03 -7.62
CA ASP B 413 24.70 -35.99 -6.56
C ASP B 413 24.11 -35.57 -5.24
N ILE B 414 23.27 -34.52 -5.24
CA ILE B 414 22.67 -34.04 -3.99
C ILE B 414 21.77 -35.10 -3.38
N HIS B 415 21.02 -35.82 -4.22
CA HIS B 415 20.15 -36.89 -3.71
C HIS B 415 20.95 -37.93 -2.94
N PHE B 416 22.01 -38.46 -3.55
CA PHE B 416 22.79 -39.50 -2.90
C PHE B 416 23.56 -38.97 -1.69
N LEU B 417 23.98 -37.71 -1.72
CA LEU B 417 24.56 -37.11 -0.53
C LEU B 417 23.54 -37.05 0.60
N SER B 418 22.32 -36.61 0.29
CA SER B 418 21.27 -36.54 1.30
C SER B 418 20.92 -37.90 1.85
N GLN B 419 21.05 -38.95 1.04
CA GLN B 419 20.74 -40.30 1.46
C GLN B 419 21.84 -40.94 2.28
N ALA B 420 23.02 -40.33 2.34
CA ALA B 420 24.14 -40.91 3.07
C ALA B 420 23.88 -40.90 4.57
N ASP B 421 24.66 -41.72 5.28
CA ASP B 421 24.57 -41.80 6.73
C ASP B 421 25.32 -40.69 7.43
N PHE B 422 26.11 -39.90 6.70
CA PHE B 422 26.92 -38.84 7.26
C PHE B 422 27.43 -38.01 6.10
N LEU B 423 27.67 -36.72 6.36
CA LEU B 423 27.98 -35.77 5.31
C LEU B 423 29.22 -34.97 5.71
N VAL B 424 30.29 -35.10 4.93
CA VAL B 424 31.52 -34.36 5.15
C VAL B 424 31.74 -33.45 3.95
N CYS B 425 31.88 -32.14 4.22
CA CYS B 425 31.96 -31.17 3.13
C CYS B 425 32.33 -29.79 3.63
N THR B 426 31.97 -28.77 2.84
CA THR B 426 32.11 -27.37 3.23
C THR B 426 30.75 -26.71 3.07
N PHE B 427 30.18 -26.25 4.18
CA PHE B 427 28.86 -25.62 4.13
C PHE B 427 28.87 -24.25 3.47
N SER B 428 30.03 -23.72 3.09
CA SER B 428 30.04 -22.52 2.27
C SER B 428 29.48 -22.79 0.87
N SER B 429 29.44 -24.06 0.46
CA SER B 429 28.86 -24.44 -0.82
C SER B 429 27.39 -24.77 -0.63
N GLN B 430 26.52 -24.06 -1.35
CA GLN B 430 25.09 -24.32 -1.27
C GLN B 430 24.73 -25.74 -1.67
N VAL B 431 25.56 -26.39 -2.49
CA VAL B 431 25.29 -27.77 -2.88
C VAL B 431 25.24 -28.67 -1.66
N CYS B 432 26.19 -28.51 -0.73
CA CYS B 432 26.18 -29.35 0.45
C CYS B 432 25.08 -28.96 1.42
N ARG B 433 24.75 -27.67 1.50
CA ARG B 433 23.68 -27.26 2.40
C ARG B 433 22.33 -27.83 1.98
N VAL B 434 22.12 -28.01 0.67
CA VAL B 434 20.87 -28.60 0.21
C VAL B 434 20.80 -30.08 0.58
N ALA B 435 21.91 -30.81 0.34
CA ALA B 435 21.96 -32.22 0.73
C ALA B 435 21.72 -32.40 2.22
N TYR B 436 22.31 -31.53 3.04
CA TYR B 436 22.09 -31.57 4.48
C TYR B 436 20.62 -31.32 4.82
N GLU B 437 20.00 -30.35 4.16
CA GLU B 437 18.59 -30.05 4.41
C GLU B 437 17.70 -31.25 4.05
N ILE B 438 17.88 -31.81 2.86
CA ILE B 438 17.08 -32.97 2.46
C ILE B 438 17.27 -34.11 3.45
N MET B 439 18.50 -34.30 3.94
CA MET B 439 18.79 -35.35 4.91
C MET B 439 17.86 -35.26 6.11
N GLN B 440 17.51 -34.04 6.53
CA GLN B 440 16.62 -33.87 7.68
C GLN B 440 15.24 -34.47 7.43
N THR B 441 14.84 -34.65 6.18
CA THR B 441 13.55 -35.25 5.85
C THR B 441 13.60 -36.76 5.77
N LEU B 442 14.80 -37.34 5.86
CA LEU B 442 14.96 -38.78 5.77
C LEU B 442 15.16 -39.45 7.13
N HIS B 443 15.34 -38.68 8.19
CA HIS B 443 15.60 -39.20 9.51
C HIS B 443 14.90 -38.34 10.55
N PRO B 444 14.58 -38.90 11.72
CA PRO B 444 13.94 -38.08 12.76
C PRO B 444 14.79 -36.88 13.18
N ASP B 445 16.04 -37.11 13.56
CA ASP B 445 16.96 -36.04 13.96
C ASP B 445 18.33 -36.34 13.36
N ALA B 446 18.54 -35.88 12.13
CA ALA B 446 19.83 -35.95 11.47
C ALA B 446 20.59 -34.64 11.53
N SER B 447 20.28 -33.79 12.50
CA SER B 447 20.88 -32.46 12.57
C SER B 447 22.38 -32.54 12.78
N ALA B 448 22.86 -33.54 13.51
CA ALA B 448 24.27 -33.66 13.83
C ALA B 448 25.01 -34.63 12.91
N ASN B 449 24.36 -35.09 11.85
CA ASN B 449 24.94 -36.09 10.95
C ASN B 449 25.81 -35.45 9.86
N PHE B 450 26.68 -34.53 10.26
CA PHE B 450 27.51 -33.83 9.28
C PHE B 450 28.82 -33.40 9.92
N HIS B 451 29.74 -32.94 9.08
CA HIS B 451 30.87 -32.14 9.54
C HIS B 451 31.30 -31.22 8.41
N SER B 452 31.24 -29.91 8.66
CA SER B 452 31.63 -28.91 7.67
C SER B 452 33.06 -28.45 7.93
N LEU B 453 33.87 -28.41 6.87
CA LEU B 453 35.25 -27.97 7.02
C LEU B 453 35.39 -26.47 7.20
N ASP B 454 34.31 -25.70 7.02
CA ASP B 454 34.40 -24.25 7.22
C ASP B 454 33.18 -23.69 7.95
N ASP B 455 32.14 -23.33 7.20
CA ASP B 455 31.01 -22.60 7.77
C ASP B 455 30.10 -23.52 8.56
N ILE B 456 29.47 -22.95 9.59
CA ILE B 456 28.33 -23.61 10.24
C ILE B 456 27.15 -23.52 9.30
N TYR B 457 26.03 -24.14 9.65
CA TYR B 457 24.87 -24.04 8.78
C TYR B 457 24.34 -22.62 8.78
N TYR B 458 24.01 -22.12 7.59
CA TYR B 458 23.37 -20.82 7.46
C TYR B 458 22.52 -20.83 6.20
N PHE B 459 21.62 -19.85 6.12
CA PHE B 459 20.75 -19.67 4.96
C PHE B 459 20.95 -18.24 4.47
N GLY B 460 21.39 -18.10 3.22
CA GLY B 460 21.67 -16.79 2.67
C GLY B 460 20.50 -15.83 2.77
N GLY B 461 20.70 -14.72 3.48
CA GLY B 461 19.64 -13.76 3.72
C GLY B 461 18.95 -13.90 5.06
N GLN B 462 19.32 -14.90 5.86
CA GLN B 462 18.73 -15.12 7.17
C GLN B 462 18.88 -13.87 8.05
N ASN B 463 17.99 -13.77 9.03
CA ASN B 463 18.18 -12.80 10.10
C ASN B 463 19.34 -13.24 11.00
N ALA B 464 19.81 -12.29 11.81
CA ALA B 464 21.02 -12.50 12.61
C ALA B 464 20.95 -13.78 13.43
N HIS B 465 21.93 -14.65 13.22
CA HIS B 465 22.05 -15.90 13.97
C HIS B 465 22.63 -15.59 15.34
N ASN B 466 21.81 -15.69 16.38
CA ASN B 466 22.20 -15.32 17.73
C ASN B 466 22.28 -16.54 18.62
N GLN B 467 23.08 -16.41 19.68
CA GLN B 467 23.23 -17.43 20.70
C GLN B 467 23.16 -16.74 22.06
N ILE B 468 22.99 -17.54 23.10
CA ILE B 468 22.89 -17.03 24.47
C ILE B 468 23.98 -17.69 25.30
N ALA B 469 24.85 -16.87 25.90
CA ALA B 469 25.91 -17.39 26.74
C ALA B 469 25.32 -17.95 28.02
N ILE B 470 25.72 -19.18 28.37
CA ILE B 470 25.24 -19.84 29.57
C ILE B 470 26.31 -19.93 30.65
N TYR B 471 27.59 -19.88 30.29
CA TYR B 471 28.67 -19.87 31.26
C TYR B 471 29.55 -18.66 31.00
N ALA B 472 30.10 -18.10 32.09
CA ALA B 472 30.94 -16.92 31.96
C ALA B 472 32.27 -17.29 31.31
N HIS B 473 32.93 -16.27 30.75
CA HIS B 473 34.23 -16.45 30.11
C HIS B 473 35.04 -15.19 30.24
N GLN B 474 36.28 -15.33 30.69
CA GLN B 474 37.21 -14.20 30.80
C GLN B 474 38.31 -14.36 29.77
N PRO B 475 38.54 -13.38 28.90
CA PRO B 475 39.49 -13.57 27.80
C PRO B 475 40.90 -13.83 28.31
N ARG B 476 41.53 -14.88 27.76
CA ARG B 476 42.94 -15.14 28.06
C ARG B 476 43.86 -14.32 27.18
N THR B 477 43.40 -13.94 25.99
CA THR B 477 44.16 -13.12 25.06
C THR B 477 43.28 -11.98 24.57
N ALA B 478 43.89 -11.03 23.87
CA ALA B 478 43.12 -9.94 23.29
C ALA B 478 42.18 -10.42 22.20
N ASP B 479 42.47 -11.57 21.57
CA ASP B 479 41.63 -12.11 20.52
C ASP B 479 40.35 -12.75 21.03
N GLU B 480 40.23 -12.98 22.33
CA GLU B 480 39.01 -13.53 22.89
C GLU B 480 38.11 -12.41 23.39
N ILE B 481 36.84 -12.76 23.61
CA ILE B 481 35.87 -11.80 24.15
C ILE B 481 35.33 -12.32 25.46
N PRO B 482 34.93 -11.45 26.38
CA PRO B 482 34.33 -11.90 27.63
C PRO B 482 32.84 -12.16 27.45
N MET B 483 32.32 -13.04 28.32
CA MET B 483 30.91 -13.39 28.31
C MET B 483 30.43 -13.55 29.74
N GLU B 484 29.24 -13.04 30.00
CA GLU B 484 28.51 -13.35 31.22
C GLU B 484 27.23 -14.11 30.85
N PRO B 485 26.74 -14.98 31.72
CA PRO B 485 25.52 -15.73 31.39
C PRO B 485 24.38 -14.80 31.05
N GLY B 486 23.69 -15.10 29.95
CA GLY B 486 22.62 -14.27 29.45
C GLY B 486 23.01 -13.34 28.32
N ASP B 487 24.30 -13.08 28.13
CA ASP B 487 24.73 -12.26 27.01
C ASP B 487 24.30 -12.88 25.69
N ILE B 488 23.87 -12.04 24.76
CA ILE B 488 23.46 -12.47 23.43
C ILE B 488 24.67 -12.37 22.51
N ILE B 489 25.03 -13.48 21.89
CA ILE B 489 26.22 -13.58 21.06
C ILE B 489 25.76 -13.89 19.63
N GLY B 490 26.14 -13.03 18.70
CA GLY B 490 25.85 -13.28 17.29
C GLY B 490 26.97 -14.09 16.67
N VAL B 491 26.72 -15.36 16.40
CA VAL B 491 27.77 -16.28 15.99
C VAL B 491 28.10 -16.06 14.52
N ALA B 492 29.40 -16.04 14.21
CA ALA B 492 29.88 -15.96 12.84
C ALA B 492 30.37 -17.30 12.31
N GLY B 493 30.88 -18.15 13.18
CA GLY B 493 31.30 -19.47 12.76
C GLY B 493 31.96 -20.22 13.91
N ASN B 494 32.11 -21.51 13.71
CA ASN B 494 32.79 -22.41 14.64
C ASN B 494 34.12 -22.81 14.03
N HIS B 495 35.19 -22.72 14.81
CA HIS B 495 36.51 -23.04 14.32
C HIS B 495 36.84 -24.52 14.45
N TRP B 496 35.91 -25.32 14.98
CA TRP B 496 36.08 -26.77 15.10
C TRP B 496 37.34 -27.12 15.88
N ASP B 497 37.72 -26.24 16.79
CA ASP B 497 38.87 -26.42 17.67
C ASP B 497 38.51 -26.19 19.12
N GLY B 498 37.21 -26.20 19.43
CA GLY B 498 36.73 -25.83 20.74
C GLY B 498 36.32 -24.38 20.87
N TYR B 499 36.64 -23.56 19.87
CA TYR B 499 36.33 -22.13 19.90
C TYR B 499 35.42 -21.77 18.74
N SER B 500 34.55 -20.80 18.99
CA SER B 500 33.75 -20.17 17.94
C SER B 500 34.15 -18.71 17.84
N LYS B 501 33.59 -18.02 16.85
CA LYS B 501 33.88 -16.60 16.65
C LYS B 501 32.56 -15.87 16.46
N GLY B 502 32.43 -14.73 17.14
CA GLY B 502 31.20 -13.96 17.08
C GLY B 502 31.39 -12.65 17.81
N VAL B 503 30.29 -11.90 17.90
CA VAL B 503 30.30 -10.57 18.50
C VAL B 503 29.43 -10.60 19.74
N ASN B 504 29.95 -10.00 20.82
CA ASN B 504 29.15 -9.78 22.02
C ASN B 504 28.37 -8.49 21.80
N ARG B 505 27.09 -8.64 21.45
CA ARG B 505 26.27 -7.49 21.07
C ARG B 505 26.21 -6.44 22.17
N LYS B 506 26.29 -6.87 23.43
CA LYS B 506 26.27 -5.92 24.55
C LYS B 506 27.48 -4.98 24.51
N LEU B 507 28.62 -5.46 24.02
CA LEU B 507 29.85 -4.70 24.05
C LEU B 507 30.33 -4.23 22.68
N GLY B 508 29.83 -4.82 21.59
CA GLY B 508 30.36 -4.50 20.29
C GLY B 508 31.76 -5.00 20.04
N ARG B 509 32.21 -6.03 20.77
CA ARG B 509 33.52 -6.61 20.59
C ARG B 509 33.40 -7.93 19.84
N THR B 510 34.33 -8.20 18.94
CA THR B 510 34.30 -9.40 18.13
C THR B 510 35.54 -10.23 18.45
N GLY B 511 35.39 -11.54 18.48
CA GLY B 511 36.51 -12.40 18.80
C GLY B 511 36.03 -13.81 19.15
N LEU B 512 36.92 -14.57 19.76
CA LEU B 512 36.71 -15.99 20.01
C LEU B 512 36.09 -16.23 21.38
N TYR B 513 35.41 -17.37 21.51
CA TYR B 513 34.84 -17.81 22.76
C TYR B 513 34.68 -19.31 22.70
N PRO B 514 34.72 -20.02 23.83
CA PRO B 514 34.56 -21.47 23.81
C PRO B 514 33.18 -21.87 23.29
N SER B 515 33.16 -22.81 22.36
CA SER B 515 31.91 -23.18 21.70
C SER B 515 30.91 -23.81 22.66
N TYR B 516 31.37 -24.33 23.79
CA TYR B 516 30.48 -25.04 24.71
C TYR B 516 29.83 -24.12 25.74
N LYS B 517 30.26 -22.87 25.84
CA LYS B 517 29.72 -21.94 26.84
C LYS B 517 28.51 -21.17 26.33
N VAL B 518 27.97 -21.54 25.18
CA VAL B 518 26.85 -20.82 24.60
C VAL B 518 25.72 -21.81 24.33
N ARG B 519 24.53 -21.25 24.10
CA ARG B 519 23.33 -22.02 23.81
C ARG B 519 22.58 -21.31 22.68
N GLU B 520 21.91 -22.11 21.86
CA GLU B 520 21.23 -21.56 20.69
C GLU B 520 19.97 -20.81 21.10
N LYS B 521 19.85 -19.58 20.61
CA LYS B 521 18.66 -18.75 20.82
C LYS B 521 17.68 -19.07 19.70
N ILE B 522 16.67 -19.89 20.00
CA ILE B 522 15.68 -20.29 19.02
C ILE B 522 14.66 -19.17 18.84
N GLU B 523 14.39 -18.81 17.59
CA GLU B 523 13.46 -17.74 17.27
C GLU B 523 12.16 -18.35 16.73
N THR B 524 11.04 -17.81 17.18
CA THR B 524 9.72 -18.25 16.75
C THR B 524 9.00 -17.10 16.06
N VAL B 525 8.14 -17.45 15.10
CA VAL B 525 7.34 -16.48 14.36
C VAL B 525 5.92 -17.00 14.31
N LYS B 526 4.96 -16.08 14.48
CA LYS B 526 3.54 -16.43 14.39
C LYS B 526 3.18 -16.59 12.93
N TYR B 527 3.31 -17.80 12.43
CA TYR B 527 2.85 -18.16 11.11
C TYR B 527 1.36 -18.44 11.11
N PRO B 528 0.72 -18.42 9.94
CA PRO B 528 -0.61 -19.03 9.83
C PRO B 528 -0.50 -20.53 10.07
N THR B 529 -1.61 -21.12 10.50
CA THR B 529 -1.64 -22.53 10.82
C THR B 529 -2.50 -23.35 9.86
N TYR B 530 -3.24 -22.71 8.97
CA TYR B 530 -4.07 -23.37 7.97
C TYR B 530 -4.90 -24.50 8.58
N PRO B 531 -5.82 -24.21 9.50
CA PRO B 531 -6.63 -25.27 10.09
C PRO B 531 -7.57 -25.93 9.11
N GLU B 532 -7.87 -25.28 7.99
CA GLU B 532 -8.78 -25.83 6.99
C GLU B 532 -8.20 -27.05 6.28
N ALA B 533 -6.93 -27.37 6.51
CA ALA B 533 -6.27 -28.47 5.81
C ALA B 533 -6.46 -29.82 6.51
N GLU B 534 -7.34 -29.89 7.51
CA GLU B 534 -7.51 -31.13 8.27
C GLU B 534 -8.90 -31.72 8.07
N LEU C 68 35.03 40.52 -6.50
CA LEU C 68 33.84 39.83 -7.00
C LEU C 68 33.59 40.12 -8.46
N GLY C 69 33.01 39.14 -9.16
CA GLY C 69 32.79 39.24 -10.59
C GLY C 69 31.43 39.82 -10.92
N LYS C 70 31.40 40.67 -11.94
CA LYS C 70 30.16 41.29 -12.37
C LYS C 70 29.13 40.23 -12.75
N ASP C 71 29.52 39.27 -13.59
CA ASP C 71 28.58 38.23 -14.02
C ASP C 71 28.16 37.34 -12.87
N HIS C 72 29.05 37.10 -11.90
CA HIS C 72 28.71 36.28 -10.75
C HIS C 72 27.59 36.90 -9.92
N GLU C 73 27.71 38.20 -9.64
CA GLU C 73 26.67 38.87 -8.87
C GLU C 73 25.37 39.00 -9.64
N ILE C 74 25.46 39.36 -10.93
CA ILE C 74 24.28 39.41 -11.79
C ILE C 74 23.53 38.09 -11.74
N LEU C 75 24.27 36.98 -11.90
CA LEU C 75 23.64 35.67 -11.92
C LEU C 75 23.07 35.30 -10.55
N ARG C 76 23.82 35.56 -9.47
CA ARG C 76 23.31 35.26 -8.14
C ARG C 76 22.00 35.98 -7.86
N ARG C 77 21.87 37.23 -8.32
CA ARG C 77 20.66 38.00 -8.07
C ARG C 77 19.51 37.51 -8.94
N ARG C 78 19.79 37.09 -10.17
CA ARG C 78 18.74 36.58 -11.05
C ARG C 78 18.17 35.26 -10.55
N ILE C 79 19.03 34.40 -9.99
CA ILE C 79 18.54 33.19 -9.32
C ILE C 79 17.67 33.56 -8.13
N GLU C 80 18.15 34.50 -7.31
CA GLU C 80 17.38 34.99 -6.17
C GLU C 80 16.01 35.48 -6.61
N ASN C 81 15.98 36.42 -7.57
CA ASN C 81 14.73 36.97 -8.03
C ASN C 81 13.87 35.92 -8.72
N GLY C 82 14.49 35.03 -9.50
CA GLY C 82 13.75 33.95 -10.12
C GLY C 82 13.06 33.05 -9.12
N ALA C 83 13.70 32.82 -7.96
CA ALA C 83 13.05 32.06 -6.90
C ALA C 83 11.85 32.82 -6.34
N LYS C 84 12.02 34.12 -6.10
CA LYS C 84 10.89 34.94 -5.61
C LYS C 84 9.72 34.91 -6.59
N GLU C 85 9.97 35.21 -7.86
CA GLU C 85 8.89 35.22 -8.84
C GLU C 85 8.22 33.85 -8.96
N LEU C 86 9.01 32.77 -8.85
CA LEU C 86 8.42 31.45 -8.79
C LEU C 86 7.51 31.31 -7.58
N TRP C 87 7.97 31.81 -6.42
CA TRP C 87 7.16 31.77 -5.21
C TRP C 87 5.89 32.59 -5.37
N PHE C 88 6.00 33.78 -5.96
CA PHE C 88 4.81 34.55 -6.32
C PHE C 88 3.89 33.76 -7.22
N PHE C 89 4.45 33.15 -8.27
CA PHE C 89 3.66 32.39 -9.23
C PHE C 89 2.93 31.22 -8.55
N LEU C 90 3.65 30.47 -7.70
CA LEU C 90 3.06 29.34 -7.00
C LEU C 90 1.85 29.75 -6.18
N GLN C 91 2.04 30.74 -5.29
CA GLN C 91 0.97 31.20 -4.42
C GLN C 91 -0.28 31.58 -5.21
N SER C 92 -0.08 32.31 -6.32
CA SER C 92 -1.22 32.79 -7.10
C SER C 92 -2.01 31.64 -7.71
N GLU C 93 -1.33 30.73 -8.41
CA GLU C 93 -2.05 29.68 -9.15
C GLU C 93 -2.69 28.66 -8.23
N LEU C 94 -2.09 28.38 -7.07
CA LEU C 94 -2.74 27.48 -6.12
C LEU C 94 -4.04 28.08 -5.61
N LYS C 95 -4.04 29.38 -5.29
CA LYS C 95 -5.28 30.05 -4.90
C LYS C 95 -6.34 29.88 -5.99
N LYS C 96 -5.92 29.93 -7.26
CA LYS C 96 -6.87 29.69 -8.35
C LYS C 96 -7.27 28.23 -8.41
N LEU C 97 -6.33 27.31 -8.18
CA LEU C 97 -6.62 25.88 -8.33
C LEU C 97 -7.59 25.38 -7.28
N LYS C 98 -7.53 25.91 -6.06
CA LYS C 98 -8.42 25.47 -4.99
C LYS C 98 -9.89 25.70 -5.31
N ASN C 99 -10.20 26.50 -6.34
CA ASN C 99 -11.58 26.81 -6.68
C ASN C 99 -12.01 26.14 -7.99
N LEU C 100 -11.29 25.11 -8.43
CA LEU C 100 -11.55 24.45 -9.69
C LEU C 100 -11.91 22.99 -9.49
N GLU C 101 -12.57 22.43 -10.49
CA GLU C 101 -13.00 21.02 -10.44
C GLU C 101 -13.04 20.48 -11.86
N GLY C 102 -13.00 19.15 -11.96
CA GLY C 102 -13.14 18.45 -13.23
C GLY C 102 -12.03 18.81 -14.20
N ASN C 103 -12.40 18.86 -15.49
CA ASN C 103 -11.42 19.16 -16.52
C ASN C 103 -10.81 20.54 -16.32
N GLU C 104 -11.62 21.51 -15.93
CA GLU C 104 -11.13 22.85 -15.62
C GLU C 104 -9.98 22.79 -14.62
N LEU C 105 -10.13 22.01 -13.55
CA LEU C 105 -9.06 21.83 -12.59
C LEU C 105 -7.85 21.16 -13.23
N GLN C 106 -8.09 20.08 -13.99
CA GLN C 106 -7.00 19.30 -14.54
C GLN C 106 -6.33 19.97 -15.74
N ARG C 107 -7.08 20.72 -16.55
CA ARG C 107 -6.46 21.43 -17.67
C ARG C 107 -5.52 22.52 -17.15
N HIS C 108 -5.97 23.29 -16.17
CA HIS C 108 -5.16 24.37 -15.61
C HIS C 108 -3.93 23.81 -14.90
N ALA C 109 -4.09 22.68 -14.22
CA ALA C 109 -2.97 22.04 -13.54
C ALA C 109 -1.95 21.57 -14.55
N ASP C 110 -2.39 21.08 -15.71
CA ASP C 110 -1.47 20.70 -16.76
C ASP C 110 -0.76 21.94 -17.32
N GLU C 111 -1.52 22.99 -17.62
CA GLU C 111 -0.90 24.26 -18.02
C GLU C 111 0.06 24.76 -16.95
N PHE C 112 -0.32 24.61 -15.68
CA PHE C 112 0.54 25.02 -14.57
C PHE C 112 1.88 24.29 -14.61
N LEU C 113 1.86 22.97 -14.77
CA LEU C 113 3.10 22.19 -14.78
C LEU C 113 4.02 22.61 -15.92
N LEU C 114 3.45 22.84 -17.11
CA LEU C 114 4.25 23.30 -18.25
C LEU C 114 4.97 24.61 -17.93
N ASP C 115 4.23 25.59 -17.42
CA ASP C 115 4.84 26.88 -17.08
C ASP C 115 5.92 26.72 -16.02
N LEU C 116 5.71 25.80 -15.07
CA LEU C 116 6.67 25.60 -14.00
C LEU C 116 7.97 25.00 -14.54
N GLY C 117 7.86 23.95 -15.35
CA GLY C 117 9.05 23.30 -15.90
C GLY C 117 10.00 24.27 -16.57
N HIS C 118 9.47 25.14 -17.42
CA HIS C 118 10.29 26.16 -18.07
C HIS C 118 10.91 27.11 -17.05
N HIS C 119 10.08 27.66 -16.15
CA HIS C 119 10.57 28.53 -15.09
C HIS C 119 11.70 27.88 -14.30
N GLU C 120 11.45 26.67 -13.80
CA GLU C 120 12.47 25.94 -13.05
C GLU C 120 13.76 25.79 -13.85
N ARG C 121 13.64 25.46 -15.14
CA ARG C 121 14.83 25.28 -15.98
C ARG C 121 15.59 26.59 -16.17
N SER C 122 14.88 27.73 -16.19
CA SER C 122 15.56 29.02 -16.25
C SER C 122 16.44 29.23 -15.03
N ILE C 123 16.00 28.74 -13.87
CA ILE C 123 16.81 28.86 -12.66
C ILE C 123 18.01 27.92 -12.72
N MET C 124 17.78 26.66 -13.09
CA MET C 124 18.87 25.71 -13.22
C MET C 124 19.89 26.15 -14.25
N THR C 125 19.45 26.87 -15.29
CA THR C 125 20.38 27.39 -16.29
C THR C 125 21.25 28.49 -15.70
N ASP C 126 20.64 29.44 -14.98
CA ASP C 126 21.41 30.49 -14.32
C ASP C 126 22.38 29.90 -13.29
N LEU C 127 21.96 28.83 -12.61
CA LEU C 127 22.84 28.16 -11.67
C LEU C 127 24.04 27.53 -12.37
N TYR C 128 23.82 26.95 -13.56
CA TYR C 128 24.94 26.40 -14.33
C TYR C 128 25.95 27.50 -14.69
N TYR C 129 25.46 28.60 -15.25
CA TYR C 129 26.33 29.74 -15.56
C TYR C 129 27.13 30.19 -14.35
N LEU C 130 26.48 30.21 -13.17
CA LEU C 130 27.18 30.64 -11.95
C LEU C 130 28.34 29.70 -11.64
N SER C 131 28.18 28.41 -11.88
CA SER C 131 29.25 27.44 -11.64
C SER C 131 30.43 27.63 -12.59
N GLN C 132 30.26 28.38 -13.68
CA GLN C 132 31.32 28.55 -14.67
C GLN C 132 31.90 29.96 -14.72
N THR C 133 31.19 30.95 -14.19
CA THR C 133 31.58 32.34 -14.36
C THR C 133 32.85 32.67 -13.59
N ASP C 134 33.57 33.67 -14.09
CA ASP C 134 34.75 34.25 -13.42
C ASP C 134 35.80 33.19 -13.13
N GLY C 135 36.14 32.42 -14.17
CA GLY C 135 37.20 31.43 -14.06
C GLY C 135 36.91 30.25 -13.16
N ALA C 136 35.68 30.11 -12.68
CA ALA C 136 35.34 28.95 -11.86
C ALA C 136 35.46 27.67 -12.67
N GLY C 137 35.02 27.70 -13.93
CA GLY C 137 35.15 26.51 -14.77
C GLY C 137 36.59 26.12 -15.01
N ASP C 138 37.42 27.10 -15.37
CA ASP C 138 38.83 26.81 -15.60
C ASP C 138 39.50 26.31 -14.33
N TRP C 139 39.19 26.92 -13.19
CA TRP C 139 39.79 26.47 -11.94
C TRP C 139 39.34 25.06 -11.59
N ARG C 140 38.03 24.80 -11.68
CA ARG C 140 37.50 23.48 -11.33
C ARG C 140 38.10 22.39 -12.20
N GLU C 141 38.23 22.64 -13.49
CA GLU C 141 38.83 21.65 -14.39
C GLU C 141 40.30 21.44 -14.05
N LYS C 142 41.02 22.52 -13.72
CA LYS C 142 42.42 22.41 -13.35
C LYS C 142 42.60 21.60 -12.07
N GLU C 143 41.75 21.87 -11.06
CA GLU C 143 41.88 21.16 -9.78
C GLU C 143 41.54 19.68 -9.93
N ALA C 144 40.41 19.38 -10.57
CA ALA C 144 40.03 17.98 -10.78
C ALA C 144 41.11 17.22 -11.55
N LYS C 145 41.72 17.88 -12.55
CA LYS C 145 42.79 17.24 -13.30
C LYS C 145 43.98 16.92 -12.41
N ASP C 146 44.38 17.85 -11.55
CA ASP C 146 45.50 17.62 -10.65
C ASP C 146 45.19 16.51 -9.65
N LEU C 147 43.92 16.37 -9.25
CA LEU C 147 43.56 15.30 -8.32
C LEU C 147 43.67 13.94 -8.99
N THR C 148 43.16 13.82 -10.22
CA THR C 148 43.30 12.57 -10.96
C THR C 148 44.77 12.20 -11.14
N GLU C 149 45.56 13.14 -11.68
CA GLU C 149 46.99 12.89 -11.87
C GLU C 149 47.66 12.42 -10.59
N LEU C 150 47.32 13.04 -9.46
CA LEU C 150 47.93 12.67 -8.19
C LEU C 150 47.61 11.23 -7.81
N VAL C 151 46.32 10.87 -7.83
CA VAL C 151 45.90 9.53 -7.42
C VAL C 151 46.43 8.49 -8.39
N GLN C 152 46.28 8.74 -9.69
CA GLN C 152 46.82 7.82 -10.70
C GLN C 152 48.32 7.65 -10.53
N ARG C 153 49.01 8.70 -10.07
CA ARG C 153 50.43 8.58 -9.79
C ARG C 153 50.69 7.65 -8.61
N ARG C 154 49.85 7.72 -7.57
CA ARG C 154 50.01 6.86 -6.41
C ARG C 154 49.69 5.40 -6.74
N ILE C 155 48.59 5.17 -7.47
CA ILE C 155 48.22 3.81 -7.85
C ILE C 155 49.32 3.16 -8.68
N THR C 156 49.83 3.90 -9.68
CA THR C 156 50.88 3.35 -10.54
C THR C 156 52.13 3.01 -9.73
N TYR C 157 52.49 3.86 -8.77
CA TYR C 157 53.62 3.57 -7.90
C TYR C 157 53.42 2.28 -7.12
N LEU C 158 52.23 2.14 -6.50
CA LEU C 158 51.96 0.94 -5.72
C LEU C 158 51.98 -0.31 -6.59
N GLN C 159 51.51 -0.21 -7.83
CA GLN C 159 51.35 -1.38 -8.68
C GLN C 159 52.63 -1.79 -9.38
N ASN C 160 53.68 -0.99 -9.32
CA ASN C 160 54.92 -1.27 -10.05
C ASN C 160 56.11 -1.15 -9.11
N PRO C 161 56.27 -2.09 -8.20
CA PRO C 161 57.46 -2.10 -7.34
C PRO C 161 58.69 -2.54 -8.12
N LYS C 162 59.86 -2.16 -7.59
CA LYS C 162 61.11 -2.60 -8.18
C LYS C 162 61.24 -4.12 -8.11
N ASP C 163 61.12 -4.67 -6.90
CA ASP C 163 61.29 -6.09 -6.65
C ASP C 163 59.92 -6.73 -6.46
N CYS C 164 59.41 -7.37 -7.50
CA CYS C 164 58.12 -8.06 -7.39
C CYS C 164 58.20 -9.23 -6.42
N SER C 165 59.35 -9.92 -6.37
CA SER C 165 59.46 -11.10 -5.52
C SER C 165 59.43 -10.76 -4.03
N LYS C 166 59.71 -9.51 -3.67
CA LYS C 166 59.73 -9.09 -2.28
C LYS C 166 58.61 -8.13 -1.93
N ALA C 167 57.77 -7.77 -2.89
CA ALA C 167 56.68 -6.84 -2.63
C ALA C 167 55.55 -7.52 -1.87
N LYS C 168 54.85 -6.73 -1.05
CA LYS C 168 53.65 -7.20 -0.38
C LYS C 168 52.51 -7.22 -1.38
N LYS C 169 51.76 -8.31 -1.42
CA LYS C 169 50.76 -8.51 -2.46
C LYS C 169 49.42 -8.88 -1.86
N LEU C 170 48.36 -8.60 -2.62
CA LEU C 170 47.01 -9.02 -2.31
C LEU C 170 46.42 -9.63 -3.57
N VAL C 171 45.99 -10.89 -3.47
CA VAL C 171 45.52 -11.64 -4.62
C VAL C 171 44.01 -11.53 -4.71
N CYS C 172 43.51 -11.23 -5.90
CA CYS C 172 42.08 -11.09 -6.16
C CYS C 172 41.71 -12.01 -7.32
N ASN C 173 40.65 -12.78 -7.15
CA ASN C 173 40.15 -13.66 -8.19
C ASN C 173 38.95 -13.01 -8.87
N ILE C 174 39.01 -12.92 -10.21
CA ILE C 174 37.99 -12.20 -10.95
C ILE C 174 36.69 -12.98 -11.04
N ASN C 175 36.72 -14.29 -10.82
CA ASN C 175 35.60 -15.15 -11.14
C ASN C 175 34.48 -15.10 -10.10
N LYS C 176 34.05 -13.90 -9.74
CA LYS C 176 32.83 -13.79 -8.94
C LYS C 176 31.64 -14.22 -9.77
N GLY C 177 30.68 -14.90 -9.13
CA GLY C 177 29.56 -15.45 -9.87
C GLY C 177 28.49 -14.43 -10.18
N CYS C 178 28.77 -13.51 -11.10
CA CYS C 178 27.82 -12.48 -11.48
C CYS C 178 28.25 -11.86 -12.80
N GLY C 179 27.52 -10.84 -13.23
CA GLY C 179 27.77 -10.21 -14.51
C GLY C 179 29.03 -9.35 -14.52
N TYR C 180 29.24 -8.71 -15.67
CA TYR C 180 30.45 -7.92 -15.88
C TYR C 180 30.59 -6.80 -14.86
N GLY C 181 29.65 -5.85 -14.87
CA GLY C 181 29.73 -4.73 -13.95
C GLY C 181 29.86 -5.13 -12.50
N CYS C 182 29.24 -6.25 -12.12
CA CYS C 182 29.39 -6.75 -10.76
C CYS C 182 30.80 -7.29 -10.53
N GLN C 183 31.31 -8.08 -11.48
CA GLN C 183 32.67 -8.58 -11.37
C GLN C 183 33.68 -7.43 -11.35
N LEU C 184 33.47 -6.41 -12.19
CA LEU C 184 34.37 -5.26 -12.19
C LEU C 184 34.35 -4.56 -10.84
N HIS C 185 33.18 -4.46 -10.21
CA HIS C 185 33.12 -3.87 -8.87
C HIS C 185 33.83 -4.72 -7.85
N HIS C 186 33.83 -6.04 -8.03
CA HIS C 186 34.64 -6.90 -7.18
C HIS C 186 36.12 -6.54 -7.27
N VAL C 187 36.61 -6.35 -8.50
CA VAL C 187 38.02 -6.00 -8.68
C VAL C 187 38.33 -4.64 -8.08
N VAL C 188 37.43 -3.67 -8.28
CA VAL C 188 37.60 -2.36 -7.66
C VAL C 188 37.63 -2.48 -6.14
N TYR C 189 36.72 -3.30 -5.59
CA TYR C 189 36.72 -3.55 -4.15
C TYR C 189 38.04 -4.15 -3.68
N CYS C 190 38.59 -5.09 -4.46
CA CYS C 190 39.92 -5.61 -4.16
C CYS C 190 40.97 -4.51 -4.20
N PHE C 191 40.91 -3.66 -5.21
CA PHE C 191 41.94 -2.64 -5.42
C PHE C 191 41.97 -1.63 -4.27
N MET C 192 40.79 -1.21 -3.81
CA MET C 192 40.72 -0.19 -2.77
C MET C 192 41.33 -0.68 -1.47
N ILE C 193 41.20 -1.97 -1.17
CA ILE C 193 41.81 -2.52 0.04
C ILE C 193 43.31 -2.68 -0.14
N ALA C 194 43.74 -3.14 -1.32
CA ALA C 194 45.17 -3.20 -1.61
C ALA C 194 45.82 -1.83 -1.51
N TYR C 195 45.12 -0.79 -1.95
CA TYR C 195 45.64 0.57 -1.84
C TYR C 195 45.81 0.96 -0.37
N GLY C 196 44.78 0.72 0.44
CA GLY C 196 44.84 1.10 1.85
C GLY C 196 45.83 0.30 2.65
N THR C 197 46.12 -0.93 2.23
CA THR C 197 47.04 -1.80 2.93
C THR C 197 48.46 -1.78 2.37
N GLN C 198 48.72 -0.91 1.38
CA GLN C 198 50.04 -0.80 0.75
C GLN C 198 50.49 -2.13 0.15
N ARG C 199 49.54 -2.86 -0.43
CA ARG C 199 49.80 -4.13 -1.06
C ARG C 199 49.57 -4.04 -2.56
N THR C 200 50.48 -4.62 -3.34
CA THR C 200 50.31 -4.67 -4.78
C THR C 200 49.17 -5.62 -5.15
N LEU C 201 48.31 -5.19 -6.06
CA LEU C 201 47.19 -6.01 -6.49
C LEU C 201 47.64 -7.01 -7.54
N ILE C 202 47.38 -8.29 -7.27
CA ILE C 202 47.59 -9.36 -8.23
C ILE C 202 46.23 -9.91 -8.61
N LEU C 203 45.90 -9.85 -9.91
CA LEU C 203 44.58 -10.22 -10.40
C LEU C 203 44.66 -11.55 -11.11
N GLU C 204 43.91 -12.54 -10.62
CA GLU C 204 43.82 -13.86 -11.23
C GLU C 204 42.55 -13.89 -12.08
N SER C 205 42.73 -14.01 -13.40
CA SER C 205 41.60 -13.91 -14.33
C SER C 205 41.51 -15.05 -15.32
N GLN C 206 42.28 -16.12 -15.16
CA GLN C 206 42.10 -17.28 -16.02
C GLN C 206 40.73 -17.90 -15.79
N ASN C 207 40.17 -18.49 -16.85
CA ASN C 207 38.84 -19.07 -16.85
C ASN C 207 37.74 -18.05 -16.59
N TRP C 208 38.05 -16.77 -16.75
CA TRP C 208 37.05 -15.71 -16.71
C TRP C 208 35.88 -16.05 -17.63
N ARG C 209 34.66 -15.91 -17.11
CA ARG C 209 33.49 -16.38 -17.83
C ARG C 209 33.23 -15.58 -19.09
N TYR C 210 33.62 -14.30 -19.12
CA TYR C 210 33.49 -13.51 -20.33
C TYR C 210 34.65 -13.72 -21.30
N ALA C 211 35.78 -14.25 -20.82
CA ALA C 211 36.97 -14.42 -21.64
C ALA C 211 37.97 -15.29 -20.91
N THR C 212 37.97 -16.60 -21.21
CA THR C 212 38.83 -17.54 -20.50
C THR C 212 40.31 -17.20 -20.66
N GLY C 213 40.68 -16.46 -21.71
CA GLY C 213 42.04 -16.00 -21.85
C GLY C 213 42.49 -15.06 -20.75
N GLY C 214 41.55 -14.39 -20.10
CA GLY C 214 41.83 -13.62 -18.92
C GLY C 214 41.63 -12.12 -19.11
N TRP C 215 42.14 -11.38 -18.12
CA TRP C 215 41.94 -9.93 -18.05
C TRP C 215 42.53 -9.23 -19.26
N GLU C 216 43.76 -9.59 -19.64
CA GLU C 216 44.47 -8.91 -20.73
C GLU C 216 43.89 -9.17 -22.10
N THR C 217 42.76 -9.89 -22.21
CA THR C 217 42.07 -9.98 -23.49
C THR C 217 41.62 -8.60 -23.97
N VAL C 218 41.36 -7.69 -23.03
CA VAL C 218 40.78 -6.39 -23.37
C VAL C 218 41.60 -5.26 -22.73
N PHE C 219 42.11 -5.47 -21.54
CA PHE C 219 42.72 -4.41 -20.76
C PHE C 219 44.20 -4.64 -20.49
N ARG C 220 44.88 -3.54 -20.16
CA ARG C 220 46.27 -3.58 -19.75
C ARG C 220 46.40 -4.40 -18.47
N PRO C 221 47.55 -5.06 -18.26
CA PRO C 221 47.78 -5.71 -16.97
C PRO C 221 47.84 -4.68 -15.86
N VAL C 222 47.42 -5.09 -14.66
CA VAL C 222 47.29 -4.17 -13.54
C VAL C 222 48.67 -3.78 -13.02
N SER C 223 49.72 -4.35 -13.61
CA SER C 223 51.08 -4.05 -13.19
C SER C 223 52.02 -4.35 -14.35
N GLU C 224 53.07 -3.55 -14.46
CA GLU C 224 54.11 -3.80 -15.46
C GLU C 224 55.29 -4.57 -14.90
N THR C 225 55.47 -4.58 -13.58
CA THR C 225 56.60 -5.25 -12.96
C THR C 225 56.20 -6.42 -12.06
N CYS C 226 54.99 -6.44 -11.54
CA CYS C 226 54.59 -7.44 -10.54
C CYS C 226 53.21 -7.99 -10.89
N THR C 227 53.21 -9.09 -11.64
CA THR C 227 51.99 -9.84 -11.94
C THR C 227 52.05 -11.26 -11.39
N ASP C 228 53.15 -11.62 -10.74
CA ASP C 228 53.33 -12.93 -10.14
C ASP C 228 52.91 -12.90 -8.67
N ARG C 229 52.33 -14.01 -8.21
CA ARG C 229 51.78 -14.08 -6.85
C ARG C 229 52.69 -14.81 -5.87
N SER C 230 53.93 -15.12 -6.26
CA SER C 230 54.80 -15.86 -5.36
C SER C 230 55.23 -15.01 -4.18
N GLY C 231 55.50 -15.69 -3.07
CA GLY C 231 55.96 -15.03 -1.86
C GLY C 231 56.38 -16.07 -0.85
N ILE C 232 57.13 -15.61 0.14
CA ILE C 232 57.63 -16.53 1.17
C ILE C 232 56.51 -16.95 2.11
N SER C 233 55.45 -16.16 2.24
CA SER C 233 54.34 -16.48 3.12
C SER C 233 53.03 -16.13 2.42
N THR C 234 52.05 -17.01 2.57
CA THR C 234 50.74 -16.84 1.95
C THR C 234 49.68 -17.21 2.96
N GLY C 235 48.52 -16.59 2.85
CA GLY C 235 47.43 -16.87 3.75
C GLY C 235 46.20 -16.12 3.33
N HIS C 236 45.07 -16.54 3.89
CA HIS C 236 43.80 -15.89 3.63
C HIS C 236 43.67 -14.64 4.48
N TRP C 237 42.76 -13.76 4.06
CA TRP C 237 42.54 -12.51 4.76
C TRP C 237 42.16 -12.77 6.21
N SER C 238 42.73 -11.98 7.12
CA SER C 238 42.41 -12.11 8.53
C SER C 238 42.55 -10.81 9.30
N GLY C 239 42.77 -9.68 8.64
CA GLY C 239 42.97 -8.42 9.32
C GLY C 239 44.28 -7.77 8.94
N GLU C 240 44.27 -6.44 8.75
CA GLU C 240 45.48 -5.73 8.35
C GLU C 240 46.59 -5.89 9.39
N VAL C 241 46.24 -5.86 10.68
CA VAL C 241 47.25 -5.99 11.72
C VAL C 241 47.80 -7.42 11.76
N LYS C 242 46.91 -8.41 11.82
CA LYS C 242 47.36 -9.79 11.89
C LYS C 242 48.16 -10.20 10.66
N ASP C 243 47.83 -9.64 9.49
CA ASP C 243 48.50 -9.99 8.25
C ASP C 243 49.68 -9.08 7.94
N LYS C 244 50.14 -8.30 8.92
CA LYS C 244 51.19 -7.32 8.65
C LYS C 244 52.48 -7.98 8.19
N ASN C 245 52.72 -9.22 8.60
CA ASN C 245 53.93 -9.94 8.23
C ASN C 245 53.66 -11.06 7.24
N VAL C 246 52.48 -11.08 6.63
CA VAL C 246 52.15 -12.03 5.57
C VAL C 246 52.34 -11.32 4.24
N GLN C 247 53.25 -11.84 3.42
CA GLN C 247 53.60 -11.16 2.17
C GLN C 247 52.43 -11.18 1.19
N VAL C 248 51.81 -12.35 1.01
CA VAL C 248 50.76 -12.55 0.03
C VAL C 248 49.48 -12.91 0.76
N VAL C 249 48.45 -12.09 0.60
CA VAL C 249 47.17 -12.28 1.26
C VAL C 249 46.09 -12.47 0.20
N GLU C 250 45.29 -13.52 0.35
CA GLU C 250 44.20 -13.80 -0.57
C GLU C 250 42.91 -13.19 -0.03
N LEU C 251 42.21 -12.45 -0.89
CA LEU C 251 41.03 -11.68 -0.47
C LEU C 251 39.78 -12.27 -1.10
N PRO C 252 38.77 -12.63 -0.32
CA PRO C 252 37.53 -13.17 -0.88
C PRO C 252 36.61 -12.05 -1.35
N ILE C 253 35.45 -12.45 -1.86
CA ILE C 253 34.45 -11.46 -2.27
C ILE C 253 33.94 -10.72 -1.04
N VAL C 254 33.38 -9.53 -1.28
CA VAL C 254 33.02 -8.64 -0.18
C VAL C 254 31.93 -9.26 0.70
N ASP C 255 31.05 -10.07 0.12
CA ASP C 255 29.95 -10.65 0.88
C ASP C 255 30.44 -11.60 1.97
N SER C 256 31.66 -12.12 1.86
CA SER C 256 32.21 -13.06 2.84
C SER C 256 33.52 -12.56 3.42
N LEU C 257 33.70 -11.25 3.50
CA LEU C 257 34.91 -10.66 4.02
C LEU C 257 34.79 -10.45 5.53
N HIS C 258 35.76 -10.97 6.28
CA HIS C 258 35.79 -10.82 7.73
C HIS C 258 37.24 -10.84 8.18
N PRO C 259 37.71 -9.83 8.92
CA PRO C 259 36.95 -8.63 9.28
C PRO C 259 37.01 -7.57 8.20
N ARG C 260 36.01 -6.70 8.16
CA ARG C 260 35.96 -5.67 7.13
C ARG C 260 36.94 -4.55 7.47
N PRO C 261 37.81 -4.15 6.56
CA PRO C 261 38.71 -3.04 6.81
C PRO C 261 37.99 -1.71 6.61
N PRO C 262 38.61 -0.59 6.98
CA PRO C 262 37.94 0.71 6.77
C PRO C 262 38.05 1.22 5.35
N TYR C 263 38.84 0.58 4.50
CA TYR C 263 39.06 1.04 3.13
C TYR C 263 37.91 0.55 2.24
N LEU C 264 36.72 1.10 2.50
CA LEU C 264 35.52 0.73 1.80
C LEU C 264 34.70 1.97 1.46
N PRO C 265 33.88 1.91 0.41
CA PRO C 265 32.90 2.96 0.17
C PRO C 265 31.89 3.02 1.30
N LEU C 266 31.27 4.19 1.48
CA LEU C 266 31.43 5.36 0.62
C LEU C 266 32.41 6.37 1.19
N ALA C 267 33.41 5.89 1.94
CA ALA C 267 34.38 6.76 2.55
C ALA C 267 35.43 7.22 1.54
N VAL C 268 36.13 8.31 1.89
CA VAL C 268 37.15 8.88 1.03
C VAL C 268 38.40 9.15 1.87
N PRO C 269 39.57 9.22 1.24
CA PRO C 269 40.80 9.49 1.99
C PRO C 269 40.74 10.81 2.74
N GLU C 270 41.11 10.77 4.02
CA GLU C 270 41.10 11.98 4.83
C GLU C 270 41.96 13.07 4.21
N ASP C 271 43.06 12.70 3.58
CA ASP C 271 43.97 13.69 3.01
C ASP C 271 43.39 14.39 1.79
N LEU C 272 42.37 13.81 1.16
CA LEU C 272 41.76 14.38 -0.03
C LEU C 272 40.37 14.94 0.22
N ALA C 273 39.84 14.78 1.45
CA ALA C 273 38.44 15.14 1.72
C ALA C 273 38.16 16.60 1.41
N ASP C 274 38.94 17.51 2.00
CA ASP C 274 38.65 18.93 1.85
C ASP C 274 38.72 19.38 0.40
N ARG C 275 39.70 18.88 -0.35
CA ARG C 275 39.83 19.27 -1.75
C ARG C 275 38.71 18.70 -2.60
N LEU C 276 38.22 17.51 -2.27
CA LEU C 276 37.17 16.88 -3.07
C LEU C 276 35.83 17.58 -2.89
N VAL C 277 35.51 17.96 -1.64
CA VAL C 277 34.26 18.66 -1.38
C VAL C 277 34.21 19.99 -2.12
N ARG C 278 35.35 20.64 -2.27
CA ARG C 278 35.41 21.91 -2.98
C ARG C 278 35.01 21.75 -4.44
N VAL C 279 35.32 20.61 -5.05
CA VAL C 279 35.17 20.41 -6.48
C VAL C 279 33.98 19.50 -6.80
N HIS C 280 33.88 18.35 -6.15
CA HIS C 280 32.95 17.30 -6.54
C HIS C 280 31.78 17.23 -5.57
N GLY C 281 30.58 17.10 -6.11
CA GLY C 281 29.36 17.00 -5.33
C GLY C 281 29.13 15.66 -4.66
N ASP C 282 29.88 14.64 -5.05
CA ASP C 282 29.76 13.31 -4.46
C ASP C 282 31.13 12.65 -4.50
N PRO C 283 31.98 12.96 -3.52
CA PRO C 283 33.37 12.46 -3.56
C PRO C 283 33.48 10.95 -3.56
N ALA C 284 32.53 10.23 -2.94
CA ALA C 284 32.61 8.78 -2.88
C ALA C 284 32.67 8.16 -4.27
N VAL C 285 31.91 8.71 -5.23
CA VAL C 285 31.92 8.18 -6.58
C VAL C 285 33.24 8.49 -7.27
N TRP C 286 33.75 9.71 -7.10
CA TRP C 286 35.04 10.07 -7.67
C TRP C 286 36.14 9.11 -7.22
N TRP C 287 36.19 8.85 -5.91
CA TRP C 287 37.20 7.92 -5.38
C TRP C 287 37.13 6.57 -6.07
N VAL C 288 35.92 6.01 -6.19
CA VAL C 288 35.77 4.73 -6.88
C VAL C 288 36.21 4.85 -8.33
N SER C 289 35.79 5.92 -9.01
CA SER C 289 36.11 6.09 -10.42
C SER C 289 37.61 6.07 -10.67
N GLN C 290 38.40 6.53 -9.70
CA GLN C 290 39.85 6.54 -9.87
C GLN C 290 40.41 5.12 -10.02
N PHE C 291 39.81 4.15 -9.35
CA PHE C 291 40.22 2.76 -9.53
C PHE C 291 39.64 2.15 -10.79
N VAL C 292 38.39 2.49 -11.11
CA VAL C 292 37.83 2.09 -12.40
C VAL C 292 38.67 2.62 -13.54
N LYS C 293 39.06 3.89 -13.47
CA LYS C 293 39.87 4.51 -14.51
C LYS C 293 41.15 3.72 -14.77
N TYR C 294 41.82 3.27 -13.70
CA TYR C 294 43.07 2.55 -13.86
C TYR C 294 42.86 1.17 -14.48
N LEU C 295 41.85 0.43 -13.99
CA LEU C 295 41.65 -0.94 -14.43
C LEU C 295 41.37 -1.01 -15.93
N ILE C 296 40.56 -0.09 -16.45
CA ILE C 296 40.01 -0.23 -17.79
C ILE C 296 40.91 0.42 -18.83
N ARG C 297 42.19 0.60 -18.50
CA ARG C 297 43.16 1.05 -19.49
C ARG C 297 43.14 0.09 -20.66
N PRO C 298 42.73 0.53 -21.85
CA PRO C 298 42.49 -0.43 -22.93
C PRO C 298 43.78 -0.89 -23.60
N GLN C 299 43.75 -2.15 -24.04
CA GLN C 299 44.76 -2.64 -24.94
C GLN C 299 44.67 -1.88 -26.26
N PRO C 300 45.76 -1.84 -27.03
CA PRO C 300 45.73 -1.07 -28.28
C PRO C 300 44.56 -1.46 -29.19
N TRP C 301 44.32 -2.75 -29.38
CA TRP C 301 43.23 -3.19 -30.23
C TRP C 301 41.86 -2.79 -29.67
N LEU C 302 41.72 -2.72 -28.35
CA LEU C 302 40.48 -2.23 -27.78
C LEU C 302 40.34 -0.73 -27.99
N GLU C 303 41.43 0.01 -27.74
CA GLU C 303 41.46 1.44 -28.01
C GLU C 303 41.06 1.74 -29.45
N LYS C 304 41.57 0.96 -30.41
CA LYS C 304 41.21 1.14 -31.81
C LYS C 304 39.74 0.86 -32.04
N GLU C 305 39.22 -0.19 -31.39
CA GLU C 305 37.82 -0.56 -31.60
C GLU C 305 36.89 0.55 -31.14
N ILE C 306 37.20 1.18 -30.01
CA ILE C 306 36.42 2.32 -29.52
C ILE C 306 36.45 3.46 -30.54
N GLU C 307 37.63 3.79 -31.04
CA GLU C 307 37.77 4.89 -32.00
C GLU C 307 36.98 4.61 -33.27
N GLU C 308 36.99 3.36 -33.74
CA GLU C 308 36.27 3.04 -34.97
C GLU C 308 34.76 3.03 -34.72
N ALA C 309 34.32 2.48 -33.59
CA ALA C 309 32.90 2.49 -33.25
C ALA C 309 32.36 3.92 -33.14
N THR C 310 33.11 4.79 -32.46
CA THR C 310 32.75 6.20 -32.38
C THR C 310 32.50 6.78 -33.77
N LYS C 311 33.40 6.48 -34.71
CA LYS C 311 33.26 6.97 -36.07
C LYS C 311 32.16 6.23 -36.82
N LYS C 312 32.03 4.93 -36.58
CA LYS C 312 31.04 4.13 -37.29
C LYS C 312 29.62 4.54 -36.92
N LEU C 313 29.34 4.66 -35.63
CA LEU C 313 27.99 4.96 -35.15
C LEU C 313 27.63 6.43 -35.25
N GLY C 314 28.51 7.26 -35.81
CA GLY C 314 28.26 8.69 -35.83
C GLY C 314 28.03 9.27 -34.44
N PHE C 315 28.75 8.77 -33.44
CA PHE C 315 28.61 9.26 -32.07
C PHE C 315 29.17 10.66 -31.96
N LYS C 316 28.31 11.63 -31.69
CA LYS C 316 28.73 13.01 -31.54
C LYS C 316 27.86 13.68 -30.49
N HIS C 317 28.24 14.89 -30.11
CA HIS C 317 27.55 15.63 -29.06
C HIS C 317 26.74 16.77 -29.65
N PRO C 318 25.63 17.17 -28.99
CA PRO C 318 25.11 16.64 -27.73
C PRO C 318 24.42 15.28 -27.84
N VAL C 319 24.55 14.47 -26.80
CA VAL C 319 23.99 13.13 -26.77
C VAL C 319 23.70 12.76 -25.32
N ILE C 320 22.58 12.07 -25.11
CA ILE C 320 22.16 11.61 -23.79
C ILE C 320 22.14 10.09 -23.81
N GLY C 321 22.78 9.48 -22.82
CA GLY C 321 22.85 8.02 -22.74
C GLY C 321 21.69 7.47 -21.96
N VAL C 322 21.13 6.36 -22.45
CA VAL C 322 19.99 5.69 -21.84
C VAL C 322 20.29 4.21 -21.77
N HIS C 323 20.15 3.63 -20.57
CA HIS C 323 20.39 2.21 -20.35
C HIS C 323 19.12 1.55 -19.86
N VAL C 324 18.59 0.63 -20.65
CA VAL C 324 17.37 -0.08 -20.32
C VAL C 324 17.76 -1.52 -20.00
N ARG C 325 17.80 -1.84 -18.70
CA ARG C 325 18.16 -3.18 -18.24
C ARG C 325 16.89 -3.99 -18.03
N ARG C 326 16.77 -5.11 -18.76
CA ARG C 326 15.59 -5.96 -18.66
C ARG C 326 16.02 -7.41 -18.45
N THR C 327 15.40 -8.34 -19.18
CA THR C 327 15.73 -9.76 -19.14
C THR C 327 15.69 -10.31 -17.71
N ASP C 328 16.81 -10.88 -17.26
CA ASP C 328 16.84 -11.56 -15.96
C ASP C 328 16.75 -10.59 -14.79
N LYS C 329 17.08 -9.31 -15.01
CA LYS C 329 17.00 -8.34 -13.93
C LYS C 329 15.55 -8.10 -13.51
N VAL C 330 14.63 -8.12 -14.46
CA VAL C 330 13.22 -7.86 -14.18
C VAL C 330 12.66 -9.02 -13.37
N GLY C 331 11.93 -8.69 -12.30
CA GLY C 331 11.33 -9.68 -11.45
C GLY C 331 12.24 -10.27 -10.39
N THR C 332 13.54 -10.00 -10.45
CA THR C 332 14.48 -10.45 -9.43
C THR C 332 15.10 -9.27 -8.69
N GLU C 333 15.82 -8.40 -9.38
CA GLU C 333 16.49 -7.26 -8.75
C GLU C 333 15.91 -5.92 -9.14
N ALA C 334 14.96 -5.86 -10.07
CA ALA C 334 14.43 -4.58 -10.52
C ALA C 334 13.07 -4.81 -11.15
N ALA C 335 12.50 -3.75 -11.70
CA ALA C 335 11.18 -3.78 -12.32
C ALA C 335 11.30 -3.50 -13.81
N PHE C 336 10.21 -3.74 -14.53
CA PHE C 336 10.13 -3.41 -15.93
C PHE C 336 9.76 -1.93 -16.06
N HIS C 337 10.56 -1.19 -16.80
CA HIS C 337 10.33 0.24 -16.98
C HIS C 337 10.06 0.53 -18.45
N PRO C 338 8.89 1.07 -18.80
CA PRO C 338 8.61 1.40 -20.19
C PRO C 338 9.58 2.44 -20.71
N ILE C 339 9.71 2.48 -22.04
CA ILE C 339 10.62 3.43 -22.67
C ILE C 339 10.18 4.86 -22.37
N GLU C 340 8.87 5.07 -22.19
CA GLU C 340 8.37 6.40 -21.88
C GLU C 340 8.88 6.90 -20.55
N GLU C 341 9.11 5.99 -19.58
CA GLU C 341 9.67 6.41 -18.30
C GLU C 341 11.08 6.95 -18.46
N TYR C 342 11.82 6.48 -19.46
CA TYR C 342 13.17 6.97 -19.68
C TYR C 342 13.16 8.28 -20.46
N MET C 343 12.30 8.38 -21.47
CA MET C 343 12.34 9.51 -22.39
C MET C 343 11.76 10.79 -21.81
N VAL C 344 10.94 10.71 -20.75
CA VAL C 344 10.45 11.93 -20.13
C VAL C 344 11.60 12.74 -19.54
N HIS C 345 12.64 12.07 -19.06
CA HIS C 345 13.80 12.74 -18.51
C HIS C 345 14.82 13.11 -19.58
N VAL C 346 14.89 12.34 -20.65
CA VAL C 346 15.71 12.73 -21.79
C VAL C 346 15.17 14.03 -22.39
N GLU C 347 13.87 14.06 -22.66
CA GLU C 347 13.27 15.26 -23.24
C GLU C 347 13.43 16.46 -22.31
N GLU C 348 13.17 16.28 -21.01
CA GLU C 348 13.36 17.36 -20.04
C GLU C 348 14.77 17.93 -20.16
N HIS C 349 15.78 17.05 -20.20
CA HIS C 349 17.15 17.53 -20.20
C HIS C 349 17.50 18.20 -21.52
N PHE C 350 17.00 17.67 -22.64
CA PHE C 350 17.18 18.38 -23.91
C PHE C 350 16.48 19.74 -23.89
N GLN C 351 15.35 19.84 -23.18
CA GLN C 351 14.75 21.15 -22.95
C GLN C 351 15.67 22.03 -22.11
N LEU C 352 16.40 21.43 -21.17
CA LEU C 352 17.36 22.18 -20.37
C LEU C 352 18.57 22.59 -21.19
N LEU C 353 19.11 21.66 -21.99
CA LEU C 353 20.29 21.96 -22.80
C LEU C 353 20.00 23.03 -23.85
N ALA C 354 18.80 22.99 -24.43
CA ALA C 354 18.44 24.00 -25.44
C ALA C 354 18.52 25.41 -24.89
N ARG C 355 18.34 25.58 -23.57
CA ARG C 355 18.42 26.90 -22.96
C ARG C 355 19.84 27.46 -22.91
N ARG C 356 20.86 26.62 -23.13
CA ARG C 356 22.24 27.06 -23.00
C ARG C 356 23.07 26.87 -24.26
N MET C 357 22.51 26.28 -25.31
CA MET C 357 23.26 26.01 -26.52
C MET C 357 22.31 25.72 -27.65
N GLN C 358 22.86 25.65 -28.87
CA GLN C 358 22.07 25.25 -30.03
C GLN C 358 22.07 23.72 -30.08
N VAL C 359 20.88 23.13 -30.02
CA VAL C 359 20.73 21.68 -30.10
C VAL C 359 20.33 21.36 -31.53
N ASP C 360 21.34 21.03 -32.35
CA ASP C 360 21.09 20.68 -33.74
C ASP C 360 20.12 19.50 -33.85
N LYS C 361 20.41 18.40 -33.16
CA LYS C 361 19.59 17.20 -33.21
C LYS C 361 19.59 16.55 -31.83
N LYS C 362 18.45 16.01 -31.44
CA LYS C 362 18.31 15.36 -30.13
C LYS C 362 18.78 13.92 -30.26
N ARG C 363 20.00 13.67 -29.83
CA ARG C 363 20.65 12.37 -29.94
C ARG C 363 20.54 11.59 -28.63
N VAL C 364 20.40 10.28 -28.75
CA VAL C 364 20.34 9.38 -27.62
C VAL C 364 21.17 8.15 -27.95
N TYR C 365 22.08 7.77 -27.05
CA TYR C 365 22.76 6.48 -27.16
C TYR C 365 21.99 5.48 -26.32
N LEU C 366 21.45 4.46 -26.98
CA LEU C 366 20.59 3.49 -26.34
C LEU C 366 21.36 2.19 -26.12
N ALA C 367 21.58 1.83 -24.87
CA ALA C 367 22.17 0.56 -24.49
C ALA C 367 21.11 -0.29 -23.80
N THR C 368 20.91 -1.50 -24.30
CA THR C 368 19.90 -2.39 -23.72
C THR C 368 20.23 -3.83 -24.06
N ASP C 369 19.73 -4.74 -23.23
CA ASP C 369 19.77 -6.16 -23.50
C ASP C 369 18.46 -6.66 -24.11
N ASP C 370 17.56 -5.75 -24.46
CA ASP C 370 16.31 -6.03 -25.15
C ASP C 370 16.49 -5.64 -26.62
N PRO C 371 16.84 -6.58 -27.50
CA PRO C 371 17.08 -6.21 -28.91
C PRO C 371 15.84 -5.70 -29.64
N SER C 372 14.64 -5.95 -29.12
CA SER C 372 13.41 -5.49 -29.75
C SER C 372 13.08 -4.03 -29.44
N LEU C 373 13.85 -3.37 -28.59
CA LEU C 373 13.46 -2.04 -28.11
C LEU C 373 13.75 -0.93 -29.11
N LEU C 374 14.85 -1.05 -29.88
CA LEU C 374 15.28 0.05 -30.73
C LEU C 374 14.24 0.42 -31.78
N LYS C 375 13.65 -0.58 -32.44
CA LYS C 375 12.62 -0.29 -33.44
C LYS C 375 11.42 0.43 -32.82
N GLU C 376 11.01 0.00 -31.63
CA GLU C 376 9.90 0.65 -30.94
C GLU C 376 10.22 2.11 -30.65
N ALA C 377 11.42 2.38 -30.15
CA ALA C 377 11.81 3.75 -29.81
C ALA C 377 11.80 4.65 -31.03
N LYS C 378 12.45 4.21 -32.11
CA LYS C 378 12.49 5.00 -33.34
C LYS C 378 11.08 5.35 -33.82
N THR C 379 10.13 4.43 -33.65
CA THR C 379 8.76 4.69 -34.06
C THR C 379 8.09 5.73 -33.17
N LYS C 380 8.27 5.60 -31.86
CA LYS C 380 7.56 6.47 -30.93
C LYS C 380 8.19 7.85 -30.81
N TYR C 381 9.47 7.99 -31.16
CA TYR C 381 10.17 9.28 -31.08
C TYR C 381 10.89 9.51 -32.40
N PRO C 382 10.16 9.86 -33.46
CA PRO C 382 10.78 9.95 -34.78
C PRO C 382 11.67 11.16 -34.97
N ASN C 383 11.56 12.17 -34.11
CA ASN C 383 12.43 13.34 -34.18
C ASN C 383 13.73 13.16 -33.41
N TYR C 384 13.94 12.00 -32.80
CA TYR C 384 15.17 11.68 -32.11
C TYR C 384 16.09 10.86 -33.00
N GLU C 385 17.38 11.05 -32.81
CA GLU C 385 18.40 10.22 -33.46
C GLU C 385 18.92 9.24 -32.43
N PHE C 386 18.58 7.97 -32.60
CA PHE C 386 19.00 6.93 -31.66
C PHE C 386 20.28 6.28 -32.18
N ILE C 387 21.33 6.38 -31.38
CA ILE C 387 22.61 5.75 -31.69
C ILE C 387 22.68 4.47 -30.87
N SER C 388 22.80 3.33 -31.54
CA SER C 388 22.76 2.05 -30.85
C SER C 388 23.23 0.98 -31.82
N ASP C 389 23.80 -0.09 -31.26
CA ASP C 389 24.25 -1.25 -32.02
C ASP C 389 23.36 -2.42 -31.61
N ASN C 390 22.40 -2.75 -32.47
CA ASN C 390 21.42 -3.78 -32.10
C ASN C 390 22.06 -5.15 -31.99
N SER C 391 23.11 -5.43 -32.77
CA SER C 391 23.80 -6.71 -32.64
C SER C 391 24.46 -6.84 -31.27
N ILE C 392 24.87 -5.73 -30.66
CA ILE C 392 25.35 -5.76 -29.29
C ILE C 392 24.22 -6.16 -28.34
N SER C 393 23.04 -5.55 -28.53
CA SER C 393 21.87 -5.94 -27.74
C SER C 393 21.58 -7.43 -27.89
N TRP C 394 21.73 -7.95 -29.11
CA TRP C 394 21.57 -9.39 -29.32
C TRP C 394 22.67 -10.18 -28.61
N SER C 395 23.92 -9.70 -28.67
CA SER C 395 25.01 -10.39 -28.00
C SER C 395 24.80 -10.45 -26.49
N ALA C 396 24.11 -9.45 -25.91
CA ALA C 396 23.82 -9.45 -24.49
C ALA C 396 22.73 -10.44 -24.10
N GLY C 397 22.15 -11.15 -25.08
CA GLY C 397 21.15 -12.14 -24.78
C GLY C 397 21.67 -13.23 -23.86
N LEU C 398 20.74 -13.91 -23.20
CA LEU C 398 21.10 -14.89 -22.20
C LEU C 398 21.88 -16.05 -22.81
N HIS C 399 21.56 -16.42 -24.06
CA HIS C 399 22.25 -17.53 -24.71
C HIS C 399 23.67 -17.18 -25.14
N ASN C 400 24.03 -15.90 -25.18
CA ASN C 400 25.35 -15.48 -25.63
C ASN C 400 26.01 -14.48 -24.68
N ARG C 401 25.51 -14.35 -23.44
CA ARG C 401 25.95 -13.26 -22.59
C ARG C 401 27.40 -13.40 -22.16
N TYR C 402 27.84 -14.61 -21.84
CA TYR C 402 29.17 -14.81 -21.26
C TYR C 402 30.13 -15.31 -22.35
N THR C 403 30.40 -14.41 -23.28
CA THR C 403 31.36 -14.63 -24.35
C THR C 403 32.19 -13.36 -24.55
N GLU C 404 33.28 -13.49 -25.29
CA GLU C 404 34.10 -12.32 -25.58
C GLU C 404 33.33 -11.32 -26.43
N ASN C 405 32.57 -11.81 -27.40
CA ASN C 405 31.78 -10.93 -28.25
C ASN C 405 30.81 -10.10 -27.42
N SER C 406 30.11 -10.75 -26.50
CA SER C 406 29.22 -10.02 -25.59
C SER C 406 30.01 -9.14 -24.64
N LEU C 407 31.17 -9.60 -24.18
CA LEU C 407 32.01 -8.81 -23.30
C LEU C 407 32.41 -7.48 -23.94
N ARG C 408 32.99 -7.54 -25.15
CA ARG C 408 33.34 -6.33 -25.86
C ARG C 408 32.12 -5.47 -26.15
N GLY C 409 30.95 -6.10 -26.33
CA GLY C 409 29.74 -5.34 -26.56
C GLY C 409 29.36 -4.44 -25.39
N VAL C 410 29.30 -5.02 -24.19
CA VAL C 410 28.90 -4.23 -23.02
C VAL C 410 29.97 -3.20 -22.67
N ILE C 411 31.23 -3.50 -22.92
CA ILE C 411 32.30 -2.52 -22.73
C ILE C 411 32.06 -1.30 -23.61
N LEU C 412 31.71 -1.53 -24.88
CA LEU C 412 31.40 -0.43 -25.79
C LEU C 412 30.21 0.39 -25.30
N ASP C 413 29.13 -0.28 -24.93
CA ASP C 413 27.94 0.44 -24.46
C ASP C 413 28.26 1.30 -23.25
N ILE C 414 28.99 0.74 -22.28
CA ILE C 414 29.35 1.51 -21.08
C ILE C 414 30.21 2.70 -21.44
N HIS C 415 31.13 2.53 -22.39
CA HIS C 415 31.97 3.64 -22.84
C HIS C 415 31.12 4.80 -23.33
N PHE C 416 30.21 4.55 -24.28
CA PHE C 416 29.41 5.63 -24.85
C PHE C 416 28.41 6.18 -23.85
N LEU C 417 27.90 5.34 -22.95
CA LEU C 417 27.09 5.84 -21.85
C LEU C 417 27.90 6.78 -20.97
N SER C 418 29.13 6.38 -20.63
CA SER C 418 29.99 7.23 -19.80
C SER C 418 30.35 8.53 -20.51
N GLN C 419 30.44 8.50 -21.83
CA GLN C 419 30.80 9.68 -22.62
C GLN C 419 29.62 10.62 -22.86
N ALA C 420 28.40 10.20 -22.55
CA ALA C 420 27.24 11.03 -22.84
C ALA C 420 27.22 12.27 -21.95
N ASP C 421 26.40 13.23 -22.35
CA ASP C 421 26.24 14.47 -21.59
C ASP C 421 25.28 14.31 -20.42
N PHE C 422 24.58 13.18 -20.34
CA PHE C 422 23.58 12.92 -19.31
C PHE C 422 23.22 11.45 -19.38
N LEU C 423 22.81 10.90 -18.23
CA LEU C 423 22.61 9.46 -18.08
C LEU C 423 21.25 9.20 -17.48
N VAL C 424 20.38 8.53 -18.22
CA VAL C 424 19.06 8.15 -17.76
C VAL C 424 18.99 6.62 -17.74
N CYS C 425 18.66 6.06 -16.58
CA CYS C 425 18.69 4.61 -16.41
C CYS C 425 18.10 4.18 -15.07
N THR C 426 18.47 2.98 -14.63
CA THR C 426 18.13 2.47 -13.31
C THR C 426 19.41 2.09 -12.61
N PHE C 427 19.73 2.76 -11.51
CA PHE C 427 20.96 2.50 -10.80
C PHE C 427 20.97 1.16 -10.08
N SER C 428 19.86 0.41 -10.10
CA SER C 428 19.90 -0.96 -9.63
C SER C 428 20.76 -1.84 -10.53
N SER C 429 21.02 -1.39 -11.75
CA SER C 429 21.86 -2.11 -12.70
C SER C 429 23.31 -1.65 -12.53
N GLN C 430 24.19 -2.59 -12.22
CA GLN C 430 25.61 -2.26 -12.09
C GLN C 430 26.17 -1.70 -13.39
N VAL C 431 25.56 -2.04 -14.52
CA VAL C 431 26.01 -1.53 -15.81
C VAL C 431 25.93 -0.01 -15.84
N CYS C 432 24.82 0.55 -15.34
CA CYS C 432 24.69 2.00 -15.35
C CYS C 432 25.57 2.66 -14.30
N ARG C 433 25.77 2.01 -13.15
CA ARG C 433 26.62 2.59 -12.12
C ARG C 433 28.07 2.70 -12.59
N VAL C 434 28.52 1.75 -13.41
CA VAL C 434 29.89 1.81 -13.92
C VAL C 434 30.04 2.97 -14.90
N ALA C 435 29.09 3.11 -15.83
CA ALA C 435 29.12 4.24 -16.76
C ALA C 435 29.08 5.57 -16.01
N TYR C 436 28.25 5.65 -14.96
CA TYR C 436 28.20 6.86 -14.15
C TYR C 436 29.54 7.14 -13.48
N GLU C 437 30.19 6.11 -12.94
CA GLU C 437 31.49 6.29 -12.31
C GLU C 437 32.53 6.80 -13.31
N ILE C 438 32.64 6.13 -14.46
CA ILE C 438 33.57 6.56 -15.49
C ILE C 438 33.31 8.00 -15.90
N MET C 439 32.02 8.36 -16.02
CA MET C 439 31.64 9.72 -16.37
C MET C 439 32.31 10.76 -15.46
N GLN C 440 32.48 10.42 -14.18
CA GLN C 440 33.09 11.35 -13.23
C GLN C 440 34.51 11.72 -13.61
N THR C 441 35.21 10.88 -14.36
CA THR C 441 36.58 11.14 -14.76
C THR C 441 36.70 11.92 -16.06
N LEU C 442 35.59 12.18 -16.75
CA LEU C 442 35.61 12.88 -18.02
C LEU C 442 35.25 14.36 -17.89
N HIS C 443 34.79 14.78 -16.72
CA HIS C 443 34.37 16.15 -16.46
C HIS C 443 34.82 16.51 -15.05
N PRO C 444 34.96 17.81 -14.77
CA PRO C 444 35.34 18.21 -13.40
C PRO C 444 34.36 17.73 -12.34
N ASP C 445 33.07 18.03 -12.49
CA ASP C 445 32.05 17.61 -11.52
C ASP C 445 30.81 17.16 -12.31
N ALA C 446 30.78 15.87 -12.66
CA ALA C 446 29.64 15.25 -13.31
C ALA C 446 28.75 14.48 -12.33
N SER C 447 28.78 14.84 -11.05
CA SER C 447 28.05 14.08 -10.04
C SER C 447 26.54 14.12 -10.26
N ALA C 448 26.01 15.23 -10.78
CA ALA C 448 24.57 15.39 -10.95
C ALA C 448 24.11 15.13 -12.38
N ASN C 449 24.97 14.60 -13.24
CA ASN C 449 24.64 14.40 -14.65
C ASN C 449 23.91 13.09 -14.89
N PHE C 450 22.88 12.80 -14.09
CA PHE C 450 22.18 11.53 -14.23
C PHE C 450 20.73 11.68 -13.79
N HIS C 451 19.95 10.65 -14.08
CA HIS C 451 18.66 10.44 -13.42
C HIS C 451 18.40 8.94 -13.35
N SER C 452 18.27 8.43 -12.13
CA SER C 452 17.99 7.01 -11.91
C SER C 452 16.50 6.83 -11.68
N LEU C 453 15.91 5.87 -12.38
CA LEU C 453 14.49 5.59 -12.23
C LEU C 453 14.17 4.86 -10.93
N ASP C 454 15.17 4.37 -10.21
CA ASP C 454 14.91 3.66 -8.96
C ASP C 454 15.93 4.02 -7.89
N ASP C 455 17.04 3.30 -7.84
CA ASP C 455 17.97 3.42 -6.73
C ASP C 455 18.80 4.69 -6.83
N ILE C 456 19.18 5.22 -5.67
CA ILE C 456 20.22 6.23 -5.60
C ILE C 456 21.55 5.52 -5.87
N TYR C 457 22.64 6.26 -5.94
CA TYR C 457 23.92 5.62 -6.16
C TYR C 457 24.31 4.80 -4.93
N TYR C 458 24.80 3.60 -5.18
CA TYR C 458 25.32 2.76 -4.11
C TYR C 458 26.40 1.84 -4.67
N PHE C 459 27.20 1.30 -3.77
CA PHE C 459 28.25 0.35 -4.11
C PHE C 459 28.04 -0.90 -3.26
N GLY C 460 27.85 -2.05 -3.93
CA GLY C 460 27.60 -3.28 -3.22
C GLY C 460 28.65 -3.59 -2.17
N GLY C 461 28.22 -3.69 -0.91
CA GLY C 461 29.13 -3.92 0.19
C GLY C 461 29.56 -2.67 0.93
N GLN C 462 29.10 -1.49 0.51
CA GLN C 462 29.46 -0.24 1.17
C GLN C 462 29.07 -0.27 2.64
N ASN C 463 29.76 0.54 3.43
CA ASN C 463 29.32 0.82 4.79
C ASN C 463 28.07 1.69 4.74
N ALA C 464 27.38 1.76 5.89
CA ALA C 464 26.08 2.41 5.96
C ALA C 464 26.12 3.83 5.41
N HIS C 465 25.27 4.09 4.41
CA HIS C 465 25.15 5.41 3.81
C HIS C 465 24.28 6.27 4.72
N ASN C 466 24.89 7.24 5.39
CA ASN C 466 24.22 8.08 6.37
C ASN C 466 24.10 9.52 5.90
N GLN C 467 23.11 10.21 6.45
CA GLN C 467 22.88 11.62 6.22
C GLN C 467 22.64 12.30 7.56
N ILE C 468 22.70 13.63 7.54
CA ILE C 468 22.52 14.44 8.74
C ILE C 468 21.38 15.42 8.50
N ALA C 469 20.37 15.37 9.36
CA ALA C 469 19.24 16.29 9.24
C ALA C 469 19.69 17.70 9.62
N ILE C 470 19.35 18.67 8.76
CA ILE C 470 19.71 20.05 9.01
C ILE C 470 18.50 20.91 9.40
N TYR C 471 17.29 20.50 9.01
CA TYR C 471 16.07 21.19 9.41
C TYR C 471 15.12 20.18 10.04
N ALA C 472 14.36 20.66 11.02
CA ALA C 472 13.43 19.78 11.72
C ALA C 472 12.28 19.40 10.80
N HIS C 473 11.61 18.31 11.15
CA HIS C 473 10.47 17.82 10.38
C HIS C 473 9.48 17.16 11.32
N GLN C 474 8.21 17.54 11.20
CA GLN C 474 7.15 16.94 11.98
C GLN C 474 6.25 16.13 11.06
N PRO C 475 6.06 14.85 11.31
CA PRO C 475 5.33 14.00 10.36
C PRO C 475 3.88 14.41 10.21
N ARG C 476 3.45 14.56 8.96
CA ARG C 476 2.04 14.82 8.70
C ARG C 476 1.23 13.53 8.66
N THR C 477 1.86 12.41 8.33
CA THR C 477 1.21 11.11 8.31
C THR C 477 2.06 10.11 9.07
N ALA C 478 1.48 8.93 9.32
CA ALA C 478 2.22 7.85 9.97
C ALA C 478 3.36 7.33 9.12
N ASP C 479 3.32 7.54 7.81
CA ASP C 479 4.35 7.05 6.91
C ASP C 479 5.63 7.87 6.97
N GLU C 480 5.59 9.06 7.57
CA GLU C 480 6.76 9.93 7.69
C GLU C 480 7.44 9.74 9.03
N ILE C 481 8.68 10.23 9.12
CA ILE C 481 9.43 10.16 10.37
C ILE C 481 9.81 11.57 10.82
N PRO C 482 9.91 11.81 12.13
CA PRO C 482 10.37 13.12 12.60
C PRO C 482 11.89 13.21 12.64
N MET C 483 12.38 14.44 12.54
CA MET C 483 13.82 14.70 12.55
C MET C 483 14.11 15.98 13.31
N GLU C 484 15.18 15.96 14.10
CA GLU C 484 15.77 17.16 14.65
C GLU C 484 17.14 17.39 14.03
N PRO C 485 17.57 18.65 13.88
CA PRO C 485 18.87 18.92 13.26
C PRO C 485 19.98 18.18 14.00
N GLY C 486 20.83 17.50 13.23
CA GLY C 486 21.90 16.70 13.77
C GLY C 486 21.58 15.22 13.88
N ASP C 487 20.31 14.83 13.80
CA ASP C 487 19.96 13.42 13.82
C ASP C 487 20.64 12.69 12.68
N ILE C 488 21.08 11.46 12.95
CA ILE C 488 21.73 10.65 11.94
C ILE C 488 20.67 9.80 11.25
N ILE C 489 20.57 9.95 9.94
CA ILE C 489 19.56 9.28 9.13
C ILE C 489 20.27 8.36 8.14
N GLY C 490 19.95 7.08 8.20
CA GLY C 490 20.50 6.13 7.24
C GLY C 490 19.63 6.04 6.00
N VAL C 491 20.08 6.59 4.89
CA VAL C 491 19.24 6.73 3.71
C VAL C 491 19.14 5.39 2.99
N ALA C 492 17.91 5.05 2.59
CA ALA C 492 17.67 3.85 1.81
C ALA C 492 17.42 4.15 0.34
N GLY C 493 16.86 5.31 0.03
CA GLY C 493 16.66 5.70 -1.35
C GLY C 493 15.89 6.99 -1.42
N ASN C 494 15.89 7.57 -2.61
CA ASN C 494 15.14 8.78 -2.92
C ASN C 494 13.97 8.40 -3.83
N HIS C 495 12.77 8.86 -3.46
CA HIS C 495 11.58 8.53 -4.23
C HIS C 495 11.35 9.48 -5.40
N TRP C 496 12.26 10.46 -5.60
CA TRP C 496 12.20 11.37 -6.72
C TRP C 496 10.88 12.13 -6.77
N ASP C 497 10.27 12.33 -5.61
CA ASP C 497 9.02 13.07 -5.47
C ASP C 497 9.12 14.13 -4.38
N GLY C 498 10.34 14.50 -3.98
CA GLY C 498 10.55 15.37 -2.85
C GLY C 498 10.77 14.66 -1.54
N TYR C 499 10.55 13.35 -1.51
CA TYR C 499 10.72 12.55 -0.30
C TYR C 499 11.75 11.46 -0.54
N SER C 500 12.48 11.12 0.52
CA SER C 500 13.38 9.99 0.56
C SER C 500 12.88 9.00 1.61
N LYS C 501 13.55 7.86 1.70
CA LYS C 501 13.19 6.84 2.67
C LYS C 501 14.45 6.42 3.43
N GLY C 502 14.34 6.32 4.75
CA GLY C 502 15.48 5.97 5.57
C GLY C 502 15.05 5.79 7.01
N VAL C 503 16.03 5.52 7.85
CA VAL C 503 15.82 5.26 9.27
C VAL C 503 16.48 6.34 10.08
N ASN C 504 15.77 6.85 11.09
CA ASN C 504 16.35 7.75 12.08
C ASN C 504 17.05 6.89 13.13
N ARG C 505 18.38 6.80 13.04
CA ARG C 505 19.12 5.90 13.90
C ARG C 505 18.90 6.20 15.37
N LYS C 506 18.65 7.47 15.71
CA LYS C 506 18.38 7.83 17.11
C LYS C 506 17.12 7.16 17.62
N LEU C 507 16.14 6.92 16.75
CA LEU C 507 14.84 6.40 17.17
C LEU C 507 14.59 4.97 16.71
N GLY C 508 15.33 4.47 15.73
CA GLY C 508 14.99 3.18 15.17
C GLY C 508 13.70 3.17 14.39
N ARG C 509 13.25 4.34 13.92
CA ARG C 509 12.05 4.45 13.12
C ARG C 509 12.40 4.67 11.65
N THR C 510 11.64 4.03 10.77
CA THR C 510 11.87 4.08 9.34
C THR C 510 10.65 4.69 8.65
N GLY C 511 10.90 5.46 7.61
CA GLY C 511 9.82 6.09 6.88
C GLY C 511 10.34 7.21 6.00
N LEU C 512 9.39 8.03 5.54
CA LEU C 512 9.67 9.07 4.55
C LEU C 512 10.01 10.38 5.24
N TYR C 513 10.76 11.22 4.52
CA TYR C 513 11.12 12.54 5.00
C TYR C 513 11.46 13.41 3.79
N PRO C 514 11.29 14.73 3.89
CA PRO C 514 11.61 15.60 2.76
C PRO C 514 13.09 15.55 2.44
N SER C 515 13.40 15.35 1.15
CA SER C 515 14.78 15.16 0.73
C SER C 515 15.64 16.40 0.93
N TYR C 516 15.03 17.57 1.10
CA TYR C 516 15.79 18.81 1.22
C TYR C 516 16.18 19.13 2.66
N LYS C 517 15.64 18.41 3.64
CA LYS C 517 15.93 18.66 5.04
C LYS C 517 17.14 17.86 5.54
N VAL C 518 17.89 17.23 4.65
CA VAL C 518 19.01 16.40 5.05
C VAL C 518 20.27 16.89 4.35
N ARG C 519 21.40 16.43 4.87
CA ARG C 519 22.72 16.73 4.35
C ARG C 519 23.55 15.47 4.37
N GLU C 520 24.41 15.32 3.37
CA GLU C 520 25.23 14.12 3.26
C GLU C 520 26.37 14.14 4.27
N LYS C 521 26.49 13.06 5.04
CA LYS C 521 27.59 12.90 5.99
C LYS C 521 28.75 12.24 5.25
N ILE C 522 29.75 13.05 4.91
CA ILE C 522 30.93 12.56 4.20
C ILE C 522 31.83 11.83 5.17
N GLU C 523 32.24 10.61 4.81
CA GLU C 523 33.07 9.77 5.66
C GLU C 523 34.50 9.77 5.14
N THR C 524 35.45 9.89 6.07
CA THR C 524 36.87 9.92 5.74
C THR C 524 37.60 8.74 6.38
N VAL C 525 38.65 8.29 5.70
CA VAL C 525 39.50 7.20 6.17
C VAL C 525 40.96 7.58 5.96
N LYS C 526 41.81 7.25 6.91
CA LYS C 526 43.25 7.52 6.78
C LYS C 526 43.85 6.48 5.84
N TYR C 527 43.86 6.81 4.55
CA TYR C 527 44.58 6.00 3.58
C TYR C 527 46.06 6.33 3.59
N PRO C 528 46.90 5.45 3.05
CA PRO C 528 48.27 5.84 2.75
C PRO C 528 48.29 6.92 1.67
N THR C 529 49.36 7.71 1.68
CA THR C 529 49.51 8.82 0.74
C THR C 529 50.59 8.60 -0.29
N TYR C 530 51.42 7.57 -0.12
CA TYR C 530 52.50 7.21 -1.04
C TYR C 530 53.30 8.46 -1.45
N PRO C 531 53.95 9.12 -0.51
CA PRO C 531 54.73 10.33 -0.87
C PRO C 531 55.93 10.02 -1.74
N GLU C 532 56.40 8.77 -1.75
CA GLU C 532 57.53 8.39 -2.58
C GLU C 532 57.21 8.40 -4.06
N ALA C 533 55.94 8.62 -4.43
CA ALA C 533 55.51 8.61 -5.82
C ALA C 533 55.66 9.95 -6.50
N GLU C 534 56.37 10.89 -5.88
CA GLU C 534 56.48 12.23 -6.42
C GLU C 534 57.90 12.54 -6.87
N LEU D 68 38.69 28.93 -5.49
CA LEU D 68 37.28 28.88 -5.14
C LEU D 68 37.08 28.42 -3.69
N GLY D 69 36.00 28.89 -3.08
CA GLY D 69 35.75 28.65 -1.67
C GLY D 69 34.90 27.41 -1.43
N LYS D 70 35.29 26.65 -0.40
CA LYS D 70 34.57 25.43 -0.05
C LYS D 70 33.11 25.71 0.25
N ASP D 71 32.82 26.66 1.15
CA ASP D 71 31.43 26.95 1.49
C ASP D 71 30.67 27.52 0.31
N HIS D 72 31.34 28.28 -0.57
CA HIS D 72 30.68 28.78 -1.76
C HIS D 72 30.19 27.65 -2.65
N GLU D 73 31.06 26.66 -2.88
CA GLU D 73 30.67 25.53 -3.72
C GLU D 73 29.64 24.66 -3.00
N ILE D 74 29.84 24.40 -1.71
CA ILE D 74 28.86 23.66 -0.92
C ILE D 74 27.49 24.32 -1.01
N LEU D 75 27.44 25.65 -0.79
CA LEU D 75 26.16 26.34 -0.81
C LEU D 75 25.56 26.38 -2.21
N ARG D 76 26.37 26.67 -3.22
CA ARG D 76 25.86 26.68 -4.60
C ARG D 76 25.24 25.32 -4.95
N ARG D 77 25.86 24.23 -4.52
CA ARG D 77 25.31 22.91 -4.82
C ARG D 77 24.05 22.64 -4.00
N ARG D 78 24.02 23.13 -2.76
CA ARG D 78 22.84 22.94 -1.92
C ARG D 78 21.66 23.73 -2.47
N ILE D 79 21.91 24.94 -2.98
CA ILE D 79 20.86 25.69 -3.67
C ILE D 79 20.38 24.93 -4.90
N GLU D 80 21.35 24.45 -5.69
CA GLU D 80 21.05 23.65 -6.88
C GLU D 80 20.17 22.45 -6.53
N ASN D 81 20.63 21.63 -5.58
CA ASN D 81 19.88 20.43 -5.21
C ASN D 81 18.54 20.78 -4.59
N GLY D 82 18.51 21.82 -3.76
CA GLY D 82 17.24 22.26 -3.18
C GLY D 82 16.22 22.64 -4.23
N ALA D 83 16.69 23.26 -5.33
CA ALA D 83 15.80 23.56 -6.45
C ALA D 83 15.30 22.29 -7.12
N LYS D 84 16.21 21.33 -7.37
CA LYS D 84 15.80 20.05 -7.95
C LYS D 84 14.76 19.36 -7.09
N GLU D 85 15.04 19.21 -5.79
CA GLU D 85 14.10 18.55 -4.89
C GLU D 85 12.78 19.30 -4.85
N LEU D 86 12.83 20.63 -4.94
CA LEU D 86 11.61 21.41 -5.06
C LEU D 86 10.84 21.02 -6.31
N TRP D 87 11.54 20.84 -7.44
CA TRP D 87 10.87 20.45 -8.67
C TRP D 87 10.24 19.06 -8.56
N PHE D 88 10.96 18.11 -7.96
CA PHE D 88 10.38 16.80 -7.68
C PHE D 88 9.11 16.93 -6.86
N PHE D 89 9.18 17.73 -5.79
CA PHE D 89 8.03 17.91 -4.89
C PHE D 89 6.83 18.48 -5.64
N LEU D 90 7.05 19.52 -6.45
CA LEU D 90 5.97 20.19 -7.17
C LEU D 90 5.23 19.20 -8.09
N GLN D 91 5.97 18.55 -8.99
CA GLN D 91 5.34 17.63 -9.94
C GLN D 91 4.51 16.57 -9.22
N SER D 92 5.05 15.99 -8.16
CA SER D 92 4.38 14.89 -7.46
C SER D 92 3.05 15.34 -6.87
N GLU D 93 3.06 16.43 -6.08
CA GLU D 93 1.86 16.84 -5.37
C GLU D 93 0.79 17.37 -6.31
N LEU D 94 1.17 17.97 -7.43
CA LEU D 94 0.17 18.44 -8.38
C LEU D 94 -0.59 17.26 -8.99
N LYS D 95 0.13 16.20 -9.39
CA LYS D 95 -0.56 15.00 -9.88
C LYS D 95 -1.51 14.45 -8.82
N LYS D 96 -1.12 14.52 -7.55
CA LYS D 96 -2.03 14.09 -6.49
C LYS D 96 -3.23 15.03 -6.40
N LEU D 97 -3.00 16.32 -6.57
CA LEU D 97 -4.08 17.29 -6.41
C LEU D 97 -5.13 17.14 -7.51
N LYS D 98 -4.71 16.77 -8.73
CA LYS D 98 -5.64 16.61 -9.83
C LYS D 98 -6.69 15.53 -9.57
N ASN D 99 -6.47 14.67 -8.57
CA ASN D 99 -7.38 13.58 -8.25
C ASN D 99 -8.13 13.82 -6.94
N LEU D 100 -8.18 15.07 -6.48
CA LEU D 100 -8.77 15.41 -5.19
C LEU D 100 -9.98 16.31 -5.39
N GLU D 101 -10.84 16.34 -4.36
CA GLU D 101 -12.09 17.09 -4.42
C GLU D 101 -12.42 17.61 -3.03
N GLY D 102 -13.27 18.63 -3.00
CA GLY D 102 -13.83 19.11 -1.74
C GLY D 102 -12.79 19.52 -0.73
N ASN D 103 -13.09 19.25 0.54
CA ASN D 103 -12.15 19.57 1.61
C ASN D 103 -10.85 18.81 1.44
N GLU D 104 -10.92 17.55 1.01
CA GLU D 104 -9.72 16.76 0.73
C GLU D 104 -8.77 17.52 -0.20
N LEU D 105 -9.31 18.08 -1.28
CA LEU D 105 -8.49 18.91 -2.16
C LEU D 105 -7.95 20.12 -1.43
N GLN D 106 -8.82 20.80 -0.65
CA GLN D 106 -8.43 22.07 -0.03
C GLN D 106 -7.52 21.89 1.17
N ARG D 107 -7.70 20.83 1.96
CA ARG D 107 -6.77 20.58 3.06
C ARG D 107 -5.38 20.26 2.54
N HIS D 108 -5.30 19.40 1.52
CA HIS D 108 -3.99 19.05 0.97
C HIS D 108 -3.33 20.24 0.31
N ALA D 109 -4.12 21.10 -0.34
CA ALA D 109 -3.52 22.29 -0.97
C ALA D 109 -2.95 23.24 0.07
N ASP D 110 -3.65 23.41 1.20
CA ASP D 110 -3.15 24.29 2.25
C ASP D 110 -1.88 23.72 2.88
N GLU D 111 -1.92 22.44 3.26
CA GLU D 111 -0.73 21.76 3.77
C GLU D 111 0.42 21.85 2.77
N PHE D 112 0.10 21.74 1.47
CA PHE D 112 1.10 21.90 0.42
C PHE D 112 1.81 23.25 0.54
N LEU D 113 1.03 24.33 0.69
CA LEU D 113 1.61 25.67 0.76
C LEU D 113 2.55 25.84 1.95
N LEU D 114 2.18 25.29 3.11
CA LEU D 114 3.05 25.39 4.29
C LEU D 114 4.42 24.78 3.99
N ASP D 115 4.44 23.56 3.44
CA ASP D 115 5.69 22.91 3.13
C ASP D 115 6.51 23.70 2.11
N LEU D 116 5.84 24.34 1.16
CA LEU D 116 6.55 25.09 0.12
C LEU D 116 7.28 26.29 0.71
N GLY D 117 6.58 27.10 1.51
CA GLY D 117 7.21 28.27 2.09
C GLY D 117 8.50 27.95 2.82
N HIS D 118 8.48 26.90 3.64
CA HIS D 118 9.69 26.50 4.35
C HIS D 118 10.78 26.09 3.38
N HIS D 119 10.44 25.23 2.42
CA HIS D 119 11.40 24.83 1.39
C HIS D 119 11.97 26.06 0.68
N GLU D 120 11.09 26.92 0.15
CA GLU D 120 11.54 28.13 -0.54
C GLU D 120 12.44 28.98 0.34
N ARG D 121 12.06 29.17 1.62
CA ARG D 121 12.87 29.99 2.51
C ARG D 121 14.23 29.36 2.77
N SER D 122 14.32 28.02 2.78
CA SER D 122 15.61 27.37 2.91
C SER D 122 16.53 27.70 1.73
N ILE D 123 15.95 27.87 0.55
CA ILE D 123 16.74 28.24 -0.62
C ILE D 123 17.18 29.69 -0.53
N MET D 124 16.25 30.58 -0.20
CA MET D 124 16.59 31.99 -0.03
C MET D 124 17.65 32.18 1.06
N THR D 125 17.62 31.32 2.07
CA THR D 125 18.62 31.40 3.14
C THR D 125 19.99 30.98 2.64
N ASP D 126 20.05 29.87 1.91
CA ASP D 126 21.32 29.45 1.31
C ASP D 126 21.81 30.48 0.29
N LEU D 127 20.88 31.11 -0.43
CA LEU D 127 21.26 32.18 -1.34
C LEU D 127 21.83 33.38 -0.59
N TYR D 128 21.25 33.71 0.57
CA TYR D 128 21.81 34.78 1.39
C TYR D 128 23.22 34.42 1.85
N TYR D 129 23.38 33.23 2.43
CA TYR D 129 24.70 32.77 2.86
C TYR D 129 25.71 32.83 1.70
N LEU D 130 25.27 32.44 0.50
CA LEU D 130 26.15 32.48 -0.66
C LEU D 130 26.62 33.89 -0.96
N SER D 131 25.75 34.89 -0.80
CA SER D 131 26.13 36.27 -1.05
C SER D 131 27.15 36.79 -0.04
N GLN D 132 27.34 36.09 1.08
CA GLN D 132 28.24 36.53 2.13
C GLN D 132 29.49 35.68 2.27
N THR D 133 29.50 34.48 1.70
CA THR D 133 30.59 33.54 1.95
C THR D 133 31.88 34.01 1.30
N ASP D 134 33.00 33.58 1.91
CA ASP D 134 34.34 33.80 1.36
C ASP D 134 34.64 35.28 1.13
N GLY D 135 34.35 36.09 2.16
CA GLY D 135 34.68 37.50 2.11
C GLY D 135 33.90 38.33 1.14
N ALA D 136 32.84 37.78 0.53
CA ALA D 136 32.02 38.57 -0.38
C ALA D 136 31.34 39.72 0.34
N GLY D 137 30.87 39.49 1.56
CA GLY D 137 30.25 40.56 2.32
C GLY D 137 31.21 41.69 2.63
N ASP D 138 32.41 41.35 3.11
CA ASP D 138 33.40 42.38 3.43
C ASP D 138 33.78 43.19 2.20
N TRP D 139 34.00 42.52 1.07
CA TRP D 139 34.35 43.25 -0.14
C TRP D 139 33.18 44.13 -0.60
N ARG D 140 31.97 43.58 -0.63
CA ARG D 140 30.81 44.34 -1.07
C ARG D 140 30.61 45.59 -0.22
N GLU D 141 30.80 45.46 1.10
CA GLU D 141 30.68 46.63 1.97
C GLU D 141 31.77 47.64 1.69
N LYS D 142 32.99 47.17 1.43
CA LYS D 142 34.10 48.07 1.13
C LYS D 142 33.85 48.84 -0.15
N GLU D 143 33.36 48.15 -1.19
CA GLU D 143 33.13 48.82 -2.47
C GLU D 143 32.01 49.83 -2.38
N ALA D 144 30.89 49.47 -1.77
CA ALA D 144 29.79 50.41 -1.60
C ALA D 144 30.23 51.67 -0.87
N LYS D 145 31.08 51.53 0.14
CA LYS D 145 31.58 52.69 0.87
C LYS D 145 32.38 53.61 -0.05
N ASP D 146 33.25 53.04 -0.88
CA ASP D 146 34.05 53.87 -1.78
C ASP D 146 33.20 54.61 -2.80
N LEU D 147 32.10 54.00 -3.25
CA LEU D 147 31.23 54.67 -4.20
C LEU D 147 30.46 55.82 -3.56
N THR D 148 29.91 55.59 -2.35
CA THR D 148 29.25 56.67 -1.63
C THR D 148 30.22 57.83 -1.37
N GLU D 149 31.38 57.53 -0.80
CA GLU D 149 32.40 58.55 -0.57
C GLU D 149 32.75 59.29 -1.86
N LEU D 150 32.88 58.57 -2.97
CA LEU D 150 33.23 59.21 -4.23
C LEU D 150 32.18 60.21 -4.67
N VAL D 151 30.91 59.77 -4.73
CA VAL D 151 29.84 60.64 -5.21
C VAL D 151 29.63 61.81 -4.26
N GLN D 152 29.53 61.53 -2.96
CA GLN D 152 29.39 62.60 -1.98
C GLN D 152 30.58 63.56 -2.03
N ARG D 153 31.77 63.07 -2.37
CA ARG D 153 32.89 63.96 -2.56
C ARG D 153 32.67 64.86 -3.78
N ARG D 154 32.12 64.31 -4.85
CA ARG D 154 31.86 65.09 -6.05
C ARG D 154 30.72 66.08 -5.82
N ILE D 155 29.64 65.64 -5.17
CA ILE D 155 28.52 66.53 -4.90
C ILE D 155 28.97 67.71 -4.04
N THR D 156 29.74 67.43 -2.99
CA THR D 156 30.23 68.51 -2.13
C THR D 156 31.12 69.47 -2.91
N TYR D 157 31.98 68.94 -3.78
CA TYR D 157 32.82 69.81 -4.61
C TYR D 157 31.98 70.73 -5.48
N LEU D 158 30.96 70.18 -6.13
CA LEU D 158 30.09 70.98 -7.01
C LEU D 158 29.37 72.06 -6.21
N GLN D 159 28.97 71.76 -4.98
CA GLN D 159 28.11 72.66 -4.24
C GLN D 159 28.86 73.78 -3.52
N ASN D 160 30.19 73.76 -3.51
CA ASN D 160 30.98 74.74 -2.78
C ASN D 160 32.06 75.31 -3.69
N PRO D 161 31.68 76.17 -4.63
CA PRO D 161 32.68 76.83 -5.47
C PRO D 161 33.42 77.91 -4.68
N LYS D 162 34.63 78.21 -5.13
CA LYS D 162 35.41 79.27 -4.52
C LYS D 162 34.73 80.62 -4.72
N ASP D 163 34.47 80.97 -5.98
CA ASP D 163 33.89 82.25 -6.36
C ASP D 163 32.41 82.01 -6.69
N CYS D 164 31.54 82.25 -5.70
CA CYS D 164 30.10 82.08 -5.92
C CYS D 164 29.57 83.04 -6.97
N SER D 165 30.13 84.25 -7.05
CA SER D 165 29.62 85.24 -7.98
C SER D 165 29.87 84.87 -9.44
N LYS D 166 30.82 83.97 -9.71
CA LYS D 166 31.12 83.54 -11.06
C LYS D 166 30.76 82.09 -11.33
N ALA D 167 30.24 81.38 -10.33
CA ALA D 167 29.88 79.99 -10.53
C ALA D 167 28.60 79.87 -11.34
N LYS D 168 28.50 78.79 -12.12
CA LYS D 168 27.28 78.47 -12.83
C LYS D 168 26.28 77.88 -11.85
N LYS D 169 25.03 78.35 -11.92
CA LYS D 169 24.03 78.00 -10.94
C LYS D 169 22.77 77.49 -11.62
N LEU D 170 22.02 76.67 -10.88
CA LEU D 170 20.71 76.19 -11.30
C LEU D 170 19.75 76.41 -10.14
N VAL D 171 18.69 77.15 -10.39
CA VAL D 171 17.75 77.56 -9.35
C VAL D 171 16.60 76.58 -9.32
N CYS D 172 16.26 76.10 -8.12
CA CYS D 172 15.16 75.18 -7.92
C CYS D 172 14.24 75.77 -6.86
N ASN D 173 12.94 75.81 -7.15
CA ASN D 173 11.95 76.30 -6.20
C ASN D 173 11.27 75.11 -5.55
N ILE D 174 11.28 75.09 -4.21
CA ILE D 174 10.76 73.95 -3.48
C ILE D 174 9.24 73.89 -3.47
N ASN D 175 8.57 75.00 -3.77
CA ASN D 175 7.13 75.11 -3.53
C ASN D 175 6.32 74.41 -4.61
N LYS D 176 6.67 73.17 -4.91
CA LYS D 176 5.83 72.33 -5.77
C LYS D 176 4.53 71.98 -5.04
N GLY D 177 3.44 71.92 -5.80
CA GLY D 177 2.13 71.69 -5.21
C GLY D 177 1.84 70.23 -4.90
N CYS D 178 2.50 69.69 -3.88
CA CYS D 178 2.31 68.30 -3.48
C CYS D 178 2.90 68.10 -2.09
N GLY D 179 2.84 66.86 -1.61
CA GLY D 179 3.31 66.53 -0.29
C GLY D 179 4.83 66.56 -0.16
N TYR D 180 5.29 66.19 1.04
CA TYR D 180 6.71 66.26 1.36
C TYR D 180 7.54 65.40 0.41
N GLY D 181 7.32 64.08 0.44
CA GLY D 181 8.10 63.18 -0.40
C GLY D 181 8.09 63.55 -1.86
N CYS D 182 6.96 64.08 -2.35
CA CYS D 182 6.91 64.55 -3.72
C CYS D 182 7.75 65.81 -3.90
N GLN D 183 7.64 66.75 -2.97
CA GLN D 183 8.48 67.94 -3.01
C GLN D 183 9.95 67.59 -2.88
N LEU D 184 10.29 66.65 -2.00
CA LEU D 184 11.68 66.23 -1.84
C LEU D 184 12.22 65.64 -3.14
N HIS D 185 11.41 64.86 -3.84
CA HIS D 185 11.83 64.31 -5.13
C HIS D 185 12.02 65.41 -6.17
N HIS D 186 11.25 66.49 -6.06
CA HIS D 186 11.47 67.64 -6.93
C HIS D 186 12.89 68.18 -6.79
N VAL D 187 13.36 68.34 -5.55
CA VAL D 187 14.72 68.84 -5.31
C VAL D 187 15.75 67.85 -5.83
N VAL D 188 15.53 66.55 -5.60
CA VAL D 188 16.43 65.53 -6.12
C VAL D 188 16.51 65.60 -7.63
N TYR D 189 15.36 65.75 -8.29
CA TYR D 189 15.34 65.92 -9.75
C TYR D 189 16.11 67.18 -10.16
N CYS D 190 15.94 68.27 -9.41
CA CYS D 190 16.74 69.46 -9.63
C CYS D 190 18.23 69.17 -9.45
N PHE D 191 18.57 68.44 -8.39
CA PHE D 191 19.97 68.21 -8.05
C PHE D 191 20.67 67.38 -9.12
N MET D 192 20.00 66.34 -9.63
CA MET D 192 20.62 65.45 -10.60
C MET D 192 20.94 66.18 -11.90
N ILE D 193 20.10 67.15 -12.29
CA ILE D 193 20.37 67.93 -13.49
C ILE D 193 21.49 68.94 -13.24
N ALA D 194 21.47 69.58 -12.06
CA ALA D 194 22.59 70.45 -11.69
C ALA D 194 23.90 69.70 -11.70
N TYR D 195 23.89 68.43 -11.25
CA TYR D 195 25.09 67.61 -11.29
C TYR D 195 25.54 67.37 -12.73
N GLY D 196 24.62 66.98 -13.60
CA GLY D 196 24.99 66.68 -14.97
C GLY D 196 25.44 67.88 -15.78
N THR D 197 24.98 69.07 -15.41
CA THR D 197 25.30 70.30 -16.12
C THR D 197 26.46 71.08 -15.50
N GLN D 198 27.09 70.55 -14.45
CA GLN D 198 28.18 71.22 -13.76
C GLN D 198 27.73 72.58 -13.20
N ARG D 199 26.50 72.63 -12.71
CA ARG D 199 25.93 73.84 -12.12
C ARG D 199 25.70 73.62 -10.63
N THR D 200 26.04 74.61 -9.83
CA THR D 200 25.76 74.57 -8.40
C THR D 200 24.25 74.72 -8.17
N LEU D 201 23.69 73.88 -7.31
CA LEU D 201 22.26 73.94 -7.03
C LEU D 201 21.97 75.04 -6.04
N ILE D 202 21.06 75.95 -6.42
CA ILE D 202 20.55 76.99 -5.54
C ILE D 202 19.09 76.67 -5.28
N LEU D 203 18.73 76.47 -4.01
CA LEU D 203 17.40 76.03 -3.63
C LEU D 203 16.63 77.20 -3.04
N GLU D 204 15.52 77.55 -3.66
CA GLU D 204 14.62 78.58 -3.16
C GLU D 204 13.49 77.90 -2.41
N SER D 205 13.43 78.14 -1.09
CA SER D 205 12.50 77.44 -0.23
C SER D 205 11.69 78.36 0.67
N GLN D 206 11.72 79.66 0.44
CA GLN D 206 10.89 80.57 1.22
C GLN D 206 9.41 80.29 0.96
N ASN D 207 8.59 80.51 1.99
CA ASN D 207 7.15 80.25 1.97
C ASN D 207 6.84 78.77 1.75
N TRP D 208 7.83 77.91 2.00
CA TRP D 208 7.62 76.47 2.00
C TRP D 208 6.43 76.08 2.86
N ARG D 209 5.56 75.23 2.32
CA ARG D 209 4.29 74.94 2.98
C ARG D 209 4.49 74.22 4.30
N TYR D 210 5.54 73.42 4.42
CA TYR D 210 5.84 72.74 5.68
C TYR D 210 6.62 73.61 6.65
N ALA D 211 7.23 74.70 6.17
CA ALA D 211 8.09 75.54 6.99
C ALA D 211 8.40 76.85 6.28
N THR D 212 7.65 77.92 6.58
CA THR D 212 7.86 79.18 5.90
C THR D 212 9.27 79.72 6.11
N GLY D 213 9.96 79.29 7.17
CA GLY D 213 11.35 79.64 7.36
C GLY D 213 12.26 79.10 6.27
N GLY D 214 11.86 78.02 5.61
CA GLY D 214 12.54 77.53 4.44
C GLY D 214 13.20 76.18 4.68
N TRP D 215 14.08 75.83 3.73
CA TRP D 215 14.74 74.53 3.75
C TRP D 215 15.58 74.35 5.01
N GLU D 216 16.35 75.37 5.37
CA GLU D 216 17.26 75.28 6.50
C GLU D 216 16.55 75.26 7.84
N THR D 217 15.22 75.21 7.85
CA THR D 217 14.48 74.97 9.08
C THR D 217 14.80 73.59 9.66
N VAL D 218 15.14 72.63 8.81
CA VAL D 218 15.31 71.25 9.23
C VAL D 218 16.66 70.70 8.80
N PHE D 219 17.12 71.08 7.61
CA PHE D 219 18.31 70.48 7.02
C PHE D 219 19.42 71.50 6.84
N ARG D 220 20.63 70.98 6.69
CA ARG D 220 21.79 71.80 6.38
C ARG D 220 21.56 72.50 5.04
N PRO D 221 22.12 73.69 4.85
CA PRO D 221 22.07 74.30 3.52
C PRO D 221 22.84 73.44 2.53
N VAL D 222 22.37 73.45 1.28
CA VAL D 222 22.94 72.57 0.26
C VAL D 222 24.31 73.07 -0.15
N SER D 223 24.73 74.20 0.44
CA SER D 223 26.02 74.78 0.11
C SER D 223 26.52 75.60 1.29
N GLU D 224 27.83 75.58 1.50
CA GLU D 224 28.46 76.42 2.51
C GLU D 224 29.02 77.71 1.93
N THR D 225 29.25 77.76 0.62
CA THR D 225 29.84 78.93 -0.02
C THR D 225 28.93 79.64 -1.01
N CYS D 226 27.96 78.94 -1.62
CA CYS D 226 27.16 79.54 -2.70
C CYS D 226 25.70 79.15 -2.47
N THR D 227 24.96 80.02 -1.77
CA THR D 227 23.53 79.85 -1.58
C THR D 227 22.73 80.98 -2.22
N ASP D 228 23.41 81.96 -2.80
CA ASP D 228 22.78 83.08 -3.47
C ASP D 228 22.65 82.83 -4.96
N ARG D 229 21.57 83.35 -5.55
CA ARG D 229 21.24 83.10 -6.95
C ARG D 229 21.68 84.22 -7.88
N SER D 230 22.45 85.19 -7.40
CA SER D 230 22.84 86.30 -8.26
C SER D 230 23.82 85.83 -9.33
N GLY D 231 23.79 86.51 -10.47
CA GLY D 231 24.65 86.17 -11.58
C GLY D 231 24.55 87.23 -12.66
N ILE D 232 25.53 87.20 -13.56
CA ILE D 232 25.55 88.19 -14.64
C ILE D 232 24.48 87.89 -15.69
N SER D 233 24.04 86.64 -15.81
CA SER D 233 23.03 86.28 -16.79
C SER D 233 22.06 85.30 -16.18
N THR D 234 20.76 85.50 -16.47
CA THR D 234 19.70 84.68 -15.91
C THR D 234 18.69 84.37 -17.00
N GLY D 235 18.03 83.22 -16.89
CA GLY D 235 17.02 82.83 -17.84
C GLY D 235 16.36 81.54 -17.43
N HIS D 236 15.21 81.28 -18.04
CA HIS D 236 14.51 80.03 -17.82
C HIS D 236 15.12 78.91 -18.66
N TRP D 237 14.84 77.67 -18.27
CA TRP D 237 15.40 76.52 -18.95
C TRP D 237 14.99 76.51 -20.42
N SER D 238 15.94 76.15 -21.29
CA SER D 238 15.65 76.05 -22.71
C SER D 238 16.54 75.01 -23.40
N GLY D 239 17.32 74.24 -22.65
CA GLY D 239 18.24 73.29 -23.26
C GLY D 239 19.66 73.50 -22.80
N GLU D 240 20.37 72.40 -22.55
CA GLU D 240 21.76 72.48 -22.10
C GLU D 240 22.63 73.21 -23.11
N VAL D 241 22.35 73.01 -24.40
CA VAL D 241 23.14 73.66 -25.45
C VAL D 241 22.90 75.16 -25.45
N LYS D 242 21.63 75.57 -25.46
CA LYS D 242 21.31 76.99 -25.52
C LYS D 242 21.79 77.75 -24.29
N ASP D 243 21.81 77.10 -23.13
CA ASP D 243 22.16 77.75 -21.87
C ASP D 243 23.64 77.63 -21.50
N LYS D 244 24.50 77.23 -22.43
CA LYS D 244 25.89 76.99 -22.07
C LYS D 244 26.58 78.26 -21.56
N ASN D 245 26.15 79.43 -22.02
CA ASN D 245 26.73 80.70 -21.61
C ASN D 245 25.82 81.53 -20.73
N VAL D 246 24.75 80.93 -20.19
CA VAL D 246 23.87 81.58 -19.23
C VAL D 246 24.29 81.11 -17.84
N GLN D 247 24.68 82.06 -16.99
CA GLN D 247 25.25 81.70 -15.69
C GLN D 247 24.21 81.07 -14.77
N VAL D 248 23.03 81.69 -14.66
CA VAL D 248 22.00 81.26 -13.72
C VAL D 248 20.78 80.83 -14.53
N VAL D 249 20.38 79.58 -14.39
CA VAL D 249 19.26 79.01 -15.12
C VAL D 249 18.20 78.55 -14.12
N GLU D 250 16.96 78.93 -14.36
CA GLU D 250 15.84 78.55 -13.51
C GLU D 250 15.21 77.28 -14.06
N LEU D 251 14.97 76.30 -13.19
CA LEU D 251 14.49 74.99 -13.61
C LEU D 251 13.07 74.78 -13.13
N PRO D 252 12.13 74.50 -14.02
CA PRO D 252 10.74 74.26 -13.62
C PRO D 252 10.57 72.82 -13.15
N ILE D 253 9.32 72.49 -12.78
CA ILE D 253 9.03 71.11 -12.41
C ILE D 253 9.16 70.21 -13.64
N VAL D 254 9.37 68.92 -13.38
CA VAL D 254 9.62 67.97 -14.46
C VAL D 254 8.38 67.77 -15.32
N ASP D 255 7.18 67.96 -14.74
CA ASP D 255 5.94 67.65 -15.46
C ASP D 255 5.77 68.49 -16.72
N SER D 256 6.40 69.66 -16.80
CA SER D 256 6.30 70.53 -17.97
C SER D 256 7.67 70.91 -18.50
N LEU D 257 8.65 70.02 -18.35
CA LEU D 257 10.02 70.32 -18.75
C LEU D 257 10.23 70.00 -20.22
N HIS D 258 10.73 70.98 -20.96
CA HIS D 258 11.05 70.82 -22.36
C HIS D 258 12.17 71.81 -22.67
N PRO D 259 13.29 71.36 -23.25
CA PRO D 259 13.53 69.95 -23.58
C PRO D 259 14.07 69.15 -22.39
N ARG D 260 13.79 67.86 -22.38
CA ARG D 260 14.24 67.02 -21.26
C ARG D 260 15.70 66.63 -21.46
N PRO D 261 16.55 66.83 -20.46
CA PRO D 261 17.95 66.40 -20.58
C PRO D 261 18.08 64.91 -20.31
N PRO D 262 19.24 64.32 -20.58
CA PRO D 262 19.43 62.89 -20.29
C PRO D 262 19.75 62.59 -18.84
N TYR D 263 20.03 63.58 -18.01
CA TYR D 263 20.42 63.37 -16.61
C TYR D 263 19.16 63.16 -15.76
N LEU D 264 18.49 62.04 -16.02
CA LEU D 264 17.24 61.70 -15.36
C LEU D 264 17.24 60.22 -15.00
N PRO D 265 16.45 59.84 -13.99
CA PRO D 265 16.21 58.41 -13.75
C PRO D 265 15.48 57.78 -14.94
N LEU D 266 15.63 56.46 -15.06
CA LEU D 266 16.35 55.61 -14.12
C LEU D 266 17.76 55.30 -14.59
N ALA D 267 18.35 56.23 -15.32
CA ALA D 267 19.71 56.06 -15.81
C ALA D 267 20.72 56.31 -14.70
N VAL D 268 21.94 55.83 -14.92
CA VAL D 268 23.03 55.97 -13.95
C VAL D 268 24.26 56.45 -14.71
N PRO D 269 25.22 57.06 -14.01
CA PRO D 269 26.42 57.54 -14.69
C PRO D 269 27.13 56.42 -15.43
N GLU D 270 27.45 56.70 -16.71
CA GLU D 270 28.14 55.72 -17.54
C GLU D 270 29.46 55.28 -16.91
N ASP D 271 30.14 56.20 -16.23
CA ASP D 271 31.43 55.89 -15.61
C ASP D 271 31.30 55.02 -14.37
N LEU D 272 30.11 54.94 -13.76
CA LEU D 272 29.89 54.15 -12.56
C LEU D 272 29.08 52.89 -12.79
N ALA D 273 28.62 52.65 -14.02
CA ALA D 273 27.70 51.55 -14.29
C ALA D 273 28.28 50.21 -13.87
N ASP D 274 29.49 49.89 -14.35
CA ASP D 274 30.06 48.57 -14.10
C ASP D 274 30.22 48.29 -12.61
N ARG D 275 30.68 49.29 -11.85
CA ARG D 275 30.87 49.06 -10.42
C ARG D 275 29.55 48.92 -9.68
N LEU D 276 28.52 49.64 -10.12
CA LEU D 276 27.23 49.56 -9.43
C LEU D 276 26.53 48.24 -9.72
N VAL D 277 26.58 47.78 -10.97
CA VAL D 277 25.97 46.50 -11.32
C VAL D 277 26.64 45.37 -10.56
N ARG D 278 27.95 45.49 -10.34
CA ARG D 278 28.69 44.48 -9.59
C ARG D 278 28.21 44.39 -8.14
N VAL D 279 27.79 45.52 -7.57
CA VAL D 279 27.52 45.62 -6.14
C VAL D 279 26.03 45.68 -5.85
N HIS D 280 25.31 46.56 -6.52
CA HIS D 280 23.92 46.87 -6.18
C HIS D 280 22.97 46.25 -7.19
N GLY D 281 21.88 45.68 -6.66
CA GLY D 281 20.87 45.05 -7.50
C GLY D 281 19.99 46.01 -8.26
N ASP D 282 20.02 47.30 -7.94
CA ASP D 282 19.23 48.31 -8.64
C ASP D 282 19.99 49.63 -8.59
N PRO D 283 20.95 49.81 -9.51
CA PRO D 283 21.78 51.03 -9.46
C PRO D 283 20.98 52.31 -9.60
N ALA D 284 19.85 52.26 -10.31
CA ALA D 284 19.03 53.47 -10.51
C ALA D 284 18.63 54.08 -9.18
N VAL D 285 18.26 53.25 -8.20
CA VAL D 285 17.87 53.76 -6.89
C VAL D 285 19.08 54.27 -6.13
N TRP D 286 20.19 53.53 -6.18
CA TRP D 286 21.41 53.96 -5.52
C TRP D 286 21.83 55.36 -5.96
N TRP D 287 21.82 55.60 -7.27
CA TRP D 287 22.16 56.91 -7.82
C TRP D 287 21.29 58.01 -7.21
N VAL D 288 19.97 57.77 -7.14
CA VAL D 288 19.07 58.74 -6.53
C VAL D 288 19.41 58.94 -5.05
N SER D 289 19.63 57.84 -4.33
CA SER D 289 19.87 57.89 -2.89
C SER D 289 21.06 58.79 -2.55
N GLN D 290 22.05 58.89 -3.44
CA GLN D 290 23.21 59.73 -3.16
C GLN D 290 22.81 61.19 -3.02
N PHE D 291 21.79 61.63 -3.76
CA PHE D 291 21.32 63.01 -3.62
C PHE D 291 20.43 63.15 -2.40
N VAL D 292 19.62 62.13 -2.10
CA VAL D 292 18.86 62.12 -0.86
C VAL D 292 19.81 62.19 0.33
N LYS D 293 20.86 61.37 0.32
CA LYS D 293 21.83 61.34 1.40
C LYS D 293 22.41 62.72 1.68
N TYR D 294 22.76 63.45 0.62
CA TYR D 294 23.38 64.76 0.78
C TYR D 294 22.35 65.78 1.27
N LEU D 295 21.14 65.78 0.69
CA LEU D 295 20.14 66.79 1.00
C LEU D 295 19.73 66.74 2.48
N ILE D 296 19.56 65.54 3.02
CA ILE D 296 18.86 65.39 4.31
C ILE D 296 19.81 65.45 5.50
N ARG D 297 20.98 66.03 5.30
CA ARG D 297 21.87 66.29 6.44
C ARG D 297 21.14 67.18 7.44
N PRO D 298 20.84 66.68 8.63
CA PRO D 298 19.95 67.42 9.54
C PRO D 298 20.65 68.55 10.26
N GLN D 299 19.87 69.59 10.56
CA GLN D 299 20.33 70.63 11.47
C GLN D 299 20.55 70.02 12.86
N PRO D 300 21.39 70.65 13.68
CA PRO D 300 21.72 70.04 14.99
C PRO D 300 20.51 69.66 15.83
N TRP D 301 19.53 70.54 15.97
CA TRP D 301 18.38 70.21 16.82
C TRP D 301 17.58 69.04 16.26
N LEU D 302 17.55 68.90 14.93
CA LEU D 302 16.87 67.76 14.33
C LEU D 302 17.69 66.49 14.53
N GLU D 303 18.99 66.59 14.29
CA GLU D 303 19.90 65.48 14.59
C GLU D 303 19.75 65.04 16.04
N LYS D 304 19.64 66.00 16.95
CA LYS D 304 19.50 65.68 18.37
C LYS D 304 18.18 64.98 18.65
N GLU D 305 17.09 65.46 18.04
CA GLU D 305 15.78 64.86 18.29
C GLU D 305 15.68 63.44 17.75
N ILE D 306 16.27 63.17 16.59
CA ILE D 306 16.30 61.80 16.08
C ILE D 306 16.97 60.89 17.08
N GLU D 307 18.09 61.33 17.65
CA GLU D 307 18.76 60.56 18.69
C GLU D 307 17.84 60.36 19.89
N GLU D 308 17.04 61.37 20.21
CA GLU D 308 16.11 61.27 21.34
C GLU D 308 14.97 60.33 21.02
N ALA D 309 14.38 60.46 19.83
CA ALA D 309 13.27 59.58 19.44
C ALA D 309 13.72 58.13 19.37
N THR D 310 14.88 57.87 18.79
CA THR D 310 15.43 56.51 18.74
C THR D 310 15.45 55.86 20.11
N LYS D 311 15.94 56.58 21.13
CA LYS D 311 16.03 56.00 22.46
C LYS D 311 14.66 55.93 23.13
N LYS D 312 13.84 56.96 22.96
CA LYS D 312 12.55 56.97 23.64
C LYS D 312 11.63 55.90 23.08
N LEU D 313 11.60 55.72 21.76
CA LEU D 313 10.73 54.73 21.16
C LEU D 313 11.24 53.30 21.30
N GLY D 314 12.37 53.10 21.98
CA GLY D 314 12.95 51.76 22.09
C GLY D 314 13.19 51.10 20.75
N PHE D 315 13.57 51.88 19.75
CA PHE D 315 13.83 51.35 18.41
C PHE D 315 15.11 50.51 18.42
N LYS D 316 14.97 49.21 18.19
CA LYS D 316 16.13 48.32 18.13
C LYS D 316 15.87 47.25 17.08
N HIS D 317 16.91 46.49 16.77
CA HIS D 317 16.90 45.47 15.73
C HIS D 317 16.85 44.07 16.33
N PRO D 318 16.26 43.08 15.63
CA PRO D 318 15.64 43.19 14.30
C PRO D 318 14.28 43.87 14.31
N VAL D 319 13.98 44.62 13.25
CA VAL D 319 12.73 45.37 13.15
C VAL D 319 12.36 45.51 11.68
N ILE D 320 11.07 45.42 11.39
CA ILE D 320 10.54 45.55 10.04
C ILE D 320 9.66 46.79 9.98
N GLY D 321 9.90 47.64 9.00
CA GLY D 321 9.14 48.88 8.86
C GLY D 321 7.91 48.69 8.00
N VAL D 322 6.81 49.32 8.42
CA VAL D 322 5.53 49.24 7.73
C VAL D 322 4.97 50.64 7.59
N HIS D 323 4.60 51.02 6.37
CA HIS D 323 4.04 52.34 6.07
C HIS D 323 2.64 52.14 5.50
N VAL D 324 1.64 52.61 6.24
CA VAL D 324 0.24 52.49 5.85
C VAL D 324 -0.26 53.88 5.48
N ARG D 325 -0.37 54.15 4.18
CA ARG D 325 -0.83 55.44 3.69
C ARG D 325 -2.34 55.37 3.47
N ARG D 326 -3.07 56.24 4.16
CA ARG D 326 -4.53 56.27 4.04
C ARG D 326 -5.01 57.67 3.74
N THR D 327 -6.09 58.11 4.40
CA THR D 327 -6.62 59.46 4.25
C THR D 327 -6.84 59.84 2.79
N ASP D 328 -6.19 60.93 2.36
CA ASP D 328 -6.43 61.51 1.04
C ASP D 328 -5.91 60.65 -0.11
N LYS D 329 -4.96 59.75 0.14
CA LYS D 329 -4.39 58.93 -0.93
C LYS D 329 -5.41 57.95 -1.49
N VAL D 330 -6.29 57.42 -0.64
CA VAL D 330 -7.22 56.37 -1.04
C VAL D 330 -8.24 56.93 -2.03
N GLY D 331 -8.49 56.19 -3.11
CA GLY D 331 -9.46 56.54 -4.12
C GLY D 331 -8.99 57.55 -5.15
N THR D 332 -7.83 58.17 -4.95
CA THR D 332 -7.27 59.11 -5.91
C THR D 332 -5.95 58.59 -6.48
N GLU D 333 -4.95 58.35 -5.64
CA GLU D 333 -3.64 57.90 -6.09
C GLU D 333 -3.34 56.46 -5.70
N ALA D 334 -4.18 55.82 -4.89
CA ALA D 334 -3.92 54.46 -4.42
C ALA D 334 -5.23 53.85 -3.94
N ALA D 335 -5.16 52.66 -3.39
CA ALA D 335 -6.33 51.94 -2.88
C ALA D 335 -6.19 51.73 -1.38
N PHE D 336 -7.29 51.31 -0.77
CA PHE D 336 -7.28 50.96 0.66
C PHE D 336 -6.76 49.54 0.82
N HIS D 337 -5.76 49.38 1.68
CA HIS D 337 -5.17 48.07 1.96
C HIS D 337 -5.38 47.73 3.42
N PRO D 338 -6.10 46.67 3.76
CA PRO D 338 -6.24 46.28 5.16
C PRO D 338 -4.89 45.97 5.78
N ILE D 339 -4.84 46.06 7.11
CA ILE D 339 -3.59 45.81 7.81
C ILE D 339 -3.12 44.39 7.58
N GLU D 340 -4.04 43.47 7.36
CA GLU D 340 -3.66 42.08 7.12
C GLU D 340 -2.87 41.94 5.82
N GLU D 341 -3.16 42.78 4.82
CA GLU D 341 -2.38 42.74 3.59
C GLU D 341 -0.93 43.11 3.83
N TYR D 342 -0.67 43.93 4.85
CA TYR D 342 0.71 44.28 5.19
C TYR D 342 1.35 43.19 6.04
N MET D 343 0.60 42.63 6.99
CA MET D 343 1.16 41.72 7.97
C MET D 343 1.41 40.32 7.41
N VAL D 344 0.79 39.95 6.30
CA VAL D 344 1.10 38.67 5.67
C VAL D 344 2.55 38.63 5.22
N HIS D 345 3.07 39.77 4.79
CA HIS D 345 4.46 39.86 4.35
C HIS D 345 5.42 40.12 5.50
N VAL D 346 4.97 40.81 6.56
CA VAL D 346 5.78 40.96 7.76
C VAL D 346 6.05 39.59 8.38
N GLU D 347 5.00 38.80 8.57
CA GLU D 347 5.16 37.48 9.16
C GLU D 347 6.05 36.59 8.30
N GLU D 348 5.83 36.59 6.97
CA GLU D 348 6.68 35.82 6.06
C GLU D 348 8.15 36.10 6.29
N HIS D 349 8.54 37.37 6.34
CA HIS D 349 9.95 37.71 6.43
C HIS D 349 10.52 37.31 7.79
N PHE D 350 9.75 37.46 8.86
CA PHE D 350 10.21 37.00 10.16
C PHE D 350 10.43 35.49 10.16
N GLN D 351 9.62 34.76 9.39
CA GLN D 351 9.87 33.34 9.21
C GLN D 351 11.18 33.08 8.47
N LEU D 352 11.54 33.96 7.53
CA LEU D 352 12.80 33.83 6.82
C LEU D 352 13.98 34.18 7.72
N LEU D 353 13.88 35.27 8.47
CA LEU D 353 14.96 35.68 9.35
C LEU D 353 15.20 34.65 10.45
N ALA D 354 14.13 34.04 10.97
CA ALA D 354 14.29 33.00 11.98
C ALA D 354 15.16 31.85 11.49
N ARG D 355 15.19 31.62 10.17
CA ARG D 355 16.01 30.56 9.61
C ARG D 355 17.50 30.88 9.69
N ARG D 356 17.87 32.14 9.93
CA ARG D 356 19.27 32.54 9.95
C ARG D 356 19.70 33.20 11.26
N MET D 357 18.78 33.44 12.18
CA MET D 357 19.14 34.12 13.42
C MET D 357 18.03 33.92 14.44
N GLN D 358 18.33 34.32 15.67
CA GLN D 358 17.34 34.34 16.74
C GLN D 358 16.54 35.63 16.71
N VAL D 359 15.22 35.50 16.57
CA VAL D 359 14.31 36.64 16.61
C VAL D 359 13.72 36.66 18.01
N ASP D 360 14.30 37.48 18.89
CA ASP D 360 13.83 37.60 20.26
C ASP D 360 12.37 38.02 20.30
N LYS D 361 12.03 39.09 19.59
CA LYS D 361 10.69 39.63 19.55
C LYS D 361 10.44 40.17 18.15
N LYS D 362 9.22 39.98 17.65
CA LYS D 362 8.87 40.43 16.31
C LYS D 362 8.50 41.90 16.39
N ARG D 363 9.44 42.78 16.05
CA ARG D 363 9.25 44.22 16.16
C ARG D 363 8.86 44.81 14.83
N VAL D 364 7.99 45.81 14.88
CA VAL D 364 7.53 46.53 13.70
C VAL D 364 7.46 48.02 14.04
N TYR D 365 8.05 48.86 13.19
CA TYR D 365 7.83 50.30 13.28
C TYR D 365 6.68 50.66 12.35
N LEU D 366 5.61 51.18 12.91
CA LEU D 366 4.39 51.47 12.18
C LEU D 366 4.32 52.98 11.92
N ALA D 367 4.39 53.36 10.65
CA ALA D 367 4.21 54.74 10.23
C ALA D 367 2.90 54.84 9.47
N THR D 368 2.04 55.75 9.90
CA THR D 368 0.74 55.90 9.27
C THR D 368 0.21 57.30 9.56
N ASP D 369 -0.68 57.76 8.69
CA ASP D 369 -1.45 58.98 8.91
C ASP D 369 -2.83 58.68 9.44
N ASP D 370 -3.11 57.41 9.78
CA ASP D 370 -4.34 56.99 10.42
C ASP D 370 -4.04 56.75 11.89
N PRO D 371 -4.30 57.71 12.77
CA PRO D 371 -3.96 57.52 14.19
C PRO D 371 -4.75 56.41 14.88
N SER D 372 -5.87 55.98 14.29
CA SER D 372 -6.65 54.90 14.88
C SER D 372 -6.08 53.52 14.57
N LEU D 373 -5.05 53.43 13.75
CA LEU D 373 -4.57 52.13 13.28
C LEU D 373 -3.74 51.41 14.33
N LEU D 374 -2.96 52.15 15.13
CA LEU D 374 -2.04 51.51 16.06
C LEU D 374 -2.78 50.63 17.05
N LYS D 375 -3.89 51.14 17.61
CA LYS D 375 -4.69 50.33 18.52
C LYS D 375 -5.25 49.10 17.82
N GLU D 376 -5.72 49.27 16.58
CA GLU D 376 -6.21 48.13 15.81
C GLU D 376 -5.11 47.11 15.58
N ALA D 377 -3.92 47.57 15.19
CA ALA D 377 -2.81 46.66 14.93
C ALA D 377 -2.39 45.92 16.20
N LYS D 378 -2.15 46.66 17.28
CA LYS D 378 -1.77 46.04 18.55
C LYS D 378 -2.79 44.99 18.99
N THR D 379 -4.08 45.24 18.73
CA THR D 379 -5.12 44.29 19.10
C THR D 379 -5.05 43.02 18.26
N LYS D 380 -4.88 43.16 16.95
CA LYS D 380 -4.99 42.01 16.06
C LYS D 380 -3.77 41.10 16.07
N TYR D 381 -2.60 41.60 16.47
CA TYR D 381 -1.36 40.82 16.48
C TYR D 381 -0.68 41.01 17.82
N PRO D 382 -1.18 40.36 18.88
CA PRO D 382 -0.66 40.64 20.23
C PRO D 382 0.74 40.13 20.48
N ASN D 383 1.27 39.23 19.65
CA ASN D 383 2.62 38.74 19.83
C ASN D 383 3.66 39.63 19.18
N TYR D 384 3.24 40.73 18.56
CA TYR D 384 4.14 41.70 17.95
C TYR D 384 4.35 42.88 18.88
N GLU D 385 5.54 43.48 18.78
CA GLU D 385 5.86 44.73 19.47
C GLU D 385 5.80 45.85 18.42
N PHE D 386 4.80 46.71 18.53
CA PHE D 386 4.60 47.80 17.59
C PHE D 386 5.24 49.06 18.14
N ILE D 387 6.22 49.59 17.41
CA ILE D 387 6.88 50.85 17.76
C ILE D 387 6.32 51.94 16.86
N SER D 388 5.75 52.98 17.47
CA SER D 388 5.09 54.03 16.70
C SER D 388 4.86 55.22 17.61
N ASP D 389 4.79 56.40 17.00
CA ASP D 389 4.50 57.65 17.68
C ASP D 389 3.13 58.09 17.18
N ASN D 390 2.10 57.84 17.99
CA ASN D 390 0.74 58.12 17.55
C ASN D 390 0.49 59.62 17.41
N SER D 391 1.16 60.43 18.22
CA SER D 391 1.03 61.88 18.08
C SER D 391 1.60 62.36 16.75
N ILE D 392 2.60 61.66 16.22
CA ILE D 392 3.08 61.96 14.87
C ILE D 392 2.00 61.64 13.85
N SER D 393 1.35 60.48 14.00
CA SER D 393 0.23 60.13 13.14
C SER D 393 -0.85 61.22 13.19
N TRP D 394 -1.08 61.77 14.38
CA TRP D 394 -2.02 62.88 14.51
C TRP D 394 -1.54 64.11 13.74
N SER D 395 -0.24 64.40 13.83
CA SER D 395 0.32 65.54 13.11
C SER D 395 0.15 65.39 11.60
N ALA D 396 0.14 64.16 11.10
CA ALA D 396 -0.05 63.92 9.67
C ALA D 396 -1.49 64.14 9.23
N GLY D 397 -2.39 64.49 10.14
CA GLY D 397 -3.77 64.76 9.76
C GLY D 397 -3.87 65.91 8.77
N LEU D 398 -4.96 65.89 8.00
CA LEU D 398 -5.12 66.84 6.90
C LEU D 398 -5.24 68.27 7.38
N HIS D 399 -5.88 68.49 8.53
CA HIS D 399 -6.10 69.86 9.01
C HIS D 399 -4.84 70.50 9.56
N ASN D 400 -3.81 69.71 9.85
CA ASN D 400 -2.58 70.22 10.45
C ASN D 400 -1.33 69.68 9.75
N ARG D 401 -1.46 69.17 8.53
CA ARG D 401 -0.37 68.46 7.88
C ARG D 401 0.80 69.38 7.52
N TYR D 402 0.51 70.61 7.09
CA TYR D 402 1.56 71.46 6.50
C TYR D 402 2.05 72.49 7.53
N THR D 403 2.75 71.97 8.53
CA THR D 403 3.44 72.78 9.52
C THR D 403 4.77 72.14 9.84
N GLU D 404 5.63 72.88 10.54
CA GLU D 404 6.94 72.35 10.91
C GLU D 404 6.81 71.14 11.81
N ASN D 405 5.88 71.17 12.76
CA ASN D 405 5.71 70.04 13.68
C ASN D 405 5.38 68.76 12.92
N SER D 406 4.44 68.84 11.97
CA SER D 406 4.12 67.67 11.16
C SER D 406 5.27 67.30 10.25
N LEU D 407 5.98 68.30 9.73
CA LEU D 407 7.16 68.04 8.89
C LEU D 407 8.19 67.23 9.66
N ARG D 408 8.50 67.65 10.89
CA ARG D 408 9.38 66.87 11.74
C ARG D 408 8.84 65.46 11.96
N GLY D 409 7.52 65.32 12.02
CA GLY D 409 6.94 64.00 12.21
C GLY D 409 7.24 63.06 11.06
N VAL D 410 6.98 63.50 9.83
CA VAL D 410 7.19 62.63 8.67
C VAL D 410 8.68 62.37 8.47
N ILE D 411 9.53 63.34 8.80
CA ILE D 411 10.97 63.11 8.74
C ILE D 411 11.36 61.98 9.69
N LEU D 412 10.85 62.01 10.92
CA LEU D 412 11.14 60.96 11.88
C LEU D 412 10.64 59.61 11.40
N ASP D 413 9.38 59.54 10.96
CA ASP D 413 8.84 58.27 10.48
C ASP D 413 9.65 57.71 9.32
N ILE D 414 10.02 58.56 8.36
CA ILE D 414 10.80 58.11 7.22
C ILE D 414 12.16 57.59 7.67
N HIS D 415 12.78 58.27 8.64
CA HIS D 415 14.06 57.83 9.16
C HIS D 415 13.99 56.41 9.70
N PHE D 416 13.02 56.15 10.58
CA PHE D 416 12.91 54.83 11.20
C PHE D 416 12.48 53.77 10.20
N LEU D 417 11.68 54.14 9.21
CA LEU D 417 11.38 53.21 8.12
C LEU D 417 12.64 52.84 7.35
N SER D 418 13.45 53.85 7.01
CA SER D 418 14.68 53.61 6.28
C SER D 418 15.67 52.76 7.08
N GLN D 419 15.65 52.89 8.41
CA GLN D 419 16.57 52.15 9.26
C GLN D 419 16.13 50.70 9.49
N ALA D 420 14.92 50.34 9.11
CA ALA D 420 14.42 48.99 9.36
C ALA D 420 15.17 47.96 8.53
N ASP D 421 15.04 46.70 8.94
CA ASP D 421 15.66 45.58 8.25
C ASP D 421 14.88 45.12 7.03
N PHE D 422 13.66 45.64 6.83
CA PHE D 422 12.78 45.26 5.75
C PHE D 422 11.63 46.25 5.71
N LEU D 423 11.08 46.46 4.52
CA LEU D 423 10.10 47.52 4.29
C LEU D 423 8.89 46.97 3.56
N VAL D 424 7.73 47.01 4.22
CA VAL D 424 6.47 46.58 3.62
C VAL D 424 5.56 47.79 3.55
N CYS D 425 5.06 48.09 2.35
CA CYS D 425 4.28 49.31 2.13
C CYS D 425 3.67 49.33 0.74
N THR D 426 3.35 50.53 0.26
CA THR D 426 2.88 50.76 -1.11
C THR D 426 3.78 51.80 -1.75
N PHE D 427 4.51 51.41 -2.79
CA PHE D 427 5.42 52.35 -3.45
C PHE D 427 4.70 53.43 -4.23
N SER D 428 3.37 53.38 -4.32
CA SER D 428 2.64 54.52 -4.86
C SER D 428 2.74 55.73 -3.95
N SER D 429 3.09 55.52 -2.68
CA SER D 429 3.28 56.60 -1.72
C SER D 429 4.73 57.06 -1.77
N GLN D 430 4.94 58.34 -2.07
CA GLN D 430 6.30 58.88 -2.08
C GLN D 430 6.96 58.78 -0.72
N VAL D 431 6.16 58.72 0.35
CA VAL D 431 6.73 58.57 1.69
C VAL D 431 7.53 57.28 1.80
N CYS D 432 6.99 56.19 1.26
CA CYS D 432 7.71 54.92 1.33
C CYS D 432 8.88 54.89 0.35
N ARG D 433 8.73 55.51 -0.82
CA ARG D 433 9.82 55.51 -1.78
C ARG D 433 11.04 56.26 -1.25
N VAL D 434 10.83 57.30 -0.45
CA VAL D 434 11.95 58.03 0.12
C VAL D 434 12.66 57.16 1.15
N ALA D 435 11.90 56.52 2.04
CA ALA D 435 12.48 55.62 3.02
C ALA D 435 13.26 54.50 2.35
N TYR D 436 12.70 53.93 1.28
CA TYR D 436 13.39 52.88 0.54
C TYR D 436 14.69 53.40 -0.05
N GLU D 437 14.68 54.61 -0.62
CA GLU D 437 15.89 55.21 -1.16
C GLU D 437 16.94 55.40 -0.08
N ILE D 438 16.56 56.02 1.04
CA ILE D 438 17.50 56.24 2.14
C ILE D 438 18.11 54.92 2.61
N MET D 439 17.28 53.87 2.68
CA MET D 439 17.76 52.56 3.09
C MET D 439 18.95 52.11 2.26
N GLN D 440 18.97 52.45 0.97
CA GLN D 440 20.08 52.05 0.10
C GLN D 440 21.42 52.62 0.56
N THR D 441 21.41 53.70 1.34
CA THR D 441 22.65 54.29 1.83
C THR D 441 23.11 53.68 3.14
N LEU D 442 22.30 52.80 3.74
CA LEU D 442 22.64 52.19 5.02
C LEU D 442 23.18 50.77 4.89
N HIS D 443 23.11 50.19 3.70
CA HIS D 443 23.56 48.83 3.47
C HIS D 443 24.19 48.76 2.09
N PRO D 444 25.10 47.80 1.86
CA PRO D 444 25.72 47.69 0.53
C PRO D 444 24.71 47.46 -0.59
N ASP D 445 23.85 46.45 -0.47
CA ASP D 445 22.83 46.16 -1.48
C ASP D 445 21.54 45.82 -0.74
N ALA D 446 20.74 46.84 -0.45
CA ALA D 446 19.42 46.69 0.15
C ALA D 446 18.30 46.78 -0.88
N SER D 447 18.61 46.52 -2.15
CA SER D 447 17.63 46.71 -3.21
C SER D 447 16.43 45.78 -3.06
N ALA D 448 16.65 44.58 -2.55
CA ALA D 448 15.59 43.58 -2.43
C ALA D 448 14.97 43.53 -1.04
N ASN D 449 15.32 44.47 -0.16
CA ASN D 449 14.84 44.47 1.22
C ASN D 449 13.49 45.16 1.36
N PHE D 450 12.54 44.84 0.48
CA PHE D 450 11.24 45.49 0.53
C PHE D 450 10.19 44.56 -0.04
N HIS D 451 8.92 44.94 0.15
CA HIS D 451 7.82 44.42 -0.65
C HIS D 451 6.73 45.47 -0.72
N SER D 452 6.41 45.90 -1.94
CA SER D 452 5.40 46.91 -2.19
C SER D 452 4.07 46.23 -2.54
N LEU D 453 2.99 46.68 -1.92
CA LEU D 453 1.68 46.11 -2.17
C LEU D 453 1.09 46.49 -3.52
N ASP D 454 1.69 47.45 -4.22
CA ASP D 454 1.18 47.83 -5.54
C ASP D 454 2.31 48.09 -6.53
N ASP D 455 2.82 49.33 -6.57
CA ASP D 455 3.76 49.74 -7.60
C ASP D 455 5.16 49.17 -7.35
N ILE D 456 5.89 48.94 -8.44
CA ILE D 456 7.32 48.71 -8.36
C ILE D 456 7.96 50.06 -8.06
N TYR D 457 9.28 50.09 -7.87
CA TYR D 457 9.92 51.37 -7.65
C TYR D 457 9.87 52.20 -8.91
N TYR D 458 9.57 53.48 -8.75
CA TYR D 458 9.59 54.42 -9.87
C TYR D 458 9.91 55.80 -9.32
N PHE D 459 10.32 56.68 -10.23
CA PHE D 459 10.61 58.07 -9.90
C PHE D 459 9.78 58.95 -10.82
N GLY D 460 8.90 59.76 -10.23
CA GLY D 460 8.03 60.62 -11.01
C GLY D 460 8.78 61.50 -12.00
N GLY D 461 8.49 61.34 -13.28
CA GLY D 461 9.19 62.05 -14.32
C GLY D 461 10.31 61.27 -14.97
N GLN D 462 10.58 60.06 -14.51
CA GLN D 462 11.63 59.23 -15.08
C GLN D 462 11.40 59.02 -16.58
N ASN D 463 12.48 58.72 -17.28
CA ASN D 463 12.33 58.23 -18.65
C ASN D 463 11.75 56.82 -18.61
N ALA D 464 11.25 56.38 -19.76
CA ALA D 464 10.52 55.12 -19.86
C ALA D 464 11.32 53.97 -19.26
N HIS D 465 10.73 53.30 -18.28
CA HIS D 465 11.35 52.14 -17.65
C HIS D 465 11.15 50.95 -18.58
N ASN D 466 12.22 50.51 -19.23
CA ASN D 466 12.16 49.47 -20.24
C ASN D 466 12.84 48.20 -19.75
N GLN D 467 12.44 47.09 -20.36
CA GLN D 467 13.01 45.78 -20.08
C GLN D 467 13.32 45.10 -21.40
N ILE D 468 14.08 44.02 -21.31
CA ILE D 468 14.49 43.24 -22.48
C ILE D 468 14.02 41.81 -22.25
N ALA D 469 13.21 41.31 -23.18
CA ALA D 469 12.74 39.94 -23.07
C ALA D 469 13.89 38.99 -23.35
N ILE D 470 14.10 38.03 -22.45
CA ILE D 470 15.17 37.06 -22.61
C ILE D 470 14.66 35.67 -22.97
N TYR D 471 13.41 35.33 -22.64
CA TYR D 471 12.80 34.08 -23.03
C TYR D 471 11.51 34.35 -23.78
N ALA D 472 11.21 33.50 -24.75
CA ALA D 472 10.01 33.71 -25.54
C ALA D 472 8.76 33.42 -24.71
N HIS D 473 7.63 33.96 -25.17
CA HIS D 473 6.36 33.77 -24.49
C HIS D 473 5.24 33.79 -25.51
N GLN D 474 4.38 32.78 -25.45
CA GLN D 474 3.21 32.71 -26.32
C GLN D 474 1.96 32.90 -25.48
N PRO D 475 1.11 33.88 -25.81
CA PRO D 475 -0.02 34.19 -24.93
C PRO D 475 -0.97 33.02 -24.82
N ARG D 476 -1.34 32.68 -23.58
CA ARG D 476 -2.34 31.64 -23.36
C ARG D 476 -3.75 32.20 -23.48
N THR D 477 -3.92 33.49 -23.21
CA THR D 477 -5.20 34.17 -23.36
C THR D 477 -4.98 35.46 -24.13
N ALA D 478 -6.08 36.10 -24.51
CA ALA D 478 -6.00 37.39 -25.18
C ALA D 478 -5.43 38.46 -24.26
N ASP D 479 -5.50 38.27 -22.94
CA ASP D 479 -5.02 39.24 -21.97
C ASP D 479 -3.50 39.28 -21.86
N GLU D 480 -2.80 38.29 -22.42
CA GLU D 480 -1.35 38.21 -22.39
C GLU D 480 -0.76 38.78 -23.68
N ILE D 481 0.55 39.04 -23.64
CA ILE D 481 1.25 39.53 -24.83
C ILE D 481 2.35 38.53 -25.21
N PRO D 482 2.67 38.40 -26.50
CA PRO D 482 3.77 37.54 -26.89
C PRO D 482 5.09 38.28 -26.80
N MET D 483 6.16 37.51 -26.61
CA MET D 483 7.50 38.06 -26.53
C MET D 483 8.46 37.13 -27.24
N GLU D 484 9.38 37.72 -28.00
CA GLU D 484 10.53 37.00 -28.49
C GLU D 484 11.79 37.55 -27.84
N PRO D 485 12.82 36.73 -27.65
CA PRO D 485 14.04 37.21 -26.99
C PRO D 485 14.63 38.43 -27.70
N GLY D 486 14.97 39.45 -26.91
CA GLY D 486 15.50 40.70 -27.41
C GLY D 486 14.48 41.83 -27.53
N ASP D 487 13.19 41.51 -27.53
CA ASP D 487 12.17 42.54 -27.58
C ASP D 487 12.28 43.48 -26.39
N ILE D 488 12.04 44.77 -26.63
CA ILE D 488 12.05 45.78 -25.57
C ILE D 488 10.64 45.92 -25.03
N ILE D 489 10.49 45.72 -23.72
CA ILE D 489 9.19 45.73 -23.07
C ILE D 489 9.17 46.89 -22.08
N GLY D 490 8.21 47.78 -22.24
CA GLY D 490 8.04 48.88 -21.31
C GLY D 490 7.15 48.48 -20.14
N VAL D 491 7.76 48.31 -18.98
CA VAL D 491 7.06 47.72 -17.84
C VAL D 491 6.17 48.77 -17.19
N ALA D 492 4.95 48.35 -16.84
CA ALA D 492 4.02 49.19 -16.09
C ALA D 492 3.94 48.81 -14.62
N GLY D 493 4.14 47.54 -14.29
CA GLY D 493 4.17 47.11 -12.90
C GLY D 493 4.27 45.62 -12.81
N ASN D 494 4.59 45.16 -11.60
CA ASN D 494 4.65 43.76 -11.27
C ASN D 494 3.45 43.44 -10.38
N HIS D 495 2.71 42.39 -10.74
CA HIS D 495 1.50 42.04 -10.01
C HIS D 495 1.76 41.10 -8.84
N TRP D 496 3.02 40.76 -8.58
CA TRP D 496 3.40 39.94 -7.43
C TRP D 496 2.68 38.60 -7.42
N ASP D 497 2.33 38.12 -8.62
CA ASP D 497 1.67 36.84 -8.80
C ASP D 497 2.37 36.00 -9.86
N GLY D 498 3.61 36.36 -10.21
CA GLY D 498 4.31 35.74 -11.29
C GLY D 498 4.18 36.46 -12.62
N TYR D 499 3.27 37.43 -12.71
CA TYR D 499 3.04 38.18 -13.94
C TYR D 499 3.30 39.65 -13.72
N SER D 500 3.78 40.31 -14.77
CA SER D 500 3.93 41.75 -14.81
C SER D 500 3.01 42.30 -15.91
N LYS D 501 2.96 43.62 -16.00
CA LYS D 501 2.13 44.29 -17.00
C LYS D 501 2.98 45.30 -17.74
N GLY D 502 2.88 45.30 -19.07
CA GLY D 502 3.67 46.20 -19.88
C GLY D 502 3.27 46.09 -21.33
N VAL D 503 3.99 46.83 -22.16
CA VAL D 503 3.73 46.89 -23.59
C VAL D 503 4.93 46.34 -24.34
N ASN D 504 4.66 45.50 -25.33
CA ASN D 504 5.71 45.04 -26.23
C ASN D 504 5.88 46.13 -27.28
N ARG D 505 6.90 46.97 -27.10
CA ARG D 505 7.07 48.13 -27.97
C ARG D 505 7.22 47.73 -29.43
N LYS D 506 7.83 46.57 -29.69
CA LYS D 506 7.98 46.12 -31.07
C LYS D 506 6.63 45.85 -31.72
N LEU D 507 5.63 45.46 -30.93
CA LEU D 507 4.32 45.08 -31.45
C LEU D 507 3.24 46.10 -31.15
N GLY D 508 3.45 46.99 -30.18
CA GLY D 508 2.41 47.90 -29.74
C GLY D 508 1.27 47.23 -29.01
N ARG D 509 1.49 46.05 -28.46
CA ARG D 509 0.48 45.31 -27.69
C ARG D 509 0.80 45.38 -26.21
N THR D 510 -0.25 45.55 -25.40
CA THR D 510 -0.13 45.68 -23.96
C THR D 510 -0.86 44.53 -23.29
N GLY D 511 -0.31 44.04 -22.19
CA GLY D 511 -0.90 42.92 -21.50
C GLY D 511 0.08 42.28 -20.53
N LEU D 512 -0.24 41.07 -20.11
CA LEU D 512 0.51 40.37 -19.08
C LEU D 512 1.60 39.51 -19.67
N TYR D 513 2.64 39.26 -18.86
CA TYR D 513 3.74 38.39 -19.25
C TYR D 513 4.42 37.89 -17.98
N PRO D 514 5.01 36.71 -18.01
CA PRO D 514 5.69 36.21 -16.80
C PRO D 514 6.86 37.10 -16.43
N SER D 515 6.93 37.45 -15.14
CA SER D 515 7.93 38.41 -14.69
C SER D 515 9.35 37.88 -14.84
N TYR D 516 9.53 36.57 -15.00
CA TYR D 516 10.87 35.98 -15.05
C TYR D 516 11.44 35.92 -16.45
N LYS D 517 10.64 36.19 -17.48
CA LYS D 517 11.10 36.10 -18.85
C LYS D 517 11.71 37.41 -19.36
N VAL D 518 11.92 38.38 -18.49
CA VAL D 518 12.45 39.68 -18.90
C VAL D 518 13.67 40.00 -18.06
N ARG D 519 14.43 40.98 -18.54
CA ARG D 519 15.64 41.44 -17.88
C ARG D 519 15.65 42.96 -17.91
N GLU D 520 16.20 43.56 -16.86
CA GLU D 520 16.20 45.01 -16.75
C GLU D 520 17.21 45.62 -17.71
N LYS D 521 16.75 46.58 -18.51
CA LYS D 521 17.63 47.30 -19.43
C LYS D 521 18.22 48.48 -18.68
N ILE D 522 19.48 48.34 -18.25
CA ILE D 522 20.15 49.39 -17.50
C ILE D 522 20.64 50.45 -18.47
N GLU D 523 20.31 51.71 -18.18
CA GLU D 523 20.66 52.84 -19.04
C GLU D 523 21.79 53.63 -18.43
N THR D 524 22.75 54.03 -19.27
CA THR D 524 23.89 54.83 -18.85
C THR D 524 23.88 56.17 -19.56
N VAL D 525 24.40 57.18 -18.88
CA VAL D 525 24.51 58.53 -19.41
C VAL D 525 25.91 59.04 -19.05
N LYS D 526 26.55 59.73 -19.99
CA LYS D 526 27.88 60.29 -19.74
C LYS D 526 27.71 61.55 -18.90
N TYR D 527 27.76 61.37 -17.58
CA TYR D 527 27.76 62.48 -16.64
C TYR D 527 29.16 63.09 -16.54
N PRO D 528 29.26 64.30 -15.99
CA PRO D 528 30.58 64.79 -15.58
C PRO D 528 31.16 63.91 -14.49
N THR D 529 32.48 63.89 -14.40
CA THR D 529 33.18 63.05 -13.44
C THR D 529 33.87 63.85 -12.34
N TYR D 530 33.95 65.17 -12.48
CA TYR D 530 34.57 66.07 -11.52
C TYR D 530 35.90 65.52 -11.00
N PRO D 531 36.89 65.35 -11.88
CA PRO D 531 38.20 64.84 -11.41
C PRO D 531 38.91 65.83 -10.51
N GLU D 532 38.54 67.11 -10.54
CA GLU D 532 39.16 68.10 -9.69
C GLU D 532 38.82 67.92 -8.22
N ALA D 533 37.90 67.00 -7.89
CA ALA D 533 37.47 66.77 -6.53
C ALA D 533 38.33 65.75 -5.79
N GLU D 534 39.46 65.35 -6.36
CA GLU D 534 40.29 64.32 -5.77
C GLU D 534 41.64 64.86 -5.30
N GLY E 69 -23.63 21.34 -66.95
CA GLY E 69 -23.39 22.32 -65.90
C GLY E 69 -21.95 22.38 -65.44
N LYS E 70 -21.46 23.61 -65.24
CA LYS E 70 -20.08 23.80 -64.80
C LYS E 70 -19.83 23.11 -63.46
N ASP E 71 -20.69 23.37 -62.46
CA ASP E 71 -20.52 22.75 -61.16
C ASP E 71 -20.72 21.23 -61.21
N HIS E 72 -21.58 20.76 -62.12
CA HIS E 72 -21.78 19.32 -62.26
C HIS E 72 -20.51 18.61 -62.71
N GLU E 73 -19.85 19.15 -63.75
CA GLU E 73 -18.63 18.53 -64.25
C GLU E 73 -17.48 18.68 -63.27
N ILE E 74 -17.34 19.88 -62.67
CA ILE E 74 -16.33 20.10 -61.64
C ILE E 74 -16.45 19.05 -60.54
N LEU E 75 -17.67 18.82 -60.06
CA LEU E 75 -17.88 17.85 -58.99
C LEU E 75 -17.60 16.43 -59.48
N ARG E 76 -18.09 16.08 -60.68
CA ARG E 76 -17.80 14.75 -61.22
C ARG E 76 -16.31 14.50 -61.32
N ARG E 77 -15.54 15.52 -61.71
CA ARG E 77 -14.10 15.35 -61.83
C ARG E 77 -13.44 15.30 -60.45
N ARG E 78 -13.97 16.07 -59.49
CA ARG E 78 -13.41 16.07 -58.15
C ARG E 78 -13.68 14.75 -57.44
N ILE E 79 -14.86 14.16 -57.64
CA ILE E 79 -15.13 12.83 -57.11
C ILE E 79 -14.20 11.81 -57.74
N GLU E 80 -14.06 11.86 -59.06
CA GLU E 80 -13.13 10.98 -59.77
C GLU E 80 -11.72 11.07 -59.19
N ASN E 81 -11.17 12.29 -59.14
CA ASN E 81 -9.81 12.46 -58.65
C ASN E 81 -9.70 12.09 -57.17
N GLY E 82 -10.71 12.44 -56.37
CA GLY E 82 -10.71 12.04 -54.98
C GLY E 82 -10.67 10.54 -54.80
N ALA E 83 -11.36 9.80 -55.68
CA ALA E 83 -11.26 8.35 -55.67
C ALA E 83 -9.87 7.88 -56.07
N LYS E 84 -9.29 8.49 -57.12
CA LYS E 84 -7.95 8.14 -57.55
C LYS E 84 -6.95 8.34 -56.41
N GLU E 85 -6.95 9.53 -55.80
CA GLU E 85 -6.04 9.80 -54.70
C GLU E 85 -6.27 8.85 -53.53
N LEU E 86 -7.53 8.46 -53.29
CA LEU E 86 -7.79 7.44 -52.29
C LEU E 86 -7.09 6.13 -52.64
N TRP E 87 -7.15 5.73 -53.91
CA TRP E 87 -6.47 4.50 -54.33
C TRP E 87 -4.96 4.64 -54.19
N PHE E 88 -4.40 5.79 -54.56
CA PHE E 88 -2.99 6.06 -54.31
C PHE E 88 -2.68 5.94 -52.82
N PHE E 89 -3.51 6.58 -52.00
CA PHE E 89 -3.32 6.56 -50.55
C PHE E 89 -3.37 5.15 -49.97
N LEU E 90 -4.37 4.37 -50.38
CA LEU E 90 -4.51 3.00 -49.85
C LEU E 90 -3.27 2.17 -50.11
N GLN E 91 -2.85 2.07 -51.38
CA GLN E 91 -1.68 1.28 -51.74
C GLN E 91 -0.45 1.68 -50.93
N SER E 92 -0.24 2.99 -50.77
CA SER E 92 0.96 3.48 -50.10
C SER E 92 1.03 3.02 -48.64
N GLU E 93 -0.04 3.27 -47.87
CA GLU E 93 0.00 2.95 -46.45
C GLU E 93 -0.04 1.46 -46.17
N LEU E 94 -0.68 0.67 -47.03
CA LEU E 94 -0.68 -0.78 -46.83
C LEU E 94 0.73 -1.36 -46.96
N LYS E 95 1.48 -0.92 -47.97
CA LYS E 95 2.87 -1.36 -48.11
C LYS E 95 3.67 -1.04 -46.85
N LYS E 96 3.41 0.12 -46.23
CA LYS E 96 4.06 0.46 -44.98
C LYS E 96 3.59 -0.46 -43.85
N LEU E 97 2.30 -0.78 -43.83
CA LEU E 97 1.75 -1.57 -42.75
C LEU E 97 2.31 -2.99 -42.73
N LYS E 98 2.61 -3.55 -43.91
CA LYS E 98 3.15 -4.90 -43.98
C LYS E 98 4.48 -5.05 -43.27
N ASN E 99 5.15 -3.94 -42.94
CA ASN E 99 6.43 -3.98 -42.25
C ASN E 99 6.30 -3.55 -40.80
N LEU E 100 5.10 -3.56 -40.25
CA LEU E 100 4.86 -3.08 -38.89
C LEU E 100 4.35 -4.24 -38.04
N GLU E 101 4.51 -4.11 -36.72
CA GLU E 101 4.11 -5.18 -35.82
C GLU E 101 3.69 -4.56 -34.48
N GLY E 102 2.92 -5.32 -33.71
CA GLY E 102 2.60 -4.92 -32.35
C GLY E 102 1.87 -3.59 -32.27
N ASN E 103 2.21 -2.81 -31.24
CA ASN E 103 1.54 -1.53 -31.05
C ASN E 103 1.76 -0.61 -32.24
N GLU E 104 2.96 -0.62 -32.82
CA GLU E 104 3.25 0.16 -34.02
C GLU E 104 2.23 -0.12 -35.13
N LEU E 105 1.98 -1.40 -35.40
CA LEU E 105 1.00 -1.76 -36.42
C LEU E 105 -0.39 -1.25 -36.05
N GLN E 106 -0.79 -1.40 -34.80
CA GLN E 106 -2.14 -1.04 -34.39
C GLN E 106 -2.33 0.46 -34.26
N ARG E 107 -1.30 1.18 -33.81
CA ARG E 107 -1.40 2.64 -33.73
C ARG E 107 -1.47 3.26 -35.12
N HIS E 108 -0.61 2.82 -36.04
CA HIS E 108 -0.65 3.36 -37.40
C HIS E 108 -1.94 2.99 -38.10
N ALA E 109 -2.46 1.79 -37.84
CA ALA E 109 -3.71 1.39 -38.46
C ALA E 109 -4.86 2.27 -37.99
N ASP E 110 -4.87 2.63 -36.71
CA ASP E 110 -5.91 3.51 -36.20
C ASP E 110 -5.82 4.90 -36.81
N GLU E 111 -4.61 5.49 -36.82
CA GLU E 111 -4.40 6.77 -37.49
C GLU E 111 -4.82 6.70 -38.95
N PHE E 112 -4.52 5.58 -39.60
CA PHE E 112 -4.94 5.36 -40.99
C PHE E 112 -6.46 5.51 -41.13
N LEU E 113 -7.20 4.84 -40.23
CA LEU E 113 -8.66 4.86 -40.32
C LEU E 113 -9.22 6.28 -40.20
N LEU E 114 -8.66 7.08 -39.29
CA LEU E 114 -9.09 8.48 -39.16
C LEU E 114 -8.95 9.22 -40.48
N ASP E 115 -7.77 9.12 -41.10
CA ASP E 115 -7.55 9.79 -42.39
C ASP E 115 -8.52 9.27 -43.45
N LEU E 116 -8.84 7.98 -43.41
CA LEU E 116 -9.74 7.40 -44.40
C LEU E 116 -11.14 7.98 -44.26
N GLY E 117 -11.68 7.98 -43.03
CA GLY E 117 -13.03 8.50 -42.81
C GLY E 117 -13.22 9.89 -43.37
N HIS E 118 -12.29 10.80 -43.06
CA HIS E 118 -12.39 12.16 -43.58
C HIS E 118 -12.32 12.17 -45.10
N HIS E 119 -11.33 11.50 -45.67
CA HIS E 119 -11.23 11.39 -47.12
C HIS E 119 -12.51 10.83 -47.72
N GLU E 120 -12.96 9.68 -47.23
CA GLU E 120 -14.18 9.06 -47.73
C GLU E 120 -15.37 10.01 -47.59
N ARG E 121 -15.49 10.69 -46.45
CA ARG E 121 -16.62 11.60 -46.26
C ARG E 121 -16.56 12.78 -47.23
N SER E 122 -15.35 13.22 -47.61
CA SER E 122 -15.24 14.25 -48.62
C SER E 122 -15.79 13.78 -49.95
N ILE E 123 -15.68 12.48 -50.25
CA ILE E 123 -16.23 11.94 -51.49
C ILE E 123 -17.75 11.88 -51.39
N MET E 124 -18.26 11.36 -50.28
CA MET E 124 -19.71 11.31 -50.08
C MET E 124 -20.32 12.71 -50.08
N THR E 125 -19.56 13.71 -49.64
CA THR E 125 -20.07 15.08 -49.64
C THR E 125 -20.18 15.63 -51.05
N ASP E 126 -19.12 15.44 -51.85
CA ASP E 126 -19.19 15.86 -53.26
C ASP E 126 -20.26 15.09 -54.01
N LEU E 127 -20.46 13.81 -53.67
CA LEU E 127 -21.53 13.04 -54.30
C LEU E 127 -22.89 13.61 -53.95
N TYR E 128 -23.08 14.06 -52.71
CA TYR E 128 -24.33 14.71 -52.33
C TYR E 128 -24.54 15.99 -53.14
N TYR E 129 -23.53 16.85 -53.18
CA TYR E 129 -23.61 18.07 -53.98
C TYR E 129 -23.94 17.78 -55.43
N LEU E 130 -23.36 16.71 -55.99
CA LEU E 130 -23.66 16.33 -57.37
C LEU E 130 -25.13 16.01 -57.55
N SER E 131 -25.74 15.35 -56.57
CA SER E 131 -27.15 15.01 -56.66
C SER E 131 -28.06 16.23 -56.61
N GLN E 132 -27.54 17.39 -56.21
CA GLN E 132 -28.33 18.59 -56.06
C GLN E 132 -28.05 19.66 -57.10
N THR E 133 -26.92 19.57 -57.80
CA THR E 133 -26.49 20.66 -58.68
C THR E 133 -27.41 20.77 -59.90
N ASP E 134 -27.47 21.99 -60.44
CA ASP E 134 -28.19 22.27 -61.68
C ASP E 134 -29.67 21.89 -61.59
N GLY E 135 -30.31 22.28 -60.50
CA GLY E 135 -31.74 22.08 -60.36
C GLY E 135 -32.18 20.64 -60.26
N ALA E 136 -31.26 19.69 -60.10
CA ALA E 136 -31.65 18.29 -59.97
C ALA E 136 -32.49 18.07 -58.71
N GLY E 137 -32.12 18.75 -57.61
CA GLY E 137 -32.90 18.64 -56.40
C GLY E 137 -34.32 19.15 -56.59
N ASP E 138 -34.45 20.32 -57.22
CA ASP E 138 -35.78 20.88 -57.47
C ASP E 138 -36.61 19.95 -58.35
N TRP E 139 -36.01 19.40 -59.40
CA TRP E 139 -36.73 18.47 -60.27
C TRP E 139 -37.10 17.21 -59.51
N ARG E 140 -36.14 16.63 -58.79
CA ARG E 140 -36.41 15.41 -58.04
C ARG E 140 -37.51 15.64 -57.02
N GLU E 141 -37.48 16.79 -56.35
CA GLU E 141 -38.54 17.14 -55.41
C GLU E 141 -39.86 17.35 -56.14
N LYS E 142 -39.82 18.00 -57.30
CA LYS E 142 -41.03 18.23 -58.09
C LYS E 142 -41.60 16.91 -58.60
N GLU E 143 -40.74 16.03 -59.11
CA GLU E 143 -41.20 14.75 -59.64
C GLU E 143 -41.72 13.85 -58.53
N ALA E 144 -40.96 13.69 -57.45
CA ALA E 144 -41.40 12.86 -56.33
C ALA E 144 -42.74 13.34 -55.78
N LYS E 145 -42.94 14.65 -55.73
CA LYS E 145 -44.22 15.20 -55.26
C LYS E 145 -45.36 14.77 -56.16
N ASP E 146 -45.17 14.82 -57.48
CA ASP E 146 -46.21 14.42 -58.42
C ASP E 146 -46.54 12.94 -58.28
N LEU E 147 -45.55 12.11 -57.94
CA LEU E 147 -45.80 10.68 -57.80
C LEU E 147 -46.63 10.38 -56.56
N THR E 148 -46.30 11.01 -55.43
CA THR E 148 -47.09 10.83 -54.22
C THR E 148 -48.54 11.24 -54.44
N GLU E 149 -48.76 12.46 -54.95
CA GLU E 149 -50.11 12.93 -55.24
C GLU E 149 -50.87 11.96 -56.12
N LEU E 150 -50.19 11.40 -57.13
CA LEU E 150 -50.85 10.50 -58.06
C LEU E 150 -51.37 9.25 -57.37
N VAL E 151 -50.51 8.57 -56.60
CA VAL E 151 -50.90 7.32 -55.96
C VAL E 151 -51.99 7.56 -54.92
N GLN E 152 -51.79 8.55 -54.04
CA GLN E 152 -52.82 8.87 -53.05
C GLN E 152 -54.13 9.26 -53.72
N ARG E 153 -54.07 9.87 -54.91
CA ARG E 153 -55.29 10.15 -55.64
C ARG E 153 -55.97 8.86 -56.08
N ARG E 154 -55.18 7.87 -56.51
CA ARG E 154 -55.75 6.59 -56.93
C ARG E 154 -56.29 5.82 -55.74
N ILE E 155 -55.53 5.78 -54.64
CA ILE E 155 -55.98 5.06 -53.44
C ILE E 155 -57.28 5.64 -52.93
N THR E 156 -57.37 6.96 -52.85
CA THR E 156 -58.59 7.61 -52.39
C THR E 156 -59.76 7.27 -53.31
N TYR E 157 -59.52 7.24 -54.63
CA TYR E 157 -60.57 6.86 -55.57
C TYR E 157 -61.06 5.45 -55.29
N LEU E 158 -60.14 4.51 -55.12
CA LEU E 158 -60.53 3.12 -54.86
C LEU E 158 -61.32 3.00 -53.57
N GLN E 159 -60.97 3.80 -52.56
CA GLN E 159 -61.55 3.66 -51.23
C GLN E 159 -62.91 4.34 -51.07
N ASN E 160 -63.34 5.13 -52.04
CA ASN E 160 -64.58 5.91 -51.92
C ASN E 160 -65.44 5.72 -53.17
N PRO E 161 -66.07 4.56 -53.31
CA PRO E 161 -67.00 4.37 -54.43
C PRO E 161 -68.30 5.12 -54.22
N LYS E 162 -68.98 5.41 -55.33
CA LYS E 162 -70.28 6.05 -55.27
C LYS E 162 -71.29 5.15 -54.57
N ASP E 163 -71.45 3.93 -55.06
CA ASP E 163 -72.40 2.96 -54.52
C ASP E 163 -71.61 1.94 -53.71
N CYS E 164 -71.57 2.15 -52.39
CA CYS E 164 -70.88 1.20 -51.51
C CYS E 164 -71.54 -0.16 -51.52
N SER E 165 -72.87 -0.21 -51.68
CA SER E 165 -73.59 -1.48 -51.60
C SER E 165 -73.28 -2.42 -52.77
N LYS E 166 -72.80 -1.90 -53.90
CA LYS E 166 -72.42 -2.73 -55.04
C LYS E 166 -70.94 -2.72 -55.35
N ALA E 167 -70.12 -2.02 -54.57
CA ALA E 167 -68.69 -2.00 -54.85
C ALA E 167 -68.06 -3.33 -54.46
N LYS E 168 -67.01 -3.70 -55.19
CA LYS E 168 -66.24 -4.89 -54.85
C LYS E 168 -65.35 -4.58 -53.65
N LYS E 169 -65.34 -5.48 -52.67
CA LYS E 169 -64.68 -5.24 -51.39
C LYS E 169 -63.74 -6.39 -51.05
N LEU E 170 -62.76 -6.06 -50.21
CA LEU E 170 -61.84 -7.04 -49.64
C LEU E 170 -61.75 -6.80 -48.14
N VAL E 171 -62.05 -7.84 -47.36
CA VAL E 171 -62.13 -7.71 -45.90
C VAL E 171 -60.79 -8.09 -45.29
N CYS E 172 -60.31 -7.26 -44.38
CA CYS E 172 -59.06 -7.47 -43.66
C CYS E 172 -59.32 -7.37 -42.17
N ASN E 173 -58.85 -8.35 -41.41
CA ASN E 173 -58.97 -8.32 -39.96
C ASN E 173 -57.64 -7.90 -39.37
N ILE E 174 -57.66 -6.87 -38.51
CA ILE E 174 -56.43 -6.29 -37.99
C ILE E 174 -55.78 -7.18 -36.94
N ASN E 175 -56.51 -8.11 -36.34
CA ASN E 175 -56.06 -8.80 -35.14
C ASN E 175 -55.05 -9.89 -35.43
N LYS E 176 -54.00 -9.56 -36.19
CA LYS E 176 -52.87 -10.46 -36.33
C LYS E 176 -52.12 -10.57 -35.01
N GLY E 177 -51.63 -11.77 -34.72
CA GLY E 177 -50.97 -12.01 -33.45
C GLY E 177 -49.53 -11.56 -33.39
N CYS E 178 -49.32 -10.24 -33.33
CA CYS E 178 -47.98 -9.67 -33.27
C CYS E 178 -48.10 -8.21 -32.85
N GLY E 179 -46.95 -7.52 -32.80
CA GLY E 179 -46.90 -6.16 -32.36
C GLY E 179 -47.50 -5.18 -33.35
N TYR E 180 -47.40 -3.90 -33.00
CA TYR E 180 -48.00 -2.84 -33.80
C TYR E 180 -47.45 -2.84 -35.23
N GLY E 181 -46.15 -2.57 -35.37
CA GLY E 181 -45.55 -2.49 -36.70
C GLY E 181 -45.81 -3.71 -37.56
N CYS E 182 -45.86 -4.89 -36.94
CA CYS E 182 -46.18 -6.10 -37.69
C CYS E 182 -47.65 -6.11 -38.13
N GLN E 183 -48.55 -5.75 -37.21
CA GLN E 183 -49.97 -5.66 -37.55
C GLN E 183 -50.21 -4.59 -38.62
N LEU E 184 -49.51 -3.45 -38.52
CA LEU E 184 -49.67 -2.40 -39.52
C LEU E 184 -49.30 -2.89 -40.91
N HIS E 185 -48.24 -3.70 -41.00
CA HIS E 185 -47.86 -4.27 -42.29
C HIS E 185 -48.91 -5.24 -42.82
N HIS E 186 -49.62 -5.93 -41.92
CA HIS E 186 -50.73 -6.77 -42.35
C HIS E 186 -51.77 -5.96 -43.10
N VAL E 187 -52.14 -4.78 -42.57
CA VAL E 187 -53.10 -3.93 -43.26
C VAL E 187 -52.53 -3.44 -44.58
N VAL E 188 -51.25 -3.06 -44.59
CA VAL E 188 -50.60 -2.67 -45.84
C VAL E 188 -50.61 -3.82 -46.83
N TYR E 189 -50.28 -5.02 -46.36
CA TYR E 189 -50.34 -6.20 -47.21
C TYR E 189 -51.77 -6.42 -47.70
N CYS E 190 -52.76 -6.25 -46.82
CA CYS E 190 -54.14 -6.25 -47.26
C CYS E 190 -54.41 -5.14 -48.27
N PHE E 191 -53.88 -3.94 -47.98
CA PHE E 191 -54.20 -2.78 -48.81
C PHE E 191 -53.62 -2.92 -50.21
N MET E 192 -52.38 -3.42 -50.33
CA MET E 192 -51.76 -3.54 -51.64
C MET E 192 -52.47 -4.57 -52.51
N ILE E 193 -53.00 -5.63 -51.91
CA ILE E 193 -53.74 -6.62 -52.70
C ILE E 193 -55.11 -6.08 -53.06
N ALA E 194 -55.77 -5.38 -52.14
CA ALA E 194 -57.02 -4.70 -52.47
C ALA E 194 -56.80 -3.71 -53.60
N TYR E 195 -55.65 -3.02 -53.61
CA TYR E 195 -55.32 -2.11 -54.70
C TYR E 195 -55.18 -2.85 -56.02
N GLY E 196 -54.43 -3.95 -56.03
CA GLY E 196 -54.20 -4.67 -57.27
C GLY E 196 -55.44 -5.33 -57.83
N THR E 197 -56.41 -5.64 -56.98
CA THR E 197 -57.64 -6.31 -57.40
C THR E 197 -58.80 -5.36 -57.64
N GLN E 198 -58.57 -4.05 -57.55
CA GLN E 198 -59.62 -3.04 -57.73
C GLN E 198 -60.75 -3.22 -56.71
N ARG E 199 -60.39 -3.60 -55.49
CA ARG E 199 -61.34 -3.80 -54.41
C ARG E 199 -61.11 -2.78 -53.30
N THR E 200 -62.21 -2.23 -52.78
CA THR E 200 -62.12 -1.34 -51.63
C THR E 200 -61.76 -2.14 -50.38
N LEU E 201 -60.83 -1.61 -49.59
CA LEU E 201 -60.41 -2.30 -48.39
C LEU E 201 -61.39 -2.04 -47.25
N ILE E 202 -61.89 -3.12 -46.65
CA ILE E 202 -62.73 -3.06 -45.47
C ILE E 202 -61.92 -3.66 -44.32
N LEU E 203 -61.67 -2.87 -43.29
CA LEU E 203 -60.80 -3.26 -42.19
C LEU E 203 -61.64 -3.57 -40.96
N GLU E 204 -61.56 -4.81 -40.49
CA GLU E 204 -62.22 -5.24 -39.26
C GLU E 204 -61.20 -5.14 -38.14
N SER E 205 -61.43 -4.24 -37.18
CA SER E 205 -60.45 -3.93 -36.15
C SER E 205 -61.04 -3.99 -34.74
N GLN E 206 -62.24 -4.53 -34.58
CA GLN E 206 -62.81 -4.70 -33.25
C GLN E 206 -61.95 -5.64 -32.42
N ASN E 207 -61.92 -5.40 -31.12
CA ASN E 207 -61.13 -6.16 -30.16
C ASN E 207 -59.64 -6.08 -30.44
N TRP E 208 -59.22 -5.07 -31.20
CA TRP E 208 -57.80 -4.80 -31.43
C TRP E 208 -57.05 -4.75 -30.11
N ARG E 209 -55.90 -5.42 -30.07
CA ARG E 209 -55.20 -5.61 -28.79
C ARG E 209 -54.69 -4.30 -28.23
N TYR E 210 -54.35 -3.33 -29.09
CA TYR E 210 -53.93 -2.02 -28.62
C TYR E 210 -55.10 -1.10 -28.34
N ALA E 211 -56.29 -1.42 -28.84
CA ALA E 211 -57.46 -0.55 -28.71
C ALA E 211 -58.73 -1.28 -29.10
N THR E 212 -59.46 -1.81 -28.11
CA THR E 212 -60.67 -2.56 -28.42
C THR E 212 -61.70 -1.72 -29.17
N GLY E 213 -61.60 -0.39 -29.06
CA GLY E 213 -62.45 0.47 -29.87
C GLY E 213 -62.16 0.35 -31.36
N GLY E 214 -60.96 -0.07 -31.72
CA GLY E 214 -60.64 -0.43 -33.09
C GLY E 214 -59.65 0.53 -33.73
N TRP E 215 -59.56 0.39 -35.05
CA TRP E 215 -58.62 1.17 -35.85
C TRP E 215 -58.89 2.67 -35.70
N GLU E 216 -60.15 3.06 -35.75
CA GLU E 216 -60.55 4.46 -35.75
C GLU E 216 -60.33 5.13 -34.39
N THR E 217 -59.77 4.41 -33.42
CA THR E 217 -59.36 5.02 -32.16
C THR E 217 -58.27 6.07 -32.37
N VAL E 218 -57.44 5.88 -33.39
CA VAL E 218 -56.25 6.71 -33.57
C VAL E 218 -56.22 7.30 -34.97
N PHE E 219 -56.68 6.54 -35.96
CA PHE E 219 -56.53 6.91 -37.35
C PHE E 219 -57.88 7.16 -38.02
N ARG E 220 -57.83 7.89 -39.12
CA ARG E 220 -58.99 8.09 -39.96
C ARG E 220 -59.46 6.75 -40.51
N PRO E 221 -60.76 6.58 -40.74
CA PRO E 221 -61.21 5.36 -41.43
C PRO E 221 -60.63 5.32 -42.84
N VAL E 222 -60.40 4.11 -43.34
CA VAL E 222 -59.74 3.93 -44.62
C VAL E 222 -60.67 4.33 -45.76
N SER E 223 -61.90 4.73 -45.42
CA SER E 223 -62.88 5.13 -46.41
C SER E 223 -63.87 6.11 -45.78
N GLU E 224 -64.33 7.06 -46.59
CA GLU E 224 -65.38 7.98 -46.16
C GLU E 224 -66.77 7.56 -46.62
N THR E 225 -66.87 6.72 -47.64
CA THR E 225 -68.16 6.32 -48.19
C THR E 225 -68.49 4.85 -48.03
N CYS E 226 -67.49 3.98 -47.87
CA CYS E 226 -67.73 2.53 -47.89
C CYS E 226 -66.95 1.89 -46.73
N THR E 227 -67.62 1.75 -45.58
CA THR E 227 -67.05 1.02 -44.46
C THR E 227 -67.87 -0.19 -44.04
N ASP E 228 -69.03 -0.43 -44.65
CA ASP E 228 -69.84 -1.60 -44.32
C ASP E 228 -69.49 -2.73 -45.29
N ARG E 229 -69.53 -3.96 -44.78
CA ARG E 229 -69.08 -5.12 -45.54
C ARG E 229 -70.19 -5.90 -46.23
N SER E 230 -71.40 -5.35 -46.31
CA SER E 230 -72.49 -6.10 -46.92
C SER E 230 -72.25 -6.25 -48.42
N GLY E 231 -72.78 -7.34 -48.98
CA GLY E 231 -72.62 -7.62 -50.39
C GLY E 231 -73.49 -8.77 -50.81
N ILE E 232 -73.67 -8.90 -52.12
CA ILE E 232 -74.54 -9.96 -52.64
C ILE E 232 -73.85 -11.32 -52.53
N SER E 233 -72.53 -11.34 -52.53
CA SER E 233 -71.77 -12.59 -52.45
C SER E 233 -70.56 -12.38 -51.55
N THR E 234 -70.27 -13.37 -50.70
CA THR E 234 -69.16 -13.29 -49.77
C THR E 234 -68.41 -14.61 -49.76
N GLY E 235 -67.12 -14.55 -49.49
CA GLY E 235 -66.31 -15.76 -49.43
C GLY E 235 -64.88 -15.43 -49.04
N HIS E 236 -64.16 -16.48 -48.66
CA HIS E 236 -62.74 -16.38 -48.34
C HIS E 236 -61.90 -16.37 -49.60
N TRP E 237 -60.65 -15.91 -49.46
CA TRP E 237 -59.74 -15.86 -50.60
C TRP E 237 -59.56 -17.24 -51.21
N SER E 238 -59.54 -17.29 -52.55
CA SER E 238 -59.35 -18.55 -53.25
C SER E 238 -58.67 -18.38 -54.60
N GLY E 239 -58.17 -17.19 -54.92
CA GLY E 239 -57.57 -16.95 -56.22
C GLY E 239 -58.25 -15.77 -56.91
N GLU E 240 -57.45 -14.93 -57.56
CA GLU E 240 -57.99 -13.75 -58.22
C GLU E 240 -59.01 -14.14 -59.30
N VAL E 241 -58.75 -15.23 -60.01
CA VAL E 241 -59.65 -15.66 -61.08
C VAL E 241 -60.97 -16.18 -60.50
N LYS E 242 -60.89 -17.07 -59.51
CA LYS E 242 -62.08 -17.69 -58.94
C LYS E 242 -63.03 -16.67 -58.31
N ASP E 243 -62.50 -15.57 -57.80
CA ASP E 243 -63.29 -14.55 -57.13
C ASP E 243 -63.80 -13.47 -58.07
N LYS E 244 -63.77 -13.71 -59.39
CA LYS E 244 -64.10 -12.65 -60.35
C LYS E 244 -65.52 -12.12 -60.17
N ASN E 245 -66.46 -12.96 -59.73
CA ASN E 245 -67.84 -12.55 -59.54
C ASN E 245 -68.25 -12.51 -58.07
N VAL E 246 -67.29 -12.54 -57.15
CA VAL E 246 -67.56 -12.45 -55.72
C VAL E 246 -67.36 -11.02 -55.28
N GLN E 247 -68.44 -10.41 -54.78
CA GLN E 247 -68.38 -8.99 -54.42
C GLN E 247 -67.49 -8.74 -53.21
N VAL E 248 -67.64 -9.54 -52.16
CA VAL E 248 -66.92 -9.34 -50.91
C VAL E 248 -66.05 -10.57 -50.64
N VAL E 249 -64.74 -10.35 -50.55
CA VAL E 249 -63.77 -11.42 -50.33
C VAL E 249 -63.02 -11.14 -49.03
N GLU E 250 -62.93 -12.14 -48.17
CA GLU E 250 -62.19 -12.02 -46.92
C GLU E 250 -60.78 -12.54 -47.11
N LEU E 251 -59.80 -11.76 -46.65
CA LEU E 251 -58.39 -12.03 -46.91
C LEU E 251 -57.66 -12.44 -45.64
N PRO E 252 -57.01 -13.59 -45.64
CA PRO E 252 -56.27 -14.03 -44.45
C PRO E 252 -54.89 -13.38 -44.38
N ILE E 253 -54.14 -13.71 -43.33
CA ILE E 253 -52.78 -13.20 -43.20
C ILE E 253 -51.89 -13.81 -44.28
N VAL E 254 -50.79 -13.11 -44.56
CA VAL E 254 -49.91 -13.49 -45.66
C VAL E 254 -49.21 -14.82 -45.38
N ASP E 255 -48.99 -15.16 -44.11
CA ASP E 255 -48.20 -16.34 -43.76
C ASP E 255 -48.80 -17.65 -44.26
N SER E 256 -50.12 -17.70 -44.49
CA SER E 256 -50.77 -18.91 -44.95
C SER E 256 -51.64 -18.65 -46.18
N LEU E 257 -51.23 -17.72 -47.03
CA LEU E 257 -52.03 -17.34 -48.19
C LEU E 257 -51.73 -18.25 -49.38
N HIS E 258 -52.78 -18.84 -49.94
CA HIS E 258 -52.68 -19.69 -51.11
C HIS E 258 -54.00 -19.61 -51.88
N PRO E 259 -53.98 -19.26 -53.17
CA PRO E 259 -52.77 -18.92 -53.92
C PRO E 259 -52.37 -17.45 -53.75
N ARG E 260 -51.08 -17.17 -53.90
CA ARG E 260 -50.55 -15.82 -53.72
C ARG E 260 -50.75 -14.97 -54.98
N PRO E 261 -51.28 -13.77 -54.86
CA PRO E 261 -51.40 -12.88 -56.03
C PRO E 261 -50.07 -12.20 -56.32
N PRO E 262 -49.95 -11.51 -57.46
CA PRO E 262 -48.69 -10.82 -57.77
C PRO E 262 -48.52 -9.46 -57.11
N TYR E 263 -49.56 -8.92 -56.49
CA TYR E 263 -49.51 -7.56 -55.91
C TYR E 263 -48.89 -7.61 -54.51
N LEU E 264 -47.60 -7.90 -54.48
CA LEU E 264 -46.86 -8.03 -53.23
C LEU E 264 -45.50 -7.36 -53.36
N PRO E 265 -44.91 -6.94 -52.24
CA PRO E 265 -43.50 -6.52 -52.25
C PRO E 265 -42.60 -7.70 -52.61
N LEU E 266 -41.42 -7.39 -53.12
CA LEU E 266 -40.94 -6.02 -53.29
C LEU E 266 -41.14 -5.52 -54.71
N ALA E 267 -42.18 -6.03 -55.36
CA ALA E 267 -42.49 -5.59 -56.71
C ALA E 267 -43.18 -4.23 -56.68
N VAL E 268 -43.13 -3.54 -57.83
CA VAL E 268 -43.71 -2.21 -57.96
C VAL E 268 -44.54 -2.19 -59.24
N PRO E 269 -45.49 -1.26 -59.34
CA PRO E 269 -46.33 -1.20 -60.54
C PRO E 269 -45.51 -1.05 -61.81
N GLU E 270 -45.81 -1.88 -62.79
CA GLU E 270 -45.12 -1.83 -64.08
C GLU E 270 -45.22 -0.44 -64.68
N ASP E 271 -46.35 0.23 -64.48
CA ASP E 271 -46.58 1.56 -65.03
C ASP E 271 -45.76 2.64 -64.34
N LEU E 272 -45.21 2.37 -63.16
CA LEU E 272 -44.44 3.34 -62.40
C LEU E 272 -42.95 3.05 -62.36
N ALA E 273 -42.49 1.95 -62.96
CA ALA E 273 -41.12 1.50 -62.80
C ALA E 273 -40.11 2.56 -63.22
N ASP E 274 -40.23 3.09 -64.44
CA ASP E 274 -39.22 4.00 -64.95
C ASP E 274 -39.11 5.27 -64.11
N ARG E 275 -40.25 5.84 -63.69
CA ARG E 275 -40.19 7.06 -62.91
C ARG E 275 -39.65 6.83 -61.50
N LEU E 276 -39.91 5.66 -60.92
CA LEU E 276 -39.43 5.41 -59.56
C LEU E 276 -37.92 5.17 -59.54
N VAL E 277 -37.40 4.40 -60.51
CA VAL E 277 -35.97 4.17 -60.58
C VAL E 277 -35.23 5.48 -60.83
N ARG E 278 -35.84 6.37 -61.61
CA ARG E 278 -35.24 7.67 -61.89
C ARG E 278 -35.09 8.52 -60.64
N VAL E 279 -36.01 8.39 -59.69
CA VAL E 279 -36.09 9.28 -58.54
C VAL E 279 -35.60 8.62 -57.26
N HIS E 280 -36.09 7.42 -56.96
CA HIS E 280 -35.89 6.79 -55.66
C HIS E 280 -34.89 5.66 -55.75
N GLY E 281 -34.00 5.59 -54.75
CA GLY E 281 -32.98 4.56 -54.70
C GLY E 281 -33.49 3.19 -54.34
N ASP E 282 -34.72 3.08 -53.85
CA ASP E 282 -35.32 1.79 -53.51
C ASP E 282 -36.82 1.92 -53.72
N PRO E 283 -37.28 1.74 -54.97
CA PRO E 283 -38.71 1.95 -55.26
C PRO E 283 -39.63 1.04 -54.47
N ALA E 284 -39.18 -0.17 -54.12
CA ALA E 284 -40.03 -1.09 -53.38
C ALA E 284 -40.51 -0.48 -52.07
N VAL E 285 -39.62 0.26 -51.39
CA VAL E 285 -40.01 0.90 -50.13
C VAL E 285 -40.96 2.06 -50.39
N TRP E 286 -40.69 2.85 -51.43
CA TRP E 286 -41.57 3.96 -51.77
C TRP E 286 -43.00 3.47 -52.00
N TRP E 287 -43.13 2.39 -52.78
CA TRP E 287 -44.44 1.80 -53.04
C TRP E 287 -45.17 1.44 -51.74
N VAL E 288 -44.47 0.80 -50.81
CA VAL E 288 -45.06 0.45 -49.53
C VAL E 288 -45.47 1.72 -48.77
N SER E 289 -44.59 2.72 -48.73
CA SER E 289 -44.83 3.92 -47.94
C SER E 289 -46.13 4.62 -48.34
N GLN E 290 -46.54 4.51 -49.60
CA GLN E 290 -47.77 5.16 -50.04
C GLN E 290 -48.99 4.62 -49.29
N PHE E 291 -48.96 3.33 -48.95
CA PHE E 291 -50.06 2.76 -48.18
C PHE E 291 -49.94 3.09 -46.71
N VAL E 292 -48.71 3.08 -46.18
CA VAL E 292 -48.48 3.57 -44.82
C VAL E 292 -48.91 5.02 -44.71
N LYS E 293 -48.50 5.84 -45.68
CA LYS E 293 -48.86 7.26 -45.69
C LYS E 293 -50.38 7.44 -45.61
N TYR E 294 -51.12 6.64 -46.38
CA TYR E 294 -52.58 6.77 -46.40
C TYR E 294 -53.19 6.28 -45.09
N LEU E 295 -52.74 5.13 -44.60
CA LEU E 295 -53.36 4.51 -43.43
C LEU E 295 -53.23 5.40 -42.20
N ILE E 296 -52.07 6.03 -42.00
CA ILE E 296 -51.75 6.63 -40.71
C ILE E 296 -52.23 8.07 -40.61
N ARG E 297 -53.21 8.44 -41.44
CA ARG E 297 -53.83 9.74 -41.29
C ARG E 297 -54.43 9.84 -39.89
N PRO E 298 -53.91 10.73 -39.04
CA PRO E 298 -54.32 10.72 -37.63
C PRO E 298 -55.66 11.38 -37.40
N GLN E 299 -56.37 10.87 -36.38
CA GLN E 299 -57.54 11.57 -35.88
C GLN E 299 -57.12 12.91 -35.28
N PRO E 300 -58.05 13.87 -35.21
CA PRO E 300 -57.68 15.23 -34.76
C PRO E 300 -56.92 15.31 -33.45
N TRP E 301 -57.39 14.61 -32.41
CA TRP E 301 -56.72 14.71 -31.11
C TRP E 301 -55.30 14.17 -31.17
N LEU E 302 -55.06 13.16 -32.01
CA LEU E 302 -53.70 12.63 -32.16
C LEU E 302 -52.82 13.61 -32.90
N GLU E 303 -53.32 14.19 -33.99
CA GLU E 303 -52.60 15.24 -34.70
C GLU E 303 -52.20 16.37 -33.76
N LYS E 304 -53.11 16.77 -32.87
CA LYS E 304 -52.79 17.83 -31.91
C LYS E 304 -51.69 17.38 -30.95
N GLU E 305 -51.75 16.13 -30.49
CA GLU E 305 -50.75 15.65 -29.54
C GLU E 305 -49.37 15.59 -30.19
N ILE E 306 -49.29 15.18 -31.45
CA ILE E 306 -48.04 15.22 -32.17
C ILE E 306 -47.50 16.64 -32.21
N GLU E 307 -48.38 17.61 -32.49
CA GLU E 307 -47.97 19.01 -32.53
C GLU E 307 -47.43 19.47 -31.18
N GLU E 308 -48.07 19.05 -30.08
CA GLU E 308 -47.60 19.45 -28.75
C GLU E 308 -46.32 18.71 -28.36
N ALA E 309 -46.25 17.41 -28.63
CA ALA E 309 -45.04 16.65 -28.31
C ALA E 309 -43.83 17.23 -29.04
N THR E 310 -43.98 17.55 -30.32
CA THR E 310 -42.92 18.21 -31.07
C THR E 310 -42.42 19.45 -30.34
N LYS E 311 -43.35 20.28 -29.86
CA LYS E 311 -42.98 21.50 -29.17
C LYS E 311 -42.47 21.22 -27.76
N LYS E 312 -43.07 20.23 -27.09
CA LYS E 312 -42.65 19.89 -25.73
C LYS E 312 -41.23 19.36 -25.69
N LEU E 313 -40.90 18.43 -26.60
CA LEU E 313 -39.60 17.77 -26.62
C LEU E 313 -38.52 18.62 -27.27
N GLY E 314 -38.81 19.85 -27.68
CA GLY E 314 -37.82 20.65 -28.38
C GLY E 314 -37.28 19.97 -29.61
N PHE E 315 -38.12 19.25 -30.34
CA PHE E 315 -37.70 18.52 -31.53
C PHE E 315 -37.35 19.52 -32.63
N LYS E 316 -36.08 19.58 -33.00
CA LYS E 316 -35.62 20.48 -34.05
C LYS E 316 -34.50 19.79 -34.83
N HIS E 317 -34.13 20.40 -35.94
CA HIS E 317 -33.13 19.84 -36.84
C HIS E 317 -31.82 20.63 -36.75
N PRO E 318 -30.67 20.00 -37.01
CA PRO E 318 -30.48 18.58 -37.39
C PRO E 318 -30.65 17.60 -36.23
N VAL E 319 -31.17 16.42 -36.52
CA VAL E 319 -31.43 15.40 -35.51
C VAL E 319 -31.36 14.04 -36.18
N ILE E 320 -30.80 13.06 -35.45
CA ILE E 320 -30.67 11.68 -35.94
C ILE E 320 -31.52 10.79 -35.04
N GLY E 321 -32.35 9.96 -35.66
CA GLY E 321 -33.22 9.07 -34.92
C GLY E 321 -32.55 7.74 -34.64
N VAL E 322 -32.73 7.25 -33.41
CA VAL E 322 -32.14 5.99 -32.96
C VAL E 322 -33.21 5.17 -32.27
N HIS E 323 -33.38 3.92 -32.70
CA HIS E 323 -34.35 2.99 -32.14
C HIS E 323 -33.60 1.80 -31.58
N VAL E 324 -33.67 1.62 -30.27
CA VAL E 324 -32.99 0.53 -29.58
C VAL E 324 -34.07 -0.45 -29.13
N ARG E 325 -34.23 -1.53 -29.86
CA ARG E 325 -35.24 -2.55 -29.55
C ARG E 325 -34.59 -3.65 -28.72
N ARG E 326 -35.09 -3.83 -27.51
CA ARG E 326 -34.57 -4.85 -26.61
C ARG E 326 -35.71 -5.69 -26.05
N THR E 327 -35.70 -5.93 -24.74
CA THR E 327 -36.76 -6.66 -24.06
C THR E 327 -37.02 -8.02 -24.71
N ASP E 328 -38.26 -8.25 -25.15
CA ASP E 328 -38.64 -9.56 -25.66
C ASP E 328 -38.00 -9.88 -27.01
N LYS E 329 -37.56 -8.87 -27.76
CA LYS E 329 -36.95 -9.12 -29.06
C LYS E 329 -35.59 -9.81 -28.92
N VAL E 330 -34.84 -9.47 -27.87
CA VAL E 330 -33.49 -10.01 -27.70
C VAL E 330 -33.55 -11.50 -27.43
N GLY E 331 -32.71 -12.26 -28.15
CA GLY E 331 -32.62 -13.69 -27.99
C GLY E 331 -33.67 -14.50 -28.72
N THR E 332 -34.68 -13.85 -29.29
CA THR E 332 -35.71 -14.53 -30.08
C THR E 332 -35.68 -14.09 -31.54
N GLU E 333 -35.89 -12.80 -31.81
CA GLU E 333 -35.89 -12.29 -33.17
C GLU E 333 -34.68 -11.42 -33.48
N ALA E 334 -33.84 -11.12 -32.49
CA ALA E 334 -32.69 -10.25 -32.68
C ALA E 334 -31.70 -10.53 -31.56
N ALA E 335 -30.62 -9.75 -31.55
CA ALA E 335 -29.55 -9.88 -30.57
C ALA E 335 -29.47 -8.61 -29.73
N PHE E 336 -28.70 -8.69 -28.65
CA PHE E 336 -28.46 -7.51 -27.82
C PHE E 336 -27.38 -6.66 -28.45
N HIS E 337 -27.69 -5.38 -28.67
CA HIS E 337 -26.73 -4.45 -29.26
C HIS E 337 -26.44 -3.35 -28.24
N PRO E 338 -25.21 -3.22 -27.77
CA PRO E 338 -24.89 -2.13 -26.84
C PRO E 338 -25.13 -0.77 -27.49
N ILE E 339 -25.30 0.24 -26.63
CA ILE E 339 -25.56 1.58 -27.12
C ILE E 339 -24.40 2.10 -27.95
N GLU E 340 -23.18 1.63 -27.65
CA GLU E 340 -22.01 2.08 -28.40
C GLU E 340 -22.08 1.66 -29.86
N GLU E 341 -22.69 0.50 -30.15
CA GLU E 341 -22.85 0.08 -31.53
C GLU E 341 -23.73 1.05 -32.31
N TYR E 342 -24.64 1.74 -31.63
CA TYR E 342 -25.49 2.71 -32.30
C TYR E 342 -24.77 4.05 -32.48
N MET E 343 -24.04 4.50 -31.46
CA MET E 343 -23.47 5.85 -31.47
C MET E 343 -22.26 5.98 -32.38
N VAL E 344 -21.60 4.88 -32.73
CA VAL E 344 -20.48 4.97 -33.66
C VAL E 344 -20.96 5.46 -35.02
N HIS E 345 -22.19 5.11 -35.39
CA HIS E 345 -22.75 5.56 -36.66
C HIS E 345 -23.45 6.92 -36.56
N VAL E 346 -23.98 7.26 -35.38
CA VAL E 346 -24.51 8.60 -35.17
C VAL E 346 -23.39 9.64 -35.31
N GLU E 347 -22.27 9.42 -34.59
CA GLU E 347 -21.16 10.35 -34.65
C GLU E 347 -20.59 10.45 -36.07
N GLU E 348 -20.42 9.30 -36.72
CA GLU E 348 -19.96 9.28 -38.11
C GLU E 348 -20.80 10.20 -38.99
N HIS E 349 -22.13 10.09 -38.91
CA HIS E 349 -22.98 10.88 -39.78
C HIS E 349 -22.92 12.38 -39.45
N PHE E 350 -22.84 12.72 -38.16
CA PHE E 350 -22.69 14.12 -37.79
C PHE E 350 -21.37 14.68 -38.32
N GLN E 351 -20.32 13.86 -38.40
CA GLN E 351 -19.09 14.28 -39.06
C GLN E 351 -19.32 14.52 -40.55
N LEU E 352 -20.22 13.74 -41.18
CA LEU E 352 -20.52 13.96 -42.59
C LEU E 352 -21.35 15.22 -42.77
N LEU E 353 -22.36 15.43 -41.93
CA LEU E 353 -23.19 16.62 -42.02
C LEU E 353 -22.39 17.88 -41.73
N ALA E 354 -21.47 17.82 -40.77
CA ALA E 354 -20.61 18.97 -40.48
C ALA E 354 -19.83 19.42 -41.70
N ARG E 355 -19.56 18.50 -42.63
CA ARG E 355 -18.84 18.85 -43.85
C ARG E 355 -19.66 19.72 -44.78
N ARG E 356 -20.99 19.78 -44.58
CA ARG E 356 -21.86 20.50 -45.50
C ARG E 356 -22.72 21.56 -44.80
N MET E 357 -22.65 21.69 -43.48
CA MET E 357 -23.54 22.63 -42.79
C MET E 357 -23.01 22.88 -41.39
N GLN E 358 -23.66 23.83 -40.73
CA GLN E 358 -23.41 24.13 -39.33
C GLN E 358 -24.19 23.16 -38.44
N VAL E 359 -23.48 22.40 -37.61
CA VAL E 359 -24.10 21.52 -36.63
C VAL E 359 -24.00 22.24 -35.29
N ASP E 360 -25.07 22.95 -34.93
CA ASP E 360 -25.12 23.67 -33.66
C ASP E 360 -24.90 22.73 -32.48
N LYS E 361 -25.69 21.66 -32.42
CA LYS E 361 -25.62 20.69 -31.33
C LYS E 361 -25.92 19.32 -31.92
N LYS E 362 -25.25 18.30 -31.40
CA LYS E 362 -25.43 16.93 -31.88
C LYS E 362 -26.66 16.35 -31.19
N ARG E 363 -27.79 16.37 -31.89
CA ARG E 363 -29.07 15.92 -31.34
C ARG E 363 -29.38 14.50 -31.75
N VAL E 364 -30.02 13.77 -30.84
CA VAL E 364 -30.45 12.39 -31.09
C VAL E 364 -31.84 12.22 -30.50
N TYR E 365 -32.76 11.68 -31.31
CA TYR E 365 -34.05 11.24 -30.79
C TYR E 365 -33.97 9.76 -30.47
N LEU E 366 -34.14 9.42 -29.21
CA LEU E 366 -33.98 8.04 -28.73
C LEU E 366 -35.35 7.43 -28.49
N ALA E 367 -35.68 6.40 -29.27
CA ALA E 367 -36.89 5.62 -29.07
C ALA E 367 -36.47 4.23 -28.61
N THR E 368 -36.97 3.81 -27.45
CA THR E 368 -36.60 2.51 -26.92
C THR E 368 -37.66 2.06 -25.92
N ASP E 369 -37.71 0.74 -25.73
CA ASP E 369 -38.53 0.13 -24.69
C ASP E 369 -37.73 -0.21 -23.43
N ASP E 370 -36.48 0.27 -23.35
CA ASP E 370 -35.65 0.16 -22.16
C ASP E 370 -35.65 1.50 -21.45
N PRO E 371 -36.53 1.70 -20.46
CA PRO E 371 -36.60 3.01 -19.80
C PRO E 371 -35.36 3.39 -19.02
N SER E 372 -34.50 2.42 -18.69
CA SER E 372 -33.26 2.71 -17.98
C SER E 372 -32.16 3.19 -18.90
N LEU E 373 -32.38 3.18 -20.23
CA LEU E 373 -31.30 3.44 -21.17
C LEU E 373 -31.01 4.93 -21.33
N LEU E 374 -32.03 5.79 -21.23
CA LEU E 374 -31.83 7.21 -21.51
C LEU E 374 -30.79 7.81 -20.57
N LYS E 375 -30.88 7.49 -19.27
CA LYS E 375 -29.89 7.99 -18.33
C LYS E 375 -28.49 7.46 -18.66
N GLU E 376 -28.41 6.18 -19.06
CA GLU E 376 -27.12 5.61 -19.46
C GLU E 376 -26.53 6.35 -20.66
N ALA E 377 -27.36 6.63 -21.67
CA ALA E 377 -26.88 7.33 -22.86
C ALA E 377 -26.38 8.73 -22.52
N LYS E 378 -27.20 9.51 -21.81
CA LYS E 378 -26.79 10.85 -21.41
C LYS E 378 -25.48 10.83 -20.63
N THR E 379 -25.26 9.79 -19.82
CA THR E 379 -24.03 9.68 -19.05
C THR E 379 -22.83 9.44 -19.98
N LYS E 380 -22.98 8.54 -20.94
CA LYS E 380 -21.86 8.13 -21.77
C LYS E 380 -21.54 9.11 -22.90
N TYR E 381 -22.50 9.94 -23.29
CA TYR E 381 -22.31 10.89 -24.39
C TYR E 381 -22.81 12.26 -23.96
N PRO E 382 -22.05 12.95 -23.10
CA PRO E 382 -22.55 14.20 -22.52
C PRO E 382 -22.59 15.37 -23.48
N ASN E 383 -21.91 15.30 -24.61
CA ASN E 383 -21.95 16.37 -25.59
C ASN E 383 -23.11 16.25 -26.55
N TYR E 384 -23.94 15.22 -26.39
CA TYR E 384 -25.14 15.02 -27.20
C TYR E 384 -26.37 15.50 -26.45
N GLU E 385 -27.35 15.96 -27.21
CA GLU E 385 -28.67 16.30 -26.68
C GLU E 385 -29.62 15.16 -27.02
N PHE E 386 -30.03 14.40 -26.01
CA PHE E 386 -30.92 13.26 -26.21
C PHE E 386 -32.37 13.69 -26.00
N ILE E 387 -33.18 13.57 -27.04
CA ILE E 387 -34.60 13.88 -27.00
C ILE E 387 -35.35 12.56 -26.89
N SER E 388 -36.15 12.41 -25.83
CA SER E 388 -36.81 11.14 -25.58
C SER E 388 -37.90 11.35 -24.53
N ASP E 389 -38.91 10.50 -24.58
CA ASP E 389 -40.01 10.48 -23.62
C ASP E 389 -39.88 9.17 -22.84
N ASN E 390 -39.30 9.25 -21.64
CA ASN E 390 -39.05 8.04 -20.86
C ASN E 390 -40.34 7.38 -20.40
N SER E 391 -41.39 8.17 -20.15
CA SER E 391 -42.67 7.59 -19.79
C SER E 391 -43.26 6.77 -20.93
N ILE E 392 -42.94 7.14 -22.17
CA ILE E 392 -43.31 6.31 -23.32
C ILE E 392 -42.58 4.97 -23.26
N SER E 393 -41.28 5.00 -22.97
CA SER E 393 -40.52 3.76 -22.80
C SER E 393 -41.15 2.88 -21.72
N TRP E 394 -41.64 3.50 -20.64
CA TRP E 394 -42.34 2.73 -19.62
C TRP E 394 -43.64 2.15 -20.16
N SER E 395 -44.38 2.92 -20.96
CA SER E 395 -45.61 2.42 -21.53
C SER E 395 -45.35 1.22 -22.45
N ALA E 396 -44.19 1.19 -23.10
CA ALA E 396 -43.82 0.07 -23.96
C ALA E 396 -43.43 -1.17 -23.18
N GLY E 397 -43.47 -1.11 -21.85
CA GLY E 397 -43.16 -2.29 -21.05
C GLY E 397 -44.06 -3.46 -21.35
N LEU E 398 -43.58 -4.64 -21.00
CA LEU E 398 -44.27 -5.88 -21.36
C LEU E 398 -45.64 -5.97 -20.69
N HIS E 399 -45.74 -5.49 -19.46
CA HIS E 399 -46.97 -5.62 -18.69
C HIS E 399 -48.05 -4.62 -19.09
N ASN E 400 -47.70 -3.57 -19.83
CA ASN E 400 -48.63 -2.53 -20.21
C ASN E 400 -48.54 -2.16 -21.69
N ARG E 401 -47.95 -3.04 -22.51
CA ARG E 401 -47.67 -2.71 -23.90
C ARG E 401 -48.94 -2.59 -24.73
N TYR E 402 -49.93 -3.44 -24.48
CA TYR E 402 -51.08 -3.55 -25.39
C TYR E 402 -52.27 -2.77 -24.84
N THR E 403 -52.10 -1.44 -24.83
CA THR E 403 -53.15 -0.51 -24.47
C THR E 403 -53.05 0.70 -25.39
N GLU E 404 -54.08 1.53 -25.38
CA GLU E 404 -54.07 2.75 -26.19
C GLU E 404 -52.94 3.69 -25.79
N ASN E 405 -52.71 3.83 -24.48
CA ASN E 405 -51.65 4.72 -24.01
C ASN E 405 -50.29 4.30 -24.56
N SER E 406 -49.98 3.01 -24.47
CA SER E 406 -48.72 2.52 -25.02
C SER E 406 -48.72 2.62 -26.54
N LEU E 407 -49.88 2.38 -27.17
CA LEU E 407 -50.01 2.54 -28.61
C LEU E 407 -49.67 3.96 -29.03
N ARG E 408 -50.24 4.95 -28.33
CA ARG E 408 -49.91 6.34 -28.59
C ARG E 408 -48.42 6.60 -28.47
N GLY E 409 -47.74 5.90 -27.56
CA GLY E 409 -46.31 6.07 -27.40
C GLY E 409 -45.52 5.69 -28.63
N VAL E 410 -45.76 4.48 -29.15
CA VAL E 410 -44.97 4.01 -30.29
C VAL E 410 -45.29 4.80 -31.54
N ILE E 411 -46.52 5.27 -31.70
CA ILE E 411 -46.86 6.13 -32.83
C ILE E 411 -46.01 7.41 -32.81
N LEU E 412 -45.93 8.05 -31.63
CA LEU E 412 -45.11 9.24 -31.51
C LEU E 412 -43.65 8.95 -31.80
N ASP E 413 -43.10 7.89 -31.20
CA ASP E 413 -41.71 7.54 -31.45
C ASP E 413 -41.47 7.30 -32.93
N ILE E 414 -42.35 6.55 -33.59
CA ILE E 414 -42.19 6.27 -35.01
C ILE E 414 -42.25 7.56 -35.81
N HIS E 415 -43.15 8.47 -35.44
CA HIS E 415 -43.25 9.76 -36.11
C HIS E 415 -41.92 10.50 -36.06
N PHE E 416 -41.37 10.66 -34.85
CA PHE E 416 -40.13 11.42 -34.72
C PHE E 416 -38.94 10.67 -35.30
N LEU E 417 -38.95 9.34 -35.27
CA LEU E 417 -37.93 8.58 -35.98
C LEU E 417 -37.99 8.86 -37.48
N SER E 418 -39.19 8.80 -38.05
CA SER E 418 -39.34 9.05 -39.49
C SER E 418 -38.99 10.48 -39.87
N GLN E 419 -39.19 11.43 -38.96
CA GLN E 419 -38.90 12.84 -39.24
C GLN E 419 -37.42 13.18 -39.12
N ALA E 420 -36.60 12.27 -38.59
CA ALA E 420 -35.20 12.56 -38.38
C ALA E 420 -34.45 12.65 -39.71
N ASP E 421 -33.24 13.22 -39.64
CA ASP E 421 -32.39 13.35 -40.82
C ASP E 421 -31.64 12.07 -41.14
N PHE E 422 -31.69 11.07 -40.27
CA PHE E 422 -30.97 9.82 -40.42
C PHE E 422 -31.48 8.84 -39.38
N LEU E 423 -31.44 7.56 -39.70
CA LEU E 423 -32.07 6.52 -38.88
C LEU E 423 -31.07 5.41 -38.61
N VAL E 424 -30.75 5.20 -37.34
CA VAL E 424 -29.85 4.13 -36.92
C VAL E 424 -30.65 3.20 -36.02
N CYS E 425 -30.68 1.91 -36.36
CA CYS E 425 -31.52 0.95 -35.65
C CYS E 425 -31.23 -0.48 -36.09
N THR E 426 -32.21 -1.36 -35.89
CA THR E 426 -32.16 -2.74 -36.36
C THR E 426 -33.40 -3.01 -37.18
N PHE E 427 -33.22 -3.28 -38.48
CA PHE E 427 -34.36 -3.53 -39.36
C PHE E 427 -35.04 -4.86 -39.09
N SER E 428 -34.50 -5.69 -38.19
CA SER E 428 -35.26 -6.86 -37.75
C SER E 428 -36.48 -6.44 -36.94
N SER E 429 -36.50 -5.21 -36.43
CA SER E 429 -37.62 -4.68 -35.69
C SER E 429 -38.57 -4.00 -36.66
N GLN E 430 -39.82 -4.46 -36.71
CA GLN E 430 -40.82 -3.85 -37.58
C GLN E 430 -41.05 -2.39 -37.22
N VAL E 431 -40.79 -2.00 -35.97
CA VAL E 431 -40.96 -0.61 -35.57
C VAL E 431 -40.07 0.32 -36.38
N CYS E 432 -38.81 -0.06 -36.58
CA CYS E 432 -37.91 0.80 -37.35
C CYS E 432 -38.24 0.76 -38.83
N ARG E 433 -38.66 -0.39 -39.35
CA ARG E 433 -39.00 -0.47 -40.77
C ARG E 433 -40.16 0.44 -41.12
N VAL E 434 -41.11 0.63 -40.19
CA VAL E 434 -42.22 1.55 -40.45
C VAL E 434 -41.72 2.98 -40.47
N ALA E 435 -40.91 3.36 -39.48
CA ALA E 435 -40.33 4.71 -39.46
C ALA E 435 -39.51 4.97 -40.71
N TYR E 436 -38.73 3.99 -41.15
CA TYR E 436 -37.98 4.14 -42.40
C TYR E 436 -38.92 4.32 -43.59
N GLU E 437 -40.01 3.55 -43.63
CA GLU E 437 -40.97 3.69 -44.72
C GLU E 437 -41.61 5.07 -44.74
N ILE E 438 -42.09 5.54 -43.58
CA ILE E 438 -42.68 6.87 -43.50
C ILE E 438 -41.70 7.93 -43.97
N MET E 439 -40.43 7.78 -43.59
CA MET E 439 -39.39 8.72 -44.00
C MET E 439 -39.37 8.91 -45.51
N GLN E 440 -39.64 7.83 -46.26
CA GLN E 440 -39.64 7.92 -47.73
C GLN E 440 -40.69 8.88 -48.26
N THR E 441 -41.73 9.16 -47.48
CA THR E 441 -42.77 10.10 -47.90
C THR E 441 -42.43 11.54 -47.52
N LEU E 442 -41.35 11.75 -46.77
CA LEU E 442 -40.96 13.07 -46.32
C LEU E 442 -39.82 13.66 -47.13
N HIS E 443 -39.20 12.88 -48.00
CA HIS E 443 -38.07 13.32 -48.80
C HIS E 443 -38.15 12.69 -50.18
N PRO E 444 -37.53 13.33 -51.19
CA PRO E 444 -37.54 12.73 -52.53
C PRO E 444 -36.93 11.33 -52.58
N ASP E 445 -35.70 11.18 -52.09
CA ASP E 445 -35.02 9.88 -52.07
C ASP E 445 -34.33 9.74 -50.72
N ALA E 446 -35.05 9.20 -49.74
CA ALA E 446 -34.50 8.90 -48.43
C ALA E 446 -34.12 7.43 -48.30
N SER E 447 -33.89 6.75 -49.42
CA SER E 447 -33.63 5.31 -49.38
C SER E 447 -32.34 5.00 -48.66
N ALA E 448 -31.33 5.87 -48.76
CA ALA E 448 -30.03 5.64 -48.16
C ALA E 448 -29.85 6.35 -46.82
N ASN E 449 -30.91 6.93 -46.27
CA ASN E 449 -30.82 7.69 -45.01
C ASN E 449 -30.96 6.79 -43.79
N PHE E 450 -30.25 5.67 -43.77
CA PHE E 450 -30.36 4.75 -42.65
C PHE E 450 -29.06 3.99 -42.47
N HIS E 451 -28.96 3.29 -41.35
CA HIS E 451 -27.99 2.23 -41.17
C HIS E 451 -28.56 1.21 -40.19
N SER E 452 -28.73 -0.02 -40.65
CA SER E 452 -29.26 -1.10 -39.85
C SER E 452 -28.13 -1.93 -39.28
N LEU E 453 -28.20 -2.23 -37.98
CA LEU E 453 -27.18 -3.05 -37.34
C LEU E 453 -27.28 -4.51 -37.70
N ASP E 454 -28.36 -4.94 -38.37
CA ASP E 454 -28.50 -6.33 -38.75
C ASP E 454 -29.10 -6.50 -40.15
N ASP E 455 -30.42 -6.56 -40.24
CA ASP E 455 -31.10 -6.90 -41.49
C ASP E 455 -31.09 -5.75 -42.48
N ILE E 456 -31.09 -6.10 -43.77
CA ILE E 456 -31.40 -5.16 -44.82
C ILE E 456 -32.90 -4.91 -44.78
N TYR E 457 -33.41 -4.01 -45.61
CA TYR E 457 -34.85 -3.79 -45.63
C TYR E 457 -35.56 -5.00 -46.21
N TYR E 458 -36.65 -5.38 -45.57
CA TYR E 458 -37.51 -6.44 -46.08
C TYR E 458 -38.93 -6.20 -45.61
N PHE E 459 -39.87 -6.89 -46.27
CA PHE E 459 -41.27 -6.87 -45.90
C PHE E 459 -41.71 -8.30 -45.67
N GLY E 460 -42.17 -8.60 -44.46
CA GLY E 460 -42.59 -9.94 -44.13
C GLY E 460 -43.63 -10.48 -45.08
N GLY E 461 -43.30 -11.57 -45.77
CA GLY E 461 -44.16 -12.13 -46.79
C GLY E 461 -43.81 -11.74 -48.21
N GLN E 462 -42.78 -10.91 -48.39
CA GLN E 462 -42.36 -10.50 -49.71
C GLN E 462 -42.01 -11.72 -50.57
N ASN E 463 -42.09 -11.54 -51.88
CA ASN E 463 -41.55 -12.53 -52.78
C ASN E 463 -40.03 -12.51 -52.71
N ALA E 464 -39.41 -13.56 -53.23
CA ALA E 464 -37.97 -13.75 -53.08
C ALA E 464 -37.20 -12.53 -53.54
N HIS E 465 -36.43 -11.94 -52.64
CA HIS E 465 -35.60 -10.79 -52.96
C HIS E 465 -34.35 -11.30 -53.66
N ASN E 466 -34.26 -11.05 -54.97
CA ASN E 466 -33.19 -11.57 -55.80
C ASN E 466 -32.30 -10.45 -56.31
N GLN E 467 -31.07 -10.83 -56.67
CA GLN E 467 -30.10 -9.92 -57.22
C GLN E 467 -29.45 -10.54 -58.45
N ILE E 468 -28.74 -9.71 -59.20
CA ILE E 468 -28.07 -10.12 -60.43
C ILE E 468 -26.60 -9.78 -60.28
N ALA E 469 -25.74 -10.79 -60.41
CA ALA E 469 -24.31 -10.56 -60.31
C ALA E 469 -23.83 -9.81 -61.55
N ILE E 470 -23.08 -8.74 -61.33
CA ILE E 470 -22.56 -7.92 -62.43
C ILE E 470 -21.06 -8.10 -62.64
N TYR E 471 -20.31 -8.50 -61.61
CA TYR E 471 -18.89 -8.79 -61.75
C TYR E 471 -18.63 -10.20 -61.25
N ALA E 472 -17.67 -10.87 -61.87
CA ALA E 472 -17.38 -12.25 -61.49
C ALA E 472 -16.73 -12.30 -60.11
N HIS E 473 -16.83 -13.47 -59.48
CA HIS E 473 -16.24 -13.68 -58.16
C HIS E 473 -15.84 -15.14 -58.01
N GLN E 474 -14.61 -15.36 -57.57
CA GLN E 474 -14.11 -16.71 -57.30
C GLN E 474 -13.90 -16.86 -55.79
N PRO E 475 -14.50 -17.87 -55.17
CA PRO E 475 -14.45 -17.97 -53.70
C PRO E 475 -13.03 -18.15 -53.19
N ARG E 476 -12.67 -17.35 -52.18
CA ARG E 476 -11.39 -17.52 -51.51
C ARG E 476 -11.46 -18.60 -50.43
N THR E 477 -12.64 -18.84 -49.86
CA THR E 477 -12.85 -19.87 -48.87
C THR E 477 -14.06 -20.69 -49.26
N ALA E 478 -14.25 -21.82 -48.56
CA ALA E 478 -15.43 -22.63 -48.79
C ALA E 478 -16.70 -21.90 -48.40
N ASP E 479 -16.60 -20.92 -47.50
CA ASP E 479 -17.75 -20.16 -47.03
C ASP E 479 -18.24 -19.13 -48.05
N GLU E 480 -17.46 -18.84 -49.09
CA GLU E 480 -17.90 -17.92 -50.12
C GLU E 480 -18.51 -18.70 -51.28
N ILE E 481 -19.22 -17.98 -52.14
CA ILE E 481 -19.82 -18.58 -53.32
C ILE E 481 -19.27 -17.93 -54.58
N PRO E 482 -19.19 -18.65 -55.69
CA PRO E 482 -18.75 -18.03 -56.94
C PRO E 482 -19.91 -17.35 -57.65
N MET E 483 -19.56 -16.38 -58.48
CA MET E 483 -20.55 -15.65 -59.26
C MET E 483 -20.00 -15.38 -60.65
N GLU E 484 -20.84 -15.57 -61.64
CA GLU E 484 -20.64 -15.11 -62.99
C GLU E 484 -21.68 -14.06 -63.33
N PRO E 485 -21.36 -13.09 -64.19
CA PRO E 485 -22.33 -12.05 -64.52
C PRO E 485 -23.63 -12.65 -65.05
N GLY E 486 -24.75 -12.15 -64.52
CA GLY E 486 -26.07 -12.64 -64.88
C GLY E 486 -26.66 -13.64 -63.91
N ASP E 487 -25.85 -14.23 -63.04
CA ASP E 487 -26.36 -15.17 -62.05
C ASP E 487 -27.40 -14.49 -61.15
N ILE E 488 -28.44 -15.25 -60.81
CA ILE E 488 -29.48 -14.76 -59.92
C ILE E 488 -29.11 -15.15 -58.49
N ILE E 489 -29.01 -14.16 -57.61
CA ILE E 489 -28.58 -14.37 -56.24
C ILE E 489 -29.74 -13.99 -55.32
N GLY E 490 -30.17 -14.93 -54.48
CA GLY E 490 -31.19 -14.64 -53.50
C GLY E 490 -30.56 -14.15 -52.21
N VAL E 491 -30.67 -12.84 -51.95
CA VAL E 491 -29.93 -12.21 -50.86
C VAL E 491 -30.63 -12.47 -49.53
N ALA E 492 -29.83 -12.77 -48.51
CA ALA E 492 -30.33 -12.91 -47.14
C ALA E 492 -30.00 -11.71 -46.26
N GLY E 493 -28.89 -11.04 -46.52
CA GLY E 493 -28.57 -9.85 -45.75
C GLY E 493 -27.19 -9.32 -46.11
N ASN E 494 -26.92 -8.11 -45.65
CA ASN E 494 -25.63 -7.46 -45.80
C ASN E 494 -24.95 -7.44 -44.43
N HIS E 495 -23.70 -7.88 -44.39
CA HIS E 495 -22.97 -7.95 -43.14
C HIS E 495 -22.26 -6.66 -42.79
N TRP E 496 -22.41 -5.62 -43.61
CA TRP E 496 -21.85 -4.30 -43.35
C TRP E 496 -20.33 -4.38 -43.18
N ASP E 497 -19.72 -5.35 -43.84
CA ASP E 497 -18.28 -5.56 -43.82
C ASP E 497 -17.71 -5.70 -45.24
N GLY E 498 -18.48 -5.30 -46.25
CA GLY E 498 -18.13 -5.51 -47.62
C GLY E 498 -18.70 -6.78 -48.23
N TYR E 499 -19.28 -7.65 -47.41
CA TYR E 499 -19.82 -8.91 -47.88
C TYR E 499 -21.31 -9.00 -47.57
N SER E 500 -22.03 -9.70 -48.43
CA SER E 500 -23.42 -10.06 -48.20
C SER E 500 -23.52 -11.59 -48.12
N LYS E 501 -24.72 -12.07 -47.81
CA LYS E 501 -24.96 -13.50 -47.70
C LYS E 501 -26.19 -13.84 -48.52
N GLY E 502 -26.10 -14.89 -49.31
CA GLY E 502 -27.22 -15.26 -50.17
C GLY E 502 -26.96 -16.56 -50.88
N VAL E 503 -27.91 -16.94 -51.74
CA VAL E 503 -27.88 -18.19 -52.46
C VAL E 503 -27.76 -17.90 -53.95
N ASN E 504 -26.87 -18.63 -54.62
CA ASN E 504 -26.79 -18.60 -56.07
C ASN E 504 -27.81 -19.58 -56.62
N ARG E 505 -28.96 -19.06 -57.06
CA ARG E 505 -30.05 -19.93 -57.50
C ARG E 505 -29.62 -20.85 -58.64
N LYS E 506 -28.71 -20.38 -59.49
CA LYS E 506 -28.23 -21.21 -60.60
C LYS E 506 -27.47 -22.42 -60.10
N LEU E 507 -26.79 -22.31 -58.95
CA LEU E 507 -25.94 -23.38 -58.45
C LEU E 507 -26.48 -24.06 -57.20
N GLY E 508 -27.42 -23.45 -56.49
CA GLY E 508 -27.85 -23.99 -55.22
C GLY E 508 -26.81 -23.91 -54.12
N ARG E 509 -25.83 -23.02 -54.25
CA ARG E 509 -24.80 -22.82 -53.24
C ARG E 509 -25.08 -21.55 -52.46
N THR E 510 -24.87 -21.62 -51.16
CA THR E 510 -25.13 -20.51 -50.26
C THR E 510 -23.83 -20.11 -49.57
N GLY E 511 -23.65 -18.81 -49.37
CA GLY E 511 -22.43 -18.32 -48.76
C GLY E 511 -22.27 -16.83 -49.02
N LEU E 512 -21.05 -16.35 -48.78
CA LEU E 512 -20.75 -14.93 -48.82
C LEU E 512 -20.24 -14.51 -50.19
N TYR E 513 -20.42 -13.22 -50.48
CA TYR E 513 -19.92 -12.62 -51.72
C TYR E 513 -19.79 -11.13 -51.49
N PRO E 514 -18.89 -10.45 -52.19
CA PRO E 514 -18.74 -9.00 -52.03
C PRO E 514 -20.02 -8.28 -52.45
N SER E 515 -20.48 -7.37 -51.59
CA SER E 515 -21.77 -6.72 -51.81
C SER E 515 -21.79 -5.85 -53.05
N TYR E 516 -20.63 -5.47 -53.58
CA TYR E 516 -20.58 -4.55 -54.70
C TYR E 516 -20.61 -5.25 -56.06
N LYS E 517 -20.48 -6.57 -56.10
CA LYS E 517 -20.46 -7.30 -57.36
C LYS E 517 -21.84 -7.71 -57.85
N VAL E 518 -22.91 -7.24 -57.20
CA VAL E 518 -24.27 -7.59 -57.56
C VAL E 518 -25.07 -6.32 -57.76
N ARG E 519 -26.23 -6.47 -58.39
CA ARG E 519 -27.13 -5.35 -58.65
C ARG E 519 -28.55 -5.81 -58.36
N GLU E 520 -29.39 -4.87 -57.91
CA GLU E 520 -30.74 -5.22 -57.49
C GLU E 520 -31.62 -5.52 -58.68
N LYS E 521 -32.31 -6.67 -58.63
CA LYS E 521 -33.27 -7.06 -59.65
C LYS E 521 -34.63 -6.48 -59.28
N ILE E 522 -35.00 -5.38 -59.92
CA ILE E 522 -36.28 -4.73 -59.66
C ILE E 522 -37.40 -5.47 -60.36
N GLU E 523 -38.46 -5.79 -59.63
CA GLU E 523 -39.58 -6.53 -60.17
C GLU E 523 -40.77 -5.60 -60.40
N THR E 524 -41.43 -5.78 -61.54
CA THR E 524 -42.59 -4.98 -61.91
C THR E 524 -43.81 -5.88 -62.04
N VAL E 525 -44.97 -5.31 -61.72
CA VAL E 525 -46.25 -6.00 -61.85
C VAL E 525 -47.24 -5.03 -62.47
N LYS E 526 -48.05 -5.53 -63.40
CA LYS E 526 -49.07 -4.67 -64.03
C LYS E 526 -50.22 -4.52 -63.04
N TYR E 527 -50.14 -3.47 -62.24
CA TYR E 527 -51.24 -3.10 -61.36
C TYR E 527 -52.32 -2.39 -62.17
N PRO E 528 -53.53 -2.28 -61.62
CA PRO E 528 -54.50 -1.36 -62.20
C PRO E 528 -53.99 0.06 -62.09
N THR E 529 -54.44 0.92 -63.00
CA THR E 529 -53.99 2.30 -63.04
C THR E 529 -55.07 3.29 -62.68
N TYR E 530 -56.32 2.86 -62.57
CA TYR E 530 -57.44 3.70 -62.18
C TYR E 530 -57.43 5.03 -62.94
N PRO E 531 -57.57 5.00 -64.27
CA PRO E 531 -57.55 6.26 -65.04
C PRO E 531 -58.74 7.16 -64.75
N GLU E 532 -59.81 6.62 -64.19
CA GLU E 532 -61.02 7.38 -63.87
C GLU E 532 -60.81 8.37 -62.73
N ALA E 533 -59.63 8.39 -62.09
CA ALA E 533 -59.39 9.23 -60.93
C ALA E 533 -58.92 10.64 -61.29
N GLU E 534 -59.00 11.04 -62.55
CA GLU E 534 -58.53 12.36 -62.96
C GLU E 534 -59.67 13.24 -63.47
N LEU F 68 -34.01 14.85 -65.63
CA LEU F 68 -32.95 13.93 -65.22
C LEU F 68 -33.03 12.62 -65.99
N GLY F 69 -31.89 11.94 -66.09
CA GLY F 69 -31.79 10.70 -66.84
C GLY F 69 -31.82 9.48 -65.94
N LYS F 70 -32.55 8.46 -66.39
CA LYS F 70 -32.64 7.21 -65.62
C LYS F 70 -31.27 6.60 -65.38
N ASP F 71 -30.48 6.41 -66.44
CA ASP F 71 -29.16 5.82 -66.29
C ASP F 71 -28.22 6.73 -65.51
N HIS F 72 -28.39 8.05 -65.62
CA HIS F 72 -27.57 8.97 -64.85
C HIS F 72 -27.79 8.77 -63.36
N GLU F 73 -29.06 8.67 -62.94
CA GLU F 73 -29.36 8.46 -61.54
C GLU F 73 -28.95 7.08 -61.08
N ILE F 74 -29.22 6.05 -61.90
CA ILE F 74 -28.77 4.69 -61.59
C ILE F 74 -27.27 4.66 -61.32
N LEU F 75 -26.49 5.30 -62.19
CA LEU F 75 -25.05 5.29 -62.03
C LEU F 75 -24.60 6.07 -60.80
N ARG F 76 -25.18 7.27 -60.58
CA ARG F 76 -24.81 8.07 -59.42
C ARG F 76 -25.04 7.31 -58.12
N ARG F 77 -26.14 6.55 -58.05
CA ARG F 77 -26.43 5.82 -56.82
C ARG F 77 -25.50 4.62 -56.65
N ARG F 78 -25.15 3.97 -57.77
CA ARG F 78 -24.24 2.83 -57.70
C ARG F 78 -22.84 3.27 -57.30
N ILE F 79 -22.41 4.46 -57.77
CA ILE F 79 -21.15 5.02 -57.31
C ILE F 79 -21.21 5.32 -55.82
N GLU F 80 -22.28 5.97 -55.37
CA GLU F 80 -22.48 6.26 -53.96
C GLU F 80 -22.39 4.99 -53.11
N ASN F 81 -23.22 3.99 -53.44
CA ASN F 81 -23.24 2.76 -52.66
C ASN F 81 -21.92 2.02 -52.78
N GLY F 82 -21.32 2.02 -53.97
CA GLY F 82 -20.01 1.39 -54.12
C GLY F 82 -18.96 2.01 -53.22
N ALA F 83 -19.04 3.33 -53.02
CA ALA F 83 -18.16 4.00 -52.07
C ALA F 83 -18.45 3.54 -50.65
N LYS F 84 -19.74 3.43 -50.28
CA LYS F 84 -20.11 2.93 -48.96
C LYS F 84 -19.54 1.53 -48.74
N GLU F 85 -19.78 0.62 -49.69
CA GLU F 85 -19.33 -0.76 -49.54
C GLU F 85 -17.81 -0.84 -49.42
N LEU F 86 -17.10 0.02 -50.15
CA LEU F 86 -15.65 0.10 -49.97
C LEU F 86 -15.29 0.50 -48.55
N TRP F 87 -15.99 1.49 -48.00
CA TRP F 87 -15.74 1.92 -46.63
C TRP F 87 -16.07 0.81 -45.63
N PHE F 88 -17.19 0.10 -45.85
CA PHE F 88 -17.47 -1.09 -45.05
C PHE F 88 -16.34 -2.10 -45.17
N PHE F 89 -15.91 -2.38 -46.40
CA PHE F 89 -14.84 -3.34 -46.65
C PHE F 89 -13.56 -2.92 -45.94
N LEU F 90 -13.18 -1.65 -46.07
CA LEU F 90 -11.95 -1.16 -45.44
C LEU F 90 -11.99 -1.36 -43.93
N GLN F 91 -13.02 -0.83 -43.27
CA GLN F 91 -13.12 -0.94 -41.81
C GLN F 91 -13.05 -2.40 -41.36
N SER F 92 -13.78 -3.28 -42.05
CA SER F 92 -13.84 -4.68 -41.65
C SER F 92 -12.47 -5.35 -41.74
N GLU F 93 -11.83 -5.25 -42.91
CA GLU F 93 -10.57 -5.96 -43.11
C GLU F 93 -9.43 -5.33 -42.32
N LEU F 94 -9.49 -4.01 -42.11
CA LEU F 94 -8.47 -3.35 -41.30
C LEU F 94 -8.52 -3.82 -39.86
N LYS F 95 -9.72 -3.94 -39.28
CA LYS F 95 -9.85 -4.51 -37.94
C LYS F 95 -9.24 -5.89 -37.87
N LYS F 96 -9.40 -6.69 -38.92
CA LYS F 96 -8.80 -8.02 -38.95
C LYS F 96 -7.28 -7.95 -39.04
N LEU F 97 -6.75 -7.01 -39.82
CA LEU F 97 -5.30 -6.94 -40.02
C LEU F 97 -4.56 -6.55 -38.76
N LYS F 98 -5.15 -5.70 -37.91
CA LYS F 98 -4.46 -5.27 -36.69
C LYS F 98 -4.13 -6.43 -35.76
N ASN F 99 -4.77 -7.59 -35.95
CA ASN F 99 -4.60 -8.74 -35.08
C ASN F 99 -3.84 -9.88 -35.75
N LEU F 100 -3.10 -9.59 -36.81
CA LEU F 100 -2.41 -10.62 -37.59
C LEU F 100 -0.91 -10.41 -37.51
N GLU F 101 -0.17 -11.48 -37.81
CA GLU F 101 1.29 -11.46 -37.74
C GLU F 101 1.86 -12.36 -38.81
N GLY F 102 3.14 -12.12 -39.14
CA GLY F 102 3.86 -13.00 -40.03
C GLY F 102 3.21 -13.10 -41.39
N ASN F 103 3.27 -14.30 -41.96
CA ASN F 103 2.66 -14.53 -43.27
C ASN F 103 1.15 -14.27 -43.22
N GLU F 104 0.51 -14.65 -42.12
CA GLU F 104 -0.90 -14.34 -41.93
C GLU F 104 -1.17 -12.85 -42.18
N LEU F 105 -0.33 -11.98 -41.63
CA LEU F 105 -0.46 -10.55 -41.89
C LEU F 105 -0.20 -10.23 -43.37
N GLN F 106 0.88 -10.78 -43.93
CA GLN F 106 1.26 -10.41 -45.29
C GLN F 106 0.38 -11.10 -46.33
N ARG F 107 -0.10 -12.32 -46.05
CA ARG F 107 -1.01 -12.98 -46.97
C ARG F 107 -2.34 -12.24 -47.04
N HIS F 108 -2.91 -11.87 -45.89
CA HIS F 108 -4.18 -11.17 -45.89
C HIS F 108 -4.04 -9.75 -46.46
N ALA F 109 -2.92 -9.08 -46.22
CA ALA F 109 -2.73 -7.74 -46.77
C ALA F 109 -2.67 -7.77 -48.29
N ASP F 110 -2.01 -8.78 -48.86
CA ASP F 110 -1.95 -8.91 -50.31
C ASP F 110 -3.33 -9.23 -50.90
N GLU F 111 -4.03 -10.21 -50.31
CA GLU F 111 -5.39 -10.50 -50.73
C GLU F 111 -6.27 -9.26 -50.64
N PHE F 112 -6.07 -8.46 -49.59
CA PHE F 112 -6.79 -7.20 -49.45
C PHE F 112 -6.58 -6.29 -50.66
N LEU F 113 -5.32 -6.12 -51.07
CA LEU F 113 -5.01 -5.23 -52.19
C LEU F 113 -5.69 -5.71 -53.48
N LEU F 114 -5.66 -7.01 -53.76
CA LEU F 114 -6.32 -7.54 -54.94
C LEU F 114 -7.80 -7.20 -54.95
N ASP F 115 -8.49 -7.46 -53.84
CA ASP F 115 -9.91 -7.16 -53.75
C ASP F 115 -10.17 -5.66 -53.93
N LEU F 116 -9.28 -4.82 -53.40
CA LEU F 116 -9.47 -3.38 -53.49
C LEU F 116 -9.36 -2.90 -54.93
N GLY F 117 -8.30 -3.31 -55.64
CA GLY F 117 -8.11 -2.86 -57.01
C GLY F 117 -9.31 -3.10 -57.89
N HIS F 118 -9.87 -4.31 -57.84
CA HIS F 118 -11.08 -4.59 -58.61
C HIS F 118 -12.23 -3.72 -58.13
N HIS F 119 -12.45 -3.67 -56.82
CA HIS F 119 -13.49 -2.82 -56.25
C HIS F 119 -13.33 -1.37 -56.71
N GLU F 120 -12.14 -0.81 -56.52
CA GLU F 120 -11.88 0.57 -56.94
C GLU F 120 -12.14 0.76 -58.44
N ARG F 121 -11.71 -0.20 -59.26
CA ARG F 121 -11.91 -0.06 -60.70
C ARG F 121 -13.38 -0.13 -61.09
N SER F 122 -14.19 -0.88 -60.34
CA SER F 122 -15.63 -0.87 -60.59
C SER F 122 -16.23 0.50 -60.39
N ILE F 123 -15.69 1.27 -59.44
CA ILE F 123 -16.18 2.62 -59.19
C ILE F 123 -15.72 3.56 -60.30
N MET F 124 -14.44 3.49 -60.67
CA MET F 124 -13.93 4.31 -61.76
C MET F 124 -14.64 4.01 -63.08
N THR F 125 -15.12 2.77 -63.26
CA THR F 125 -15.83 2.42 -64.48
C THR F 125 -17.19 3.11 -64.53
N ASP F 126 -17.93 3.07 -63.41
CA ASP F 126 -19.21 3.78 -63.35
C ASP F 126 -19.03 5.28 -63.51
N LEU F 127 -17.91 5.83 -63.02
CA LEU F 127 -17.64 7.25 -63.20
C LEU F 127 -17.45 7.60 -64.67
N TYR F 128 -16.79 6.72 -65.44
CA TYR F 128 -16.68 6.95 -66.88
C TYR F 128 -18.05 6.94 -67.54
N TYR F 129 -18.84 5.91 -67.25
CA TYR F 129 -20.21 5.85 -67.77
C TYR F 129 -21.00 7.11 -67.42
N LEU F 130 -20.82 7.62 -66.20
CA LEU F 130 -21.52 8.84 -65.80
C LEU F 130 -21.14 10.01 -66.71
N SER F 131 -19.87 10.10 -67.08
CA SER F 131 -19.41 11.16 -67.96
C SER F 131 -19.97 11.04 -69.37
N GLN F 132 -20.51 9.87 -69.73
CA GLN F 132 -21.00 9.62 -71.07
C GLN F 132 -22.52 9.48 -71.17
N THR F 133 -23.20 9.21 -70.06
CA THR F 133 -24.61 8.87 -70.11
C THR F 133 -25.48 10.07 -70.49
N ASP F 134 -26.63 9.77 -71.11
CA ASP F 134 -27.67 10.76 -71.40
C ASP F 134 -27.12 11.94 -72.21
N GLY F 135 -26.39 11.61 -73.28
CA GLY F 135 -25.89 12.62 -74.19
C GLY F 135 -24.80 13.51 -73.65
N ALA F 136 -24.28 13.23 -72.46
CA ALA F 136 -23.17 14.03 -71.93
C ALA F 136 -21.93 13.88 -72.80
N GLY F 137 -21.63 12.67 -73.26
CA GLY F 137 -20.47 12.46 -74.10
C GLY F 137 -20.57 13.19 -75.42
N ASP F 138 -21.72 13.08 -76.09
CA ASP F 138 -21.91 13.76 -77.37
C ASP F 138 -21.81 15.26 -77.21
N TRP F 139 -22.39 15.81 -76.14
CA TRP F 139 -22.32 17.24 -75.91
C TRP F 139 -20.88 17.69 -75.69
N ARG F 140 -20.14 16.96 -74.86
CA ARG F 140 -18.76 17.33 -74.57
C ARG F 140 -17.90 17.33 -75.83
N GLU F 141 -18.10 16.35 -76.71
CA GLU F 141 -17.32 16.30 -77.94
C GLU F 141 -17.63 17.47 -78.86
N LYS F 142 -18.91 17.83 -78.99
CA LYS F 142 -19.27 18.95 -79.86
C LYS F 142 -18.69 20.26 -79.34
N GLU F 143 -18.78 20.49 -78.03
CA GLU F 143 -18.28 21.74 -77.46
C GLU F 143 -16.76 21.83 -77.61
N ALA F 144 -16.05 20.76 -77.27
CA ALA F 144 -14.60 20.74 -77.47
C ALA F 144 -14.26 20.97 -78.94
N LYS F 145 -15.04 20.39 -79.85
CA LYS F 145 -14.81 20.62 -81.27
C LYS F 145 -15.05 22.08 -81.63
N ASP F 146 -16.12 22.68 -81.11
CA ASP F 146 -16.40 24.08 -81.41
C ASP F 146 -15.32 25.00 -80.83
N LEU F 147 -14.75 24.64 -79.68
CA LEU F 147 -13.69 25.45 -79.09
C LEU F 147 -12.41 25.36 -79.92
N THR F 148 -12.04 24.15 -80.33
CA THR F 148 -10.87 23.98 -81.19
C THR F 148 -11.03 24.77 -82.48
N GLU F 149 -12.17 24.59 -83.17
CA GLU F 149 -12.43 25.35 -84.40
C GLU F 149 -12.28 26.84 -84.18
N LEU F 150 -12.78 27.34 -83.04
CA LEU F 150 -12.70 28.77 -82.75
C LEU F 150 -11.26 29.24 -82.64
N VAL F 151 -10.46 28.56 -81.82
CA VAL F 151 -9.09 28.99 -81.59
C VAL F 151 -8.27 28.85 -82.87
N GLN F 152 -8.38 27.69 -83.54
CA GLN F 152 -7.68 27.51 -84.81
C GLN F 152 -8.11 28.54 -85.85
N ARG F 153 -9.37 28.97 -85.79
CA ARG F 153 -9.84 30.02 -86.69
C ARG F 153 -9.16 31.35 -86.38
N ARG F 154 -8.99 31.68 -85.09
CA ARG F 154 -8.35 32.93 -84.70
C ARG F 154 -6.87 32.91 -85.05
N ILE F 155 -6.19 31.80 -84.77
CA ILE F 155 -4.76 31.69 -85.05
C ILE F 155 -4.50 31.86 -86.55
N THR F 156 -5.31 31.19 -87.38
CA THR F 156 -5.13 31.30 -88.82
C THR F 156 -5.31 32.73 -89.30
N TYR F 157 -6.29 33.44 -88.72
CA TYR F 157 -6.47 34.85 -89.05
C TYR F 157 -5.23 35.66 -88.70
N LEU F 158 -4.69 35.47 -87.49
CA LEU F 158 -3.51 36.20 -87.08
C LEU F 158 -2.31 35.89 -87.98
N GLN F 159 -2.20 34.64 -88.42
CA GLN F 159 -1.02 34.22 -89.16
C GLN F 159 -1.08 34.57 -90.64
N ASN F 160 -2.22 35.06 -91.12
CA ASN F 160 -2.40 35.34 -92.54
C ASN F 160 -2.98 36.74 -92.73
N PRO F 161 -2.17 37.77 -92.52
CA PRO F 161 -2.63 39.13 -92.82
C PRO F 161 -2.69 39.36 -94.33
N LYS F 162 -3.50 40.34 -94.72
CA LYS F 162 -3.59 40.72 -96.13
C LYS F 162 -2.26 41.27 -96.61
N ASP F 163 -1.76 42.31 -95.94
CA ASP F 163 -0.51 42.97 -96.31
C ASP F 163 0.57 42.52 -95.34
N CYS F 164 1.39 41.57 -95.79
CA CYS F 164 2.48 41.10 -94.94
C CYS F 164 3.51 42.20 -94.69
N SER F 165 3.71 43.10 -95.66
CA SER F 165 4.72 44.14 -95.49
C SER F 165 4.36 45.14 -94.41
N LYS F 166 3.08 45.24 -94.05
CA LYS F 166 2.62 46.20 -93.06
C LYS F 166 2.13 45.55 -91.77
N ALA F 167 2.17 44.23 -91.67
CA ALA F 167 1.71 43.54 -90.47
C ALA F 167 2.71 43.66 -89.33
N LYS F 168 2.18 43.59 -88.11
CA LYS F 168 3.01 43.57 -86.92
C LYS F 168 3.52 42.14 -86.88
N LYS F 169 4.78 41.94 -86.52
CA LYS F 169 5.36 40.61 -86.53
C LYS F 169 6.16 40.36 -85.26
N LEU F 170 6.28 39.07 -84.93
CA LEU F 170 7.13 38.60 -83.84
C LEU F 170 7.96 37.46 -84.39
N VAL F 171 9.28 37.61 -84.34
CA VAL F 171 10.21 36.68 -84.96
C VAL F 171 10.68 35.69 -83.90
N CYS F 172 10.66 34.41 -84.24
CA CYS F 172 11.09 33.34 -83.34
C CYS F 172 12.14 32.51 -84.05
N ASN F 173 13.26 32.25 -83.38
CA ASN F 173 14.32 31.41 -83.93
C ASN F 173 14.23 30.02 -83.31
N ILE F 174 14.21 29.00 -84.16
CA ILE F 174 14.01 27.63 -83.70
C ILE F 174 15.25 27.07 -83.01
N ASN F 175 16.42 27.67 -83.24
CA ASN F 175 17.67 27.04 -82.84
C ASN F 175 17.97 27.20 -81.36
N LYS F 176 17.00 26.87 -80.50
CA LYS F 176 17.27 26.76 -79.08
C LYS F 176 18.18 25.56 -78.82
N GLY F 177 19.10 25.72 -77.87
CA GLY F 177 20.07 24.68 -77.61
C GLY F 177 19.53 23.55 -76.75
N CYS F 178 18.66 22.72 -77.31
CA CYS F 178 18.07 21.61 -76.57
C CYS F 178 17.46 20.62 -77.56
N GLY F 179 16.81 19.59 -77.02
CA GLY F 179 16.23 18.54 -77.83
C GLY F 179 14.97 18.99 -78.56
N TYR F 180 14.37 18.03 -79.26
CA TYR F 180 13.20 18.31 -80.11
C TYR F 180 12.04 18.88 -79.31
N GLY F 181 11.49 18.09 -78.38
CA GLY F 181 10.34 18.55 -77.62
C GLY F 181 10.57 19.87 -76.91
N CYS F 182 11.81 20.13 -76.48
CA CYS F 182 12.12 21.41 -75.87
C CYS F 182 12.08 22.55 -76.89
N GLN F 183 12.66 22.32 -78.08
CA GLN F 183 12.60 23.34 -79.13
C GLN F 183 11.17 23.64 -79.54
N LEU F 184 10.33 22.61 -79.65
CA LEU F 184 8.93 22.83 -80.01
C LEU F 184 8.22 23.68 -78.97
N HIS F 185 8.54 23.48 -77.68
CA HIS F 185 7.95 24.31 -76.63
C HIS F 185 8.43 25.75 -76.72
N HIS F 186 9.66 25.97 -77.21
CA HIS F 186 10.11 27.34 -77.49
C HIS F 186 9.19 28.01 -78.50
N VAL F 187 8.86 27.31 -79.59
CA VAL F 187 7.99 27.87 -80.61
C VAL F 187 6.59 28.12 -80.04
N VAL F 188 6.08 27.17 -79.25
CA VAL F 188 4.79 27.37 -78.59
C VAL F 188 4.86 28.60 -77.69
N TYR F 189 5.95 28.73 -76.93
CA TYR F 189 6.15 29.93 -76.11
C TYR F 189 6.19 31.18 -76.97
N CYS F 190 6.87 31.11 -78.12
CA CYS F 190 6.83 32.22 -79.08
C CYS F 190 5.41 32.46 -79.58
N PHE F 191 4.71 31.39 -79.95
CA PHE F 191 3.39 31.54 -80.57
C PHE F 191 2.39 32.14 -79.60
N MET F 192 2.41 31.70 -78.34
CA MET F 192 1.45 32.20 -77.38
C MET F 192 1.63 33.68 -77.12
N ILE F 193 2.87 34.18 -77.19
CA ILE F 193 3.11 35.60 -77.00
C ILE F 193 2.71 36.38 -78.24
N ALA F 194 3.02 35.85 -79.44
CA ALA F 194 2.56 36.49 -80.67
C ALA F 194 1.05 36.58 -80.71
N TYR F 195 0.35 35.55 -80.22
CA TYR F 195 -1.11 35.58 -80.17
C TYR F 195 -1.60 36.71 -79.26
N GLY F 196 -1.03 36.80 -78.06
CA GLY F 196 -1.48 37.82 -77.11
C GLY F 196 -1.16 39.23 -77.53
N THR F 197 -0.12 39.40 -78.36
CA THR F 197 0.32 40.72 -78.80
C THR F 197 -0.25 41.11 -80.17
N GLN F 198 -1.10 40.27 -80.75
CA GLN F 198 -1.68 40.53 -82.08
C GLN F 198 -0.59 40.70 -83.13
N ARG F 199 0.48 39.92 -82.99
CA ARG F 199 1.60 39.95 -83.92
C ARG F 199 1.69 38.63 -84.66
N THR F 200 1.94 38.71 -85.97
CA THR F 200 2.12 37.51 -86.77
C THR F 200 3.45 36.86 -86.41
N LEU F 201 3.42 35.54 -86.21
CA LEU F 201 4.64 34.82 -85.86
C LEU F 201 5.44 34.51 -87.12
N ILE F 202 6.71 34.91 -87.12
CA ILE F 202 7.65 34.57 -88.17
C ILE F 202 8.67 33.63 -87.55
N LEU F 203 8.77 32.42 -88.09
CA LEU F 203 9.64 31.39 -87.53
C LEU F 203 10.87 31.24 -88.41
N GLU F 204 12.04 31.51 -87.85
CA GLU F 204 13.31 31.34 -88.53
C GLU F 204 13.90 30.00 -88.09
N SER F 205 14.02 29.07 -89.04
CA SER F 205 14.41 27.71 -88.72
C SER F 205 15.57 27.18 -89.57
N GLN F 206 16.23 28.03 -90.34
CA GLN F 206 17.41 27.58 -91.07
C GLN F 206 18.49 27.11 -90.10
N ASN F 207 19.28 26.13 -90.54
CA ASN F 207 20.33 25.51 -89.74
C ASN F 207 19.78 24.78 -88.52
N TRP F 208 18.48 24.48 -88.54
CA TRP F 208 17.88 23.64 -87.51
C TRP F 208 18.70 22.36 -87.34
N ARG F 209 19.00 22.03 -86.08
CA ARG F 209 19.93 20.94 -85.80
C ARG F 209 19.38 19.58 -86.22
N TYR F 210 18.05 19.41 -86.20
CA TYR F 210 17.43 18.18 -86.66
C TYR F 210 17.24 18.16 -88.18
N ALA F 211 17.30 19.32 -88.83
CA ALA F 211 17.05 19.44 -90.25
C ALA F 211 17.48 20.82 -90.74
N THR F 212 18.71 20.93 -91.25
CA THR F 212 19.23 22.24 -91.64
C THR F 212 18.38 22.92 -92.69
N GLY F 213 17.57 22.16 -93.43
CA GLY F 213 16.63 22.77 -94.36
C GLY F 213 15.56 23.61 -93.70
N GLY F 214 15.27 23.35 -92.43
CA GLY F 214 14.40 24.21 -91.66
C GLY F 214 13.10 23.53 -91.25
N TRP F 215 12.18 24.38 -90.78
CA TRP F 215 10.90 23.91 -90.24
C TRP F 215 10.10 23.14 -91.27
N GLU F 216 10.00 23.68 -92.49
CA GLU F 216 9.16 23.08 -93.53
C GLU F 216 9.71 21.77 -94.05
N THR F 217 10.77 21.24 -93.46
CA THR F 217 11.20 19.89 -93.78
C THR F 217 10.13 18.88 -93.43
N VAL F 218 9.30 19.17 -92.43
CA VAL F 218 8.34 18.22 -91.91
C VAL F 218 6.93 18.81 -91.84
N PHE F 219 6.83 20.10 -91.48
CA PHE F 219 5.55 20.72 -91.17
C PHE F 219 5.25 21.86 -92.14
N ARG F 220 3.97 22.19 -92.23
CA ARG F 220 3.57 23.32 -93.06
C ARG F 220 4.14 24.63 -92.49
N PRO F 221 4.35 25.63 -93.34
CA PRO F 221 4.74 26.95 -92.84
C PRO F 221 3.65 27.54 -91.96
N VAL F 222 4.08 28.35 -90.99
CA VAL F 222 3.17 28.88 -89.98
C VAL F 222 2.30 29.98 -90.57
N SER F 223 2.51 30.30 -91.83
CA SER F 223 1.74 31.35 -92.49
C SER F 223 1.73 31.12 -93.98
N GLU F 224 0.60 31.45 -94.61
CA GLU F 224 0.49 31.39 -96.07
C GLU F 224 0.72 32.73 -96.74
N THR F 225 0.56 33.83 -96.02
CA THR F 225 0.69 35.16 -96.60
C THR F 225 1.87 35.95 -96.06
N CYS F 226 2.34 35.64 -94.85
CA CYS F 226 3.35 36.47 -94.19
C CYS F 226 4.43 35.56 -93.58
N THR F 227 5.48 35.33 -94.36
CA THR F 227 6.67 34.63 -93.89
C THR F 227 7.90 35.51 -93.95
N ASP F 228 7.77 36.76 -94.38
CA ASP F 228 8.88 37.70 -94.44
C ASP F 228 8.96 38.50 -93.15
N ARG F 229 10.19 38.79 -92.73
CA ARG F 229 10.43 39.47 -91.46
C ARG F 229 10.71 40.96 -91.65
N SER F 230 10.50 41.47 -92.86
CA SER F 230 10.77 42.87 -93.13
C SER F 230 9.77 43.77 -92.42
N GLY F 231 10.22 44.98 -92.10
CA GLY F 231 9.38 45.95 -91.45
C GLY F 231 10.06 47.30 -91.41
N ILE F 232 9.27 48.33 -91.17
CA ILE F 232 9.82 49.68 -91.13
C ILE F 232 10.62 49.90 -89.87
N SER F 233 10.34 49.14 -88.81
CA SER F 233 11.03 49.26 -87.54
C SER F 233 11.28 47.86 -86.98
N THR F 234 12.46 47.66 -86.42
CA THR F 234 12.86 46.39 -85.85
C THR F 234 13.54 46.64 -84.52
N GLY F 235 13.40 45.67 -83.61
CA GLY F 235 14.01 45.82 -82.31
C GLY F 235 13.81 44.57 -81.49
N HIS F 236 14.59 44.48 -80.41
CA HIS F 236 14.48 43.36 -79.49
C HIS F 236 13.30 43.57 -78.55
N TRP F 237 12.87 42.48 -77.92
CA TRP F 237 11.75 42.54 -76.99
C TRP F 237 12.04 43.52 -75.87
N SER F 238 11.03 44.32 -75.50
CA SER F 238 11.18 45.25 -74.40
C SER F 238 9.87 45.56 -73.69
N GLY F 239 8.79 44.86 -74.00
CA GLY F 239 7.49 45.14 -73.41
C GLY F 239 6.45 45.43 -74.46
N GLU F 240 5.22 44.94 -74.27
CA GLU F 240 4.18 45.19 -75.26
C GLU F 240 3.91 46.69 -75.42
N VAL F 241 3.96 47.44 -74.32
CA VAL F 241 3.71 48.87 -74.40
C VAL F 241 4.86 49.57 -75.12
N LYS F 242 6.10 49.33 -74.70
CA LYS F 242 7.24 49.99 -75.33
C LYS F 242 7.37 49.60 -76.80
N ASP F 243 6.97 48.39 -77.16
CA ASP F 243 7.08 47.92 -78.54
C ASP F 243 5.82 48.17 -79.35
N LYS F 244 4.89 49.00 -78.85
CA LYS F 244 3.62 49.18 -79.55
C LYS F 244 3.82 49.75 -80.95
N ASN F 245 4.88 50.55 -81.14
CA ASN F 245 5.17 51.16 -82.43
C ASN F 245 6.37 50.52 -83.11
N VAL F 246 6.80 49.36 -82.64
CA VAL F 246 7.87 48.59 -83.29
C VAL F 246 7.19 47.51 -84.11
N GLN F 247 7.38 47.56 -85.43
CA GLN F 247 6.66 46.63 -86.30
C GLN F 247 7.16 45.21 -86.10
N VAL F 248 8.47 45.02 -86.06
CA VAL F 248 9.07 43.69 -85.96
C VAL F 248 9.79 43.60 -84.62
N VAL F 249 9.37 42.66 -83.79
CA VAL F 249 9.95 42.45 -82.46
C VAL F 249 10.55 41.05 -82.44
N GLU F 250 11.81 40.97 -82.02
CA GLU F 250 12.52 39.71 -81.92
C GLU F 250 12.45 39.19 -80.49
N LEU F 251 12.11 37.90 -80.35
CA LEU F 251 11.85 37.29 -79.06
C LEU F 251 12.93 36.28 -78.71
N PRO F 252 13.57 36.41 -77.56
CA PRO F 252 14.58 35.42 -77.14
C PRO F 252 13.89 34.21 -76.52
N ILE F 253 14.71 33.25 -76.09
CA ILE F 253 14.16 32.09 -75.39
C ILE F 253 13.58 32.56 -74.05
N VAL F 254 12.69 31.73 -73.49
CA VAL F 254 11.95 32.14 -72.29
C VAL F 254 12.90 32.34 -71.12
N ASP F 255 14.01 31.61 -71.09
CA ASP F 255 14.93 31.67 -69.96
C ASP F 255 15.55 33.05 -69.80
N SER F 256 15.59 33.86 -70.86
CA SER F 256 16.20 35.18 -70.82
C SER F 256 15.21 36.26 -71.27
N LEU F 257 13.93 36.05 -71.01
CA LEU F 257 12.88 36.99 -71.40
C LEU F 257 12.67 38.01 -70.28
N HIS F 258 12.76 39.29 -70.63
CA HIS F 258 12.52 40.38 -69.69
C HIS F 258 12.00 41.57 -70.49
N PRO F 259 10.86 42.15 -70.12
CA PRO F 259 9.98 41.71 -69.02
C PRO F 259 9.04 40.60 -69.45
N ARG F 260 8.60 39.79 -68.51
CA ARG F 260 7.74 38.67 -68.85
C ARG F 260 6.31 39.15 -69.07
N PRO F 261 5.70 38.83 -70.20
CA PRO F 261 4.29 39.20 -70.43
C PRO F 261 3.35 38.25 -69.72
N PRO F 262 2.06 38.56 -69.66
CA PRO F 262 1.11 37.65 -69.02
C PRO F 262 0.69 36.47 -69.89
N TYR F 263 1.06 36.46 -71.17
CA TYR F 263 0.65 35.41 -72.09
C TYR F 263 1.58 34.21 -71.94
N LEU F 264 1.49 33.57 -70.77
CA LEU F 264 2.32 32.44 -70.42
C LEU F 264 1.46 31.38 -69.72
N PRO F 265 1.86 30.11 -69.80
CA PRO F 265 1.24 29.09 -68.96
C PRO F 265 1.50 29.38 -67.48
N LEU F 266 0.64 28.84 -66.62
CA LEU F 266 -0.46 27.95 -66.99
C LEU F 266 -1.79 28.69 -67.08
N ALA F 267 -1.74 29.96 -67.44
CA ALA F 267 -2.94 30.75 -67.56
C ALA F 267 -3.68 30.43 -68.85
N VAL F 268 -4.95 30.80 -68.89
CA VAL F 268 -5.81 30.54 -70.05
C VAL F 268 -6.56 31.82 -70.40
N PRO F 269 -7.01 31.96 -71.64
CA PRO F 269 -7.74 33.18 -72.04
C PRO F 269 -8.96 33.41 -71.17
N GLU F 270 -9.09 34.65 -70.69
CA GLU F 270 -10.22 35.03 -69.85
C GLU F 270 -11.55 34.75 -70.52
N ASP F 271 -11.62 34.96 -71.84
CA ASP F 271 -12.87 34.78 -72.56
C ASP F 271 -13.25 33.31 -72.70
N LEU F 272 -12.31 32.39 -72.52
CA LEU F 272 -12.56 30.97 -72.68
C LEU F 272 -12.60 30.21 -71.36
N ALA F 273 -12.36 30.89 -70.23
CA ALA F 273 -12.23 30.20 -68.95
C ALA F 273 -13.47 29.39 -68.61
N ASP F 274 -14.64 30.04 -68.61
CA ASP F 274 -15.86 29.36 -68.18
C ASP F 274 -16.18 28.16 -69.05
N ARG F 275 -16.03 28.30 -70.36
CA ARG F 275 -16.34 27.19 -71.25
C ARG F 275 -15.34 26.06 -71.11
N LEU F 276 -14.07 26.38 -70.84
CA LEU F 276 -13.04 25.35 -70.73
C LEU F 276 -13.21 24.52 -69.46
N VAL F 277 -13.54 25.18 -68.35
CA VAL F 277 -13.73 24.46 -67.09
C VAL F 277 -14.88 23.47 -67.21
N ARG F 278 -15.93 23.83 -67.97
CA ARG F 278 -17.04 22.91 -68.17
C ARG F 278 -16.63 21.64 -68.90
N VAL F 279 -15.64 21.74 -69.79
CA VAL F 279 -15.30 20.65 -70.70
C VAL F 279 -14.01 19.93 -70.27
N HIS F 280 -12.95 20.68 -70.01
CA HIS F 280 -11.63 20.10 -69.83
C HIS F 280 -11.21 20.14 -68.36
N GLY F 281 -10.63 19.04 -67.89
CA GLY F 281 -10.17 18.96 -66.51
C GLY F 281 -8.91 19.74 -66.22
N ASP F 282 -8.20 20.18 -67.24
CA ASP F 282 -6.98 20.98 -67.07
C ASP F 282 -6.86 21.91 -68.27
N PRO F 283 -7.55 23.06 -68.22
CA PRO F 283 -7.56 23.95 -69.39
C PRO F 283 -6.18 24.44 -69.80
N ALA F 284 -5.25 24.57 -68.84
CA ALA F 284 -3.92 25.05 -69.17
C ALA F 284 -3.26 24.20 -70.24
N VAL F 285 -3.44 22.88 -70.17
CA VAL F 285 -2.85 22.01 -71.17
C VAL F 285 -3.58 22.16 -72.51
N TRP F 286 -4.92 22.23 -72.47
CA TRP F 286 -5.69 22.42 -73.69
C TRP F 286 -5.24 23.67 -74.44
N TRP F 287 -5.10 24.79 -73.73
CA TRP F 287 -4.64 26.03 -74.35
C TRP F 287 -3.30 25.83 -75.04
N VAL F 288 -2.36 25.16 -74.37
CA VAL F 288 -1.07 24.86 -74.98
C VAL F 288 -1.26 23.97 -76.20
N SER F 289 -2.10 22.95 -76.07
CA SER F 289 -2.31 22.00 -77.16
C SER F 289 -2.78 22.69 -78.44
N GLN F 290 -3.52 23.80 -78.33
CA GLN F 290 -4.01 24.49 -79.50
C GLN F 290 -2.87 25.05 -80.36
N PHE F 291 -1.78 25.48 -79.73
CA PHE F 291 -0.64 25.99 -80.50
C PHE F 291 0.20 24.85 -81.05
N VAL F 292 0.35 23.78 -80.28
CA VAL F 292 0.99 22.57 -80.80
C VAL F 292 0.22 22.05 -82.01
N LYS F 293 -1.11 22.00 -81.90
CA LYS F 293 -1.95 21.51 -82.99
C LYS F 293 -1.72 22.27 -84.29
N TYR F 294 -1.61 23.60 -84.21
CA TYR F 294 -1.41 24.39 -85.43
C TYR F 294 -0.03 24.16 -86.01
N LEU F 295 1.00 24.15 -85.16
CA LEU F 295 2.37 24.05 -85.65
C LEU F 295 2.61 22.75 -86.40
N ILE F 296 2.07 21.64 -85.91
CA ILE F 296 2.46 20.31 -86.39
C ILE F 296 1.57 19.86 -87.54
N ARG F 297 0.91 20.80 -88.22
CA ARG F 297 0.16 20.43 -89.42
C ARG F 297 1.14 19.81 -90.41
N PRO F 298 0.97 18.53 -90.72
CA PRO F 298 2.00 17.81 -91.46
C PRO F 298 1.99 18.14 -92.94
N GLN F 299 3.19 18.11 -93.52
CA GLN F 299 3.31 18.11 -94.97
C GLN F 299 2.72 16.82 -95.51
N PRO F 300 2.30 16.80 -96.78
CA PRO F 300 1.66 15.59 -97.32
C PRO F 300 2.49 14.33 -97.12
N TRP F 301 3.79 14.39 -97.42
CA TRP F 301 4.64 13.22 -97.27
C TRP F 301 4.75 12.78 -95.81
N LEU F 302 4.64 13.71 -94.87
CA LEU F 302 4.61 13.32 -93.46
C LEU F 302 3.28 12.65 -93.12
N GLU F 303 2.18 13.25 -93.60
CA GLU F 303 0.87 12.62 -93.49
C GLU F 303 0.88 11.21 -94.08
N LYS F 304 1.54 11.04 -95.24
CA LYS F 304 1.65 9.72 -95.85
C LYS F 304 2.45 8.76 -94.98
N GLU F 305 3.56 9.24 -94.41
CA GLU F 305 4.43 8.37 -93.62
C GLU F 305 3.72 7.85 -92.38
N ILE F 306 2.97 8.72 -91.70
CA ILE F 306 2.19 8.30 -90.53
C ILE F 306 1.18 7.23 -90.90
N GLU F 307 0.44 7.44 -91.99
CA GLU F 307 -0.58 6.49 -92.40
C GLU F 307 0.02 5.12 -92.72
N GLU F 308 1.18 5.10 -93.36
CA GLU F 308 1.80 3.83 -93.70
C GLU F 308 2.37 3.15 -92.45
N ALA F 309 3.01 3.92 -91.57
CA ALA F 309 3.52 3.35 -90.33
C ALA F 309 2.38 2.78 -89.49
N THR F 310 1.27 3.53 -89.38
CA THR F 310 0.09 3.04 -88.67
C THR F 310 -0.33 1.66 -89.17
N LYS F 311 -0.39 1.49 -90.50
CA LYS F 311 -0.78 0.20 -91.05
C LYS F 311 0.35 -0.82 -90.95
N LYS F 312 1.59 -0.38 -91.17
CA LYS F 312 2.72 -1.31 -91.17
C LYS F 312 2.93 -1.90 -89.78
N LEU F 313 2.91 -1.06 -88.74
CA LEU F 313 3.13 -1.52 -87.38
C LEU F 313 1.89 -2.14 -86.75
N GLY F 314 0.79 -2.26 -87.51
CA GLY F 314 -0.45 -2.76 -86.94
C GLY F 314 -0.97 -1.98 -85.76
N PHE F 315 -0.81 -0.67 -85.76
CA PHE F 315 -1.27 0.17 -84.66
C PHE F 315 -2.80 0.19 -84.64
N LYS F 316 -3.38 -0.40 -83.61
CA LYS F 316 -4.83 -0.43 -83.46
C LYS F 316 -5.18 -0.36 -81.98
N HIS F 317 -6.47 -0.19 -81.71
CA HIS F 317 -6.93 -0.02 -80.35
C HIS F 317 -7.65 -1.27 -79.85
N PRO F 318 -7.62 -1.55 -78.54
CA PRO F 318 -6.97 -0.74 -77.49
C PRO F 318 -5.44 -0.85 -77.45
N VAL F 319 -4.79 0.25 -77.08
CA VAL F 319 -3.33 0.32 -77.02
C VAL F 319 -2.94 1.37 -75.99
N ILE F 320 -1.88 1.09 -75.23
CA ILE F 320 -1.36 1.99 -74.22
C ILE F 320 0.05 2.39 -74.60
N GLY F 321 0.32 3.69 -74.61
CA GLY F 321 1.63 4.20 -74.97
C GLY F 321 2.53 4.33 -73.76
N VAL F 322 3.80 3.95 -73.94
CA VAL F 322 4.79 3.99 -72.87
C VAL F 322 6.06 4.65 -73.41
N HIS F 323 6.56 5.65 -72.70
CA HIS F 323 7.76 6.37 -73.08
C HIS F 323 8.81 6.19 -72.00
N VAL F 324 9.91 5.50 -72.34
CA VAL F 324 10.99 5.21 -71.42
C VAL F 324 12.18 6.05 -71.86
N ARG F 325 12.42 7.15 -71.15
CA ARG F 325 13.51 8.06 -71.46
C ARG F 325 14.72 7.71 -70.61
N ARG F 326 15.84 7.37 -71.28
CA ARG F 326 17.06 7.02 -70.57
C ARG F 326 18.23 7.84 -71.12
N THR F 327 19.36 7.17 -71.36
CA THR F 327 20.56 7.80 -71.93
C THR F 327 20.96 9.05 -71.16
N ASP F 328 21.05 10.20 -71.84
CA ASP F 328 21.58 11.41 -71.22
C ASP F 328 20.64 12.00 -70.17
N LYS F 329 19.34 11.68 -70.22
CA LYS F 329 18.41 12.23 -69.24
C LYS F 329 18.68 11.66 -67.86
N VAL F 330 19.07 10.39 -67.78
CA VAL F 330 19.32 9.75 -66.50
C VAL F 330 20.57 10.36 -65.87
N GLY F 331 20.48 10.69 -64.58
CA GLY F 331 21.59 11.29 -63.88
C GLY F 331 21.74 12.79 -64.09
N THR F 332 20.99 13.38 -65.02
CA THR F 332 21.01 14.82 -65.22
C THR F 332 19.66 15.45 -64.90
N GLU F 333 18.59 15.07 -65.62
CA GLU F 333 17.28 15.66 -65.40
C GLU F 333 16.25 14.68 -64.84
N ALA F 334 16.58 13.41 -64.70
CA ALA F 334 15.61 12.42 -64.24
C ALA F 334 16.36 11.21 -63.71
N ALA F 335 15.62 10.17 -63.36
CA ALA F 335 16.17 8.96 -62.80
C ALA F 335 15.95 7.79 -63.76
N PHE F 336 16.66 6.70 -63.47
CA PHE F 336 16.46 5.45 -64.21
C PHE F 336 15.25 4.72 -63.62
N HIS F 337 14.31 4.37 -64.48
CA HIS F 337 13.11 3.69 -64.04
C HIS F 337 13.04 2.31 -64.69
N PRO F 338 13.03 1.23 -63.90
CA PRO F 338 12.92 -0.10 -64.50
C PRO F 338 11.63 -0.25 -65.28
N ILE F 339 11.64 -1.21 -66.22
CA ILE F 339 10.47 -1.44 -67.05
C ILE F 339 9.27 -1.84 -66.21
N GLU F 340 9.52 -2.50 -65.06
CA GLU F 340 8.42 -2.91 -64.20
C GLU F 340 7.68 -1.72 -63.60
N GLU F 341 8.38 -0.60 -63.39
CA GLU F 341 7.71 0.59 -62.88
C GLU F 341 6.68 1.12 -63.88
N TYR F 342 6.90 0.90 -65.17
CA TYR F 342 5.95 1.34 -66.17
C TYR F 342 4.79 0.35 -66.33
N MET F 343 5.10 -0.96 -66.31
CA MET F 343 4.11 -1.96 -66.64
C MET F 343 3.10 -2.20 -65.53
N VAL F 344 3.40 -1.80 -64.29
CA VAL F 344 2.42 -1.92 -63.22
C VAL F 344 1.19 -1.05 -63.51
N HIS F 345 1.39 0.07 -64.19
CA HIS F 345 0.30 0.96 -64.55
C HIS F 345 -0.34 0.57 -65.87
N VAL F 346 0.42 -0.04 -66.78
CA VAL F 346 -0.16 -0.60 -67.99
C VAL F 346 -1.15 -1.70 -67.64
N GLU F 347 -0.73 -2.65 -66.80
CA GLU F 347 -1.61 -3.74 -66.42
C GLU F 347 -2.84 -3.23 -65.67
N GLU F 348 -2.64 -2.30 -64.72
CA GLU F 348 -3.77 -1.70 -64.02
C GLU F 348 -4.80 -1.14 -65.00
N HIS F 349 -4.34 -0.33 -65.96
CA HIS F 349 -5.27 0.33 -66.86
C HIS F 349 -5.95 -0.66 -67.80
N PHE F 350 -5.21 -1.67 -68.27
CA PHE F 350 -5.84 -2.71 -69.06
C PHE F 350 -6.87 -3.49 -68.24
N GLN F 351 -6.62 -3.65 -66.94
CA GLN F 351 -7.63 -4.24 -66.07
C GLN F 351 -8.85 -3.32 -65.97
N LEU F 352 -8.64 -2.01 -66.03
CA LEU F 352 -9.75 -1.07 -66.04
C LEU F 352 -10.49 -1.10 -67.38
N LEU F 353 -9.74 -1.11 -68.48
CA LEU F 353 -10.37 -1.13 -69.80
C LEU F 353 -11.15 -2.42 -70.03
N ALA F 354 -10.65 -3.54 -69.52
CA ALA F 354 -11.36 -4.80 -69.66
C ALA F 354 -12.75 -4.74 -69.02
N ARG F 355 -12.93 -3.88 -68.02
CA ARG F 355 -14.23 -3.74 -67.38
C ARG F 355 -15.27 -3.06 -68.26
N ARG F 356 -14.86 -2.41 -69.35
CA ARG F 356 -15.80 -1.66 -70.17
C ARG F 356 -15.81 -2.09 -71.64
N MET F 357 -14.95 -3.03 -72.04
CA MET F 357 -14.87 -3.41 -73.44
C MET F 357 -14.13 -4.74 -73.57
N GLN F 358 -14.18 -5.28 -74.78
CA GLN F 358 -13.48 -6.52 -75.10
C GLN F 358 -12.03 -6.22 -75.42
N VAL F 359 -11.12 -6.77 -74.63
CA VAL F 359 -9.68 -6.61 -74.87
C VAL F 359 -9.20 -7.92 -75.50
N ASP F 360 -9.19 -7.93 -76.84
CA ASP F 360 -8.69 -9.08 -77.57
C ASP F 360 -7.23 -9.38 -77.22
N LYS F 361 -6.38 -8.36 -77.29
CA LYS F 361 -4.96 -8.50 -77.01
C LYS F 361 -4.48 -7.22 -76.32
N LYS F 362 -3.57 -7.39 -75.36
CA LYS F 362 -3.04 -6.26 -74.59
C LYS F 362 -1.88 -5.66 -75.38
N ARG F 363 -2.16 -4.56 -76.08
CA ARG F 363 -1.19 -3.92 -76.94
C ARG F 363 -0.53 -2.74 -76.24
N VAL F 364 0.76 -2.54 -76.50
CA VAL F 364 1.53 -1.45 -75.92
C VAL F 364 2.40 -0.85 -77.02
N TYR F 365 2.35 0.47 -77.16
CA TYR F 365 3.30 1.16 -78.02
C TYR F 365 4.47 1.64 -77.16
N LEU F 366 5.66 1.13 -77.45
CA LEU F 366 6.85 1.40 -76.66
C LEU F 366 7.75 2.38 -77.41
N ALA F 367 7.92 3.56 -76.84
CA ALA F 367 8.86 4.55 -77.34
C ALA F 367 10.00 4.70 -76.34
N THR F 368 11.24 4.55 -76.82
CA THR F 368 12.38 4.66 -75.93
C THR F 368 13.62 4.99 -76.75
N ASP F 369 14.60 5.59 -76.08
CA ASP F 369 15.92 5.81 -76.63
C ASP F 369 16.92 4.75 -76.18
N ASP F 370 16.44 3.70 -75.52
CA ASP F 370 17.23 2.54 -75.14
C ASP F 370 16.91 1.42 -76.11
N PRO F 371 17.69 1.23 -77.18
CA PRO F 371 17.34 0.19 -78.17
C PRO F 371 17.39 -1.23 -77.62
N SER F 372 18.05 -1.46 -76.50
CA SER F 372 18.13 -2.79 -75.90
C SER F 372 16.88 -3.15 -75.11
N LEU F 373 15.94 -2.24 -74.96
CA LEU F 373 14.82 -2.44 -74.04
C LEU F 373 13.73 -3.33 -74.62
N LEU F 374 13.52 -3.29 -75.95
CA LEU F 374 12.37 -3.99 -76.53
C LEU F 374 12.45 -5.49 -76.31
N LYS F 375 13.62 -6.10 -76.54
CA LYS F 375 13.75 -7.53 -76.28
C LYS F 375 13.54 -7.85 -74.80
N GLU F 376 14.05 -6.99 -73.93
CA GLU F 376 13.86 -7.16 -72.49
C GLU F 376 12.39 -7.19 -72.12
N ALA F 377 11.61 -6.27 -72.68
CA ALA F 377 10.17 -6.23 -72.38
C ALA F 377 9.46 -7.48 -72.91
N LYS F 378 9.69 -7.81 -74.18
CA LYS F 378 9.03 -8.96 -74.80
C LYS F 378 9.27 -10.24 -74.00
N THR F 379 10.47 -10.41 -73.44
CA THR F 379 10.74 -11.61 -72.64
C THR F 379 9.96 -11.61 -71.35
N LYS F 380 9.92 -10.46 -70.66
CA LYS F 380 9.31 -10.39 -69.33
C LYS F 380 7.79 -10.33 -69.37
N TYR F 381 7.19 -9.89 -70.48
CA TYR F 381 5.73 -9.75 -70.59
C TYR F 381 5.26 -10.39 -71.89
N PRO F 382 5.24 -11.73 -71.94
CA PRO F 382 4.92 -12.42 -73.20
C PRO F 382 3.45 -12.33 -73.61
N ASN F 383 2.55 -11.96 -72.70
CA ASN F 383 1.14 -11.83 -73.04
C ASN F 383 0.79 -10.47 -73.63
N TYR F 384 1.77 -9.59 -73.77
CA TYR F 384 1.55 -8.29 -74.39
C TYR F 384 2.07 -8.32 -75.83
N GLU F 385 1.41 -7.55 -76.69
CA GLU F 385 1.90 -7.32 -78.04
C GLU F 385 2.55 -5.95 -78.05
N PHE F 386 3.87 -5.92 -78.19
CA PHE F 386 4.62 -4.68 -78.12
C PHE F 386 4.80 -4.11 -79.52
N ILE F 387 4.29 -2.90 -79.72
CA ILE F 387 4.44 -2.17 -80.98
C ILE F 387 5.53 -1.16 -80.77
N SER F 388 6.59 -1.25 -81.57
CA SER F 388 7.75 -0.39 -81.43
C SER F 388 8.59 -0.53 -82.68
N ASP F 389 9.32 0.52 -83.01
CA ASP F 389 10.24 0.54 -84.13
C ASP F 389 11.63 0.69 -83.54
N ASN F 390 12.36 -0.42 -83.45
CA ASN F 390 13.65 -0.40 -82.75
C ASN F 390 14.68 0.44 -83.50
N SER F 391 14.60 0.50 -84.83
CA SER F 391 15.51 1.35 -85.57
C SER F 391 15.30 2.82 -85.23
N ILE F 392 14.07 3.20 -84.87
CA ILE F 392 13.81 4.55 -84.39
C ILE F 392 14.50 4.76 -83.04
N SER F 393 14.38 3.79 -82.13
CA SER F 393 15.09 3.86 -80.86
C SER F 393 16.59 3.99 -81.07
N TRP F 394 17.15 3.26 -82.04
CA TRP F 394 18.56 3.41 -82.37
C TRP F 394 18.87 4.79 -82.91
N SER F 395 17.97 5.34 -83.75
CA SER F 395 18.18 6.68 -84.29
C SER F 395 18.26 7.73 -83.20
N ALA F 396 17.60 7.50 -82.06
CA ALA F 396 17.65 8.44 -80.95
C ALA F 396 18.98 8.40 -80.20
N GLY F 397 19.91 7.55 -80.60
CA GLY F 397 21.22 7.52 -79.96
C GLY F 397 21.94 8.85 -80.06
N LEU F 398 22.88 9.05 -79.14
CA LEU F 398 23.56 10.34 -79.05
C LEU F 398 24.36 10.64 -80.30
N HIS F 399 24.95 9.62 -80.93
CA HIS F 399 25.70 9.82 -82.16
C HIS F 399 24.81 10.06 -83.37
N ASN F 400 23.51 9.79 -83.26
CA ASN F 400 22.60 9.95 -84.38
C ASN F 400 21.34 10.73 -84.01
N ARG F 401 21.32 11.42 -82.87
CA ARG F 401 20.08 12.01 -82.40
C ARG F 401 19.64 13.19 -83.26
N TYR F 402 20.59 14.02 -83.70
CA TYR F 402 20.25 15.26 -84.39
C TYR F 402 20.45 15.09 -85.89
N THR F 403 19.57 14.28 -86.46
CA THR F 403 19.51 14.03 -87.90
C THR F 403 18.06 14.00 -88.34
N GLU F 404 17.85 14.04 -89.66
CA GLU F 404 16.50 13.97 -90.20
C GLU F 404 15.86 12.63 -89.88
N ASN F 405 16.61 11.55 -90.02
CA ASN F 405 16.08 10.22 -89.73
C ASN F 405 15.60 10.11 -88.29
N SER F 406 16.42 10.60 -87.34
CA SER F 406 16.02 10.58 -85.95
C SER F 406 14.86 11.51 -85.67
N LEU F 407 14.83 12.67 -86.33
CA LEU F 407 13.72 13.62 -86.16
C LEU F 407 12.40 12.99 -86.57
N ARG F 408 12.34 12.42 -87.78
CA ARG F 408 11.12 11.75 -88.22
C ARG F 408 10.76 10.59 -87.29
N GLY F 409 11.76 9.94 -86.70
CA GLY F 409 11.48 8.85 -85.77
C GLY F 409 10.74 9.33 -84.53
N VAL F 410 11.27 10.37 -83.87
CA VAL F 410 10.65 10.84 -82.63
C VAL F 410 9.28 11.45 -82.90
N ILE F 411 9.10 12.09 -84.06
CA ILE F 411 7.78 12.59 -84.42
C ILE F 411 6.79 11.43 -84.52
N LEU F 412 7.20 10.34 -85.17
CA LEU F 412 6.34 9.17 -85.28
C LEU F 412 6.03 8.59 -83.90
N ASP F 413 7.05 8.44 -83.05
CA ASP F 413 6.80 7.91 -81.71
C ASP F 413 5.83 8.80 -80.95
N ILE F 414 6.01 10.13 -81.02
CA ILE F 414 5.12 11.05 -80.31
C ILE F 414 3.70 10.94 -80.84
N HIS F 415 3.55 10.80 -82.17
CA HIS F 415 2.22 10.64 -82.75
C HIS F 415 1.49 9.44 -82.15
N PHE F 416 2.14 8.27 -82.17
CA PHE F 416 1.49 7.06 -81.69
C PHE F 416 1.28 7.09 -80.18
N LEU F 417 2.18 7.74 -79.43
CA LEU F 417 1.94 7.94 -78.01
C LEU F 417 0.69 8.78 -77.77
N SER F 418 0.56 9.90 -78.51
CA SER F 418 -0.60 10.76 -78.36
C SER F 418 -1.89 10.06 -78.75
N GLN F 419 -1.81 9.12 -79.70
CA GLN F 419 -3.00 8.40 -80.17
C GLN F 419 -3.41 7.28 -79.23
N ALA F 420 -2.57 6.92 -78.25
CA ALA F 420 -2.89 5.79 -77.39
C ALA F 420 -4.08 6.11 -76.49
N ASP F 421 -4.65 5.05 -75.92
CA ASP F 421 -5.78 5.20 -75.02
C ASP F 421 -5.35 5.62 -73.62
N PHE F 422 -4.05 5.62 -73.34
CA PHE F 422 -3.49 5.94 -72.04
C PHE F 422 -1.99 6.09 -72.20
N LEU F 423 -1.39 6.93 -71.34
CA LEU F 423 0.01 7.31 -71.48
C LEU F 423 0.72 7.11 -70.16
N VAL F 424 1.70 6.22 -70.14
CA VAL F 424 2.52 5.96 -68.97
C VAL F 424 3.96 6.34 -69.29
N CYS F 425 4.53 7.22 -68.47
CA CYS F 425 5.85 7.76 -68.76
C CYS F 425 6.41 8.59 -67.61
N THR F 426 7.35 9.48 -67.93
CA THR F 426 7.89 10.44 -66.98
C THR F 426 7.73 11.83 -67.57
N PHE F 427 6.93 12.67 -66.90
CA PHE F 427 6.70 14.02 -67.38
C PHE F 427 7.91 14.93 -67.23
N SER F 428 9.00 14.45 -66.62
CA SER F 428 10.24 15.21 -66.67
C SER F 428 10.80 15.25 -68.08
N SER F 429 10.38 14.33 -68.93
CA SER F 429 10.80 14.27 -70.32
C SER F 429 9.82 15.09 -71.16
N GLN F 430 10.34 16.09 -71.87
CA GLN F 430 9.49 16.90 -72.74
C GLN F 430 8.84 16.05 -73.84
N VAL F 431 9.46 14.92 -74.18
CA VAL F 431 8.89 14.04 -75.20
C VAL F 431 7.51 13.55 -74.79
N CYS F 432 7.36 13.16 -73.53
CA CYS F 432 6.05 12.68 -73.09
C CYS F 432 5.06 13.82 -72.90
N ARG F 433 5.52 15.00 -72.46
CA ARG F 433 4.60 16.12 -72.29
C ARG F 433 4.00 16.54 -73.62
N VAL F 434 4.77 16.43 -74.71
CA VAL F 434 4.24 16.77 -76.02
C VAL F 434 3.17 15.77 -76.44
N ALA F 435 3.44 14.48 -76.27
CA ALA F 435 2.44 13.46 -76.58
C ALA F 435 1.17 13.68 -75.76
N TYR F 436 1.34 14.03 -74.48
CA TYR F 436 0.19 14.32 -73.63
C TYR F 436 -0.60 15.52 -74.15
N GLU F 437 0.10 16.59 -74.55
CA GLU F 437 -0.57 17.78 -75.08
C GLU F 437 -1.37 17.46 -76.34
N ILE F 438 -0.75 16.78 -77.31
CA ILE F 438 -1.45 16.41 -78.54
C ILE F 438 -2.68 15.57 -78.23
N MET F 439 -2.56 14.64 -77.28
CA MET F 439 -3.68 13.79 -76.89
C MET F 439 -4.91 14.60 -76.54
N GLN F 440 -4.71 15.78 -75.92
CA GLN F 440 -5.84 16.63 -75.54
C GLN F 440 -6.65 17.09 -76.74
N THR F 441 -6.05 17.12 -77.93
CA THR F 441 -6.74 17.54 -79.14
C THR F 441 -7.44 16.38 -79.85
N LEU F 442 -7.25 15.15 -79.39
CA LEU F 442 -7.84 13.99 -80.02
C LEU F 442 -9.08 13.48 -79.28
N HIS F 443 -9.36 14.01 -78.10
CA HIS F 443 -10.48 13.59 -77.29
C HIS F 443 -11.07 14.82 -76.61
N PRO F 444 -12.35 14.77 -76.22
CA PRO F 444 -12.94 15.92 -75.53
C PRO F 444 -12.20 16.28 -74.24
N ASP F 445 -12.00 15.32 -73.35
CA ASP F 445 -11.27 15.55 -72.09
C ASP F 445 -10.35 14.36 -71.86
N ALA F 446 -9.13 14.45 -72.39
CA ALA F 446 -8.09 13.47 -72.16
C ALA F 446 -7.11 13.90 -71.07
N SER F 447 -7.53 14.79 -70.17
CA SER F 447 -6.63 15.34 -69.17
C SER F 447 -6.14 14.28 -68.21
N ALA F 448 -6.97 13.27 -67.90
CA ALA F 448 -6.64 12.25 -66.93
C ALA F 448 -6.11 10.96 -67.57
N ASN F 449 -5.86 10.97 -68.89
CA ASN F 449 -5.42 9.77 -69.61
C ASN F 449 -3.91 9.59 -69.55
N PHE F 450 -3.32 9.71 -68.36
CA PHE F 450 -1.87 9.59 -68.24
C PHE F 450 -1.50 9.03 -66.87
N HIS F 451 -0.23 8.67 -66.74
CA HIS F 451 0.39 8.47 -65.43
C HIS F 451 1.87 8.77 -65.55
N SER F 452 2.33 9.75 -64.79
CA SER F 452 3.74 10.15 -64.78
C SER F 452 4.45 9.50 -63.60
N LEU F 453 5.60 8.89 -63.86
CA LEU F 453 6.38 8.28 -62.80
C LEU F 453 7.11 9.29 -61.93
N ASP F 454 7.14 10.57 -62.33
CA ASP F 454 7.82 11.57 -61.51
C ASP F 454 7.04 12.90 -61.47
N ASP F 455 7.31 13.79 -62.42
CA ASP F 455 6.80 15.14 -62.37
C ASP F 455 5.32 15.20 -62.75
N ILE F 456 4.62 16.17 -62.17
CA ILE F 456 3.30 16.56 -62.64
C ILE F 456 3.49 17.32 -63.96
N TYR F 457 2.38 17.68 -64.61
CA TYR F 457 2.50 18.44 -65.84
C TYR F 457 3.03 19.84 -65.56
N TYR F 458 3.96 20.29 -66.40
CA TYR F 458 4.48 21.64 -66.31
C TYR F 458 4.95 22.10 -67.68
N PHE F 459 5.12 23.43 -67.80
CA PHE F 459 5.64 24.06 -69.01
C PHE F 459 6.84 24.91 -68.57
N GLY F 460 8.01 24.61 -69.13
CA GLY F 460 9.21 25.33 -68.76
C GLY F 460 9.09 26.83 -68.90
N GLY F 461 9.25 27.55 -67.79
CA GLY F 461 9.08 28.99 -67.78
C GLY F 461 7.72 29.47 -67.33
N GLN F 462 6.80 28.55 -67.03
CA GLN F 462 5.46 28.89 -66.58
C GLN F 462 5.50 29.78 -65.34
N ASN F 463 4.40 30.51 -65.15
CA ASN F 463 4.21 31.21 -63.88
C ASN F 463 3.94 30.19 -62.78
N ALA F 464 4.06 30.64 -61.54
CA ALA F 464 3.99 29.76 -60.38
C ALA F 464 2.70 28.96 -60.38
N HIS F 465 2.82 27.64 -60.35
CA HIS F 465 1.67 26.75 -60.30
C HIS F 465 1.16 26.72 -58.87
N ASN F 466 0.00 27.34 -58.64
CA ASN F 466 -0.57 27.48 -57.30
C ASN F 466 -1.83 26.65 -57.16
N GLN F 467 -2.14 26.32 -55.91
CA GLN F 467 -3.35 25.58 -55.56
C GLN F 467 -4.00 26.27 -54.37
N ILE F 468 -5.25 25.88 -54.12
CA ILE F 468 -6.06 26.46 -53.04
C ILE F 468 -6.51 25.32 -52.13
N ALA F 469 -6.16 25.41 -50.86
CA ALA F 469 -6.59 24.41 -49.90
C ALA F 469 -8.09 24.53 -49.66
N ILE F 470 -8.80 23.41 -49.77
CA ILE F 470 -10.23 23.39 -49.56
C ILE F 470 -10.63 22.74 -48.24
N TYR F 471 -9.80 21.86 -47.69
CA TYR F 471 -10.02 21.27 -46.38
C TYR F 471 -8.78 21.48 -45.54
N ALA F 472 -8.99 21.67 -44.24
CA ALA F 472 -7.87 21.91 -43.34
C ALA F 472 -7.05 20.64 -43.15
N HIS F 473 -5.81 20.81 -42.71
CA HIS F 473 -4.91 19.69 -42.47
C HIS F 473 -3.99 20.04 -41.31
N GLN F 474 -3.89 19.13 -40.35
CA GLN F 474 -3.00 19.30 -39.20
C GLN F 474 -1.89 18.27 -39.30
N PRO F 475 -0.62 18.69 -39.29
CA PRO F 475 0.48 17.75 -39.58
C PRO F 475 0.61 16.65 -38.55
N ARG F 476 0.69 15.41 -39.03
CA ARG F 476 0.99 14.26 -38.17
C ARG F 476 2.48 14.02 -37.99
N THR F 477 3.30 14.44 -38.95
CA THR F 477 4.76 14.29 -38.86
C THR F 477 5.44 15.62 -39.19
N ALA F 478 6.75 15.66 -38.93
CA ALA F 478 7.52 16.87 -39.23
C ALA F 478 7.60 17.16 -40.72
N ASP F 479 7.47 16.15 -41.57
CA ASP F 479 7.54 16.36 -43.01
C ASP F 479 6.27 16.95 -43.61
N GLU F 480 5.19 17.01 -42.85
CA GLU F 480 3.94 17.58 -43.36
C GLU F 480 3.83 19.05 -42.98
N ILE F 481 2.92 19.74 -43.67
CA ILE F 481 2.65 21.16 -43.40
C ILE F 481 1.18 21.34 -43.04
N PRO F 482 0.83 22.32 -42.23
CA PRO F 482 -0.59 22.58 -41.95
C PRO F 482 -1.22 23.45 -43.03
N MET F 483 -2.53 23.31 -43.16
CA MET F 483 -3.28 24.09 -44.13
C MET F 483 -4.63 24.47 -43.55
N GLU F 484 -5.05 25.70 -43.80
CA GLU F 484 -6.42 26.11 -43.58
C GLU F 484 -7.08 26.40 -44.91
N PRO F 485 -8.40 26.20 -45.03
CA PRO F 485 -9.07 26.44 -46.32
C PRO F 485 -8.82 27.84 -46.83
N GLY F 486 -8.49 27.95 -48.11
CA GLY F 486 -8.20 29.21 -48.74
C GLY F 486 -6.72 29.54 -48.84
N ASP F 487 -5.86 28.88 -48.07
CA ASP F 487 -4.43 29.12 -48.18
C ASP F 487 -3.96 28.79 -49.59
N ILE F 488 -3.04 29.61 -50.09
CA ILE F 488 -2.49 29.41 -51.42
C ILE F 488 -1.24 28.55 -51.29
N ILE F 489 -1.24 27.41 -51.99
CA ILE F 489 -0.16 26.44 -51.92
C ILE F 489 0.45 26.34 -53.31
N GLY F 490 1.75 26.60 -53.39
CA GLY F 490 2.45 26.44 -54.65
C GLY F 490 2.96 25.03 -54.81
N VAL F 491 2.32 24.26 -55.68
CA VAL F 491 2.59 22.82 -55.76
C VAL F 491 3.89 22.59 -56.51
N ALA F 492 4.71 21.68 -55.96
CA ALA F 492 5.94 21.26 -56.61
C ALA F 492 5.82 19.90 -57.28
N GLY F 493 4.97 19.04 -56.75
CA GLY F 493 4.73 17.75 -57.37
C GLY F 493 3.83 16.89 -56.52
N ASN F 494 3.34 15.82 -57.15
CA ASN F 494 2.52 14.82 -56.49
C ASN F 494 3.35 13.56 -56.33
N HIS F 495 3.37 13.00 -55.13
CA HIS F 495 4.15 11.81 -54.85
C HIS F 495 3.40 10.53 -55.17
N TRP F 496 2.19 10.64 -55.71
CA TRP F 496 1.40 9.49 -56.17
C TRP F 496 1.17 8.48 -55.06
N ASP F 497 1.14 8.95 -53.82
CA ASP F 497 0.88 8.11 -52.65
C ASP F 497 -0.21 8.72 -51.77
N GLY F 498 -1.00 9.64 -52.32
CA GLY F 498 -1.96 10.38 -51.54
C GLY F 498 -1.46 11.72 -51.04
N TYR F 499 -0.16 11.99 -51.15
CA TYR F 499 0.44 13.23 -50.70
C TYR F 499 1.10 13.95 -51.87
N SER F 500 1.08 15.28 -51.79
CA SER F 500 1.79 16.14 -52.71
C SER F 500 2.86 16.93 -51.96
N LYS F 501 3.65 17.70 -52.70
CA LYS F 501 4.67 18.55 -52.10
C LYS F 501 4.53 19.95 -52.65
N GLY F 502 4.60 20.93 -51.74
CA GLY F 502 4.44 22.32 -52.12
C GLY F 502 4.70 23.20 -50.92
N VAL F 503 4.53 24.51 -51.14
CA VAL F 503 4.79 25.51 -50.11
C VAL F 503 3.47 26.21 -49.77
N ASN F 504 3.22 26.39 -48.48
CA ASN F 504 2.10 27.21 -48.03
C ASN F 504 2.58 28.64 -48.05
N ARG F 505 2.21 29.39 -49.09
CA ARG F 505 2.75 30.72 -49.31
C ARG F 505 2.49 31.66 -48.14
N LYS F 506 1.37 31.48 -47.43
CA LYS F 506 1.10 32.33 -46.28
C LYS F 506 2.13 32.15 -45.17
N LEU F 507 2.71 30.95 -45.06
CA LEU F 507 3.60 30.63 -43.96
C LEU F 507 5.08 30.55 -44.35
N GLY F 508 5.38 30.39 -45.63
CA GLY F 508 6.75 30.13 -46.01
C GLY F 508 7.27 28.78 -45.59
N ARG F 509 6.37 27.83 -45.34
CA ARG F 509 6.73 26.47 -44.97
C ARG F 509 6.50 25.53 -46.15
N THR F 510 7.43 24.62 -46.35
CA THR F 510 7.39 23.67 -47.46
C THR F 510 7.33 22.26 -46.92
N GLY F 511 6.57 21.40 -47.59
CA GLY F 511 6.44 20.02 -47.13
C GLY F 511 5.24 19.34 -47.78
N LEU F 512 4.86 18.23 -47.18
CA LEU F 512 3.84 17.35 -47.73
C LEU F 512 2.45 17.71 -47.22
N TYR F 513 1.45 17.34 -48.01
CA TYR F 513 0.05 17.53 -47.63
C TYR F 513 -0.81 16.57 -48.44
N PRO F 514 -1.95 16.16 -47.92
CA PRO F 514 -2.82 15.23 -48.67
C PRO F 514 -3.32 15.88 -49.96
N SER F 515 -3.21 15.12 -51.06
CA SER F 515 -3.53 15.66 -52.38
C SER F 515 -5.00 16.01 -52.54
N TYR F 516 -5.88 15.49 -51.68
CA TYR F 516 -7.30 15.72 -51.85
C TYR F 516 -7.80 16.97 -51.13
N LYS F 517 -6.97 17.59 -50.29
CA LYS F 517 -7.38 18.76 -49.53
C LYS F 517 -7.11 20.07 -50.27
N VAL F 518 -6.71 20.01 -51.54
CA VAL F 518 -6.39 21.20 -52.31
C VAL F 518 -7.19 21.21 -53.60
N ARG F 519 -7.22 22.38 -54.22
CA ARG F 519 -7.91 22.61 -55.48
C ARG F 519 -7.03 23.46 -56.37
N GLU F 520 -7.11 23.22 -57.68
CA GLU F 520 -6.27 23.94 -58.63
C GLU F 520 -6.80 25.36 -58.80
N LYS F 521 -5.92 26.34 -58.66
CA LYS F 521 -6.26 27.74 -58.90
C LYS F 521 -6.03 28.01 -60.38
N ILE F 522 -7.12 28.04 -61.14
CA ILE F 522 -7.03 28.27 -62.58
C ILE F 522 -6.80 29.76 -62.81
N GLU F 523 -5.79 30.08 -63.63
CA GLU F 523 -5.40 31.46 -63.89
C GLU F 523 -5.91 31.88 -65.25
N THR F 524 -6.44 33.10 -65.32
CA THR F 524 -6.98 33.65 -66.55
C THR F 524 -6.21 34.91 -66.96
N VAL F 525 -6.12 35.12 -68.27
CA VAL F 525 -5.49 36.30 -68.84
C VAL F 525 -6.38 36.81 -69.96
N LYS F 526 -6.54 38.12 -70.05
CA LYS F 526 -7.34 38.72 -71.12
C LYS F 526 -6.50 38.73 -72.39
N TYR F 527 -6.62 37.67 -73.18
CA TYR F 527 -6.02 37.62 -74.50
C TYR F 527 -6.87 38.41 -75.48
N PRO F 528 -6.33 38.77 -76.65
CA PRO F 528 -7.18 39.24 -77.73
C PRO F 528 -8.14 38.13 -78.15
N THR F 529 -9.28 38.54 -78.71
CA THR F 529 -10.31 37.58 -79.10
C THR F 529 -10.49 37.47 -80.60
N TYR F 530 -9.86 38.35 -81.38
CA TYR F 530 -9.89 38.35 -82.84
C TYR F 530 -11.31 38.14 -83.38
N PRO F 531 -12.23 39.07 -83.11
CA PRO F 531 -13.60 38.90 -83.64
C PRO F 531 -13.65 38.99 -85.15
N GLU F 532 -12.64 39.56 -85.79
CA GLU F 532 -12.61 39.69 -87.25
C GLU F 532 -12.47 38.35 -87.95
N ALA F 533 -12.23 37.26 -87.22
CA ALA F 533 -12.03 35.95 -87.82
C ALA F 533 -13.35 35.19 -87.99
N GLU F 534 -14.48 35.85 -87.81
CA GLU F 534 -15.78 35.16 -87.87
C GLU F 534 -16.61 35.66 -89.04
N GLY G 69 -27.27 -13.01 47.07
CA GLY G 69 -26.22 -13.59 46.26
C GLY G 69 -25.04 -12.65 46.07
N LYS G 70 -23.84 -13.21 46.17
CA LYS G 70 -22.62 -12.41 46.00
C LYS G 70 -22.58 -11.72 44.63
N ASP G 71 -22.76 -12.51 43.56
CA ASP G 71 -22.67 -11.95 42.22
C ASP G 71 -23.78 -10.95 41.93
N HIS G 72 -24.96 -11.12 42.53
CA HIS G 72 -26.03 -10.15 42.34
C HIS G 72 -25.63 -8.78 42.88
N GLU G 73 -25.10 -8.74 44.11
CA GLU G 73 -24.67 -7.49 44.70
C GLU G 73 -23.41 -6.95 44.00
N ILE G 74 -22.45 -7.83 43.71
CA ILE G 74 -21.26 -7.43 42.95
C ILE G 74 -21.67 -6.74 41.65
N LEU G 75 -22.59 -7.36 40.91
CA LEU G 75 -23.03 -6.78 39.65
C LEU G 75 -23.84 -5.50 39.87
N ARG G 76 -24.76 -5.51 40.83
CA ARG G 76 -25.55 -4.32 41.12
C ARG G 76 -24.65 -3.13 41.45
N ARG G 77 -23.59 -3.36 42.22
CA ARG G 77 -22.69 -2.27 42.57
C ARG G 77 -21.82 -1.86 41.39
N ARG G 78 -21.42 -2.84 40.56
CA ARG G 78 -20.60 -2.52 39.40
C ARG G 78 -21.39 -1.69 38.39
N ILE G 79 -22.67 -1.99 38.21
CA ILE G 79 -23.55 -1.15 37.39
C ILE G 79 -23.66 0.23 38.01
N GLU G 80 -23.92 0.28 39.32
CA GLU G 80 -24.03 1.53 40.05
C GLU G 80 -22.80 2.40 39.84
N ASN G 81 -21.62 1.85 40.14
CA ASN G 81 -20.39 2.62 40.01
C ASN G 81 -20.11 2.98 38.56
N GLY G 82 -20.39 2.06 37.64
CA GLY G 82 -20.22 2.35 36.22
C GLY G 82 -21.07 3.52 35.77
N ALA G 83 -22.29 3.64 36.31
CA ALA G 83 -23.11 4.80 36.01
C ALA G 83 -22.48 6.07 36.56
N LYS G 84 -21.97 6.03 37.79
CA LYS G 84 -21.28 7.18 38.36
C LYS G 84 -20.10 7.60 37.49
N GLU G 85 -19.22 6.63 37.15
CA GLU G 85 -18.05 6.95 36.35
C GLU G 85 -18.43 7.52 34.98
N LEU G 86 -19.52 7.02 34.40
CA LEU G 86 -20.02 7.63 33.17
C LEU G 86 -20.39 9.08 33.40
N TRP G 87 -21.06 9.37 34.52
CA TRP G 87 -21.43 10.75 34.84
C TRP G 87 -20.20 11.62 35.05
N PHE G 88 -19.19 11.11 35.75
CA PHE G 88 -17.92 11.81 35.84
C PHE G 88 -17.33 12.06 34.47
N PHE G 89 -17.32 11.03 33.62
CA PHE G 89 -16.78 11.16 32.27
C PHE G 89 -17.52 12.23 31.47
N LEU G 90 -18.85 12.21 31.51
CA LEU G 90 -19.66 13.16 30.75
C LEU G 90 -19.33 14.60 31.14
N GLN G 91 -19.44 14.91 32.44
CA GLN G 91 -19.21 16.27 32.92
C GLN G 91 -17.86 16.81 32.46
N SER G 92 -16.81 15.99 32.59
CA SER G 92 -15.47 16.44 32.27
C SER G 92 -15.35 16.80 30.80
N GLU G 93 -15.76 15.90 29.92
CA GLU G 93 -15.55 16.12 28.48
C GLU G 93 -16.44 17.23 27.94
N LEU G 94 -17.63 17.42 28.50
CA LEU G 94 -18.49 18.51 28.06
C LEU G 94 -17.88 19.87 28.40
N LYS G 95 -17.37 20.03 29.62
CA LYS G 95 -16.68 21.27 29.97
C LYS G 95 -15.51 21.54 29.04
N LYS G 96 -14.80 20.48 28.63
CA LYS G 96 -13.71 20.65 27.68
C LYS G 96 -14.23 21.02 26.30
N LEU G 97 -15.36 20.44 25.90
CA LEU G 97 -15.87 20.65 24.56
C LEU G 97 -16.32 22.09 24.32
N LYS G 98 -16.82 22.76 25.36
CA LYS G 98 -17.29 24.14 25.21
C LYS G 98 -16.19 25.10 24.74
N ASN G 99 -14.93 24.69 24.78
CA ASN G 99 -13.81 25.55 24.41
C ASN G 99 -13.17 25.15 23.07
N LEU G 100 -13.89 24.40 22.23
CA LEU G 100 -13.34 23.90 20.98
C LEU G 100 -14.11 24.48 19.80
N GLU G 101 -13.47 24.44 18.63
CA GLU G 101 -14.05 25.03 17.43
C GLU G 101 -13.58 24.27 16.20
N GLY G 102 -14.36 24.40 15.12
CA GLY G 102 -13.96 23.88 13.83
C GLY G 102 -13.76 22.38 13.84
N ASN G 103 -12.77 21.93 13.05
CA ASN G 103 -12.46 20.50 12.98
C ASN G 103 -12.04 19.95 14.34
N GLU G 104 -11.25 20.73 15.08
CA GLU G 104 -10.84 20.36 16.42
C GLU G 104 -12.04 20.00 17.28
N LEU G 105 -13.10 20.82 17.24
CA LEU G 105 -14.31 20.49 17.98
C LEU G 105 -14.94 19.20 17.47
N GLN G 106 -15.02 19.04 16.15
CA GLN G 106 -15.73 17.91 15.59
C GLN G 106 -14.94 16.61 15.74
N ARG G 107 -13.60 16.68 15.68
CA ARG G 107 -12.82 15.46 15.87
C ARG G 107 -12.94 14.92 17.29
N HIS G 108 -12.83 15.78 18.30
CA HIS G 108 -12.93 15.31 19.68
C HIS G 108 -14.31 14.76 20.00
N ALA G 109 -15.35 15.36 19.42
CA ALA G 109 -16.71 14.89 19.68
C ALA G 109 -16.91 13.46 19.19
N ASP G 110 -16.32 13.10 18.05
CA ASP G 110 -16.44 11.74 17.55
C ASP G 110 -15.76 10.73 18.47
N GLU G 111 -14.52 11.01 18.86
CA GLU G 111 -13.82 10.15 19.82
C GLU G 111 -14.61 9.98 21.11
N PHE G 112 -15.26 11.06 21.56
CA PHE G 112 -16.11 10.99 22.75
C PHE G 112 -17.17 9.91 22.62
N LEU G 113 -17.88 9.90 21.48
CA LEU G 113 -18.94 8.92 21.28
C LEU G 113 -18.39 7.50 21.29
N LEU G 114 -17.24 7.28 20.66
CA LEU G 114 -16.63 5.95 20.66
C LEU G 114 -16.39 5.47 22.08
N ASP G 115 -15.77 6.32 22.91
CA ASP G 115 -15.53 5.95 24.31
C ASP G 115 -16.84 5.68 25.04
N LEU G 116 -17.88 6.43 24.71
CA LEU G 116 -19.17 6.28 25.38
C LEU G 116 -19.80 4.92 25.06
N GLY G 117 -19.84 4.56 23.77
CA GLY G 117 -20.44 3.30 23.38
C GLY G 117 -19.88 2.11 24.12
N HIS G 118 -18.55 2.02 24.20
CA HIS G 118 -17.92 0.93 24.95
C HIS G 118 -18.31 0.98 26.42
N HIS G 119 -18.17 2.15 27.05
CA HIS G 119 -18.59 2.34 28.42
C HIS G 119 -20.04 1.92 28.61
N GLU G 120 -20.94 2.49 27.80
CA GLU G 120 -22.37 2.16 27.90
C GLU G 120 -22.61 0.67 27.74
N ARG G 121 -21.93 0.04 26.77
CA ARG G 121 -22.13 -1.39 26.57
C ARG G 121 -21.63 -2.22 27.75
N SER G 122 -20.59 -1.76 28.44
CA SER G 122 -20.16 -2.45 29.65
C SER G 122 -21.25 -2.43 30.70
N ILE G 123 -22.04 -1.35 30.74
CA ILE G 123 -23.16 -1.27 31.68
C ILE G 123 -24.29 -2.18 31.23
N MET G 124 -24.62 -2.14 29.93
CA MET G 124 -25.64 -3.03 29.41
C MET G 124 -25.25 -4.49 29.57
N THR G 125 -23.95 -4.79 29.54
CA THR G 125 -23.49 -6.15 29.75
C THR G 125 -23.68 -6.58 31.20
N ASP G 126 -23.27 -5.72 32.13
CA ASP G 126 -23.51 -6.00 33.54
C ASP G 126 -25.00 -6.10 33.86
N LEU G 127 -25.83 -5.30 33.18
CA LEU G 127 -27.27 -5.41 33.35
C LEU G 127 -27.77 -6.76 32.86
N TYR G 128 -27.23 -7.25 31.75
CA TYR G 128 -27.60 -8.58 31.27
C TYR G 128 -27.20 -9.66 32.28
N TYR G 129 -25.94 -9.63 32.73
CA TYR G 129 -25.48 -10.59 33.73
C TYR G 129 -26.37 -10.58 34.96
N LEU G 130 -26.79 -9.39 35.40
CA LEU G 130 -27.66 -9.30 36.57
C LEU G 130 -28.99 -10.00 36.34
N SER G 131 -29.54 -9.89 35.12
CA SER G 131 -30.79 -10.55 34.81
C SER G 131 -30.68 -12.07 34.81
N GLN G 132 -29.45 -12.60 34.74
CA GLN G 132 -29.23 -14.04 34.67
C GLN G 132 -28.56 -14.63 35.90
N THR G 133 -27.94 -13.80 36.73
CA THR G 133 -27.11 -14.31 37.82
C THR G 133 -27.94 -14.97 38.91
N ASP G 134 -27.31 -15.90 39.63
CA ASP G 134 -27.89 -16.54 40.81
C ASP G 134 -29.24 -17.20 40.50
N GLY G 135 -29.25 -18.01 39.44
CA GLY G 135 -30.44 -18.78 39.11
C GLY G 135 -31.62 -17.99 38.63
N ALA G 136 -31.46 -16.69 38.37
CA ALA G 136 -32.56 -15.90 37.82
C ALA G 136 -32.96 -16.38 36.44
N GLY G 137 -31.96 -16.76 35.62
CA GLY G 137 -32.26 -17.24 34.29
C GLY G 137 -33.09 -18.51 34.29
N ASP G 138 -32.72 -19.47 35.14
CA ASP G 138 -33.45 -20.74 35.19
C ASP G 138 -34.91 -20.53 35.56
N TRP G 139 -35.19 -19.65 36.52
CA TRP G 139 -36.58 -19.40 36.91
C TRP G 139 -37.37 -18.76 35.78
N ARG G 140 -36.81 -17.72 35.15
CA ARG G 140 -37.53 -17.01 34.10
C ARG G 140 -37.89 -17.93 32.96
N GLU G 141 -36.97 -18.81 32.56
CA GLU G 141 -37.26 -19.75 31.48
C GLU G 141 -38.33 -20.76 31.91
N LYS G 142 -38.25 -21.26 33.13
CA LYS G 142 -39.24 -22.21 33.62
C LYS G 142 -40.62 -21.57 33.71
N GLU G 143 -40.68 -20.33 34.22
CA GLU G 143 -41.96 -19.65 34.33
C GLU G 143 -42.53 -19.33 32.96
N ALA G 144 -41.70 -18.78 32.07
CA ALA G 144 -42.15 -18.52 30.70
C ALA G 144 -42.64 -19.79 30.03
N LYS G 145 -41.95 -20.91 30.28
CA LYS G 145 -42.39 -22.18 29.72
C LYS G 145 -43.76 -22.58 30.27
N ASP G 146 -43.94 -22.45 31.58
CA ASP G 146 -45.22 -22.79 32.19
C ASP G 146 -46.34 -21.86 31.73
N LEU G 147 -46.02 -20.60 31.44
CA LEU G 147 -47.03 -19.67 30.97
C LEU G 147 -47.47 -20.02 29.56
N THR G 148 -46.52 -20.29 28.67
CA THR G 148 -46.86 -20.70 27.31
C THR G 148 -47.70 -21.97 27.31
N GLU G 149 -47.22 -23.01 27.99
CA GLU G 149 -47.95 -24.27 28.08
C GLU G 149 -49.39 -24.05 28.55
N LEU G 150 -49.57 -23.18 29.55
CA LEU G 150 -50.91 -22.92 30.07
C LEU G 150 -51.81 -22.31 29.00
N VAL G 151 -51.34 -21.25 28.33
CA VAL G 151 -52.16 -20.56 27.34
C VAL G 151 -52.43 -21.48 26.15
N GLN G 152 -51.40 -22.14 25.63
CA GLN G 152 -51.58 -23.09 24.53
C GLN G 152 -52.53 -24.21 24.92
N ARG G 153 -52.53 -24.62 26.20
CA ARG G 153 -53.47 -25.64 26.65
C ARG G 153 -54.90 -25.13 26.60
N ARG G 154 -55.12 -23.88 27.00
CA ARG G 154 -56.46 -23.31 26.97
C ARG G 154 -56.95 -23.11 25.55
N ILE G 155 -56.08 -22.61 24.67
CA ILE G 155 -56.45 -22.42 23.27
C ILE G 155 -56.83 -23.75 22.63
N THR G 156 -56.04 -24.79 22.87
CA THR G 156 -56.32 -26.11 22.31
C THR G 156 -57.66 -26.64 22.82
N TYR G 157 -57.96 -26.44 24.11
CA TYR G 157 -59.24 -26.84 24.67
C TYR G 157 -60.39 -26.12 23.98
N LEU G 158 -60.26 -24.80 23.83
CA LEU G 158 -61.30 -24.00 23.19
C LEU G 158 -61.54 -24.41 21.75
N GLN G 159 -60.48 -24.82 21.04
CA GLN G 159 -60.58 -25.08 19.62
C GLN G 159 -61.12 -26.46 19.28
N ASN G 160 -61.28 -27.34 20.27
CA ASN G 160 -61.68 -28.73 20.02
C ASN G 160 -62.82 -29.14 20.94
N PRO G 161 -64.04 -28.68 20.67
CA PRO G 161 -65.19 -29.17 21.42
C PRO G 161 -65.55 -30.59 21.00
N LYS G 162 -66.24 -31.30 21.89
CA LYS G 162 -66.70 -32.64 21.58
C LYS G 162 -67.72 -32.64 20.45
N ASP G 163 -68.80 -31.87 20.63
CA ASP G 163 -69.90 -31.82 19.67
C ASP G 163 -69.78 -30.52 18.90
N CYS G 164 -69.19 -30.59 17.70
CA CYS G 164 -69.00 -29.40 16.89
C CYS G 164 -70.32 -28.77 16.46
N SER G 165 -71.35 -29.58 16.21
CA SER G 165 -72.62 -29.03 15.75
C SER G 165 -73.32 -28.23 16.84
N LYS G 166 -72.92 -28.40 18.10
CA LYS G 166 -73.54 -27.71 19.22
C LYS G 166 -72.65 -26.64 19.84
N ALA G 167 -71.43 -26.49 19.35
CA ALA G 167 -70.51 -25.51 19.92
C ALA G 167 -70.86 -24.09 19.47
N LYS G 168 -70.59 -23.13 20.34
CA LYS G 168 -70.68 -21.73 19.98
C LYS G 168 -69.45 -21.36 19.16
N LYS G 169 -69.65 -20.68 18.04
CA LYS G 169 -68.59 -20.48 17.08
C LYS G 169 -68.47 -19.00 16.73
N LEU G 170 -67.27 -18.63 16.28
CA LEU G 170 -67.00 -17.30 15.74
C LEU G 170 -66.28 -17.49 14.41
N VAL G 171 -66.87 -16.98 13.34
CA VAL G 171 -66.37 -17.20 11.99
C VAL G 171 -65.51 -16.00 11.58
N CYS G 172 -64.35 -16.29 11.02
CA CYS G 172 -63.42 -15.28 10.54
C CYS G 172 -63.10 -15.55 9.08
N ASN G 173 -63.19 -14.52 8.25
CA ASN G 173 -62.87 -14.63 6.84
C ASN G 173 -61.47 -14.07 6.63
N ILE G 174 -60.60 -14.88 6.01
CA ILE G 174 -59.19 -14.53 5.89
C ILE G 174 -58.96 -13.45 4.84
N ASN G 175 -59.90 -13.25 3.93
CA ASN G 175 -59.63 -12.45 2.73
C ASN G 175 -59.69 -10.96 3.00
N LYS G 176 -58.98 -10.50 4.04
CA LYS G 176 -58.77 -9.07 4.20
C LYS G 176 -57.91 -8.55 3.08
N GLY G 177 -58.20 -7.34 2.61
CA GLY G 177 -57.50 -6.81 1.45
C GLY G 177 -56.15 -6.24 1.79
N CYS G 178 -55.18 -7.10 2.10
CA CYS G 178 -53.83 -6.67 2.45
C CYS G 178 -52.90 -7.86 2.36
N GLY G 179 -51.64 -7.63 2.72
CA GLY G 179 -50.60 -8.64 2.62
C GLY G 179 -50.71 -9.72 3.68
N TYR G 180 -49.72 -10.62 3.65
CA TYR G 180 -49.70 -11.77 4.54
C TYR G 180 -49.72 -11.37 6.00
N GLY G 181 -48.68 -10.66 6.46
CA GLY G 181 -48.60 -10.27 7.85
C GLY G 181 -49.83 -9.51 8.33
N CYS G 182 -50.43 -8.71 7.45
CA CYS G 182 -51.66 -8.01 7.82
C CYS G 182 -52.83 -8.98 7.89
N GLN G 183 -52.96 -9.86 6.90
CA GLN G 183 -54.01 -10.88 6.95
C GLN G 183 -53.85 -11.78 8.16
N LEU G 184 -52.62 -12.17 8.48
CA LEU G 184 -52.37 -13.00 9.64
C LEU G 184 -52.81 -12.29 10.92
N HIS G 185 -52.55 -10.99 11.01
CA HIS G 185 -53.00 -10.23 12.18
C HIS G 185 -54.51 -10.15 12.26
N HIS G 186 -55.20 -10.15 11.11
CA HIS G 186 -56.66 -10.23 11.13
C HIS G 186 -57.12 -11.50 11.85
N VAL G 187 -56.51 -12.64 11.53
CA VAL G 187 -56.89 -13.90 12.17
C VAL G 187 -56.59 -13.85 13.67
N VAL G 188 -55.43 -13.30 14.04
CA VAL G 188 -55.10 -13.14 15.45
C VAL G 188 -56.14 -12.27 16.14
N TYR G 189 -56.54 -11.17 15.50
CA TYR G 189 -57.60 -10.33 16.04
C TYR G 189 -58.90 -11.12 16.18
N CYS G 190 -59.22 -11.93 15.17
CA CYS G 190 -60.35 -12.84 15.28
C CYS G 190 -60.15 -13.82 16.43
N PHE G 191 -58.94 -14.39 16.53
CA PHE G 191 -58.69 -15.43 17.52
C PHE G 191 -58.80 -14.90 18.94
N MET G 192 -58.26 -13.71 19.19
CA MET G 192 -58.27 -13.17 20.54
C MET G 192 -59.69 -12.85 21.02
N ILE G 193 -60.58 -12.43 20.12
CA ILE G 193 -61.96 -12.16 20.50
C ILE G 193 -62.72 -13.47 20.69
N ALA G 194 -62.49 -14.45 19.82
CA ALA G 194 -63.08 -15.78 20.01
C ALA G 194 -62.68 -16.36 21.36
N TYR G 195 -61.44 -16.13 21.79
CA TYR G 195 -60.99 -16.60 23.09
C TYR G 195 -61.78 -15.95 24.22
N GLY G 196 -61.92 -14.62 24.18
CA GLY G 196 -62.61 -13.92 25.25
C GLY G 196 -64.10 -14.22 25.34
N THR G 197 -64.70 -14.60 24.22
CA THR G 197 -66.14 -14.88 24.17
C THR G 197 -66.46 -16.36 24.32
N GLN G 198 -65.45 -17.21 24.56
CA GLN G 198 -65.64 -18.66 24.70
C GLN G 198 -66.27 -19.26 23.45
N ARG G 199 -65.86 -18.76 22.28
CA ARG G 199 -66.34 -19.25 21.00
C ARG G 199 -65.20 -19.90 20.23
N THR G 200 -65.47 -21.04 19.63
CA THR G 200 -64.50 -21.70 18.77
C THR G 200 -64.32 -20.91 17.48
N LEU G 201 -63.06 -20.72 17.07
CA LEU G 201 -62.77 -19.96 15.87
C LEU G 201 -62.93 -20.82 14.62
N ILE G 202 -63.74 -20.32 13.67
CA ILE G 202 -63.91 -20.93 12.36
C ILE G 202 -63.30 -20.00 11.33
N LEU G 203 -62.33 -20.49 10.58
CA LEU G 203 -61.57 -19.70 9.62
C LEU G 203 -61.99 -20.06 8.20
N GLU G 204 -62.48 -19.07 7.46
CA GLU G 204 -62.85 -19.23 6.05
C GLU G 204 -61.68 -18.75 5.21
N SER G 205 -61.05 -19.67 4.47
CA SER G 205 -59.83 -19.33 3.73
C SER G 205 -59.85 -19.74 2.26
N GLN G 206 -60.99 -20.19 1.73
CA GLN G 206 -61.08 -20.41 0.29
C GLN G 206 -60.91 -19.09 -0.46
N ASN G 207 -60.34 -19.19 -1.66
CA ASN G 207 -60.05 -18.05 -2.52
C ASN G 207 -59.02 -17.11 -1.90
N TRP G 208 -58.28 -17.59 -0.90
CA TRP G 208 -57.16 -16.86 -0.33
C TRP G 208 -56.19 -16.44 -1.43
N ARG G 209 -55.77 -15.17 -1.39
CA ARG G 209 -54.99 -14.62 -2.50
C ARG G 209 -53.60 -15.25 -2.61
N TYR G 210 -53.01 -15.67 -1.48
CA TYR G 210 -51.71 -16.31 -1.51
C TYR G 210 -51.80 -17.79 -1.84
N ALA G 211 -52.97 -18.40 -1.70
CA ALA G 211 -53.15 -19.83 -1.89
C ALA G 211 -54.63 -20.17 -1.95
N THR G 212 -55.18 -20.26 -3.16
CA THR G 212 -56.61 -20.53 -3.30
C THR G 212 -57.01 -21.86 -2.66
N GLY G 213 -56.06 -22.77 -2.47
CA GLY G 213 -56.34 -23.98 -1.74
C GLY G 213 -56.70 -23.74 -0.28
N GLY G 214 -56.31 -22.61 0.26
CA GLY G 214 -56.78 -22.19 1.57
C GLY G 214 -55.68 -22.20 2.62
N TRP G 215 -56.13 -22.11 3.87
CA TRP G 215 -55.22 -22.01 5.02
C TRP G 215 -54.32 -23.23 5.10
N GLU G 216 -54.88 -24.43 4.95
CA GLU G 216 -54.10 -25.65 5.12
C GLU G 216 -53.07 -25.89 4.02
N THR G 217 -52.87 -24.96 3.08
CA THR G 217 -51.76 -25.12 2.15
C THR G 217 -50.43 -25.09 2.88
N VAL G 218 -50.35 -24.40 4.01
CA VAL G 218 -49.09 -24.17 4.69
C VAL G 218 -49.15 -24.58 6.15
N PHE G 219 -50.29 -24.32 6.80
CA PHE G 219 -50.40 -24.49 8.25
C PHE G 219 -51.42 -25.56 8.62
N ARG G 220 -51.27 -26.06 9.85
CA ARG G 220 -52.21 -26.99 10.43
C ARG G 220 -53.59 -26.33 10.55
N PRO G 221 -54.66 -27.12 10.46
CA PRO G 221 -55.98 -26.56 10.76
C PRO G 221 -56.05 -26.13 12.22
N VAL G 222 -56.82 -25.08 12.48
CA VAL G 222 -56.89 -24.48 13.81
C VAL G 222 -57.70 -25.36 14.75
N SER G 223 -58.22 -26.47 14.24
CA SER G 223 -59.03 -27.36 15.06
C SER G 223 -58.98 -28.77 14.51
N GLU G 224 -59.01 -29.74 15.41
CA GLU G 224 -59.08 -31.15 15.05
C GLU G 224 -60.50 -31.70 15.07
N THR G 225 -61.42 -31.06 15.77
CA THR G 225 -62.78 -31.55 15.91
C THR G 225 -63.85 -30.66 15.30
N CYS G 226 -63.61 -29.36 15.14
CA CYS G 226 -64.65 -28.42 14.74
C CYS G 226 -64.12 -27.46 13.68
N THR G 227 -64.36 -27.78 12.40
CA THR G 227 -64.05 -26.88 11.31
C THR G 227 -65.28 -26.46 10.50
N ASP G 228 -66.47 -26.94 10.86
CA ASP G 228 -67.69 -26.59 10.15
C ASP G 228 -68.38 -25.39 10.79
N ARG G 229 -68.98 -24.55 9.97
CA ARG G 229 -69.61 -23.31 10.42
C ARG G 229 -71.12 -23.43 10.56
N SER G 230 -71.67 -24.63 10.44
CA SER G 230 -73.12 -24.80 10.52
C SER G 230 -73.61 -24.54 11.95
N GLY G 231 -74.85 -24.09 12.05
CA GLY G 231 -75.44 -23.81 13.35
C GLY G 231 -76.91 -23.52 13.23
N ILE G 232 -77.60 -23.61 14.37
CA ILE G 232 -79.03 -23.38 14.40
C ILE G 232 -79.35 -21.89 14.29
N SER G 233 -78.40 -21.03 14.71
CA SER G 233 -78.59 -19.59 14.64
C SER G 233 -77.28 -18.94 14.20
N THR G 234 -77.38 -17.99 13.29
CA THR G 234 -76.21 -17.32 12.74
C THR G 234 -76.49 -15.84 12.62
N GLY G 235 -75.43 -15.04 12.72
CA GLY G 235 -75.57 -13.60 12.58
C GLY G 235 -74.22 -12.92 12.65
N HIS G 236 -74.22 -11.66 12.22
CA HIS G 236 -73.02 -10.84 12.32
C HIS G 236 -72.84 -10.31 13.73
N TRP G 237 -71.61 -9.86 14.01
CA TRP G 237 -71.28 -9.34 15.32
C TRP G 237 -72.20 -8.18 15.68
N SER G 238 -72.65 -8.16 16.94
CA SER G 238 -73.49 -7.07 17.41
C SER G 238 -73.33 -6.84 18.90
N GLY G 239 -72.37 -7.49 19.56
CA GLY G 239 -72.19 -7.37 20.98
C GLY G 239 -72.23 -8.72 21.65
N GLU G 240 -71.34 -8.95 22.62
CA GLU G 240 -71.30 -10.24 23.30
C GLU G 240 -72.61 -10.54 24.00
N VAL G 241 -73.24 -9.52 24.61
CA VAL G 241 -74.50 -9.73 25.30
C VAL G 241 -75.62 -10.04 24.32
N LYS G 242 -75.77 -9.22 23.28
CA LYS G 242 -76.84 -9.43 22.32
C LYS G 242 -76.69 -10.77 21.58
N ASP G 243 -75.45 -11.21 21.37
CA ASP G 243 -75.19 -12.45 20.67
C ASP G 243 -75.08 -13.65 21.60
N LYS G 244 -75.49 -13.50 22.87
CA LYS G 244 -75.30 -14.58 23.84
C LYS G 244 -76.03 -15.85 23.42
N ASN G 245 -77.13 -15.72 22.68
CA ASN G 245 -77.90 -16.87 22.22
C ASN G 245 -77.74 -17.11 20.73
N VAL G 246 -76.74 -16.50 20.10
CA VAL G 246 -76.43 -16.73 18.69
C VAL G 246 -75.28 -17.73 18.65
N GLN G 247 -75.52 -18.90 18.05
CA GLN G 247 -74.53 -19.97 18.07
C GLN G 247 -73.31 -19.60 17.24
N VAL G 248 -73.53 -19.09 16.03
CA VAL G 248 -72.48 -18.79 15.07
C VAL G 248 -72.48 -17.29 14.84
N VAL G 249 -71.35 -16.65 15.12
CA VAL G 249 -71.22 -15.20 14.98
C VAL G 249 -70.15 -14.92 13.93
N GLU G 250 -70.49 -14.08 12.96
CA GLU G 250 -69.57 -13.71 11.90
C GLU G 250 -68.87 -12.41 12.29
N LEU G 251 -67.53 -12.41 12.17
CA LEU G 251 -66.74 -11.29 12.64
C LEU G 251 -66.12 -10.57 11.46
N PRO G 252 -66.37 -9.28 11.30
CA PRO G 252 -65.76 -8.52 10.21
C PRO G 252 -64.35 -8.07 10.60
N ILE G 253 -63.70 -7.37 9.68
CA ILE G 253 -62.39 -6.80 10.00
C ILE G 253 -62.55 -5.76 11.11
N VAL G 254 -61.44 -5.48 11.81
CA VAL G 254 -61.52 -4.61 12.97
C VAL G 254 -61.97 -3.21 12.56
N ASP G 255 -61.64 -2.79 11.35
CA ASP G 255 -61.99 -1.45 10.89
C ASP G 255 -63.49 -1.22 10.85
N SER G 256 -64.29 -2.29 10.77
CA SER G 256 -65.74 -2.17 10.70
C SER G 256 -66.42 -2.94 11.83
N LEU G 257 -65.73 -3.06 12.97
CA LEU G 257 -66.27 -3.77 14.13
C LEU G 257 -67.00 -2.77 15.01
N HIS G 258 -68.28 -3.07 15.30
CA HIS G 258 -69.08 -2.24 16.20
C HIS G 258 -70.12 -3.15 16.84
N PRO G 259 -70.20 -3.20 18.18
CA PRO G 259 -69.32 -2.48 19.10
C PRO G 259 -68.02 -3.25 19.37
N ARG G 260 -66.98 -2.53 19.77
CA ARG G 260 -65.68 -3.15 20.02
C ARG G 260 -65.68 -3.84 21.38
N PRO G 261 -65.28 -5.10 21.45
CA PRO G 261 -65.18 -5.77 22.76
C PRO G 261 -63.90 -5.37 23.46
N PRO G 262 -63.73 -5.72 24.74
CA PRO G 262 -62.48 -5.39 25.43
C PRO G 262 -61.34 -6.33 25.11
N TYR G 263 -61.60 -7.44 24.41
CA TYR G 263 -60.59 -8.45 24.12
C TYR G 263 -59.76 -7.99 22.92
N LEU G 264 -59.01 -6.92 23.12
CA LEU G 264 -58.18 -6.33 22.08
C LEU G 264 -56.84 -5.92 22.66
N PRO G 265 -55.81 -5.85 21.83
CA PRO G 265 -54.54 -5.23 22.27
C PRO G 265 -54.75 -3.77 22.62
N LEU G 266 -53.87 -3.24 23.46
CA LEU G 266 -52.71 -3.94 23.99
C LEU G 266 -52.94 -4.48 25.40
N ALA G 267 -54.19 -4.82 25.72
CA ALA G 267 -54.53 -5.34 27.03
C ALA G 267 -54.13 -6.81 27.14
N VAL G 268 -54.05 -7.29 28.39
CA VAL G 268 -53.67 -8.66 28.68
C VAL G 268 -54.66 -9.24 29.67
N PRO G 269 -54.79 -10.57 29.73
CA PRO G 269 -55.73 -11.19 30.66
C PRO G 269 -55.49 -10.77 32.10
N GLU G 270 -56.57 -10.36 32.77
CA GLU G 270 -56.48 -9.94 34.17
C GLU G 270 -55.88 -11.04 35.03
N ASP G 271 -56.20 -12.30 34.73
CA ASP G 271 -55.72 -13.42 35.52
C ASP G 271 -54.23 -13.67 35.33
N LEU G 272 -53.64 -13.18 34.24
CA LEU G 272 -52.24 -13.41 33.95
C LEU G 272 -51.36 -12.17 34.12
N ALA G 273 -51.95 -11.03 34.48
CA ALA G 273 -51.22 -9.77 34.49
C ALA G 273 -49.99 -9.83 35.40
N ASP G 274 -50.18 -10.23 36.66
CA ASP G 274 -49.08 -10.19 37.62
C ASP G 274 -47.92 -11.09 37.20
N ARG G 275 -48.22 -12.29 36.70
CA ARG G 275 -47.16 -13.22 36.33
C ARG G 275 -46.38 -12.76 35.11
N LEU G 276 -47.03 -12.09 34.16
CA LEU G 276 -46.35 -11.67 32.94
C LEU G 276 -45.40 -10.50 33.18
N VAL G 277 -45.80 -9.56 34.04
CA VAL G 277 -44.96 -8.39 34.30
C VAL G 277 -43.62 -8.82 34.90
N ARG G 278 -43.63 -9.86 35.76
CA ARG G 278 -42.37 -10.32 36.36
C ARG G 278 -41.41 -10.90 35.32
N VAL G 279 -41.95 -11.49 34.26
CA VAL G 279 -41.18 -12.27 33.32
C VAL G 279 -40.92 -11.49 32.05
N HIS G 280 -41.97 -10.91 31.48
CA HIS G 280 -41.89 -10.32 30.16
C HIS G 280 -41.93 -8.80 30.28
N GLY G 281 -41.05 -8.14 29.52
CA GLY G 281 -40.98 -6.70 29.50
C GLY G 281 -42.09 -6.01 28.74
N ASP G 282 -42.86 -6.75 27.95
CA ASP G 282 -43.99 -6.19 27.19
C ASP G 282 -45.03 -7.28 27.04
N PRO G 283 -45.89 -7.46 28.06
CA PRO G 283 -46.87 -8.55 28.01
C PRO G 283 -47.83 -8.45 26.84
N ALA G 284 -48.12 -7.22 26.38
CA ALA G 284 -49.05 -7.05 25.26
C ALA G 284 -48.58 -7.82 24.03
N VAL G 285 -47.27 -7.80 23.77
CA VAL G 285 -46.73 -8.55 22.64
C VAL G 285 -46.77 -10.04 22.94
N TRP G 286 -46.41 -10.43 24.16
CA TRP G 286 -46.47 -11.84 24.56
C TRP G 286 -47.86 -12.41 24.34
N TRP G 287 -48.89 -11.69 24.82
CA TRP G 287 -50.26 -12.16 24.67
C TRP G 287 -50.61 -12.44 23.20
N VAL G 288 -50.25 -11.52 22.31
CA VAL G 288 -50.50 -11.74 20.89
C VAL G 288 -49.73 -12.96 20.40
N SER G 289 -48.45 -13.07 20.77
CA SER G 289 -47.60 -14.15 20.28
C SER G 289 -48.18 -15.52 20.56
N GLN G 290 -48.93 -15.67 21.64
CA GLN G 290 -49.50 -16.98 21.96
C GLN G 290 -50.47 -17.46 20.89
N PHE G 291 -51.18 -16.53 20.25
CA PHE G 291 -52.06 -16.91 19.15
C PHE G 291 -51.30 -17.13 17.86
N VAL G 292 -50.27 -16.31 17.61
CA VAL G 292 -49.38 -16.55 16.48
C VAL G 292 -48.72 -17.93 16.62
N LYS G 293 -48.21 -18.23 17.81
CA LYS G 293 -47.56 -19.51 18.05
C LYS G 293 -48.49 -20.67 17.69
N TYR G 294 -49.76 -20.57 18.05
CA TYR G 294 -50.71 -21.64 17.76
C TYR G 294 -51.03 -21.71 16.27
N LEU G 295 -51.28 -20.57 15.65
CA LEU G 295 -51.73 -20.55 14.26
C LEU G 295 -50.68 -21.12 13.31
N ILE G 296 -49.40 -20.81 13.54
CA ILE G 296 -48.37 -21.06 12.53
C ILE G 296 -47.76 -22.44 12.67
N ARG G 297 -48.47 -23.35 13.33
CA ARG G 297 -48.03 -24.75 13.35
C ARG G 297 -47.94 -25.25 11.90
N PRO G 298 -46.74 -25.58 11.42
CA PRO G 298 -46.57 -25.86 10.00
C PRO G 298 -47.05 -27.25 9.61
N GLN G 299 -47.52 -27.34 8.36
CA GLN G 299 -47.78 -28.64 7.75
C GLN G 299 -46.47 -29.42 7.61
N PRO G 300 -46.55 -30.75 7.53
CA PRO G 300 -45.31 -31.56 7.50
C PRO G 300 -44.30 -31.16 6.45
N TRP G 301 -44.71 -30.97 5.20
CA TRP G 301 -43.76 -30.62 4.16
C TRP G 301 -43.12 -29.27 4.41
N LEU G 302 -43.87 -28.35 5.04
CA LEU G 302 -43.32 -27.05 5.37
C LEU G 302 -42.31 -27.16 6.52
N GLU G 303 -42.67 -27.91 7.57
CA GLU G 303 -41.72 -28.21 8.63
C GLU G 303 -40.44 -28.81 8.06
N LYS G 304 -40.59 -29.75 7.12
CA LYS G 304 -39.41 -30.34 6.48
C LYS G 304 -38.64 -29.31 5.68
N GLU G 305 -39.34 -28.48 4.92
CA GLU G 305 -38.66 -27.48 4.10
C GLU G 305 -37.95 -26.44 4.97
N ILE G 306 -38.60 -26.02 6.06
CA ILE G 306 -37.93 -25.14 7.02
C ILE G 306 -36.68 -25.82 7.55
N GLU G 307 -36.80 -27.10 7.92
CA GLU G 307 -35.66 -27.86 8.41
C GLU G 307 -34.58 -27.96 7.34
N GLU G 308 -34.97 -28.09 6.06
CA GLU G 308 -33.99 -28.17 4.99
C GLU G 308 -33.36 -26.81 4.72
N ALA G 309 -34.19 -25.75 4.68
CA ALA G 309 -33.67 -24.39 4.46
C ALA G 309 -32.69 -23.99 5.56
N THR G 310 -33.02 -24.28 6.82
CA THR G 310 -32.11 -23.99 7.93
C THR G 310 -30.71 -24.52 7.66
N LYS G 311 -30.62 -25.77 7.22
CA LYS G 311 -29.33 -26.39 6.94
C LYS G 311 -28.74 -25.86 5.63
N LYS G 312 -29.59 -25.61 4.64
CA LYS G 312 -29.12 -25.16 3.33
C LYS G 312 -28.43 -23.80 3.42
N LEU G 313 -29.05 -22.85 4.13
CA LEU G 313 -28.53 -21.50 4.22
C LEU G 313 -27.40 -21.37 5.23
N GLY G 314 -26.95 -22.47 5.84
CA GLY G 314 -25.96 -22.38 6.90
C GLY G 314 -26.39 -21.46 8.03
N PHE G 315 -27.67 -21.49 8.37
CA PHE G 315 -28.20 -20.62 9.42
C PHE G 315 -27.70 -21.11 10.77
N LYS G 316 -26.88 -20.29 11.43
CA LYS G 316 -26.33 -20.62 12.73
C LYS G 316 -26.20 -19.33 13.54
N HIS G 317 -25.90 -19.50 14.83
CA HIS G 317 -25.81 -18.38 15.74
C HIS G 317 -24.35 -18.07 16.08
N PRO G 318 -24.01 -16.82 16.39
CA PRO G 318 -24.88 -15.64 16.47
C PRO G 318 -25.30 -15.09 15.10
N VAL G 319 -26.52 -14.55 15.03
CA VAL G 319 -27.06 -14.03 13.79
C VAL G 319 -28.05 -12.92 14.13
N ILE G 320 -28.04 -11.85 13.33
CA ILE G 320 -28.92 -10.71 13.50
C ILE G 320 -29.83 -10.63 12.27
N GLY G 321 -31.13 -10.51 12.51
CA GLY G 321 -32.10 -10.44 11.43
C GLY G 321 -32.32 -9.00 10.99
N VAL G 322 -32.42 -8.80 9.68
CA VAL G 322 -32.61 -7.48 9.08
C VAL G 322 -33.72 -7.59 8.05
N HIS G 323 -34.73 -6.72 8.17
CA HIS G 323 -35.86 -6.71 7.25
C HIS G 323 -35.89 -5.35 6.57
N VAL G 324 -35.67 -5.32 5.26
CA VAL G 324 -35.67 -4.09 4.47
C VAL G 324 -36.91 -4.14 3.59
N ARG G 325 -37.95 -3.41 3.99
CA ARG G 325 -39.21 -3.36 3.26
C ARG G 325 -39.21 -2.15 2.33
N ARG G 326 -39.32 -2.41 1.02
CA ARG G 326 -39.32 -1.34 0.05
C ARG G 326 -40.50 -1.48 -0.91
N THR G 327 -40.25 -1.32 -2.21
CA THR G 327 -41.27 -1.47 -3.25
C THR G 327 -42.51 -0.61 -2.97
N ASP G 328 -43.68 -1.25 -2.86
CA ASP G 328 -44.93 -0.52 -2.75
C ASP G 328 -45.10 0.18 -1.41
N LYS G 329 -44.39 -0.24 -0.37
CA LYS G 329 -44.53 0.40 0.94
C LYS G 329 -44.05 1.83 0.92
N VAL G 330 -43.00 2.11 0.14
CA VAL G 330 -42.41 3.45 0.09
C VAL G 330 -43.38 4.41 -0.57
N GLY G 331 -43.56 5.58 0.03
CA GLY G 331 -44.46 6.61 -0.48
C GLY G 331 -45.92 6.43 -0.11
N THR G 332 -46.28 5.30 0.50
CA THR G 332 -47.66 5.10 0.98
C THR G 332 -47.69 4.97 2.49
N GLU G 333 -47.04 3.95 3.05
CA GLU G 333 -47.05 3.72 4.49
C GLU G 333 -45.70 3.92 5.15
N ALA G 334 -44.63 4.15 4.40
CA ALA G 334 -43.31 4.29 5.00
C ALA G 334 -42.40 5.04 4.04
N ALA G 335 -41.13 5.16 4.44
CA ALA G 335 -40.11 5.87 3.69
C ALA G 335 -39.01 4.91 3.23
N PHE G 336 -38.17 5.39 2.34
CA PHE G 336 -37.01 4.62 1.90
C PHE G 336 -35.88 4.77 2.91
N HIS G 337 -35.35 3.65 3.38
CA HIS G 337 -34.27 3.64 4.34
C HIS G 337 -33.05 2.95 3.73
N PRO G 338 -31.93 3.66 3.57
CA PRO G 338 -30.73 3.01 3.03
C PRO G 338 -30.26 1.87 3.92
N ILE G 339 -29.48 0.98 3.32
CA ILE G 339 -28.96 -0.17 4.05
C ILE G 339 -28.07 0.26 5.20
N GLU G 340 -27.39 1.41 5.05
CA GLU G 340 -26.52 1.90 6.12
C GLU G 340 -27.30 2.25 7.38
N GLU G 341 -28.55 2.67 7.24
CA GLU G 341 -29.36 2.95 8.42
C GLU G 341 -29.60 1.70 9.25
N TYR G 342 -29.61 0.53 8.60
CA TYR G 342 -29.81 -0.71 9.33
C TYR G 342 -28.52 -1.22 9.96
N MET G 343 -27.41 -1.11 9.23
CA MET G 343 -26.17 -1.74 9.66
C MET G 343 -25.48 -0.98 10.79
N VAL G 344 -25.80 0.30 11.00
CA VAL G 344 -25.24 1.01 12.15
C VAL G 344 -25.71 0.37 13.44
N HIS G 345 -26.92 -0.17 13.45
CA HIS G 345 -27.46 -0.84 14.64
C HIS G 345 -27.05 -2.30 14.69
N VAL G 346 -26.84 -2.92 13.53
CA VAL G 346 -26.28 -4.27 13.50
C VAL G 346 -24.87 -4.27 14.09
N GLU G 347 -24.02 -3.37 13.62
CA GLU G 347 -22.65 -3.29 14.11
C GLU G 347 -22.61 -2.97 15.60
N GLU G 348 -23.42 -2.00 16.02
CA GLU G 348 -23.53 -1.68 17.45
C GLU G 348 -23.83 -2.91 18.28
N HIS G 349 -24.82 -3.70 17.88
CA HIS G 349 -25.21 -4.85 18.69
C HIS G 349 -24.14 -5.94 18.70
N PHE G 350 -23.45 -6.14 17.58
CA PHE G 350 -22.36 -7.10 17.56
C PHE G 350 -21.24 -6.70 18.51
N GLN G 351 -21.00 -5.40 18.66
CA GLN G 351 -20.05 -4.94 19.67
C GLN G 351 -20.53 -5.25 21.08
N LEU G 352 -21.84 -5.21 21.31
CA LEU G 352 -22.36 -5.56 22.63
C LEU G 352 -22.25 -7.05 22.89
N LEU G 353 -22.59 -7.87 21.89
CA LEU G 353 -22.50 -9.32 22.05
C LEU G 353 -21.05 -9.76 22.23
N ALA G 354 -20.13 -9.11 21.51
CA ALA G 354 -18.71 -9.43 21.66
C ALA G 354 -18.22 -9.24 23.08
N ARG G 355 -18.87 -8.35 23.84
CA ARG G 355 -18.48 -8.13 25.23
C ARG G 355 -18.82 -9.30 26.13
N ARG G 356 -19.68 -10.22 25.67
CA ARG G 356 -20.15 -11.32 26.49
C ARG G 356 -19.88 -12.69 25.87
N MET G 357 -19.33 -12.74 24.67
CA MET G 357 -19.11 -14.01 24.00
C MET G 357 -18.13 -13.82 22.86
N GLN G 358 -17.70 -14.94 22.29
CA GLN G 358 -16.84 -14.93 21.11
C GLN G 358 -17.71 -14.81 19.87
N VAL G 359 -17.48 -13.77 19.08
CA VAL G 359 -18.20 -13.55 17.82
C VAL G 359 -17.28 -14.05 16.71
N ASP G 360 -17.48 -15.30 16.31
CA ASP G 360 -16.67 -15.90 15.25
C ASP G 360 -16.76 -15.10 13.96
N LYS G 361 -17.98 -14.87 13.48
CA LYS G 361 -18.22 -14.17 12.22
C LYS G 361 -19.49 -13.35 12.37
N LYS G 362 -19.50 -12.17 11.77
CA LYS G 362 -20.65 -11.28 11.85
C LYS G 362 -21.67 -11.71 10.81
N ARG G 363 -22.67 -12.47 11.24
CA ARG G 363 -23.70 -13.03 10.37
C ARG G 363 -24.96 -12.18 10.41
N VAL G 364 -25.62 -12.10 9.26
CA VAL G 364 -26.88 -11.38 9.11
C VAL G 364 -27.81 -12.20 8.23
N TYR G 365 -29.05 -12.41 8.69
CA TYR G 365 -30.08 -12.94 7.82
C TYR G 365 -30.85 -11.76 7.23
N LEU G 366 -30.79 -11.62 5.91
CA LEU G 366 -31.37 -10.48 5.22
C LEU G 366 -32.66 -10.90 4.54
N ALA G 367 -33.78 -10.34 4.99
CA ALA G 367 -35.07 -10.54 4.36
C ALA G 367 -35.49 -9.21 3.73
N THR G 368 -35.78 -9.25 2.43
CA THR G 368 -36.17 -8.03 1.72
C THR G 368 -36.93 -8.42 0.46
N ASP G 369 -37.75 -7.49 -0.01
CA ASP G 369 -38.39 -7.62 -1.31
C ASP G 369 -37.64 -6.88 -2.40
N ASP G 370 -36.44 -6.37 -2.08
CA ASP G 370 -35.55 -5.77 -3.06
C ASP G 370 -34.45 -6.79 -3.37
N PRO G 371 -34.59 -7.59 -4.42
CA PRO G 371 -33.57 -8.61 -4.72
C PRO G 371 -32.23 -8.03 -5.13
N SER G 372 -32.17 -6.77 -5.53
CA SER G 372 -30.91 -6.14 -5.91
C SER G 372 -30.09 -5.72 -4.70
N LEU G 373 -30.63 -5.88 -3.49
CA LEU G 373 -29.98 -5.34 -2.30
C LEU G 373 -28.84 -6.22 -1.82
N LEU G 374 -28.95 -7.55 -2.00
CA LEU G 374 -27.96 -8.47 -1.45
C LEU G 374 -26.58 -8.19 -2.00
N LYS G 375 -26.48 -8.00 -3.32
CA LYS G 375 -25.19 -7.66 -3.91
C LYS G 375 -24.67 -6.33 -3.37
N GLU G 376 -25.57 -5.35 -3.23
CA GLU G 376 -25.18 -4.07 -2.66
C GLU G 376 -24.67 -4.22 -1.23
N ALA G 377 -25.38 -5.02 -0.42
CA ALA G 377 -24.98 -5.22 0.96
C ALA G 377 -23.64 -5.94 1.04
N LYS G 378 -23.50 -7.06 0.35
CA LYS G 378 -22.24 -7.82 0.37
C LYS G 378 -21.06 -6.96 -0.06
N THR G 379 -21.27 -6.05 -1.02
CA THR G 379 -20.18 -5.20 -1.47
C THR G 379 -19.76 -4.21 -0.39
N LYS G 380 -20.74 -3.58 0.26
CA LYS G 380 -20.42 -2.52 1.20
C LYS G 380 -19.93 -3.04 2.54
N TYR G 381 -20.24 -4.30 2.88
CA TYR G 381 -19.84 -4.89 4.15
C TYR G 381 -19.23 -6.26 3.88
N PRO G 382 -18.01 -6.29 3.34
CA PRO G 382 -17.43 -7.58 2.92
C PRO G 382 -17.00 -8.46 4.08
N ASN G 383 -16.83 -7.90 5.27
CA ASN G 383 -16.48 -8.68 6.45
C ASN G 383 -17.70 -9.24 7.17
N TYR G 384 -18.90 -9.02 6.64
CA TYR G 384 -20.13 -9.58 7.16
C TYR G 384 -20.51 -10.80 6.34
N GLU G 385 -21.15 -11.76 7.00
CA GLU G 385 -21.73 -12.92 6.32
C GLU G 385 -23.23 -12.71 6.19
N PHE G 386 -23.69 -12.51 4.97
CA PHE G 386 -25.10 -12.26 4.70
C PHE G 386 -25.77 -13.58 4.31
N ILE G 387 -26.74 -14.00 5.11
CA ILE G 387 -27.56 -15.17 4.82
C ILE G 387 -28.89 -14.68 4.27
N SER G 388 -29.23 -15.09 3.07
CA SER G 388 -30.43 -14.59 2.42
C SER G 388 -30.74 -15.48 1.24
N ASP G 389 -32.03 -15.55 0.88
CA ASP G 389 -32.51 -16.30 -0.26
C ASP G 389 -33.04 -15.29 -1.27
N ASN G 390 -32.23 -14.98 -2.29
CA ASN G 390 -32.60 -13.95 -3.24
C ASN G 390 -33.79 -14.37 -4.09
N SER G 391 -33.93 -15.67 -4.37
CA SER G 391 -35.10 -16.13 -5.09
C SER G 391 -36.38 -15.92 -4.28
N ILE G 392 -36.27 -15.96 -2.94
CA ILE G 392 -37.39 -15.59 -2.10
C ILE G 392 -37.67 -14.09 -2.25
N SER G 393 -36.62 -13.27 -2.23
CA SER G 393 -36.78 -11.84 -2.51
C SER G 393 -37.39 -11.62 -3.89
N TRP G 394 -36.99 -12.43 -4.87
CA TRP G 394 -37.60 -12.34 -6.19
C TRP G 394 -39.06 -12.72 -6.15
N SER G 395 -39.42 -13.77 -5.40
CA SER G 395 -40.81 -14.17 -5.28
C SER G 395 -41.66 -13.07 -4.66
N ALA G 396 -41.06 -12.23 -3.80
CA ALA G 396 -41.77 -11.13 -3.17
C ALA G 396 -42.04 -9.97 -4.11
N GLY G 397 -41.63 -10.05 -5.37
CA GLY G 397 -41.91 -8.98 -6.31
C GLY G 397 -43.40 -8.73 -6.45
N LEU G 398 -43.72 -7.51 -6.88
CA LEU G 398 -45.12 -7.08 -6.89
C LEU G 398 -45.95 -7.89 -7.87
N HIS G 399 -45.37 -8.23 -9.01
CA HIS G 399 -46.10 -8.94 -10.06
C HIS G 399 -46.29 -10.42 -9.78
N ASN G 400 -45.58 -10.98 -8.81
CA ASN G 400 -45.65 -12.40 -8.48
C ASN G 400 -45.83 -12.63 -6.98
N ARG G 401 -46.27 -11.61 -6.25
CA ARG G 401 -46.28 -11.65 -4.78
C ARG G 401 -47.32 -12.63 -4.25
N TYR G 402 -48.49 -12.71 -4.88
CA TYR G 402 -49.63 -13.42 -4.28
C TYR G 402 -49.80 -14.80 -4.92
N THR G 403 -48.84 -15.67 -4.62
CA THR G 403 -48.88 -17.08 -4.99
C THR G 403 -48.36 -17.90 -3.83
N GLU G 404 -48.54 -19.21 -3.91
CA GLU G 404 -48.08 -20.09 -2.84
C GLU G 404 -46.56 -20.03 -2.69
N ASN G 405 -45.83 -19.99 -3.81
CA ASN G 405 -44.38 -19.96 -3.75
C ASN G 405 -43.87 -18.73 -2.99
N SER G 406 -44.41 -17.56 -3.30
CA SER G 406 -44.03 -16.35 -2.58
C SER G 406 -44.50 -16.41 -1.13
N LEU G 407 -45.67 -17.00 -0.89
CA LEU G 407 -46.15 -17.19 0.47
C LEU G 407 -45.18 -18.04 1.27
N ARG G 408 -44.76 -19.17 0.71
CA ARG G 408 -43.75 -19.99 1.36
C ARG G 408 -42.47 -19.19 1.59
N GLY G 409 -42.15 -18.28 0.67
CA GLY G 409 -40.96 -17.46 0.82
C GLY G 409 -41.03 -16.56 2.04
N VAL G 410 -42.13 -15.81 2.18
CA VAL G 410 -42.24 -14.87 3.28
C VAL G 410 -42.33 -15.59 4.61
N ILE G 411 -42.96 -16.77 4.65
CA ILE G 411 -42.99 -17.56 5.87
C ILE G 411 -41.56 -17.94 6.27
N LEU G 412 -40.76 -18.37 5.30
CA LEU G 412 -39.36 -18.71 5.60
C LEU G 412 -38.59 -17.49 6.09
N ASP G 413 -38.71 -16.36 5.38
CA ASP G 413 -38.00 -15.16 5.84
C ASP G 413 -38.42 -14.77 7.24
N ILE G 414 -39.73 -14.80 7.53
CA ILE G 414 -40.21 -14.43 8.86
C ILE G 414 -39.69 -15.42 9.90
N HIS G 415 -39.68 -16.71 9.57
CA HIS G 415 -39.17 -17.71 10.50
C HIS G 415 -37.72 -17.42 10.88
N PHE G 416 -36.87 -17.21 9.89
CA PHE G 416 -35.45 -16.99 10.16
C PHE G 416 -35.21 -15.67 10.86
N LEU G 417 -36.03 -14.66 10.57
CA LEU G 417 -35.96 -13.40 11.32
C LEU G 417 -36.32 -13.62 12.79
N SER G 418 -37.41 -14.36 13.04
CA SER G 418 -37.84 -14.61 14.41
C SER G 418 -36.81 -15.41 15.20
N GLN G 419 -36.05 -16.27 14.53
CA GLN G 419 -35.06 -17.10 15.22
C GLN G 419 -33.78 -16.35 15.52
N ALA G 420 -33.60 -15.14 14.97
CA ALA G 420 -32.36 -14.41 15.16
C ALA G 420 -32.23 -13.91 16.60
N ASP G 421 -31.00 -13.52 16.95
CA ASP G 421 -30.69 -13.01 18.28
C ASP G 421 -31.05 -11.53 18.44
N PHE G 422 -31.41 -10.86 17.35
CA PHE G 422 -31.72 -9.43 17.36
C PHE G 422 -32.35 -9.09 16.03
N LEU G 423 -33.23 -8.10 16.04
CA LEU G 423 -34.06 -7.78 14.87
C LEU G 423 -33.98 -6.30 14.60
N VAL G 424 -33.45 -5.92 13.44
CA VAL G 424 -33.35 -4.53 13.01
C VAL G 424 -34.22 -4.35 11.77
N CYS G 425 -35.15 -3.40 11.83
CA CYS G 425 -36.12 -3.23 10.76
C CYS G 425 -36.96 -1.97 10.94
N THR G 426 -38.15 -1.97 10.33
CA THR G 426 -39.14 -0.92 10.50
C THR G 426 -40.44 -1.55 10.95
N PHE G 427 -40.90 -1.20 12.15
CA PHE G 427 -42.14 -1.76 12.68
C PHE G 427 -43.37 -1.27 11.95
N SER G 428 -43.23 -0.34 11.01
CA SER G 428 -44.36 -0.01 10.14
C SER G 428 -44.70 -1.17 9.21
N SER G 429 -43.77 -2.09 9.02
CA SER G 429 -43.99 -3.27 8.19
C SER G 429 -44.53 -4.40 9.06
N GLN G 430 -45.72 -4.90 8.71
CA GLN G 430 -46.30 -6.01 9.44
C GLN G 430 -45.41 -7.25 9.38
N VAL G 431 -44.59 -7.37 8.34
CA VAL G 431 -43.68 -8.51 8.22
C VAL G 431 -42.74 -8.54 9.42
N CYS G 432 -42.18 -7.39 9.79
CA CYS G 432 -41.26 -7.38 10.93
C CYS G 432 -42.01 -7.53 12.25
N ARG G 433 -43.22 -6.97 12.35
CA ARG G 433 -43.97 -7.11 13.59
C ARG G 433 -44.32 -8.57 13.87
N VAL G 434 -44.56 -9.37 12.83
CA VAL G 434 -44.85 -10.78 13.03
C VAL G 434 -43.61 -11.51 13.53
N ALA G 435 -42.47 -11.29 12.87
CA ALA G 435 -41.21 -11.90 13.31
C ALA G 435 -40.89 -11.52 14.75
N TYR G 436 -41.10 -10.25 15.10
CA TYR G 436 -40.88 -9.80 16.47
C TYR G 436 -41.79 -10.54 17.44
N GLU G 437 -43.07 -10.71 17.08
CA GLU G 437 -44.01 -11.42 17.93
C GLU G 437 -43.58 -12.87 18.13
N ILE G 438 -43.25 -13.57 17.03
CA ILE G 438 -42.82 -14.96 17.12
C ILE G 438 -41.59 -15.09 18.02
N MET G 439 -40.65 -14.14 17.91
CA MET G 439 -39.44 -14.16 18.73
C MET G 439 -39.76 -14.27 20.21
N GLN G 440 -40.85 -13.65 20.67
CA GLN G 440 -41.22 -13.69 22.07
C GLN G 440 -41.52 -15.11 22.56
N THR G 441 -41.85 -16.03 21.64
CA THR G 441 -42.14 -17.40 22.02
C THR G 441 -40.90 -18.28 22.09
N LEU G 442 -39.73 -17.78 21.68
CA LEU G 442 -38.51 -18.57 21.67
C LEU G 442 -37.60 -18.25 22.85
N HIS G 443 -37.89 -17.20 23.61
CA HIS G 443 -37.05 -16.78 24.72
C HIS G 443 -37.94 -16.30 25.84
N PRO G 444 -37.46 -16.33 27.09
CA PRO G 444 -38.29 -15.85 28.21
C PRO G 444 -38.74 -14.41 28.04
N ASP G 445 -37.81 -13.48 27.82
CA ASP G 445 -38.14 -12.06 27.63
C ASP G 445 -37.28 -11.54 26.49
N ALA G 446 -37.79 -11.66 25.26
CA ALA G 446 -37.14 -11.11 24.09
C ALA G 446 -37.77 -9.78 23.66
N SER G 447 -38.44 -9.09 24.59
CA SER G 447 -39.15 -7.87 24.24
C SER G 447 -38.22 -6.77 23.75
N ALA G 448 -37.00 -6.72 24.27
CA ALA G 448 -36.06 -5.65 23.95
C ALA G 448 -35.06 -6.04 22.87
N ASN G 449 -35.25 -7.19 22.22
CA ASN G 449 -34.29 -7.70 21.23
C ASN G 449 -34.55 -7.12 19.84
N PHE G 450 -34.71 -5.80 19.72
CA PHE G 450 -35.00 -5.20 18.43
C PHE G 450 -34.47 -3.77 18.38
N HIS G 451 -34.50 -3.21 17.18
CA HIS G 451 -34.43 -1.76 16.98
C HIS G 451 -35.18 -1.43 15.70
N SER G 452 -36.22 -0.61 15.83
CA SER G 452 -37.05 -0.20 14.70
C SER G 452 -36.60 1.17 14.21
N LEU G 453 -36.46 1.31 12.89
CA LEU G 453 -36.07 2.58 12.31
C LEU G 453 -37.19 3.61 12.30
N ASP G 454 -38.43 3.22 12.61
CA ASP G 454 -39.51 4.20 12.64
C ASP G 454 -40.46 3.97 13.80
N ASP G 455 -41.48 3.13 13.60
CA ASP G 455 -42.56 3.01 14.56
C ASP G 455 -42.16 2.18 15.77
N ILE G 456 -42.78 2.48 16.91
CA ILE G 456 -42.74 1.60 18.06
C ILE G 456 -43.64 0.41 17.74
N TYR G 457 -43.67 -0.57 18.63
CA TYR G 457 -44.56 -1.70 18.40
C TYR G 457 -46.01 -1.25 18.52
N TYR G 458 -46.84 -1.70 17.58
CA TYR G 458 -48.27 -1.45 17.65
C TYR G 458 -48.99 -2.58 16.94
N PHE G 459 -50.29 -2.68 17.20
CA PHE G 459 -51.17 -3.65 16.58
C PHE G 459 -52.31 -2.90 15.94
N GLY G 460 -52.44 -3.02 14.62
CA GLY G 460 -53.48 -2.29 13.90
C GLY G 460 -54.87 -2.53 14.47
N GLY G 461 -55.51 -1.47 14.94
CA GLY G 461 -56.80 -1.58 15.58
C GLY G 461 -56.75 -1.65 17.09
N GLN G 462 -55.56 -1.65 17.69
CA GLN G 462 -55.41 -1.70 19.13
C GLN G 462 -56.18 -0.56 19.79
N ASN G 463 -56.49 -0.75 21.07
CA ASN G 463 -56.98 0.37 21.85
C ASN G 463 -55.83 1.36 22.08
N ALA G 464 -56.18 2.57 22.47
CA ALA G 464 -55.22 3.65 22.58
C ALA G 464 -54.04 3.25 23.45
N HIS G 465 -52.84 3.31 22.87
CA HIS G 465 -51.62 2.99 23.61
C HIS G 465 -51.29 4.19 24.49
N ASN G 466 -51.47 4.03 25.79
CA ASN G 466 -51.30 5.12 26.74
C ASN G 466 -50.08 4.88 27.62
N GLN G 467 -49.55 5.98 28.15
CA GLN G 467 -48.45 5.94 29.09
C GLN G 467 -48.79 6.88 30.25
N ILE G 468 -48.03 6.74 31.34
CA ILE G 468 -48.26 7.53 32.55
C ILE G 468 -46.95 8.24 32.87
N ALA G 469 -47.02 9.58 32.97
CA ALA G 469 -45.84 10.35 33.30
C ALA G 469 -45.44 10.11 34.75
N ILE G 470 -44.17 9.82 34.96
CA ILE G 470 -43.64 9.56 36.29
C ILE G 470 -42.78 10.70 36.81
N TYR G 471 -42.16 11.48 35.93
CA TYR G 471 -41.39 12.65 36.32
C TYR G 471 -41.92 13.86 35.57
N ALA G 472 -41.87 15.01 36.22
CA ALA G 472 -42.37 16.23 35.61
C ALA G 472 -41.44 16.67 34.50
N HIS G 473 -41.98 17.50 33.60
CA HIS G 473 -41.22 18.03 32.47
C HIS G 473 -41.75 19.41 32.11
N GLN G 474 -40.84 20.36 31.94
CA GLN G 474 -41.19 21.70 31.53
C GLN G 474 -40.71 21.93 30.10
N PRO G 475 -41.60 22.31 29.18
CA PRO G 475 -41.19 22.40 27.77
C PRO G 475 -40.12 23.46 27.57
N ARG G 476 -39.05 23.07 26.89
CA ARG G 476 -38.02 24.04 26.53
C ARG G 476 -38.35 24.77 25.24
N THR G 477 -39.14 24.13 24.37
CA THR G 477 -39.59 24.72 23.11
C THR G 477 -41.09 24.57 22.99
N ALA G 478 -41.66 25.25 21.99
CA ALA G 478 -43.09 25.13 21.72
C ALA G 478 -43.47 23.73 21.24
N ASP G 479 -42.54 22.99 20.64
CA ASP G 479 -42.82 21.65 20.15
C ASP G 479 -42.91 20.61 21.25
N GLU G 480 -42.50 20.93 22.46
CA GLU G 480 -42.59 20.00 23.57
C GLU G 480 -43.89 20.21 24.34
N ILE G 481 -44.24 19.23 25.16
CA ILE G 481 -45.44 19.32 25.99
C ILE G 481 -45.03 19.20 27.46
N PRO G 482 -45.76 19.84 28.37
CA PRO G 482 -45.45 19.66 29.80
C PRO G 482 -46.12 18.40 30.35
N MET G 483 -45.54 17.90 31.43
CA MET G 483 -46.05 16.71 32.09
C MET G 483 -45.93 16.87 33.58
N GLU G 484 -46.96 16.44 34.28
CA GLU G 484 -46.89 16.25 35.72
C GLU G 484 -47.01 14.76 36.03
N PRO G 485 -46.37 14.29 37.09
CA PRO G 485 -46.46 12.86 37.42
C PRO G 485 -47.91 12.42 37.56
N GLY G 486 -48.24 11.30 36.92
CA GLY G 486 -49.59 10.78 36.90
C GLY G 486 -50.39 11.11 35.66
N ASP G 487 -49.95 12.10 34.88
CA ASP G 487 -50.65 12.42 33.64
C ASP G 487 -50.64 11.22 32.70
N ILE G 488 -51.75 11.00 32.01
CA ILE G 488 -51.86 9.92 31.04
C ILE G 488 -51.48 10.47 29.68
N ILE G 489 -50.47 9.87 29.06
CA ILE G 489 -49.92 10.35 27.80
C ILE G 489 -50.15 9.27 26.75
N GLY G 490 -50.84 9.63 25.67
CA GLY G 490 -51.03 8.70 24.56
C GLY G 490 -49.88 8.77 23.59
N VAL G 491 -49.03 7.75 23.58
CA VAL G 491 -47.78 7.80 22.84
C VAL G 491 -48.06 7.53 21.37
N ALA G 492 -47.40 8.31 20.51
CA ALA G 492 -47.46 8.09 19.07
C ALA G 492 -46.22 7.41 18.52
N GLY G 493 -45.07 7.61 19.16
CA GLY G 493 -43.88 6.91 18.74
C GLY G 493 -42.68 7.41 19.52
N ASN G 494 -41.60 6.65 19.40
CA ASN G 494 -40.30 7.01 19.99
C ASN G 494 -39.37 7.41 18.85
N HIS G 495 -38.72 8.55 19.01
CA HIS G 495 -37.85 9.08 17.97
C HIS G 495 -36.43 8.55 18.08
N TRP G 496 -36.16 7.66 19.04
CA TRP G 496 -34.86 7.01 19.20
C TRP G 496 -33.75 8.03 19.40
N ASP G 497 -34.10 9.19 19.97
CA ASP G 497 -33.16 10.25 20.28
C ASP G 497 -33.30 10.72 21.73
N GLY G 498 -33.96 9.93 22.58
CA GLY G 498 -34.29 10.35 23.92
C GLY G 498 -35.66 10.97 24.06
N TYR G 499 -36.33 11.27 22.96
CA TYR G 499 -37.64 11.91 22.97
C TYR G 499 -38.66 11.00 22.30
N SER G 500 -39.90 11.07 22.82
CA SER G 500 -41.04 10.44 22.19
C SER G 500 -42.03 11.53 21.78
N LYS G 501 -43.09 11.13 21.09
CA LYS G 501 -44.12 12.07 20.66
C LYS G 501 -45.48 11.51 21.01
N GLY G 502 -46.33 12.36 21.55
CA GLY G 502 -47.64 11.92 21.99
C GLY G 502 -48.49 13.09 22.42
N VAL G 503 -49.67 12.77 22.93
CA VAL G 503 -50.65 13.77 23.34
C VAL G 503 -50.81 13.67 24.86
N ASN G 504 -50.78 14.83 25.53
CA ASN G 504 -51.11 14.90 26.94
C ASN G 504 -52.63 14.98 27.04
N ARG G 505 -53.25 13.84 27.35
CA ARG G 505 -54.71 13.77 27.34
C ARG G 505 -55.33 14.78 28.29
N LYS G 506 -54.64 15.11 29.39
CA LYS G 506 -55.15 16.09 30.32
C LYS G 506 -55.26 17.47 29.70
N LEU G 507 -54.38 17.80 28.75
CA LEU G 507 -54.32 19.13 28.17
C LEU G 507 -54.77 19.20 26.72
N GLY G 508 -54.83 18.08 26.01
CA GLY G 508 -55.09 18.14 24.59
C GLY G 508 -53.96 18.73 23.78
N ARG G 509 -52.74 18.72 24.33
CA ARG G 509 -51.56 19.22 23.65
C ARG G 509 -50.72 18.06 23.16
N THR G 510 -50.19 18.20 21.94
CA THR G 510 -49.39 17.17 21.30
C THR G 510 -47.98 17.70 21.05
N GLY G 511 -46.98 16.85 21.22
CA GLY G 511 -45.62 17.28 21.03
C GLY G 511 -44.66 16.30 21.67
N LEU G 512 -43.42 16.76 21.84
CA LEU G 512 -42.32 15.91 22.28
C LEU G 512 -42.19 15.92 23.79
N TYR G 513 -41.60 14.83 24.30
CA TYR G 513 -41.31 14.70 25.73
C TYR G 513 -40.19 13.69 25.89
N PRO G 514 -39.40 13.79 26.95
CA PRO G 514 -38.30 12.82 27.15
C PRO G 514 -38.84 11.42 27.36
N SER G 515 -38.27 10.46 26.63
CA SER G 515 -38.80 9.10 26.64
C SER G 515 -38.66 8.44 28.01
N TYR G 516 -37.78 8.94 28.87
CA TYR G 516 -37.53 8.30 30.16
C TYR G 516 -38.47 8.81 31.25
N LYS G 517 -39.21 9.88 31.01
CA LYS G 517 -40.08 10.46 32.02
C LYS G 517 -41.49 9.85 32.00
N VAL G 518 -41.69 8.77 31.25
CA VAL G 518 -43.01 8.15 31.13
C VAL G 518 -42.88 6.68 31.50
N ARG G 519 -44.03 6.06 31.76
CA ARG G 519 -44.11 4.65 32.08
C ARG G 519 -45.32 4.08 31.34
N GLU G 520 -45.22 2.81 30.95
CA GLU G 520 -46.29 2.19 30.18
C GLU G 520 -47.48 1.87 31.06
N LYS G 521 -48.67 2.30 30.65
CA LYS G 521 -49.90 1.98 31.38
C LYS G 521 -50.41 0.63 30.89
N ILE G 522 -50.17 -0.41 31.67
CA ILE G 522 -50.58 -1.76 31.31
C ILE G 522 -52.08 -1.92 31.58
N GLU G 523 -52.81 -2.39 30.58
CA GLU G 523 -54.25 -2.57 30.66
C GLU G 523 -54.58 -4.04 30.82
N THR G 524 -55.51 -4.34 31.72
CA THR G 524 -55.93 -5.72 31.96
C THR G 524 -57.41 -5.88 31.64
N VAL G 525 -57.77 -7.07 31.20
CA VAL G 525 -59.15 -7.42 30.89
C VAL G 525 -59.42 -8.79 31.49
N LYS G 526 -60.60 -8.95 32.10
CA LYS G 526 -60.98 -10.23 32.69
C LYS G 526 -61.42 -11.17 31.58
N TYR G 527 -60.47 -11.95 31.07
CA TYR G 527 -60.75 -13.00 30.11
C TYR G 527 -61.30 -14.22 30.82
N PRO G 528 -61.92 -15.14 30.08
CA PRO G 528 -62.19 -16.47 30.64
C PRO G 528 -60.88 -17.18 30.95
N THR G 529 -60.95 -18.11 31.90
CA THR G 529 -59.76 -18.80 32.36
C THR G 529 -59.73 -20.28 31.98
N TYR G 530 -60.83 -20.81 31.44
CA TYR G 530 -60.95 -22.20 30.99
C TYR G 530 -60.34 -23.18 32.00
N PRO G 531 -60.88 -23.25 33.22
CA PRO G 531 -60.32 -24.19 34.21
C PRO G 531 -60.56 -25.64 33.84
N GLU G 532 -61.54 -25.92 32.98
CA GLU G 532 -61.83 -27.28 32.56
C GLU G 532 -60.74 -27.85 31.67
N ALA G 533 -59.77 -27.04 31.26
CA ALA G 533 -58.70 -27.47 30.38
C ALA G 533 -57.52 -28.07 31.12
N GLU G 534 -57.67 -28.36 32.40
CA GLU G 534 -56.56 -28.83 33.21
C GLU G 534 -56.77 -30.28 33.65
N GLY H 69 -38.48 -10.98 42.45
CA GLY H 69 -39.47 -10.00 42.85
C GLY H 69 -40.07 -9.19 41.71
N LYS H 70 -41.38 -8.94 41.77
CA LYS H 70 -42.03 -8.16 40.73
C LYS H 70 -41.41 -6.77 40.57
N ASP H 71 -41.29 -6.03 41.67
CA ASP H 71 -40.69 -4.70 41.58
C ASP H 71 -39.21 -4.80 41.22
N HIS H 72 -38.56 -5.89 41.61
CA HIS H 72 -37.16 -6.10 41.25
C HIS H 72 -36.99 -6.18 39.74
N GLU H 73 -37.84 -6.97 39.09
CA GLU H 73 -37.79 -7.07 37.63
C GLU H 73 -38.22 -5.77 36.96
N ILE H 74 -39.31 -5.17 37.46
CA ILE H 74 -39.75 -3.87 36.94
C ILE H 74 -38.61 -2.85 37.01
N LEU H 75 -37.93 -2.77 38.15
CA LEU H 75 -36.86 -1.80 38.30
C LEU H 75 -35.67 -2.13 37.41
N ARG H 76 -35.27 -3.39 37.36
CA ARG H 76 -34.14 -3.78 36.50
C ARG H 76 -34.40 -3.40 35.05
N ARG H 77 -35.64 -3.55 34.61
CA ARG H 77 -36.02 -3.21 33.24
C ARG H 77 -36.01 -1.69 33.04
N ARG H 78 -36.45 -0.96 34.05
CA ARG H 78 -36.48 0.49 33.97
C ARG H 78 -35.08 1.09 34.02
N ILE H 79 -34.19 0.49 34.82
CA ILE H 79 -32.78 0.89 34.79
C ILE H 79 -32.20 0.62 33.41
N GLU H 80 -32.46 -0.59 32.88
CA GLU H 80 -32.02 -0.96 31.55
C GLU H 80 -32.51 0.04 30.50
N ASN H 81 -33.83 0.25 30.44
CA ASN H 81 -34.40 1.14 29.42
C ASN H 81 -33.97 2.57 29.62
N GLY H 82 -33.88 3.03 30.87
CA GLY H 82 -33.42 4.39 31.13
C GLY H 82 -32.02 4.62 30.59
N ALA H 83 -31.16 3.61 30.67
CA ALA H 83 -29.84 3.70 30.05
C ALA H 83 -29.95 3.77 28.54
N LYS H 84 -30.82 2.94 27.94
CA LYS H 84 -31.00 2.97 26.49
C LYS H 84 -31.42 4.35 26.01
N GLU H 85 -32.48 4.91 26.61
CA GLU H 85 -32.95 6.23 26.18
C GLU H 85 -31.87 7.29 26.40
N LEU H 86 -31.10 7.18 27.49
CA LEU H 86 -29.96 8.07 27.68
C LEU H 86 -28.96 7.93 26.55
N TRP H 87 -28.67 6.70 26.14
CA TRP H 87 -27.76 6.48 25.02
C TRP H 87 -28.34 7.08 23.75
N PHE H 88 -29.65 6.91 23.53
CA PHE H 88 -30.32 7.62 22.45
C PHE H 88 -30.15 9.13 22.60
N PHE H 89 -30.39 9.64 23.82
CA PHE H 89 -30.30 11.07 24.08
C PHE H 89 -28.89 11.60 23.80
N LEU H 90 -27.87 10.90 24.30
CA LEU H 90 -26.49 11.34 24.13
C LEU H 90 -26.12 11.47 22.65
N GLN H 91 -26.29 10.39 21.88
CA GLN H 91 -25.93 10.40 20.47
C GLN H 91 -26.61 11.55 19.72
N SER H 92 -27.91 11.75 19.96
CA SER H 92 -28.65 12.78 19.24
C SER H 92 -28.10 14.16 19.53
N GLU H 93 -27.96 14.51 20.82
CA GLU H 93 -27.56 15.86 21.18
C GLU H 93 -26.12 16.15 20.81
N LEU H 94 -25.26 15.13 20.83
CA LEU H 94 -23.88 15.32 20.39
C LEU H 94 -23.81 15.62 18.89
N LYS H 95 -24.59 14.89 18.08
CA LYS H 95 -24.68 15.21 16.66
C LYS H 95 -25.10 16.66 16.44
N LYS H 96 -26.00 17.16 17.29
CA LYS H 96 -26.41 18.56 17.22
C LYS H 96 -25.27 19.49 17.63
N LEU H 97 -24.48 19.10 18.63
CA LEU H 97 -23.45 19.98 19.17
C LEU H 97 -22.32 20.22 18.17
N LYS H 98 -21.98 19.22 17.34
CA LYS H 98 -20.89 19.39 16.38
C LYS H 98 -21.17 20.51 15.37
N ASN H 99 -22.40 21.00 15.29
CA ASN H 99 -22.77 22.02 14.31
C ASN H 99 -23.02 23.38 14.95
N LEU H 100 -22.50 23.61 16.15
CA LEU H 100 -22.77 24.83 16.90
C LEU H 100 -21.51 25.65 17.13
N GLU H 101 -21.70 26.93 17.47
CA GLU H 101 -20.58 27.84 17.66
C GLU H 101 -20.92 28.88 18.72
N GLY H 102 -19.87 29.45 19.31
CA GLY H 102 -19.94 30.58 20.23
C GLY H 102 -20.80 30.32 21.46
N ASN H 103 -21.45 31.39 21.93
CA ASN H 103 -22.32 31.28 23.11
C ASN H 103 -23.45 30.31 22.85
N GLU H 104 -23.99 30.30 21.63
CA GLU H 104 -25.00 29.32 21.24
C GLU H 104 -24.54 27.91 21.58
N LEU H 105 -23.28 27.59 21.28
CA LEU H 105 -22.73 26.29 21.65
C LEU H 105 -22.73 26.09 23.16
N GLN H 106 -22.32 27.12 23.92
CA GLN H 106 -22.17 26.95 25.36
C GLN H 106 -23.52 26.92 26.08
N ARG H 107 -24.50 27.69 25.60
CA ARG H 107 -25.83 27.64 26.18
C ARG H 107 -26.48 26.27 25.95
N HIS H 108 -26.32 25.73 24.74
CA HIS H 108 -26.88 24.41 24.43
C HIS H 108 -26.24 23.33 25.29
N ALA H 109 -24.94 23.43 25.53
CA ALA H 109 -24.26 22.46 26.38
C ALA H 109 -24.74 22.51 27.81
N ASP H 110 -24.99 23.71 28.33
CA ASP H 110 -25.47 23.85 29.70
C ASP H 110 -26.87 23.25 29.84
N GLU H 111 -27.78 23.60 28.94
CA GLU H 111 -29.09 22.97 28.93
C GLU H 111 -28.97 21.45 28.80
N PHE H 112 -28.03 21.00 27.97
CA PHE H 112 -27.74 19.57 27.87
C PHE H 112 -27.35 19.01 29.24
N LEU H 113 -26.44 19.69 29.93
CA LEU H 113 -25.97 19.22 31.23
C LEU H 113 -27.10 19.12 32.25
N LEU H 114 -27.99 20.12 32.27
CA LEU H 114 -29.13 20.08 33.18
C LEU H 114 -29.96 18.83 32.94
N ASP H 115 -30.31 18.55 31.69
CA ASP H 115 -31.12 17.39 31.36
C ASP H 115 -30.42 16.09 31.76
N LEU H 116 -29.09 16.04 31.61
CA LEU H 116 -28.35 14.82 31.92
C LEU H 116 -28.40 14.50 33.41
N GLY H 117 -28.09 15.50 34.25
CA GLY H 117 -28.10 15.27 35.70
C GLY H 117 -29.40 14.67 36.19
N HIS H 118 -30.52 15.22 35.76
CA HIS H 118 -31.82 14.68 36.15
C HIS H 118 -32.01 13.26 35.66
N HIS H 119 -31.77 13.03 34.36
CA HIS H 119 -31.83 11.69 33.81
C HIS H 119 -30.93 10.72 34.58
N GLU H 120 -29.67 11.08 34.74
CA GLU H 120 -28.72 10.25 35.48
C GLU H 120 -29.20 9.93 36.89
N ARG H 121 -29.71 10.93 37.61
CA ARG H 121 -30.17 10.69 38.97
C ARG H 121 -31.39 9.78 39.02
N SER H 122 -32.23 9.81 37.99
CA SER H 122 -33.37 8.89 37.94
C SER H 122 -32.90 7.44 37.89
N ILE H 123 -31.76 7.18 37.25
CA ILE H 123 -31.23 5.83 37.19
C ILE H 123 -30.65 5.43 38.55
N MET H 124 -29.87 6.33 39.16
CA MET H 124 -29.32 6.06 40.49
C MET H 124 -30.43 5.84 41.51
N THR H 125 -31.60 6.46 41.31
CA THR H 125 -32.71 6.27 42.23
C THR H 125 -33.28 4.85 42.11
N ASP H 126 -33.50 4.40 40.88
CA ASP H 126 -33.97 3.03 40.66
C ASP H 126 -32.94 2.01 41.13
N LEU H 127 -31.65 2.31 40.99
CA LEU H 127 -30.61 1.41 41.50
C LEU H 127 -30.69 1.31 43.02
N TYR H 128 -30.96 2.43 43.69
CA TYR H 128 -31.15 2.39 45.14
C TYR H 128 -32.34 1.52 45.51
N TYR H 129 -33.49 1.77 44.87
CA TYR H 129 -34.66 0.93 45.08
C TYR H 129 -34.36 -0.53 44.82
N LEU H 130 -33.56 -0.83 43.78
CA LEU H 130 -33.18 -2.21 43.50
C LEU H 130 -32.42 -2.81 44.68
N SER H 131 -31.56 -2.03 45.31
CA SER H 131 -30.81 -2.50 46.48
C SER H 131 -31.71 -2.74 47.69
N GLN H 132 -32.94 -2.25 47.68
CA GLN H 132 -33.86 -2.37 48.80
C GLN H 132 -35.03 -3.29 48.54
N THR H 133 -35.34 -3.61 47.29
CA THR H 133 -36.56 -4.32 46.97
C THR H 133 -36.52 -5.76 47.47
N ASP H 134 -37.71 -6.31 47.71
CA ASP H 134 -37.89 -7.72 48.10
C ASP H 134 -37.13 -8.05 49.38
N GLY H 135 -37.27 -7.21 50.39
CA GLY H 135 -36.65 -7.50 51.66
C GLY H 135 -35.14 -7.47 51.65
N ALA H 136 -34.52 -6.99 50.56
CA ALA H 136 -33.07 -6.88 50.51
C ALA H 136 -32.55 -5.91 51.55
N GLY H 137 -33.28 -4.80 51.78
CA GLY H 137 -32.85 -3.85 52.79
C GLY H 137 -32.85 -4.45 54.18
N ASP H 138 -33.93 -5.15 54.55
CA ASP H 138 -34.00 -5.78 55.86
C ASP H 138 -32.92 -6.84 56.02
N TRP H 139 -32.70 -7.65 54.99
CA TRP H 139 -31.66 -8.69 55.07
C TRP H 139 -30.27 -8.06 55.21
N ARG H 140 -29.97 -7.06 54.39
CA ARG H 140 -28.66 -6.42 54.45
C ARG H 140 -28.42 -5.83 55.83
N GLU H 141 -29.45 -5.21 56.41
CA GLU H 141 -29.33 -4.67 57.76
C GLU H 141 -29.14 -5.79 58.79
N LYS H 142 -29.88 -6.88 58.65
CA LYS H 142 -29.76 -7.99 59.60
C LYS H 142 -28.39 -8.64 59.52
N GLU H 143 -27.88 -8.87 58.31
CA GLU H 143 -26.57 -9.50 58.16
C GLU H 143 -25.45 -8.60 58.68
N ALA H 144 -25.47 -7.32 58.30
CA ALA H 144 -24.47 -6.38 58.79
C ALA H 144 -24.46 -6.32 60.31
N LYS H 145 -25.64 -6.39 60.94
CA LYS H 145 -25.71 -6.39 62.39
C LYS H 145 -25.01 -7.60 62.98
N ASP H 146 -25.23 -8.78 62.40
CA ASP H 146 -24.61 -10.00 62.91
C ASP H 146 -23.09 -9.97 62.79
N LEU H 147 -22.57 -9.35 61.73
CA LEU H 147 -21.13 -9.27 61.55
C LEU H 147 -20.48 -8.32 62.55
N THR H 148 -21.07 -7.13 62.73
CA THR H 148 -20.55 -6.19 63.71
C THR H 148 -20.55 -6.81 65.11
N GLU H 149 -21.71 -7.32 65.54
CA GLU H 149 -21.78 -7.99 66.83
C GLU H 149 -20.72 -9.09 66.95
N LEU H 150 -20.51 -9.84 65.88
CA LEU H 150 -19.52 -10.92 65.91
C LEU H 150 -18.12 -10.38 66.15
N VAL H 151 -17.70 -9.38 65.36
CA VAL H 151 -16.35 -8.85 65.47
C VAL H 151 -16.15 -8.19 66.83
N GLN H 152 -17.09 -7.34 67.24
CA GLN H 152 -16.99 -6.71 68.55
C GLN H 152 -16.97 -7.76 69.65
N ARG H 153 -17.65 -8.89 69.46
CA ARG H 153 -17.61 -9.98 70.42
C ARG H 153 -16.22 -10.59 70.50
N ARG H 154 -15.56 -10.76 69.35
CA ARG H 154 -14.21 -11.32 69.33
C ARG H 154 -13.21 -10.33 69.90
N ILE H 155 -13.31 -9.06 69.51
CA ILE H 155 -12.39 -8.04 70.01
C ILE H 155 -12.48 -7.92 71.53
N THR H 156 -13.71 -7.87 72.05
CA THR H 156 -13.90 -7.76 73.50
C THR H 156 -13.31 -8.96 74.22
N TYR H 157 -13.47 -10.16 73.65
CA TYR H 157 -12.86 -11.35 74.24
C TYR H 157 -11.36 -11.22 74.32
N LEU H 158 -10.72 -10.79 73.22
CA LEU H 158 -9.26 -10.66 73.21
C LEU H 158 -8.81 -9.63 74.24
N GLN H 159 -9.57 -8.56 74.43
CA GLN H 159 -9.14 -7.46 75.28
C GLN H 159 -9.40 -7.70 76.75
N ASN H 160 -10.12 -8.77 77.12
CA ASN H 160 -10.50 -9.02 78.51
C ASN H 160 -10.16 -10.46 78.87
N PRO H 161 -8.89 -10.78 79.06
CA PRO H 161 -8.51 -12.12 79.52
C PRO H 161 -8.83 -12.30 81.00
N LYS H 162 -8.95 -13.57 81.39
CA LYS H 162 -9.13 -13.90 82.80
C LYS H 162 -7.91 -13.48 83.61
N ASP H 163 -6.74 -13.98 83.21
CA ASP H 163 -5.48 -13.73 83.90
C ASP H 163 -4.69 -12.71 83.09
N CYS H 164 -4.74 -11.45 83.51
CA CYS H 164 -3.98 -10.42 82.82
C CYS H 164 -2.48 -10.67 82.96
N SER H 165 -2.05 -11.23 84.10
CA SER H 165 -0.62 -11.46 84.33
C SER H 165 -0.06 -12.54 83.42
N LYS H 166 -0.91 -13.39 82.84
CA LYS H 166 -0.47 -14.44 81.94
C LYS H 166 -0.86 -14.21 80.50
N ALA H 167 -1.55 -13.12 80.19
CA ALA H 167 -1.97 -12.84 78.82
C ALA H 167 -0.79 -12.35 77.98
N LYS H 168 -0.84 -12.69 76.70
CA LYS H 168 0.09 -12.13 75.72
C LYS H 168 -0.37 -10.73 75.36
N LYS H 169 0.56 -9.78 75.35
CA LYS H 169 0.20 -8.37 75.21
C LYS H 169 0.99 -7.71 74.09
N LEU H 170 0.41 -6.64 73.57
CA LEU H 170 1.05 -5.78 72.58
C LEU H 170 0.88 -4.34 73.01
N VAL H 171 1.98 -3.63 73.19
CA VAL H 171 1.97 -2.26 73.73
C VAL H 171 2.02 -1.26 72.58
N CYS H 172 1.13 -0.26 72.65
CA CYS H 172 1.05 0.79 71.64
C CYS H 172 1.13 2.15 72.32
N ASN H 173 1.99 3.03 71.80
CA ASN H 173 2.11 4.39 72.30
C ASN H 173 1.36 5.34 71.38
N ILE H 174 0.45 6.14 71.97
CA ILE H 174 -0.41 7.00 71.19
C ILE H 174 0.30 8.24 70.64
N ASN H 175 1.43 8.64 71.21
CA ASN H 175 2.02 9.95 70.91
C ASN H 175 2.79 9.95 69.60
N LYS H 176 2.15 9.50 68.52
CA LYS H 176 2.72 9.68 67.19
C LYS H 176 2.72 11.17 66.84
N GLY H 177 3.76 11.60 66.13
CA GLY H 177 3.93 13.01 65.86
C GLY H 177 3.06 13.50 64.71
N CYS H 178 1.76 13.60 64.95
CA CYS H 178 0.81 14.02 63.94
C CYS H 178 -0.51 14.39 64.62
N GLY H 179 -1.50 14.71 63.80
CA GLY H 179 -2.80 15.15 64.29
C GLY H 179 -3.62 14.01 64.88
N TYR H 180 -4.85 14.36 65.26
CA TYR H 180 -5.74 13.42 65.94
C TYR H 180 -6.00 12.19 65.08
N GLY H 181 -6.66 12.36 63.94
CA GLY H 181 -7.00 11.23 63.09
C GLY H 181 -5.82 10.36 62.74
N CYS H 182 -4.64 10.96 62.58
CA CYS H 182 -3.45 10.18 62.32
C CYS H 182 -3.04 9.38 63.54
N GLN H 183 -3.05 10.00 64.72
CA GLN H 183 -2.76 9.25 65.94
C GLN H 183 -3.80 8.18 66.18
N LEU H 184 -5.08 8.49 65.93
CA LEU H 184 -6.12 7.48 66.08
C LEU H 184 -5.90 6.30 65.14
N HIS H 185 -5.48 6.58 63.90
CA HIS H 185 -5.20 5.50 62.97
C HIS H 185 -4.00 4.68 63.41
N HIS H 186 -3.04 5.31 64.11
CA HIS H 186 -1.94 4.56 64.70
C HIS H 186 -2.45 3.49 65.66
N VAL H 187 -3.39 3.87 66.53
CA VAL H 187 -3.96 2.90 67.47
C VAL H 187 -4.70 1.80 66.72
N VAL H 188 -5.44 2.17 65.68
CA VAL H 188 -6.12 1.19 64.85
C VAL H 188 -5.11 0.23 64.23
N TYR H 189 -4.01 0.78 63.69
CA TYR H 189 -2.95 -0.07 63.16
C TYR H 189 -2.36 -0.98 64.23
N CYS H 190 -2.16 -0.45 65.43
CA CYS H 190 -1.75 -1.28 66.57
C CYS H 190 -2.78 -2.35 66.86
N PHE H 191 -4.06 -1.97 66.86
CA PHE H 191 -5.12 -2.88 67.28
C PHE H 191 -5.26 -4.05 66.31
N MET H 192 -5.18 -3.78 65.01
CA MET H 192 -5.37 -4.84 64.03
C MET H 192 -4.27 -5.89 64.11
N ILE H 193 -3.05 -5.48 64.44
CA ILE H 193 -1.96 -6.44 64.59
C ILE H 193 -2.07 -7.19 65.91
N ALA H 194 -2.43 -6.49 66.98
CA ALA H 194 -2.71 -7.18 68.25
C ALA H 194 -3.81 -8.22 68.07
N TYR H 195 -4.81 -7.90 67.25
CA TYR H 195 -5.87 -8.85 66.94
C TYR H 195 -5.31 -10.06 66.21
N GLY H 196 -4.51 -9.81 65.16
CA GLY H 196 -4.00 -10.91 64.36
C GLY H 196 -3.01 -11.80 65.08
N THR H 197 -2.33 -11.27 66.09
CA THR H 197 -1.35 -12.02 66.85
C THR H 197 -1.91 -12.60 68.14
N GLN H 198 -3.21 -12.45 68.38
CA GLN H 198 -3.87 -12.94 69.59
C GLN H 198 -3.24 -12.33 70.85
N ARG H 199 -2.89 -11.05 70.76
CA ARG H 199 -2.29 -10.32 71.88
C ARG H 199 -3.24 -9.24 72.34
N THR H 200 -3.38 -9.11 73.66
CA THR H 200 -4.19 -8.04 74.23
C THR H 200 -3.49 -6.69 74.04
N LEU H 201 -4.25 -5.69 73.61
CA LEU H 201 -3.69 -4.36 73.39
C LEU H 201 -3.61 -3.59 74.69
N ILE H 202 -2.42 -3.07 75.01
CA ILE H 202 -2.21 -2.16 76.12
C ILE H 202 -1.87 -0.81 75.52
N LEU H 203 -2.67 0.21 75.83
CA LEU H 203 -2.52 1.53 75.24
C LEU H 203 -1.91 2.48 76.25
N GLU H 204 -0.73 3.01 75.91
CA GLU H 204 -0.03 3.99 76.73
C GLU H 204 -0.32 5.39 76.19
N SER H 205 -0.99 6.22 76.99
CA SER H 205 -1.44 7.52 76.53
C SER H 205 -1.05 8.66 77.46
N GLN H 206 -0.17 8.42 78.44
CA GLN H 206 0.31 9.52 79.26
C GLN H 206 1.08 10.51 78.39
N ASN H 207 1.00 11.78 78.77
CA ASN H 207 1.61 12.88 78.02
C ASN H 207 1.00 13.03 76.62
N TRP H 208 -0.18 12.45 76.41
CA TRP H 208 -0.92 12.66 75.16
C TRP H 208 -1.04 14.14 74.86
N ARG H 209 -0.73 14.53 73.62
CA ARG H 209 -0.61 15.94 73.29
C ARG H 209 -1.96 16.65 73.35
N TYR H 210 -3.05 15.95 73.06
CA TYR H 210 -4.37 16.56 73.18
C TYR H 210 -4.90 16.54 74.60
N ALA H 211 -4.34 15.69 75.46
CA ALA H 211 -4.80 15.53 76.83
C ALA H 211 -3.77 14.71 77.60
N THR H 212 -2.83 15.38 78.26
CA THR H 212 -1.75 14.69 78.95
C THR H 212 -2.26 13.76 80.05
N GLY H 213 -3.49 13.95 80.52
CA GLY H 213 -4.09 13.02 81.45
C GLY H 213 -4.27 11.63 80.88
N GLY H 214 -4.31 11.52 79.55
CA GLY H 214 -4.26 10.24 78.88
C GLY H 214 -5.53 9.92 78.11
N TRP H 215 -5.61 8.67 77.68
CA TRP H 215 -6.70 8.19 76.83
C TRP H 215 -8.05 8.33 77.51
N GLU H 216 -8.13 7.92 78.77
CA GLU H 216 -9.41 7.90 79.48
C GLU H 216 -9.96 9.27 79.80
N THR H 217 -9.33 10.35 79.33
CA THR H 217 -9.95 11.67 79.46
C THR H 217 -11.27 11.73 78.70
N VAL H 218 -11.41 10.96 77.63
CA VAL H 218 -12.59 11.05 76.76
C VAL H 218 -13.21 9.68 76.52
N PHE H 219 -12.38 8.64 76.37
CA PHE H 219 -12.86 7.32 75.96
C PHE H 219 -12.64 6.29 77.05
N ARG H 220 -13.42 5.21 76.95
CA ARG H 220 -13.24 4.09 77.86
C ARG H 220 -11.87 3.45 77.64
N PRO H 221 -11.30 2.86 78.68
CA PRO H 221 -10.09 2.05 78.51
C PRO H 221 -10.37 0.87 77.60
N VAL H 222 -9.35 0.44 76.87
CA VAL H 222 -9.50 -0.59 75.84
C VAL H 222 -9.70 -1.95 76.48
N SER H 223 -9.68 -2.01 77.81
CA SER H 223 -9.85 -3.27 78.52
C SER H 223 -10.39 -3.01 79.91
N GLU H 224 -11.23 -3.92 80.39
CA GLU H 224 -11.74 -3.88 81.75
C GLU H 224 -10.94 -4.74 82.71
N THR H 225 -10.22 -5.73 82.19
CA THR H 225 -9.49 -6.67 83.02
C THR H 225 -7.99 -6.58 82.85
N CYS H 226 -7.50 -6.09 81.72
CA CYS H 226 -6.06 -6.13 81.44
C CYS H 226 -5.64 -4.78 80.85
N THR H 227 -5.21 -3.88 81.73
CA THR H 227 -4.61 -2.62 81.34
C THR H 227 -3.17 -2.54 81.83
N ASP H 228 -2.70 -3.58 82.51
CA ASP H 228 -1.33 -3.63 83.03
C ASP H 228 -0.44 -4.29 81.99
N ARG H 229 0.80 -3.78 81.89
CA ARG H 229 1.74 -4.20 80.86
C ARG H 229 2.79 -5.18 81.39
N SER H 230 2.63 -5.68 82.61
CA SER H 230 3.64 -6.54 83.19
C SER H 230 3.69 -7.89 82.48
N GLY H 231 4.88 -8.49 82.48
CA GLY H 231 5.08 -9.78 81.87
C GLY H 231 6.46 -10.31 82.20
N ILE H 232 6.62 -11.62 82.03
CA ILE H 232 7.92 -12.25 82.32
C ILE H 232 8.95 -11.94 81.25
N SER H 233 8.52 -11.64 80.03
CA SER H 233 9.44 -11.36 78.94
C SER H 233 8.91 -10.18 78.13
N THR H 234 9.81 -9.27 77.76
CA THR H 234 9.46 -8.06 77.04
C THR H 234 10.49 -7.82 75.94
N GLY H 235 10.05 -7.17 74.87
CA GLY H 235 10.95 -6.87 73.78
C GLY H 235 10.24 -6.03 72.73
N HIS H 236 11.05 -5.46 71.85
CA HIS H 236 10.54 -4.68 70.73
C HIS H 236 10.08 -5.63 69.62
N TRP H 237 9.27 -5.08 68.71
CA TRP H 237 8.71 -5.89 67.63
C TRP H 237 9.81 -6.54 66.80
N SER H 238 9.58 -7.81 66.42
CA SER H 238 10.54 -8.51 65.59
C SER H 238 9.91 -9.60 64.73
N GLY H 239 8.59 -9.75 64.71
CA GLY H 239 7.95 -10.80 63.93
C GLY H 239 7.09 -11.72 64.77
N GLU H 240 5.94 -12.12 64.24
CA GLU H 240 5.06 -13.02 64.99
C GLU H 240 5.76 -14.33 65.31
N VAL H 241 6.57 -14.84 64.37
CA VAL H 241 7.27 -16.10 64.60
C VAL H 241 8.33 -15.92 65.68
N LYS H 242 9.17 -14.89 65.53
CA LYS H 242 10.25 -14.67 66.50
C LYS H 242 9.70 -14.36 67.89
N ASP H 243 8.54 -13.72 67.98
CA ASP H 243 7.97 -13.32 69.26
C ASP H 243 7.03 -14.36 69.87
N LYS H 244 7.04 -15.60 69.37
CA LYS H 244 6.07 -16.58 69.83
C LYS H 244 6.18 -16.84 71.33
N ASN H 245 7.38 -16.72 71.90
CA ASN H 245 7.58 -16.93 73.33
C ASN H 245 7.89 -15.64 74.08
N VAL H 246 7.67 -14.49 73.45
CA VAL H 246 7.83 -13.19 74.11
C VAL H 246 6.45 -12.74 74.54
N GLN H 247 6.25 -12.60 75.84
CA GLN H 247 4.91 -12.31 76.36
C GLN H 247 4.46 -10.90 75.98
N VAL H 248 5.34 -9.91 76.15
CA VAL H 248 4.99 -8.51 75.93
C VAL H 248 5.84 -7.98 74.79
N VAL H 249 5.18 -7.51 73.73
CA VAL H 249 5.84 -7.00 72.53
C VAL H 249 5.46 -5.54 72.35
N GLU H 250 6.46 -4.69 72.15
CA GLU H 250 6.27 -3.26 71.92
C GLU H 250 6.24 -2.97 70.42
N LEU H 251 5.25 -2.21 69.98
CA LEU H 251 5.04 -1.97 68.56
C LEU H 251 5.32 -0.51 68.21
N PRO H 252 6.21 -0.24 67.27
CA PRO H 252 6.48 1.13 66.85
C PRO H 252 5.45 1.58 65.82
N ILE H 253 5.61 2.82 65.35
CA ILE H 253 4.73 3.32 64.29
C ILE H 253 4.97 2.53 63.01
N VAL H 254 3.95 2.53 62.15
CA VAL H 254 3.97 1.72 60.93
C VAL H 254 5.01 2.22 59.94
N ASP H 255 5.31 3.52 59.95
CA ASP H 255 6.18 4.10 58.92
C ASP H 255 7.58 3.50 58.92
N SER H 256 8.03 2.92 60.03
CA SER H 256 9.36 2.33 60.13
C SER H 256 9.28 0.89 60.63
N LEU H 257 8.21 0.19 60.27
CA LEU H 257 7.97 -1.16 60.77
C LEU H 257 8.68 -2.20 59.93
N HIS H 258 9.42 -3.09 60.61
CA HIS H 258 10.14 -4.21 60.03
C HIS H 258 10.21 -5.34 61.05
N PRO H 259 9.75 -6.55 60.70
CA PRO H 259 9.12 -6.85 59.41
C PRO H 259 7.62 -6.58 59.42
N ARG H 260 7.03 -6.29 58.26
CA ARG H 260 5.60 -5.99 58.23
C ARG H 260 4.80 -7.29 58.27
N PRO H 261 3.84 -7.41 59.17
CA PRO H 261 2.97 -8.60 59.19
C PRO H 261 1.88 -8.48 58.15
N PRO H 262 1.13 -9.56 57.90
CA PRO H 262 0.03 -9.49 56.92
C PRO H 262 -1.25 -8.86 57.47
N TYR H 263 -1.34 -8.61 58.78
CA TYR H 263 -2.55 -8.07 59.38
C TYR H 263 -2.58 -6.55 59.20
N LEU H 264 -2.72 -6.14 57.95
CA LEU H 264 -2.74 -4.74 57.58
C LEU H 264 -3.83 -4.48 56.55
N PRO H 265 -4.34 -3.25 56.49
CA PRO H 265 -5.20 -2.87 55.36
C PRO H 265 -4.44 -2.92 54.05
N LEU H 266 -5.17 -3.09 52.95
CA LEU H 266 -6.63 -3.12 52.93
C LEU H 266 -7.17 -4.55 52.90
N ALA H 267 -6.42 -5.48 53.50
CA ALA H 267 -6.84 -6.86 53.54
C ALA H 267 -7.91 -7.08 54.60
N VAL H 268 -8.64 -8.18 54.47
CA VAL H 268 -9.72 -8.52 55.39
C VAL H 268 -9.57 -9.98 55.80
N PRO H 269 -10.14 -10.35 56.94
CA PRO H 269 -10.04 -11.76 57.38
C PRO H 269 -10.57 -12.72 56.33
N GLU H 270 -9.78 -13.75 56.04
CA GLU H 270 -10.17 -14.75 55.05
C GLU H 270 -11.53 -15.36 55.39
N ASP H 271 -11.81 -15.53 56.68
CA ASP H 271 -13.06 -16.15 57.11
C ASP H 271 -14.29 -15.27 56.90
N LEU H 272 -14.11 -13.96 56.74
CA LEU H 272 -15.22 -13.04 56.59
C LEU H 272 -15.36 -12.48 55.18
N ALA H 273 -14.45 -12.83 54.27
CA ALA H 273 -14.43 -12.22 52.93
C ALA H 273 -15.76 -12.44 52.22
N ASP H 274 -16.23 -13.69 52.17
CA ASP H 274 -17.42 -14.01 51.40
C ASP H 274 -18.64 -13.21 51.87
N ARG H 275 -18.80 -13.11 53.19
CA ARG H 275 -19.96 -12.40 53.74
C ARG H 275 -19.86 -10.89 53.53
N LEU H 276 -18.65 -10.35 53.57
CA LEU H 276 -18.48 -8.90 53.43
C LEU H 276 -18.75 -8.42 52.01
N VAL H 277 -18.26 -9.16 51.01
CA VAL H 277 -18.49 -8.76 49.63
C VAL H 277 -19.98 -8.81 49.31
N ARG H 278 -20.69 -9.77 49.89
CA ARG H 278 -22.12 -9.90 49.67
C ARG H 278 -22.88 -8.68 50.20
N VAL H 279 -22.36 -8.06 51.26
CA VAL H 279 -23.06 -7.01 51.98
C VAL H 279 -22.46 -5.63 51.70
N HIS H 280 -21.14 -5.51 51.82
CA HIS H 280 -20.46 -4.21 51.81
C HIS H 280 -19.73 -4.00 50.50
N GLY H 281 -19.84 -2.79 49.96
CA GLY H 281 -19.17 -2.42 48.73
C GLY H 281 -17.69 -2.17 48.86
N ASP H 282 -17.18 -2.06 50.08
CA ASP H 282 -15.75 -1.84 50.32
C ASP H 282 -15.39 -2.48 51.65
N PRO H 283 -15.13 -3.79 51.66
CA PRO H 283 -14.89 -4.49 52.93
C PRO H 283 -13.71 -3.94 53.72
N ALA H 284 -12.70 -3.40 53.04
CA ALA H 284 -11.52 -2.89 53.73
C ALA H 284 -11.88 -1.80 54.73
N VAL H 285 -12.82 -0.92 54.37
CA VAL H 285 -13.21 0.16 55.28
C VAL H 285 -14.00 -0.40 56.45
N TRP H 286 -14.91 -1.33 56.19
CA TRP H 286 -15.68 -1.95 57.26
C TRP H 286 -14.77 -2.57 58.32
N TRP H 287 -13.78 -3.35 57.88
CA TRP H 287 -12.84 -3.99 58.80
C TRP H 287 -12.15 -2.96 59.69
N VAL H 288 -11.66 -1.87 59.09
CA VAL H 288 -11.04 -0.79 59.88
C VAL H 288 -12.04 -0.20 60.85
N SER H 289 -13.27 0.07 60.37
CA SER H 289 -14.28 0.72 61.20
C SER H 289 -14.57 -0.04 62.49
N GLN H 290 -14.43 -1.37 62.46
CA GLN H 290 -14.71 -2.17 63.66
C GLN H 290 -13.78 -1.82 64.81
N PHE H 291 -12.53 -1.44 64.51
CA PHE H 291 -11.61 -1.05 65.57
C PHE H 291 -11.86 0.39 66.00
N VAL H 292 -12.17 1.28 65.06
CA VAL H 292 -12.57 2.63 65.42
C VAL H 292 -13.81 2.59 66.31
N LYS H 293 -14.80 1.79 65.91
CA LYS H 293 -16.02 1.65 66.71
C LYS H 293 -15.71 1.23 68.14
N TYR H 294 -14.78 0.28 68.30
CA TYR H 294 -14.44 -0.22 69.63
C TYR H 294 -13.67 0.81 70.42
N LEU H 295 -12.67 1.45 69.79
CA LEU H 295 -11.80 2.37 70.51
C LEU H 295 -12.57 3.57 71.06
N ILE H 296 -13.51 4.11 70.28
CA ILE H 296 -14.09 5.40 70.59
C ILE H 296 -15.34 5.27 71.44
N ARG H 297 -15.49 4.15 72.14
CA ARG H 297 -16.58 4.02 73.10
C ARG H 297 -16.48 5.13 74.14
N PRO H 298 -17.44 6.04 74.20
CA PRO H 298 -17.26 7.24 75.01
C PRO H 298 -17.46 6.99 76.50
N GLN H 299 -16.71 7.76 77.29
CA GLN H 299 -16.97 7.83 78.71
C GLN H 299 -18.37 8.42 78.92
N PRO H 300 -18.99 8.15 80.08
CA PRO H 300 -20.36 8.66 80.30
C PRO H 300 -20.49 10.15 80.04
N TRP H 301 -19.56 10.95 80.57
CA TRP H 301 -19.61 12.39 80.35
C TRP H 301 -19.42 12.76 78.89
N LEU H 302 -18.67 11.96 78.13
CA LEU H 302 -18.54 12.23 76.70
C LEU H 302 -19.83 11.89 75.96
N GLU H 303 -20.44 10.75 76.29
CA GLU H 303 -21.74 10.38 75.73
C GLU H 303 -22.76 11.48 75.95
N LYS H 304 -22.80 12.04 77.16
CA LYS H 304 -23.75 13.10 77.48
C LYS H 304 -23.43 14.37 76.67
N GLU H 305 -22.14 14.69 76.52
CA GLU H 305 -21.75 15.89 75.80
C GLU H 305 -22.19 15.83 74.34
N ILE H 306 -21.99 14.68 73.70
CA ILE H 306 -22.49 14.49 72.33
C ILE H 306 -24.00 14.63 72.28
N GLU H 307 -24.68 13.99 73.25
CA GLU H 307 -26.13 14.06 73.31
C GLU H 307 -26.62 15.50 73.48
N GLU H 308 -25.89 16.30 74.26
CA GLU H 308 -26.27 17.70 74.43
C GLU H 308 -25.98 18.51 73.17
N ALA H 309 -24.82 18.31 72.54
CA ALA H 309 -24.49 19.03 71.32
C ALA H 309 -25.50 18.72 70.22
N THR H 310 -25.85 17.44 70.05
CA THR H 310 -26.91 17.06 69.13
C THR H 310 -28.17 17.88 69.37
N LYS H 311 -28.52 18.05 70.64
CA LYS H 311 -29.71 18.80 71.01
C LYS H 311 -29.51 20.31 70.80
N LYS H 312 -28.31 20.81 71.10
CA LYS H 312 -28.03 22.24 70.97
C LYS H 312 -28.05 22.68 69.51
N LEU H 313 -27.36 21.94 68.65
CA LEU H 313 -27.17 22.35 67.26
C LEU H 313 -28.37 22.08 66.37
N GLY H 314 -29.48 21.61 66.93
CA GLY H 314 -30.61 21.24 66.09
C GLY H 314 -30.25 20.26 65.00
N PHE H 315 -29.35 19.32 65.33
CA PHE H 315 -28.89 18.33 64.37
C PHE H 315 -30.02 17.36 64.07
N LYS H 316 -30.50 17.37 62.83
CA LYS H 316 -31.57 16.47 62.41
C LYS H 316 -31.33 16.07 60.96
N HIS H 317 -32.11 15.10 60.51
CA HIS H 317 -31.96 14.55 59.17
C HIS H 317 -33.11 15.04 58.28
N PRO H 318 -32.88 15.17 56.96
CA PRO H 318 -31.63 14.88 56.24
C PRO H 318 -30.55 15.92 56.45
N VAL H 319 -29.30 15.47 56.44
CA VAL H 319 -28.16 16.35 56.67
C VAL H 319 -26.96 15.77 55.93
N ILE H 320 -26.18 16.65 55.32
CA ILE H 320 -24.98 16.27 54.57
C ILE H 320 -23.77 16.90 55.27
N GLY H 321 -22.76 16.09 55.54
CA GLY H 321 -21.57 16.57 56.22
C GLY H 321 -20.52 17.08 55.24
N VAL H 322 -19.89 18.20 55.61
CA VAL H 322 -18.86 18.83 54.80
C VAL H 322 -17.67 19.14 55.69
N HIS H 323 -16.49 18.68 55.27
CA HIS H 323 -15.25 18.90 56.01
C HIS H 323 -14.31 19.71 55.13
N VAL H 324 -14.02 20.94 55.55
CA VAL H 324 -13.15 21.84 54.83
C VAL H 324 -11.85 21.95 55.64
N ARG H 325 -10.83 21.23 55.20
CA ARG H 325 -9.53 21.25 55.86
C ARG H 325 -8.63 22.27 55.20
N ARG H 326 -8.19 23.26 55.97
CA ARG H 326 -7.34 24.31 55.44
C ARG H 326 -6.12 24.50 56.35
N THR H 327 -5.78 25.76 56.64
CA THR H 327 -4.67 26.10 57.53
C THR H 327 -3.39 25.37 57.13
N ASP H 328 -2.84 24.57 58.04
CA ASP H 328 -1.55 23.94 57.78
C ASP H 328 -1.62 22.86 56.72
N LYS H 329 -2.80 22.30 56.45
CA LYS H 329 -2.91 21.27 55.43
C LYS H 329 -2.69 21.83 54.03
N VAL H 330 -3.15 23.05 53.78
CA VAL H 330 -3.05 23.64 52.45
C VAL H 330 -1.59 23.91 52.14
N GLY H 331 -1.16 23.52 50.94
CA GLY H 331 0.21 23.70 50.54
C GLY H 331 1.18 22.65 51.04
N THR H 332 0.73 21.76 51.92
CA THR H 332 1.57 20.68 52.43
C THR H 332 1.04 19.31 52.02
N GLU H 333 -0.16 18.94 52.46
CA GLU H 333 -0.74 17.64 52.19
C GLU H 333 -1.94 17.70 51.27
N ALA H 334 -2.37 18.89 50.88
CA ALA H 334 -3.54 19.05 50.02
C ALA H 334 -3.46 20.44 49.38
N ALA H 335 -4.50 20.81 48.65
CA ALA H 335 -4.59 22.09 47.98
C ALA H 335 -5.73 22.89 48.60
N PHE H 336 -5.80 24.17 48.27
CA PHE H 336 -6.91 24.99 48.73
C PHE H 336 -8.11 24.74 47.82
N HIS H 337 -9.25 24.42 48.43
CA HIS H 337 -10.47 24.12 47.68
C HIS H 337 -11.52 25.16 48.03
N PRO H 338 -11.99 25.96 47.07
CA PRO H 338 -13.05 26.92 47.37
C PRO H 338 -14.33 26.23 47.82
N ILE H 339 -15.16 26.99 48.52
CA ILE H 339 -16.41 26.45 49.06
C ILE H 339 -17.32 25.97 47.95
N GLU H 340 -17.24 26.60 46.77
CA GLU H 340 -18.09 26.20 45.66
C GLU H 340 -17.81 24.79 45.19
N GLU H 341 -16.56 24.32 45.33
CA GLU H 341 -16.21 22.96 44.95
C GLU H 341 -16.93 21.92 45.81
N TYR H 342 -17.28 22.27 47.05
CA TYR H 342 -17.97 21.33 47.92
C TYR H 342 -19.47 21.32 47.68
N MET H 343 -20.08 22.48 47.47
CA MET H 343 -21.53 22.57 47.43
C MET H 343 -22.12 22.02 46.13
N VAL H 344 -21.32 21.90 45.06
CA VAL H 344 -21.85 21.29 43.84
C VAL H 344 -22.21 19.83 44.08
N HIS H 345 -21.48 19.14 44.96
CA HIS H 345 -21.79 17.75 45.28
C HIS H 345 -22.82 17.63 46.38
N VAL H 346 -22.85 18.59 47.31
CA VAL H 346 -23.93 18.65 48.28
C VAL H 346 -25.26 18.87 47.57
N GLU H 347 -25.31 19.86 46.67
CA GLU H 347 -26.52 20.14 45.90
C GLU H 347 -26.91 18.94 45.04
N GLU H 348 -25.93 18.34 44.35
CA GLU H 348 -26.18 17.14 43.57
C GLU H 348 -26.89 16.07 44.39
N HIS H 349 -26.39 15.78 45.59
CA HIS H 349 -26.98 14.73 46.40
C HIS H 349 -28.37 15.11 46.90
N PHE H 350 -28.56 16.38 47.28
CA PHE H 350 -29.90 16.82 47.66
C PHE H 350 -30.86 16.75 46.48
N GLN H 351 -30.38 16.99 45.26
CA GLN H 351 -31.20 16.74 44.07
C GLN H 351 -31.48 15.25 43.91
N LEU H 352 -30.54 14.40 44.31
CA LEU H 352 -30.77 12.96 44.27
C LEU H 352 -31.75 12.53 45.35
N LEU H 353 -31.58 13.03 46.58
CA LEU H 353 -32.46 12.66 47.68
C LEU H 353 -33.89 13.12 47.43
N ALA H 354 -34.06 14.31 46.86
CA ALA H 354 -35.41 14.81 46.58
C ALA H 354 -36.18 13.87 45.67
N ARG H 355 -35.49 13.10 44.83
CA ARG H 355 -36.17 12.14 43.97
C ARG H 355 -36.75 10.97 44.73
N ARG H 356 -36.36 10.76 45.98
CA ARG H 356 -36.79 9.59 46.74
C ARG H 356 -37.47 9.95 48.06
N MET H 357 -37.55 11.22 48.43
CA MET H 357 -38.13 11.58 49.71
C MET H 357 -38.50 13.05 49.73
N GLN H 358 -39.18 13.44 50.79
CA GLN H 358 -39.53 14.84 51.05
C GLN H 358 -38.34 15.51 51.73
N VAL H 359 -37.79 16.54 51.09
CA VAL H 359 -36.66 17.30 51.64
C VAL H 359 -37.23 18.59 52.22
N ASP H 360 -37.49 18.58 53.53
CA ASP H 360 -38.01 19.77 54.20
C ASP H 360 -37.06 20.95 54.05
N LYS H 361 -35.79 20.77 54.42
CA LYS H 361 -34.81 21.84 54.40
C LYS H 361 -33.46 21.25 54.04
N LYS H 362 -32.66 22.01 53.28
CA LYS H 362 -31.34 21.56 52.87
C LYS H 362 -30.35 21.86 53.98
N ARG H 363 -30.03 20.84 54.78
CA ARG H 363 -29.16 20.97 55.94
C ARG H 363 -27.75 20.50 55.62
N VAL H 364 -26.77 21.18 56.22
CA VAL H 364 -25.36 20.82 56.09
C VAL H 364 -24.70 20.99 57.44
N TYR H 365 -23.95 19.98 57.88
CA TYR H 365 -23.07 20.12 59.03
C TYR H 365 -21.67 20.46 58.52
N LEU H 366 -21.17 21.63 58.90
CA LEU H 366 -19.90 22.16 58.42
C LEU H 366 -18.84 22.02 59.49
N ALA H 367 -17.81 21.21 59.22
CA ALA H 367 -16.65 21.09 60.07
C ALA H 367 -15.43 21.66 59.33
N THR H 368 -14.75 22.61 59.96
CA THR H 368 -13.59 23.24 59.32
C THR H 368 -12.71 23.86 60.39
N ASP H 369 -11.44 24.03 60.05
CA ASP H 369 -10.49 24.76 60.89
C ASP H 369 -10.31 26.20 60.43
N ASP H 370 -11.12 26.66 59.46
CA ASP H 370 -11.14 28.05 59.04
C ASP H 370 -12.37 28.71 59.63
N PRO H 371 -12.26 29.40 60.77
CA PRO H 371 -13.45 29.98 61.40
C PRO H 371 -14.14 31.05 60.58
N SER H 372 -13.47 31.62 59.57
CA SER H 372 -14.06 32.63 58.72
C SER H 372 -14.99 32.06 57.66
N LEU H 373 -15.09 30.74 57.56
CA LEU H 373 -15.81 30.12 56.45
C LEU H 373 -17.32 30.12 56.65
N LEU H 374 -17.79 29.98 57.89
CA LEU H 374 -19.21 29.79 58.14
C LEU H 374 -20.04 30.97 57.66
N LYS H 375 -19.61 32.20 57.97
CA LYS H 375 -20.33 33.38 57.52
C LYS H 375 -20.35 33.47 56.00
N GLU H 376 -19.23 33.13 55.35
CA GLU H 376 -19.16 33.15 53.90
C GLU H 376 -20.18 32.22 53.26
N ALA H 377 -20.32 31.01 53.80
CA ALA H 377 -21.26 30.04 53.23
C ALA H 377 -22.71 30.54 53.31
N LYS H 378 -23.14 30.98 54.50
CA LYS H 378 -24.50 31.47 54.68
C LYS H 378 -24.85 32.56 53.68
N THR H 379 -23.88 33.42 53.34
CA THR H 379 -24.12 34.47 52.36
C THR H 379 -24.32 33.87 50.97
N LYS H 380 -23.47 32.92 50.58
CA LYS H 380 -23.51 32.38 49.23
C LYS H 380 -24.62 31.36 49.04
N TYR H 381 -25.12 30.75 50.10
CA TYR H 381 -26.17 29.72 50.03
C TYR H 381 -27.24 30.03 51.06
N PRO H 382 -28.07 31.04 50.80
CA PRO H 382 -29.02 31.49 51.83
C PRO H 382 -30.19 30.53 52.05
N ASN H 383 -30.45 29.62 51.13
CA ASN H 383 -31.53 28.65 51.28
C ASN H 383 -31.09 27.39 52.01
N TYR H 384 -29.84 27.32 52.46
CA TYR H 384 -29.35 26.20 53.23
C TYR H 384 -29.36 26.51 54.73
N GLU H 385 -29.56 25.46 55.53
CA GLU H 385 -29.43 25.53 56.97
C GLU H 385 -28.08 24.93 57.35
N PHE H 386 -27.17 25.80 57.79
CA PHE H 386 -25.80 25.40 58.12
C PHE H 386 -25.71 25.13 59.62
N ILE H 387 -25.35 23.89 59.97
CA ILE H 387 -25.13 23.51 61.37
C ILE H 387 -23.64 23.47 61.60
N SER H 388 -23.17 24.28 62.56
CA SER H 388 -21.73 24.39 62.80
C SER H 388 -21.52 25.11 64.14
N ASP H 389 -20.40 24.79 64.77
CA ASP H 389 -19.98 25.44 66.02
C ASP H 389 -18.69 26.20 65.70
N ASN H 390 -18.81 27.51 65.52
CA ASN H 390 -17.65 28.30 65.09
C ASN H 390 -16.58 28.37 66.16
N SER H 391 -16.96 28.36 67.44
CA SER H 391 -15.96 28.37 68.50
C SER H 391 -15.10 27.10 68.48
N ILE H 392 -15.68 25.99 68.02
CA ILE H 392 -14.87 24.78 67.82
C ILE H 392 -13.87 25.00 66.72
N SER H 393 -14.29 25.61 65.60
CA SER H 393 -13.37 25.93 64.53
C SER H 393 -12.22 26.80 65.04
N TRP H 394 -12.53 27.75 65.92
CA TRP H 394 -11.47 28.54 66.54
C TRP H 394 -10.57 27.68 67.42
N SER H 395 -11.16 26.74 68.17
CA SER H 395 -10.35 25.85 68.98
C SER H 395 -9.38 25.04 68.14
N ALA H 396 -9.73 24.79 66.88
CA ALA H 396 -8.88 24.08 65.94
C ALA H 396 -7.69 24.91 65.46
N GLY H 397 -7.55 26.15 65.91
CA GLY H 397 -6.41 26.95 65.52
C GLY H 397 -5.09 26.31 65.91
N LEU H 398 -4.03 26.72 65.22
CA LEU H 398 -2.73 26.08 65.39
C LEU H 398 -2.20 26.29 66.81
N HIS H 399 -2.44 27.46 67.40
CA HIS H 399 -1.99 27.77 68.74
C HIS H 399 -2.83 27.11 69.82
N ASN H 400 -4.00 26.56 69.47
CA ASN H 400 -4.90 25.96 70.44
C ASN H 400 -5.29 24.55 70.05
N ARG H 401 -4.60 23.95 69.07
CA ARG H 401 -5.04 22.67 68.53
C ARG H 401 -4.83 21.54 69.52
N TYR H 402 -3.72 21.55 70.25
CA TYR H 402 -3.36 20.42 71.10
C TYR H 402 -3.72 20.73 72.54
N THR H 403 -5.03 20.78 72.77
CA THR H 403 -5.62 20.97 74.09
C THR H 403 -6.80 20.03 74.21
N GLU H 404 -7.29 19.84 75.44
CA GLU H 404 -8.48 19.01 75.61
C GLU H 404 -9.69 19.64 74.95
N ASN H 405 -9.84 20.96 75.10
CA ASN H 405 -10.98 21.65 74.51
C ASN H 405 -11.01 21.48 72.99
N SER H 406 -9.86 21.63 72.34
CA SER H 406 -9.79 21.39 70.91
C SER H 406 -9.99 19.92 70.58
N LEU H 407 -9.48 19.03 71.43
CA LEU H 407 -9.67 17.59 71.23
C LEU H 407 -11.14 17.22 71.22
N ARG H 408 -11.87 17.62 72.25
CA ARG H 408 -13.31 17.35 72.31
C ARG H 408 -14.05 17.97 71.13
N GLY H 409 -13.56 19.11 70.63
CA GLY H 409 -14.21 19.73 69.48
C GLY H 409 -14.18 18.86 68.24
N VAL H 410 -13.00 18.38 67.86
CA VAL H 410 -12.88 17.58 66.65
C VAL H 410 -13.58 16.24 66.80
N ILE H 411 -13.62 15.70 68.03
CA ILE H 411 -14.37 14.46 68.26
C ILE H 411 -15.84 14.67 67.93
N LEU H 412 -16.42 15.77 68.40
CA LEU H 412 -17.82 16.07 68.11
C LEU H 412 -18.04 16.28 66.62
N ASP H 413 -17.17 17.07 65.98
CA ASP H 413 -17.30 17.31 64.54
C ASP H 413 -17.25 16.01 63.75
N ILE H 414 -16.31 15.13 64.09
CA ILE H 414 -16.22 13.84 63.41
C ILE H 414 -17.48 13.03 63.65
N HIS H 415 -18.01 13.08 64.87
CA HIS H 415 -19.26 12.38 65.18
C HIS H 415 -20.39 12.83 64.27
N PHE H 416 -20.63 14.14 64.20
CA PHE H 416 -21.74 14.65 63.40
C PHE H 416 -21.51 14.45 61.91
N LEU H 417 -20.25 14.49 61.46
CA LEU H 417 -19.95 14.12 60.08
C LEU H 417 -20.29 12.67 59.81
N SER H 418 -19.89 11.78 60.73
CA SER H 418 -20.17 10.35 60.56
C SER H 418 -21.66 10.07 60.57
N GLN H 419 -22.44 10.88 61.30
CA GLN H 419 -23.88 10.69 61.39
C GLN H 419 -24.63 11.21 60.18
N ALA H 420 -23.98 11.97 59.30
CA ALA H 420 -24.67 12.55 58.17
C ALA H 420 -25.07 11.48 57.16
N ASP H 421 -26.00 11.87 56.28
CA ASP H 421 -26.47 10.97 55.23
C ASP H 421 -25.54 10.96 54.02
N PHE H 422 -24.53 11.82 54.00
CA PHE H 422 -23.59 11.96 52.90
C PHE H 422 -22.43 12.82 53.37
N LEU H 423 -21.25 12.56 52.80
CA LEU H 423 -20.01 13.17 53.26
C LEU H 423 -19.25 13.76 52.08
N VAL H 424 -19.06 15.07 52.08
CA VAL H 424 -18.29 15.77 51.05
C VAL H 424 -17.07 16.39 51.73
N CYS H 425 -15.88 16.07 51.22
CA CYS H 425 -14.66 16.51 51.86
C CYS H 425 -13.44 16.19 50.99
N THR H 426 -12.26 16.13 51.63
CA THR H 426 -11.03 15.73 50.98
C THR H 426 -10.44 14.59 51.78
N PHE H 427 -10.33 13.41 51.16
CA PHE H 427 -9.80 12.23 51.86
C PHE H 427 -8.32 12.33 52.17
N SER H 428 -7.63 13.39 51.72
CA SER H 428 -6.28 13.63 52.19
C SER H 428 -6.25 14.00 53.66
N SER H 429 -7.37 14.45 54.20
CA SER H 429 -7.48 14.80 55.62
C SER H 429 -7.91 13.58 56.40
N GLN H 430 -7.09 13.18 57.37
CA GLN H 430 -7.43 12.04 58.22
C GLN H 430 -8.72 12.27 59.00
N VAL H 431 -9.09 13.53 59.24
CA VAL H 431 -10.33 13.82 59.95
C VAL H 431 -11.51 13.26 59.19
N CYS H 432 -11.54 13.46 57.87
CA CYS H 432 -12.68 12.95 57.09
C CYS H 432 -12.64 11.44 56.94
N ARG H 433 -11.44 10.85 56.86
CA ARG H 433 -11.36 9.40 56.73
C ARG H 433 -11.91 8.71 57.98
N VAL H 434 -11.71 9.31 59.15
CA VAL H 434 -12.25 8.72 60.38
C VAL H 434 -13.77 8.82 60.38
N ALA H 435 -14.31 10.00 60.07
CA ALA H 435 -15.76 10.15 59.99
C ALA H 435 -16.36 9.19 58.97
N TYR H 436 -15.68 9.03 57.83
CA TYR H 436 -16.11 8.06 56.83
C TYR H 436 -16.09 6.65 57.38
N GLU H 437 -15.03 6.29 58.10
CA GLU H 437 -14.95 4.96 58.70
C GLU H 437 -16.06 4.75 59.74
N ILE H 438 -16.25 5.71 60.65
CA ILE H 438 -17.31 5.61 61.64
C ILE H 438 -18.66 5.46 60.97
N MET H 439 -18.87 6.20 59.87
CA MET H 439 -20.13 6.12 59.13
C MET H 439 -20.48 4.68 58.76
N GLN H 440 -19.46 3.87 58.45
CA GLN H 440 -19.69 2.48 58.06
C GLN H 440 -20.36 1.65 59.15
N THR H 441 -20.26 2.07 60.41
CA THR H 441 -20.88 1.33 61.51
C THR H 441 -22.32 1.75 61.76
N LEU H 442 -22.80 2.79 61.08
CA LEU H 442 -24.15 3.31 61.28
C LEU H 442 -25.13 2.89 60.20
N HIS H 443 -24.66 2.26 59.12
CA HIS H 443 -25.50 1.90 58.00
C HIS H 443 -25.06 0.54 57.48
N PRO H 444 -25.96 -0.20 56.81
CA PRO H 444 -25.55 -1.50 56.24
C PRO H 444 -24.42 -1.37 55.24
N ASP H 445 -24.58 -0.53 54.22
CA ASP H 445 -23.54 -0.31 53.21
C ASP H 445 -23.50 1.19 52.92
N ALA H 446 -22.68 1.92 53.68
CA ALA H 446 -22.45 3.33 53.43
C ALA H 446 -21.15 3.59 52.67
N SER H 447 -20.66 2.58 51.93
CA SER H 447 -19.38 2.71 51.26
C SER H 447 -19.40 3.80 50.19
N ALA H 448 -20.53 3.99 49.52
CA ALA H 448 -20.64 4.95 48.44
C ALA H 448 -21.24 6.28 48.88
N ASN H 449 -21.45 6.47 50.18
CA ASN H 449 -22.08 7.68 50.71
C ASN H 449 -21.07 8.81 50.94
N PHE H 450 -20.23 9.07 49.93
CA PHE H 450 -19.22 10.09 50.08
C PHE H 450 -18.89 10.69 48.71
N HIS H 451 -18.14 11.78 48.76
CA HIS H 451 -17.41 12.27 47.58
C HIS H 451 -16.17 12.99 48.08
N SER H 452 -15.00 12.48 47.69
CA SER H 452 -13.73 13.08 48.06
C SER H 452 -13.26 13.97 46.92
N LEU H 453 -12.84 15.19 47.27
CA LEU H 453 -12.35 16.11 46.25
C LEU H 453 -10.94 15.76 45.75
N ASP H 454 -10.24 14.83 46.41
CA ASP H 454 -8.91 14.46 45.93
C ASP H 454 -8.68 12.96 46.01
N ASP H 455 -8.16 12.47 47.13
CA ASP H 455 -7.74 11.08 47.22
C ASP H 455 -8.92 10.14 47.38
N ILE H 456 -8.76 8.92 46.88
CA ILE H 456 -9.65 7.82 47.21
C ILE H 456 -9.35 7.42 48.65
N TYR H 457 -10.11 6.48 49.19
CA TYR H 457 -9.87 6.04 50.55
C TYR H 457 -8.54 5.29 50.64
N TYR H 458 -7.78 5.60 51.69
CA TYR H 458 -6.54 4.87 51.97
C TYR H 458 -6.29 4.89 53.46
N PHE H 459 -5.42 3.99 53.90
CA PHE H 459 -4.97 3.91 55.28
C PHE H 459 -3.45 3.99 55.27
N GLY H 460 -2.90 5.00 55.92
CA GLY H 460 -1.46 5.20 55.93
C GLY H 460 -0.68 3.99 56.39
N GLY H 461 0.19 3.47 55.53
CA GLY H 461 0.94 2.27 55.81
C GLY H 461 0.35 1.01 55.22
N GLN H 462 -0.79 1.09 54.55
CA GLN H 462 -1.43 -0.06 53.93
C GLN H 462 -0.48 -0.74 52.94
N ASN H 463 -0.75 -2.02 52.69
CA ASN H 463 -0.10 -2.69 51.58
C ASN H 463 -0.64 -2.15 50.27
N ALA H 464 0.08 -2.43 49.19
CA ALA H 464 -0.21 -1.85 47.89
C ALA H 464 -1.65 -2.09 47.47
N HIS H 465 -2.37 -1.01 47.21
CA HIS H 465 -3.75 -1.08 46.72
C HIS H 465 -3.72 -1.37 45.23
N ASN H 466 -4.10 -2.58 44.84
CA ASN H 466 -4.03 -3.02 43.47
C ASN H 466 -5.43 -3.21 42.90
N GLN H 467 -5.52 -3.16 41.58
CA GLN H 467 -6.75 -3.36 40.86
C GLN H 467 -6.51 -4.34 39.71
N ILE H 468 -7.60 -4.83 39.14
CA ILE H 468 -7.55 -5.80 38.06
C ILE H 468 -8.30 -5.21 36.88
N ALA H 469 -7.60 -5.10 35.75
CA ALA H 469 -8.24 -4.60 34.54
C ALA H 469 -9.20 -5.65 33.98
N ILE H 470 -10.43 -5.22 33.70
CA ILE H 470 -11.44 -6.12 33.15
C ILE H 470 -11.71 -5.86 31.68
N TYR H 471 -11.45 -4.66 31.18
CA TYR H 471 -11.58 -4.36 29.77
C TYR H 471 -10.26 -3.78 29.26
N ALA H 472 -9.95 -4.07 28.01
CA ALA H 472 -8.70 -3.61 27.43
C ALA H 472 -8.74 -2.10 27.19
N HIS H 473 -7.56 -1.49 27.07
CA HIS H 473 -7.47 -0.06 26.83
C HIS H 473 -6.24 0.23 25.99
N GLN H 474 -6.44 1.02 24.93
CA GLN H 474 -5.36 1.44 24.06
C GLN H 474 -5.12 2.91 24.28
N PRO H 475 -3.90 3.33 24.62
CA PRO H 475 -3.68 4.74 24.97
C PRO H 475 -3.96 5.64 23.78
N ARG H 476 -4.79 6.66 24.02
CA ARG H 476 -5.04 7.66 23.00
C ARG H 476 -3.97 8.74 23.01
N THR H 477 -3.36 8.97 24.17
CA THR H 477 -2.28 9.93 24.34
C THR H 477 -1.14 9.28 25.10
N ALA H 478 0.00 9.97 25.14
CA ALA H 478 1.14 9.50 25.91
C ALA H 478 0.84 9.49 27.41
N ASP H 479 -0.12 10.29 27.86
CA ASP H 479 -0.45 10.35 29.28
C ASP H 479 -1.26 9.15 29.75
N GLU H 480 -1.79 8.35 28.84
CA GLU H 480 -2.51 7.14 29.21
C GLU H 480 -1.59 5.94 29.14
N ILE H 481 -2.02 4.85 29.77
CA ILE H 481 -1.28 3.59 29.74
C ILE H 481 -2.16 2.52 29.13
N PRO H 482 -1.58 1.52 28.48
CA PRO H 482 -2.40 0.42 27.94
C PRO H 482 -2.68 -0.62 29.00
N MET H 483 -3.78 -1.35 28.80
CA MET H 483 -4.18 -2.41 29.71
C MET H 483 -4.72 -3.60 28.93
N GLU H 484 -4.36 -4.79 29.37
CA GLU H 484 -4.99 -6.02 28.95
C GLU H 484 -5.75 -6.64 30.11
N PRO H 485 -6.85 -7.34 29.84
CA PRO H 485 -7.63 -7.94 30.93
C PRO H 485 -6.77 -8.86 31.78
N GLY H 486 -6.88 -8.70 33.09
CA GLY H 486 -6.09 -9.45 34.04
C GLY H 486 -4.86 -8.74 34.55
N ASP H 487 -4.41 -7.69 33.85
CA ASP H 487 -3.26 -6.91 34.31
C ASP H 487 -3.53 -6.33 35.69
N ILE H 488 -2.49 -6.31 36.52
CA ILE H 488 -2.58 -5.75 37.86
C ILE H 488 -2.16 -4.29 37.80
N ILE H 489 -3.03 -3.40 38.28
CA ILE H 489 -2.82 -1.96 38.20
C ILE H 489 -2.68 -1.43 39.62
N GLY H 490 -1.56 -0.75 39.88
CA GLY H 490 -1.35 -0.13 41.16
C GLY H 490 -1.93 1.27 41.17
N VAL H 491 -3.05 1.45 41.87
CA VAL H 491 -3.82 2.68 41.79
C VAL H 491 -3.18 3.75 42.67
N ALA H 492 -3.10 4.97 42.14
CA ALA H 492 -2.66 6.12 42.91
C ALA H 492 -3.80 7.04 43.31
N GLY H 493 -4.85 7.12 42.49
CA GLY H 493 -6.01 7.91 42.84
C GLY H 493 -6.97 7.96 41.68
N ASN H 494 -8.17 8.44 41.97
CA ASN H 494 -9.22 8.65 40.97
C ASN H 494 -9.39 10.14 40.76
N HIS H 495 -9.39 10.56 39.49
CA HIS H 495 -9.49 11.97 39.15
C HIS H 495 -10.93 12.45 39.00
N TRP H 496 -11.93 11.59 39.22
CA TRP H 496 -13.34 11.97 39.21
C TRP H 496 -13.74 12.63 37.89
N ASP H 497 -13.07 12.25 36.80
CA ASP H 497 -13.40 12.76 35.47
C ASP H 497 -13.54 11.62 34.47
N GLY H 498 -13.72 10.39 34.96
CA GLY H 498 -13.71 9.21 34.13
C GLY H 498 -12.37 8.51 34.04
N TYR H 499 -11.30 9.15 34.53
CA TYR H 499 -9.97 8.57 34.48
C TYR H 499 -9.39 8.45 35.88
N SER H 500 -8.57 7.42 36.07
CA SER H 500 -7.76 7.25 37.26
C SER H 500 -6.30 7.31 36.85
N LYS H 501 -5.42 7.28 37.84
CA LYS H 501 -3.98 7.34 37.59
C LYS H 501 -3.31 6.19 38.34
N GLY H 502 -2.43 5.47 37.66
CA GLY H 502 -1.78 4.33 38.27
C GLY H 502 -0.73 3.77 37.33
N VAL H 503 -0.12 2.68 37.79
CA VAL H 503 0.95 2.01 37.07
C VAL H 503 0.48 0.61 36.68
N ASN H 504 0.74 0.23 35.44
CA ASN H 504 0.53 -1.15 35.01
C ASN H 504 1.79 -1.92 35.42
N ARG H 505 1.69 -2.64 36.54
CA ARG H 505 2.87 -3.30 37.11
C ARG H 505 3.52 -4.25 36.13
N LYS H 506 2.74 -4.85 35.22
CA LYS H 506 3.32 -5.73 34.22
C LYS H 506 4.30 -4.99 33.32
N LEU H 507 4.07 -3.69 33.10
CA LEU H 507 4.88 -2.91 32.18
C LEU H 507 5.78 -1.89 32.86
N GLY H 508 5.51 -1.56 34.12
CA GLY H 508 6.23 -0.49 34.76
C GLY H 508 5.95 0.88 34.19
N ARG H 509 4.84 1.05 33.49
CA ARG H 509 4.45 2.33 32.93
C ARG H 509 3.31 2.91 33.76
N THR H 510 3.38 4.23 34.00
CA THR H 510 2.44 4.95 34.86
C THR H 510 1.70 6.01 34.07
N GLY H 511 0.43 6.19 34.38
CA GLY H 511 -0.38 7.16 33.66
C GLY H 511 -1.86 6.91 33.91
N LEU H 512 -2.66 7.50 33.05
CA LEU H 512 -4.11 7.53 33.18
C LEU H 512 -4.77 6.34 32.46
N TYR H 513 -5.96 5.99 32.95
CA TYR H 513 -6.75 4.93 32.34
C TYR H 513 -8.20 5.13 32.75
N PRO H 514 -9.15 4.67 31.94
CA PRO H 514 -10.57 4.84 32.30
C PRO H 514 -10.91 4.08 33.57
N SER H 515 -11.60 4.77 34.48
CA SER H 515 -11.89 4.21 35.80
C SER H 515 -12.82 3.00 35.74
N TYR H 516 -13.55 2.82 34.64
CA TYR H 516 -14.54 1.75 34.56
C TYR H 516 -13.96 0.44 34.05
N LYS H 517 -12.73 0.44 33.55
CA LYS H 517 -12.11 -0.75 32.98
C LYS H 517 -11.36 -1.58 34.01
N VAL H 518 -11.51 -1.28 35.30
CA VAL H 518 -10.76 -1.97 36.34
C VAL H 518 -11.71 -2.56 37.37
N ARG H 519 -11.17 -3.47 38.18
CA ARG H 519 -11.90 -4.13 39.24
C ARG H 519 -11.01 -4.20 40.47
N GLU H 520 -11.62 -4.12 41.64
CA GLU H 520 -10.86 -4.11 42.89
C GLU H 520 -10.37 -5.52 43.22
N LYS H 521 -9.08 -5.63 43.50
CA LYS H 521 -8.49 -6.89 43.95
C LYS H 521 -8.62 -6.94 45.46
N ILE H 522 -9.62 -7.66 45.95
CA ILE H 522 -9.85 -7.79 47.38
C ILE H 522 -8.88 -8.81 47.95
N GLU H 523 -8.16 -8.43 49.00
CA GLU H 523 -7.14 -9.28 49.61
C GLU H 523 -7.64 -9.87 50.91
N THR H 524 -7.36 -11.14 51.13
CA THR H 524 -7.75 -11.85 52.33
C THR H 524 -6.52 -12.31 53.09
N VAL H 525 -6.65 -12.36 54.41
CA VAL H 525 -5.59 -12.82 55.31
C VAL H 525 -6.23 -13.75 56.33
N LYS H 526 -5.55 -14.84 56.65
CA LYS H 526 -6.07 -15.77 57.64
C LYS H 526 -5.81 -15.17 59.03
N TYR H 527 -6.79 -14.41 59.51
CA TYR H 527 -6.76 -13.93 60.88
C TYR H 527 -7.18 -15.03 61.84
N PRO H 528 -6.88 -14.89 63.13
CA PRO H 528 -7.53 -15.75 64.12
C PRO H 528 -9.03 -15.49 64.12
N THR H 529 -9.79 -16.50 64.54
CA THR H 529 -11.23 -16.41 64.53
C THR H 529 -11.84 -16.40 65.93
N TYR H 530 -11.05 -16.64 66.97
CA TYR H 530 -11.49 -16.61 68.36
C TYR H 530 -12.82 -17.34 68.56
N PRO H 531 -12.88 -18.65 68.30
CA PRO H 531 -14.15 -19.36 68.46
C PRO H 531 -14.60 -19.44 69.91
N GLU H 532 -13.70 -19.24 70.86
CA GLU H 532 -14.03 -19.26 72.28
C GLU H 532 -14.88 -18.06 72.71
N ALA H 533 -15.12 -17.11 71.80
CA ALA H 533 -15.85 -15.90 72.11
C ALA H 533 -17.35 -16.06 71.97
N GLU H 534 -17.85 -17.29 71.84
CA GLU H 534 -19.26 -17.53 71.61
C GLU H 534 -19.91 -18.23 72.80
C1 NAG I . 42.67 -58.66 60.93
C2 NAG I . 41.42 -59.41 60.46
C3 NAG I . 41.02 -58.95 59.06
C4 NAG I . 40.79 -57.45 59.11
C5 NAG I . 42.08 -56.76 59.57
C6 NAG I . 41.87 -55.25 59.66
C7 NAG I . 41.40 -61.54 61.60
C8 NAG I . 42.12 -62.86 61.68
N2 NAG I . 41.62 -60.84 60.50
O1 NAG I . 42.96 -59.02 62.29
O3 NAG I . 39.82 -59.63 58.72
O4 NAG I . 40.33 -56.86 57.88
O5 NAG I . 42.48 -57.25 60.85
O6 NAG I . 43.06 -54.64 60.18
O7 NAG I . 40.68 -61.13 62.50
C1 NAG I . 41.09 -57.23 56.70
C2 NAG I . 40.10 -57.41 55.55
C3 NAG I . 40.78 -57.54 54.18
C4 NAG I . 41.89 -56.51 53.97
C5 NAG I . 42.79 -56.43 55.19
C6 NAG I . 43.79 -55.29 55.04
C7 NAG I . 38.19 -58.52 56.56
C8 NAG I . 37.44 -59.81 56.71
N2 NAG I . 39.26 -58.57 55.78
O3 NAG I . 39.79 -57.38 53.15
O4 NAG I . 42.69 -56.94 52.85
O5 NAG I . 42.04 -56.22 56.38
O6 NAG I . 43.19 -54.08 55.54
O7 NAG I . 37.82 -57.50 57.12
C1 BMA I . 42.40 -56.22 51.63
C2 BMA I . 43.74 -55.89 50.97
C3 BMA I . 43.57 -55.30 49.57
C4 BMA I . 42.58 -56.12 48.75
C5 BMA I . 41.29 -56.28 49.53
C6 BMA I . 40.24 -57.04 48.71
O2 BMA I . 44.51 -57.10 50.86
O3 BMA I . 44.84 -55.31 48.91
O4 BMA I . 42.31 -55.44 47.52
O5 BMA I . 41.55 -56.97 50.74
O6 BMA I . 40.76 -58.33 48.36
C1 MAN I . 45.33 -53.98 48.71
C2 MAN I . 46.32 -54.00 47.52
C3 MAN I . 47.51 -54.90 47.88
C4 MAN I . 48.14 -54.36 49.17
C5 MAN I . 47.06 -54.30 50.27
C6 MAN I . 47.70 -53.77 51.57
O2 MAN I . 46.80 -52.68 47.24
O3 MAN I . 48.48 -54.83 46.82
O4 MAN I . 49.22 -55.21 49.59
O5 MAN I . 45.99 -53.44 49.87
O6 MAN I . 46.75 -53.84 52.63
C1 NAG I . 45.86 -52.04 46.36
C2 NAG I . 45.99 -50.54 46.53
C3 NAG I . 45.09 -49.79 45.56
C4 NAG I . 45.36 -50.27 44.14
C5 NAG I . 45.27 -51.78 44.03
C6 NAG I . 45.75 -52.24 42.67
C7 NAG I . 46.61 -50.09 48.84
C8 NAG I . 46.15 -49.66 50.20
N2 NAG I . 45.67 -50.17 47.90
O3 NAG I . 45.35 -48.40 45.64
O4 NAG I . 44.39 -49.67 43.26
O5 NAG I . 46.09 -52.44 45.01
O6 NAG I . 47.18 -52.39 42.71
O7 NAG I . 47.77 -50.38 48.61
C1 NAG J . 0.48 66.06 -8.11
C2 NAG J . 1.79 66.35 -8.83
C3 NAG J . 2.49 65.05 -9.18
C4 NAG J . 2.76 64.32 -7.87
C5 NAG J . 1.45 64.09 -7.11
C6 NAG J . 1.74 63.44 -5.77
C7 NAG J . 2.08 68.40 -10.10
C8 NAG J . 1.90 69.07 -11.42
N2 NAG J . 1.58 67.16 -10.02
O1 NAG J . -0.19 67.27 -7.77
O3 NAG J . 3.72 65.34 -9.84
O4 NAG J . 3.45 63.07 -8.02
O5 NAG J . 0.74 65.31 -6.91
O6 NAG J . 0.53 63.36 -5.00
O7 NAG J . 2.64 68.94 -9.17
C1 NAG J . 2.94 62.22 -9.06
C2 NAG J . 4.11 61.47 -9.67
C3 NAG J . 3.67 60.43 -10.70
C4 NAG J . 2.57 59.52 -10.13
C5 NAG J . 1.46 60.35 -9.49
C6 NAG J . 0.48 59.43 -8.75
C7 NAG J . 6.02 62.99 -9.58
C8 NAG J . 6.81 64.02 -10.33
N2 NAG J . 5.05 62.40 -10.28
O3 NAG J . 4.79 59.64 -11.10
O4 NAG J . 2.00 58.76 -11.21
O5 NAG J . 1.98 61.29 -8.54
O6 NAG J . 1.10 58.94 -7.56
O7 NAG J . 6.25 62.70 -8.42
C1 BMA J . 2.49 57.40 -11.30
C2 BMA J . 1.30 56.52 -11.64
C3 BMA J . 1.71 55.09 -11.96
C4 BMA J . 2.87 55.06 -12.94
C5 BMA J . 3.99 55.93 -12.40
C6 BMA J . 5.22 55.90 -13.32
O2 BMA J . 0.63 57.06 -12.78
O3 BMA J . 0.59 54.40 -12.54
O4 BMA J . 3.33 53.72 -13.09
O5 BMA J . 3.53 57.27 -12.26
O6 BMA J . 4.83 56.32 -14.64
C1 MAN J . -0.06 53.53 -11.59
C2 MAN J . -0.86 52.46 -12.35
C3 MAN J . -1.96 53.13 -13.18
C4 MAN J . -2.85 53.88 -12.17
C5 MAN J . -1.99 54.89 -11.39
C6 MAN J . -2.89 55.60 -10.37
O2 MAN J . -1.45 51.52 -11.46
O3 MAN J . -2.73 52.14 -13.84
O4 MAN J . -3.89 54.57 -12.88
O5 MAN J . -0.93 54.22 -10.69
O6 MAN J . -2.08 56.28 -9.39
C1 NAG J . -0.54 50.42 -11.30
C2 NAG J . -0.72 49.80 -9.93
C3 NAG J . 0.20 48.60 -9.74
C4 NAG J . 0.09 47.65 -10.93
C5 NAG J . 0.24 48.39 -12.25
C6 NAG J . 0.04 47.45 -13.43
C7 NAG J . -1.46 51.47 -8.33
C8 NAG J . -1.07 52.34 -7.17
N2 NAG J . -0.46 50.78 -8.89
O3 NAG J . -0.16 47.90 -8.55
O4 NAG J . 1.12 46.66 -10.82
O5 NAG J . -0.71 49.45 -12.32
O6 NAG J . -1.27 46.89 -13.37
O7 NAG J . -2.60 51.40 -8.73
C1 NAG K . -44.52 -13.29 -35.18
C2 NAG K . -45.39 -13.09 -36.40
C3 NAG K . -44.54 -12.52 -37.53
C4 NAG K . -43.95 -11.19 -37.08
C5 NAG K . -43.23 -11.32 -35.73
C6 NAG K . -42.90 -9.96 -35.16
C7 NAG K . -47.31 -14.34 -37.20
C8 NAG K . -47.76 -15.58 -37.91
N2 NAG K . -46.03 -14.33 -36.81
O1 NAG K . -45.29 -13.89 -34.12
O3 NAG K . -45.37 -12.32 -38.68
O4 NAG K . -43.04 -10.64 -38.05
O5 NAG K . -44.00 -12.03 -34.75
O6 NAG K . -41.88 -9.31 -35.93
O7 NAG K . -48.06 -13.39 -37.01
C1 NAG K . -42.09 -11.61 -38.54
C2 NAG K . -42.05 -11.57 -40.07
C3 NAG K . -40.92 -12.41 -40.64
C4 NAG K . -39.58 -12.14 -39.95
C5 NAG K . -39.75 -12.21 -38.44
C6 NAG K . -38.47 -11.80 -37.73
C7 NAG K . -44.14 -11.27 -41.32
C8 NAG K . -44.31 -9.85 -40.86
N2 NAG K . -43.31 -12.04 -40.61
O3 NAG K . -40.79 -12.14 -42.04
O4 NAG K . -38.64 -13.14 -40.39
O5 NAG K . -40.80 -11.36 -37.99
O6 NAG K . -38.47 -10.36 -37.58
O7 NAG K . -44.74 -11.71 -42.29
C1 BMA K . -37.61 -12.57 -41.23
C2 BMA K . -36.29 -13.27 -40.88
C3 BMA K . -35.15 -12.78 -41.77
C4 BMA K . -35.56 -12.83 -43.24
C5 BMA K . -36.88 -12.09 -43.42
C6 BMA K . -37.31 -12.09 -44.89
O2 BMA K . -36.46 -14.69 -41.06
O3 BMA K . -34.01 -13.64 -41.57
O4 BMA K . -34.54 -12.19 -44.04
O5 BMA K . -37.89 -12.70 -42.61
O6 BMA K . -37.36 -13.43 -45.39
C1 MAN K . -33.00 -13.02 -40.73
C2 MAN K . -31.68 -13.82 -40.85
C3 MAN K . -31.91 -15.24 -40.31
C4 MAN K . -32.30 -15.06 -38.84
C5 MAN K . -33.59 -14.23 -38.78
C6 MAN K . -34.01 -14.06 -37.30
O2 MAN K . -30.63 -13.22 -40.09
O3 MAN K . -30.70 -15.99 -40.41
O4 MAN K . -32.52 -16.35 -38.23
O5 MAN K . -33.38 -12.92 -39.36
O6 MAN K . -35.10 -13.14 -37.21
C1 NAG K . -29.93 -12.25 -40.88
C2 NAG K . -29.29 -11.22 -39.96
C3 NAG K . -28.51 -10.19 -40.77
C4 NAG K . -27.49 -10.91 -41.65
C5 NAG K . -28.18 -11.95 -42.51
C6 NAG K . -27.15 -12.76 -43.28
C7 NAG K . -30.57 -11.01 -37.91
C8 NAG K . -31.63 -10.25 -37.17
N2 NAG K . -30.29 -10.57 -39.13
O3 NAG K . -27.83 -9.29 -39.91
O4 NAG K . -26.84 -9.95 -42.48
O5 NAG K . -28.95 -12.87 -41.71
O6 NAG K . -26.40 -13.57 -42.36
O7 NAG K . -29.99 -11.95 -37.42
C1 NAG L . 3.53 12.40 59.75
C2 NAG L . 3.30 10.94 60.12
C3 NAG L . 2.45 10.28 59.04
C4 NAG L . 1.12 11.04 58.98
C5 NAG L . 1.40 12.49 58.64
C6 NAG L . 0.12 13.31 58.56
C7 NAG L . 5.14 10.22 61.52
C8 NAG L . 6.58 9.82 61.54
N2 NAG L . 4.55 10.23 60.33
O1 NAG L . 4.31 13.05 60.78
O3 NAG L . 2.24 8.91 59.38
O4 NAG L . 0.15 10.48 58.07
O5 NAG L . 2.29 13.09 59.59
O6 NAG L . -0.36 13.65 59.87
O7 NAG L . 4.55 10.51 62.55
C1 NAG L . 0.63 10.28 56.72
C2 NAG L . 0.00 9.00 56.16
C3 NAG L . 0.35 8.81 54.68
C4 NAG L . 0.06 10.07 53.86
C5 NAG L . 0.67 11.29 54.52
C6 NAG L . 0.21 12.55 53.81
C7 NAG L . -0.20 7.49 58.05
C8 NAG L . 0.42 6.34 58.79
N2 NAG L . 0.41 7.84 56.93
O3 NAG L . -0.43 7.72 54.16
O4 NAG L . 0.64 9.91 52.55
O5 NAG L . 0.28 11.39 55.90
O6 NAG L . -1.21 12.66 53.89
O7 NAG L . -1.20 8.06 58.46
C1 BMA L . -0.37 9.74 51.54
C2 BMA L . 0.03 10.62 50.33
C3 BMA L . -0.82 10.34 49.09
C4 BMA L . -0.95 8.85 48.84
C5 BMA L . -1.47 8.18 50.11
C6 BMA L . -1.73 6.70 49.90
O2 BMA L . 1.41 10.40 50.03
O3 BMA L . -0.19 10.95 47.95
O4 BMA L . -1.88 8.63 47.78
O5 BMA L . -0.52 8.37 51.15
O6 BMA L . -0.55 5.93 50.17
C1 MAN L . -1.00 12.04 47.44
C2 MAN L . -0.70 12.25 45.94
C3 MAN L . 0.71 12.82 45.73
C4 MAN L . 0.82 14.10 46.58
C5 MAN L . 0.54 13.72 48.05
C6 MAN L . 0.76 14.96 48.94
O2 MAN L . -1.64 13.13 45.34
O3 MAN L . 0.87 13.16 44.36
O4 MAN L . 2.13 14.66 46.46
O5 MAN L . -0.80 13.26 48.17
O6 MAN L . 0.49 14.60 50.30
C1 NAG L . -2.82 12.41 44.95
C2 NAG L . -4.02 13.36 44.98
C3 NAG L . -5.27 12.70 44.41
C4 NAG L . -4.98 12.10 43.05
C5 NAG L . -3.80 11.15 43.14
C6 NAG L . -3.45 10.59 41.77
C7 NAG L . -3.61 14.88 46.83
C8 NAG L . -3.74 15.09 48.31
N2 NAG L . -4.26 13.83 46.33
O3 NAG L . -6.30 13.68 44.26
O4 NAG L . -6.13 11.40 42.58
O5 NAG L . -2.66 11.81 43.67
O6 NAG L . -2.88 11.63 40.98
O7 NAG L . -2.94 15.63 46.12
PB GDP M . 41.06 -49.30 59.59
O1B GDP M . 42.15 -49.94 60.59
O2B GDP M . 41.44 -47.76 59.29
O3B GDP M . 41.03 -50.06 58.34
O3A GDP M . 39.61 -49.33 60.27
PA GDP M . 39.03 -49.85 61.67
O1A GDP M . 37.67 -49.30 61.88
O2A GDP M . 38.95 -51.46 61.67
O5' GDP M . 39.95 -49.36 62.88
C5' GDP M . 40.74 -48.17 62.86
C4' GDP M . 40.44 -47.46 64.18
O4' GDP M . 41.21 -46.26 64.33
C3' GDP M . 38.98 -47.02 64.15
O3' GDP M . 38.12 -48.09 64.51
C2' GDP M . 39.02 -45.94 65.24
O2' GDP M . 39.03 -46.55 66.53
C1' GDP M . 40.36 -45.26 64.94
N9 GDP M . 40.16 -44.17 63.99
C8 GDP M . 40.66 -44.10 62.72
N7 GDP M . 40.27 -43.00 62.15
C5 GDP M . 39.50 -42.30 63.03
C6 GDP M . 38.81 -41.08 62.99
O6 GDP M . 38.85 -40.38 61.99
N1 GDP M . 38.12 -40.68 64.08
C2 GDP M . 38.08 -41.46 65.20
N2 GDP M . 37.37 -41.04 66.29
N3 GDP M . 38.72 -42.61 65.24
C4 GDP M . 39.42 -43.06 64.20
C1 GOL N . 43.84 -31.64 73.22
O1 GOL N . 43.45 -32.91 73.62
C2 GOL N . 45.39 -31.61 73.26
O2 GOL N . 45.89 -32.16 74.43
C3 GOL N . 45.78 -30.12 73.07
O3 GOL N . 47.15 -30.03 73.32
PB GDP O . 28.01 -22.98 -4.50
O1B GDP O . 27.72 -22.37 -3.18
O2B GDP O . 29.29 -23.93 -4.37
O3B GDP O . 28.28 -21.83 -5.59
O3A GDP O . 26.75 -23.85 -4.97
PA GDP O . 25.61 -23.61 -6.07
O1A GDP O . 24.92 -22.18 -5.82
O2A GDP O . 24.60 -24.69 -5.97
O5' GDP O . 26.26 -23.65 -7.53
C5' GDP O . 27.49 -24.33 -7.80
C4' GDP O . 27.24 -25.17 -9.05
O4' GDP O . 28.43 -25.88 -9.42
C3' GDP O . 26.21 -26.25 -8.69
O3' GDP O . 24.88 -25.72 -8.81
C2' GDP O . 26.50 -27.27 -9.79
O2' GDP O . 25.93 -26.84 -11.03
C1' GDP O . 28.04 -27.21 -9.84
N9 GDP O . 28.59 -28.16 -8.88
C8 GDP O . 29.32 -27.88 -7.78
N7 GDP O . 29.64 -28.97 -7.15
C5 GDP O . 29.11 -30.03 -7.82
C6 GDP O . 29.11 -31.42 -7.64
O6 GDP O . 29.70 -31.91 -6.69
N1 GDP O . 28.47 -32.20 -8.55
C2 GDP O . 27.83 -31.63 -9.61
N2 GDP O . 27.18 -32.43 -10.50
N3 GDP O . 27.82 -30.33 -9.79
C4 GDP O . 28.44 -29.51 -8.94
PB GDP P . 23.17 -5.88 -13.46
O1B GDP P . 23.14 -5.38 -12.07
O2B GDP P . 22.15 -5.02 -14.36
O3B GDP P . 22.74 -7.43 -13.48
O3A GDP P . 24.64 -5.73 -14.08
PA GDP P . 25.87 -6.72 -14.29
O1A GDP P . 26.28 -7.39 -12.88
O2A GDP P . 27.01 -5.95 -14.84
O5' GDP P . 25.51 -7.88 -15.34
C5' GDP P . 24.45 -7.81 -16.28
C4' GDP P . 25.01 -8.25 -17.63
O4' GDP P . 23.99 -8.24 -18.63
C3' GDP P . 26.03 -7.20 -18.10
O3' GDP P . 27.32 -7.46 -17.53
C2' GDP P . 26.04 -7.50 -19.60
O2' GDP P . 26.80 -8.68 -19.87
C1' GDP P . 24.54 -7.73 -19.85
N9 GDP P . 23.89 -6.46 -20.16
C8 GDP P . 22.94 -5.84 -19.41
N7 GDP P . 22.60 -4.71 -19.97
C5 GDP P . 23.33 -4.55 -21.11
C6 GDP P . 23.40 -3.56 -22.10
O6 GDP P . 22.69 -2.56 -22.04
N1 GDP P . 24.26 -3.71 -23.12
C2 GDP P . 25.06 -4.83 -23.19
N2 GDP P . 25.92 -4.97 -24.24
N3 GDP P . 25.00 -5.76 -22.27
C4 GDP P . 24.16 -5.66 -21.23
PB GDP Q . 2.07 60.44 -1.02
O1B GDP Q . 0.81 61.43 -1.13
O2B GDP Q . 1.67 59.14 -0.16
O3B GDP Q . 2.51 60.03 -2.37
O3A GDP Q . 3.27 61.20 -0.26
PA GDP Q . 3.71 62.73 -0.16
O1A GDP Q . 5.08 62.80 0.42
O2A GDP Q . 3.69 63.41 -1.61
O5' GDP Q . 2.72 63.52 0.84
C5' GDP Q . 1.83 62.86 1.72
C4' GDP Q . 2.00 63.53 3.08
O4' GDP Q . 1.12 62.97 4.06
C3' GDP Q . 3.42 63.22 3.58
O3' GDP Q . 4.37 64.12 3.00
C2' GDP Q . 3.24 63.50 5.08
O2' GDP Q . 3.22 64.90 5.34
C1' GDP Q . 1.84 62.88 5.31
N9 GDP Q . 2.01 61.47 5.67
C8 GDP Q . 1.59 60.40 4.93
N7 GDP Q . 1.90 59.30 5.56
C5 GDP Q . 2.53 59.61 6.71
C6 GDP Q . 3.08 58.86 7.76
O6 GDP Q . 3.05 57.64 7.74
N1 GDP Q . 3.66 59.51 8.80
C2 GDP Q . 3.69 60.87 8.82
N2 GDP Q . 4.28 61.50 9.88
N3 GDP Q . 3.18 61.58 7.85
C4 GDP Q . 2.60 60.99 6.79
PB GDP R . -40.68 -5.74 -33.40
O1B GDP R . -41.00 -6.91 -32.35
O2B GDP R . -39.45 -4.85 -32.85
O3B GDP R . -40.33 -6.34 -34.71
O3A GDP R . -41.96 -4.80 -33.56
PA GDP R . -43.54 -5.09 -33.43
O1A GDP R . -44.29 -4.07 -34.20
O2A GDP R . -43.83 -6.55 -34.02
O5' GDP R . -43.97 -5.04 -31.88
C5' GDP R . -43.12 -4.61 -30.81
C4' GDP R . -43.88 -3.69 -29.87
O4' GDP R . -43.05 -3.30 -28.76
C3' GDP R . -44.23 -2.38 -30.58
O3' GDP R . -45.44 -2.52 -31.32
C2' GDP R . -44.45 -1.46 -29.38
O2' GDP R . -45.71 -1.75 -28.75
C1' GDP R . -43.29 -1.90 -28.46
N9 GDP R . -42.08 -1.13 -28.73
C8 GDP R . -40.91 -1.62 -29.23
N7 GDP R . -40.05 -0.65 -29.34
C5 GDP R . -40.62 0.51 -28.93
C6 GDP R . -40.20 1.85 -28.83
O6 GDP R . -39.07 2.16 -29.16
N1 GDP R . -41.06 2.77 -28.36
C2 GDP R . -42.32 2.42 -28.00
N2 GDP R . -43.18 3.36 -27.53
N3 GDP R . -42.73 1.17 -28.08
C4 GDP R . -41.93 0.20 -28.54
PB GDP S . 13.80 15.35 -72.70
O1B GDP S . 13.28 16.26 -71.65
O2B GDP S . 13.37 13.84 -72.37
O3B GDP S . 15.40 15.46 -72.77
O3A GDP S . 13.15 15.75 -74.12
PA GDP S . 13.63 16.63 -75.37
O1A GDP S . 14.02 18.11 -74.88
O2A GDP S . 12.53 16.70 -76.34
O5' GDP S . 14.90 15.95 -76.09
C5' GDP S . 15.26 14.58 -75.88
C4' GDP S . 15.54 13.97 -77.26
O4' GDP S . 15.96 12.61 -77.16
C3' GDP S . 14.23 13.94 -78.06
O3' GDP S . 13.99 15.20 -78.67
C2' GDP S . 14.60 12.89 -79.11
O2' GDP S . 15.47 13.46 -80.09
C1' GDP S . 15.36 11.86 -78.25
N9 GDP S . 14.41 10.89 -77.71
C8 GDP S . 14.09 10.70 -76.39
N7 GDP S . 13.21 9.76 -76.28
C5 GDP S . 12.92 9.28 -77.52
C6 GDP S . 12.07 8.28 -78.02
O6 GDP S . 11.38 7.62 -77.28
N1 GDP S . 12.03 8.06 -79.35
C2 GDP S . 12.81 8.80 -80.20
N2 GDP S . 12.76 8.57 -81.55
N3 GDP S . 13.61 9.74 -79.75
C4 GDP S . 13.69 10.00 -78.43
C1 GOL T . 18.60 -0.46 -86.27
O1 GOL T . 18.51 -1.83 -86.10
C2 GOL T . 20.09 -0.16 -86.52
O2 GOL T . 20.92 -0.76 -85.58
C3 GOL T . 20.21 1.38 -86.50
O3 GOL T . 21.39 1.67 -85.81
PB GDP U . -46.28 -4.58 5.02
O1B GDP U . -46.96 -3.80 6.07
O2B GDP U . -44.69 -4.35 5.11
O3B GDP U . -46.81 -4.14 3.57
O3A GDP U . -46.57 -6.15 5.23
PA GDP U . -47.77 -7.11 4.74
O1A GDP U . -49.17 -6.37 4.98
O2A GDP U . -47.73 -8.38 5.52
O5' GDP U . -47.61 -7.45 3.18
C5' GDP U . -46.43 -7.21 2.40
C4' GDP U . -46.14 -8.46 1.56
O4' GDP U . -45.00 -8.24 0.70
C3' GDP U . -45.74 -9.62 2.47
O3' GDP U . -46.91 -10.26 2.99
C2' GDP U . -45.02 -10.51 1.47
O2' GDP U . -45.95 -11.18 0.61
C1' GDP U . -44.22 -9.46 0.66
N9 GDP U . -42.92 -9.23 1.30
C8 GDP U . -42.50 -8.06 1.86
N7 GDP U . -41.30 -8.19 2.34
C5 GDP U . -40.89 -9.47 2.12
C6 GDP U . -39.72 -10.18 2.41
O6 GDP U . -38.79 -9.64 2.99
N1 GDP U . -39.63 -11.48 2.04
C2 GDP U . -40.67 -12.07 1.38
N2 GDP U . -40.57 -13.39 1.01
N3 GDP U . -41.78 -11.42 1.11
C4 GDP U . -41.92 -10.14 1.46
PB GDP V . -4.99 15.86 58.74
O1B GDP V . -5.80 17.17 58.25
O2B GDP V . -4.93 14.87 57.64
O3B GDP V . -3.50 16.29 59.18
O3A GDP V . -5.75 15.23 60.01
PA GDP V . -5.32 14.99 61.54
O1A GDP V . -6.46 14.41 62.27
O2A GDP V . -4.06 14.00 61.60
O5' GDP V . -4.94 16.40 62.20
C5' GDP V . -5.42 17.65 61.69
C4' GDP V . -5.94 18.41 62.91
O4' GDP V . -6.44 19.71 62.56
C3' GDP V . -7.15 17.65 63.45
O3' GDP V . -6.72 16.54 64.26
C2' GDP V . -7.79 18.74 64.30
O2' GDP V . -7.07 18.92 65.51
C1' GDP V . -7.61 19.96 63.36
N9 GDP V . -8.79 20.04 62.49
C8 GDP V . -8.82 19.88 61.14
N7 GDP V . -10.05 20.01 60.72
C5 GDP V . -10.86 20.26 61.78
C6 GDP V . -12.23 20.49 61.95
O6 GDP V . -12.98 20.48 60.98
N1 GDP V . -12.71 20.71 63.20
C2 GDP V . -11.87 20.71 64.27
N2 GDP V . -12.37 20.94 65.52
N3 GDP V . -10.58 20.50 64.13
C4 GDP V . -10.05 20.27 62.92
#